data_2LQG
#
_entry.id   2LQG
#
_entity_poly.entity_id   1
_entity_poly.type   'polypeptide(L)'
_entity_poly.pdbx_seq_one_letter_code
;GIDPFTLVQRLEHAAKQAAASATQTIAAAQHAASAPKASAGPQPLLVQSCKAVAEQIPLLVQGVRGSQAQPDSPSAQLAL
IAASQSFLQPGGKMVAAAKASVPTIQDQASAMQLSQCAKNLGTALAELRTAAQKAQEA
;
_entity_poly.pdbx_strand_id   A
#
# COMPACT_ATOMS: atom_id res chain seq x y z
N GLY A 1 15.30 -31.35 -5.59
CA GLY A 1 15.99 -30.31 -6.39
C GLY A 1 15.84 -28.94 -5.78
N ILE A 2 15.31 -28.00 -6.55
CA ILE A 2 15.11 -26.65 -6.06
C ILE A 2 13.68 -26.43 -5.60
N ASP A 3 13.49 -26.45 -4.28
CA ASP A 3 12.19 -26.12 -3.71
C ASP A 3 12.28 -24.77 -3.00
N PRO A 4 11.66 -23.75 -3.59
CA PRO A 4 11.73 -22.38 -3.11
C PRO A 4 10.73 -22.11 -1.98
N PHE A 5 10.45 -20.84 -1.74
CA PHE A 5 9.60 -20.43 -0.63
C PHE A 5 8.12 -20.67 -0.93
N THR A 6 7.72 -20.30 -2.16
CA THR A 6 6.36 -20.51 -2.69
C THR A 6 5.25 -19.86 -1.87
N LEU A 7 4.37 -19.14 -2.59
CA LEU A 7 3.22 -18.42 -1.99
C LEU A 7 3.68 -17.24 -1.14
N VAL A 8 4.56 -17.51 -0.19
CA VAL A 8 5.14 -16.45 0.62
C VAL A 8 6.14 -15.66 -0.22
N GLN A 9 6.62 -16.31 -1.27
CA GLN A 9 7.55 -15.72 -2.22
C GLN A 9 6.97 -14.43 -2.79
N ARG A 10 5.74 -14.52 -3.27
CA ARG A 10 5.06 -13.38 -3.87
C ARG A 10 4.62 -12.39 -2.79
N LEU A 11 4.33 -12.91 -1.60
CA LEU A 11 3.96 -12.06 -0.47
C LEU A 11 5.11 -11.11 -0.12
N GLU A 12 6.29 -11.68 0.08
CA GLU A 12 7.48 -10.89 0.39
C GLU A 12 7.67 -9.78 -0.62
N HIS A 13 7.70 -10.15 -1.89
CA HIS A 13 7.98 -9.22 -2.98
C HIS A 13 6.89 -8.16 -3.11
N ALA A 14 5.63 -8.58 -3.06
CA ALA A 14 4.53 -7.65 -3.24
C ALA A 14 4.41 -6.70 -2.06
N ALA A 15 4.62 -7.22 -0.85
CA ALA A 15 4.51 -6.40 0.35
C ALA A 15 5.62 -5.36 0.43
N LYS A 16 6.82 -5.72 -0.02
CA LYS A 16 7.94 -4.78 -0.05
C LYS A 16 7.62 -3.59 -0.95
N GLN A 17 7.21 -3.88 -2.19
CA GLN A 17 6.90 -2.82 -3.14
C GLN A 17 5.63 -2.08 -2.75
N ALA A 18 4.74 -2.77 -2.04
CA ALA A 18 3.53 -2.14 -1.53
C ALA A 18 3.89 -1.12 -0.46
N ALA A 19 4.71 -1.55 0.50
CA ALA A 19 5.18 -0.68 1.56
C ALA A 19 5.92 0.52 0.99
N ALA A 20 6.75 0.26 -0.01
CA ALA A 20 7.51 1.32 -0.69
C ALA A 20 6.58 2.30 -1.39
N SER A 21 5.68 1.78 -2.21
CA SER A 21 4.78 2.61 -3.00
C SER A 21 3.79 3.35 -2.10
N ALA A 22 3.38 2.72 -1.00
CA ALA A 22 2.47 3.33 -0.05
C ALA A 22 3.09 4.58 0.55
N THR A 23 4.32 4.45 1.02
CA THR A 23 5.05 5.57 1.62
C THR A 23 5.13 6.74 0.64
N GLN A 24 5.41 6.43 -0.62
CA GLN A 24 5.51 7.44 -1.66
C GLN A 24 4.15 8.10 -1.91
N THR A 25 3.10 7.31 -1.93
CA THR A 25 1.75 7.81 -2.15
C THR A 25 1.33 8.75 -1.01
N ILE A 26 1.64 8.33 0.22
CA ILE A 26 1.34 9.15 1.38
C ILE A 26 2.04 10.50 1.30
N ALA A 27 3.33 10.47 0.97
CA ALA A 27 4.14 11.68 0.89
C ALA A 27 3.61 12.66 -0.15
N ALA A 28 2.95 12.13 -1.17
CA ALA A 28 2.40 12.96 -2.23
C ALA A 28 1.00 13.44 -1.90
N ALA A 29 0.19 12.55 -1.33
CA ALA A 29 -1.21 12.84 -1.04
C ALA A 29 -1.35 13.99 -0.05
N GLN A 30 -0.65 13.91 1.07
CA GLN A 30 -0.75 14.92 2.12
C GLN A 30 0.19 16.09 1.86
N HIS A 31 0.84 16.09 0.69
CA HIS A 31 1.72 17.19 0.32
C HIS A 31 0.90 18.40 -0.13
N ALA A 32 -0.29 18.13 -0.66
CA ALA A 32 -1.15 19.20 -1.15
C ALA A 32 -2.54 19.10 -0.55
N ALA A 33 -3.14 17.91 -0.64
CA ALA A 33 -4.50 17.66 -0.13
C ALA A 33 -5.55 18.44 -0.93
N SER A 34 -6.44 17.70 -1.57
CA SER A 34 -7.48 18.29 -2.41
C SER A 34 -8.69 18.73 -1.59
N ALA A 35 -8.43 19.30 -0.42
CA ALA A 35 -9.49 19.73 0.48
C ALA A 35 -9.75 21.23 0.33
N PRO A 36 -11.00 21.61 0.03
CA PRO A 36 -11.40 23.02 -0.07
C PRO A 36 -11.27 23.75 1.26
N LYS A 37 -11.06 25.05 1.21
CA LYS A 37 -10.86 25.84 2.43
C LYS A 37 -12.17 26.37 2.98
N ALA A 38 -13.22 26.39 2.16
CA ALA A 38 -14.52 26.85 2.62
C ALA A 38 -15.47 25.68 2.84
N SER A 39 -15.67 25.32 4.11
CA SER A 39 -16.58 24.24 4.48
C SER A 39 -16.59 24.07 6.00
N ALA A 40 -17.32 23.07 6.47
CA ALA A 40 -17.39 22.78 7.90
C ALA A 40 -16.60 21.52 8.24
N GLY A 41 -15.97 20.92 7.24
CA GLY A 41 -15.19 19.71 7.46
C GLY A 41 -14.87 18.99 6.17
N PRO A 42 -13.82 19.43 5.46
CA PRO A 42 -13.44 18.87 4.16
C PRO A 42 -12.32 17.84 4.26
N GLN A 43 -12.26 17.12 5.39
CA GLN A 43 -11.18 16.17 5.67
C GLN A 43 -10.95 15.25 4.49
N PRO A 44 -9.80 15.39 3.82
CA PRO A 44 -9.47 14.61 2.63
C PRO A 44 -9.32 13.12 2.93
N LEU A 45 -9.96 12.30 2.11
CA LEU A 45 -9.94 10.85 2.29
C LEU A 45 -8.50 10.36 2.17
N LEU A 46 -7.71 11.07 1.36
CA LEU A 46 -6.28 10.81 1.26
C LEU A 46 -5.63 10.76 2.63
N VAL A 47 -5.64 11.90 3.33
CA VAL A 47 -4.94 12.03 4.61
C VAL A 47 -5.48 11.04 5.65
N GLN A 48 -6.78 10.81 5.61
CA GLN A 48 -7.41 9.85 6.53
C GLN A 48 -6.88 8.45 6.27
N SER A 49 -6.67 8.12 5.00
CA SER A 49 -6.14 6.81 4.65
C SER A 49 -4.62 6.79 4.80
N CYS A 50 -3.98 7.93 4.57
CA CYS A 50 -2.53 8.04 4.72
C CYS A 50 -2.09 7.64 6.12
N LYS A 51 -2.77 8.15 7.14
CA LYS A 51 -2.43 7.82 8.52
C LYS A 51 -2.70 6.35 8.81
N ALA A 52 -3.75 5.81 8.20
CA ALA A 52 -4.08 4.41 8.34
C ALA A 52 -3.01 3.53 7.68
N VAL A 53 -2.73 3.83 6.42
CA VAL A 53 -1.73 3.11 5.64
C VAL A 53 -0.35 3.19 6.28
N ALA A 54 -0.01 4.37 6.79
CA ALA A 54 1.31 4.59 7.40
C ALA A 54 1.59 3.62 8.53
N GLU A 55 0.56 3.23 9.27
CA GLU A 55 0.71 2.32 10.39
C GLU A 55 0.65 0.86 9.94
N GLN A 56 0.18 0.63 8.72
CA GLN A 56 0.07 -0.71 8.17
C GLN A 56 1.35 -1.10 7.43
N ILE A 57 2.06 -0.08 6.93
CA ILE A 57 3.33 -0.28 6.22
C ILE A 57 4.33 -1.11 7.03
N PRO A 58 4.64 -0.72 8.30
CA PRO A 58 5.56 -1.49 9.14
C PRO A 58 5.11 -2.93 9.34
N LEU A 59 3.79 -3.14 9.39
CA LEU A 59 3.23 -4.47 9.57
C LEU A 59 3.56 -5.36 8.38
N LEU A 60 3.46 -4.79 7.18
CA LEU A 60 3.83 -5.50 5.97
C LEU A 60 5.27 -5.97 6.07
N VAL A 61 6.16 -5.01 6.29
CA VAL A 61 7.58 -5.28 6.34
C VAL A 61 7.93 -6.25 7.48
N GLN A 62 7.22 -6.11 8.60
CA GLN A 62 7.38 -7.04 9.72
C GLN A 62 7.01 -8.44 9.28
N GLY A 63 5.89 -8.56 8.57
CA GLY A 63 5.48 -9.82 8.01
C GLY A 63 6.48 -10.34 6.99
N VAL A 64 6.95 -9.44 6.13
CA VAL A 64 7.95 -9.77 5.12
C VAL A 64 9.20 -10.36 5.77
N ARG A 65 9.77 -9.62 6.72
CA ARG A 65 10.99 -10.05 7.39
C ARG A 65 10.77 -11.35 8.14
N GLY A 66 9.56 -11.53 8.67
CA GLY A 66 9.21 -12.78 9.32
C GLY A 66 9.19 -13.93 8.34
N SER A 67 8.63 -13.69 7.16
CA SER A 67 8.57 -14.70 6.12
C SER A 67 9.96 -15.03 5.58
N GLN A 68 10.81 -14.00 5.50
CA GLN A 68 12.19 -14.20 5.05
C GLN A 68 12.92 -15.12 6.01
N ALA A 69 12.67 -14.95 7.29
CA ALA A 69 13.31 -15.75 8.32
C ALA A 69 12.68 -17.13 8.41
N GLN A 70 11.36 -17.17 8.44
CA GLN A 70 10.63 -18.42 8.60
C GLN A 70 9.54 -18.58 7.54
N PRO A 71 9.92 -19.02 6.32
CA PRO A 71 8.96 -19.27 5.24
C PRO A 71 8.10 -20.50 5.50
N ASP A 72 8.58 -21.34 6.41
CA ASP A 72 7.89 -22.58 6.76
C ASP A 72 7.20 -22.46 8.11
N SER A 73 6.92 -21.22 8.50
CA SER A 73 6.23 -20.98 9.76
C SER A 73 4.85 -20.42 9.50
N PRO A 74 3.80 -21.18 9.88
CA PRO A 74 2.41 -20.73 9.72
C PRO A 74 2.13 -19.45 10.49
N SER A 75 2.90 -19.23 11.55
CA SER A 75 2.76 -18.02 12.35
C SER A 75 3.16 -16.80 11.53
N ALA A 76 4.30 -16.90 10.85
CA ALA A 76 4.79 -15.81 10.02
C ALA A 76 3.95 -15.69 8.75
N GLN A 77 3.57 -16.84 8.19
CA GLN A 77 2.73 -16.89 7.01
C GLN A 77 1.42 -16.14 7.23
N LEU A 78 0.63 -16.61 8.20
CA LEU A 78 -0.68 -16.01 8.47
C LEU A 78 -0.55 -14.56 8.88
N ALA A 79 0.54 -14.22 9.55
CA ALA A 79 0.80 -12.83 9.94
C ALA A 79 0.90 -11.94 8.71
N LEU A 80 1.72 -12.37 7.74
CA LEU A 80 1.90 -11.64 6.50
C LEU A 80 0.59 -11.60 5.72
N ILE A 81 -0.06 -12.75 5.62
CA ILE A 81 -1.33 -12.87 4.90
C ILE A 81 -2.39 -11.94 5.48
N ALA A 82 -2.50 -11.93 6.80
CA ALA A 82 -3.46 -11.07 7.48
C ALA A 82 -3.09 -9.61 7.31
N ALA A 83 -1.82 -9.29 7.50
CA ALA A 83 -1.33 -7.92 7.37
C ALA A 83 -1.57 -7.39 5.96
N SER A 84 -1.37 -8.24 4.97
CA SER A 84 -1.59 -7.87 3.58
C SER A 84 -3.04 -7.46 3.36
N GLN A 85 -3.95 -8.30 3.80
CA GLN A 85 -5.38 -8.04 3.64
C GLN A 85 -5.82 -6.85 4.48
N SER A 86 -5.16 -6.66 5.62
CA SER A 86 -5.43 -5.53 6.48
C SER A 86 -4.95 -4.24 5.83
N PHE A 87 -3.87 -4.34 5.05
CA PHE A 87 -3.31 -3.19 4.36
C PHE A 87 -4.16 -2.81 3.14
N LEU A 88 -4.72 -3.82 2.49
CA LEU A 88 -5.55 -3.62 1.31
C LEU A 88 -6.74 -2.73 1.60
N GLN A 89 -7.33 -2.90 2.78
CA GLN A 89 -8.56 -2.20 3.15
C GLN A 89 -8.39 -0.67 3.10
N PRO A 90 -7.46 -0.05 3.87
CA PRO A 90 -7.23 1.39 3.81
C PRO A 90 -6.38 1.79 2.59
N GLY A 91 -5.54 0.86 2.15
CA GLY A 91 -4.67 1.12 1.01
C GLY A 91 -5.45 1.35 -0.26
N GLY A 92 -6.42 0.48 -0.53
CA GLY A 92 -7.24 0.62 -1.70
C GLY A 92 -8.03 1.91 -1.69
N LYS A 93 -8.43 2.34 -0.50
CA LYS A 93 -9.16 3.59 -0.35
C LYS A 93 -8.29 4.77 -0.77
N MET A 94 -7.02 4.75 -0.38
CA MET A 94 -6.13 5.84 -0.68
C MET A 94 -5.83 5.89 -2.18
N VAL A 95 -5.80 4.72 -2.81
CA VAL A 95 -5.62 4.63 -4.25
C VAL A 95 -6.81 5.25 -4.97
N ALA A 96 -8.00 4.83 -4.57
CA ALA A 96 -9.24 5.34 -5.17
C ALA A 96 -9.37 6.84 -4.95
N ALA A 97 -9.05 7.28 -3.74
CA ALA A 97 -9.09 8.70 -3.41
C ALA A 97 -8.05 9.48 -4.20
N ALA A 98 -6.84 8.94 -4.28
CA ALA A 98 -5.73 9.60 -4.95
C ALA A 98 -6.07 9.94 -6.39
N LYS A 99 -6.53 8.94 -7.15
CA LYS A 99 -6.84 9.12 -8.56
C LYS A 99 -7.89 10.21 -8.77
N ALA A 100 -8.81 10.34 -7.82
CA ALA A 100 -9.87 11.31 -7.93
C ALA A 100 -9.46 12.66 -7.36
N SER A 101 -8.38 12.68 -6.60
CA SER A 101 -7.90 13.90 -5.98
C SER A 101 -6.86 14.59 -6.85
N VAL A 102 -6.24 13.82 -7.74
CA VAL A 102 -5.21 14.36 -8.65
C VAL A 102 -5.70 15.60 -9.42
N PRO A 103 -6.85 15.53 -10.13
CA PRO A 103 -7.33 16.67 -10.93
C PRO A 103 -7.83 17.83 -10.06
N THR A 104 -7.96 17.59 -8.76
CA THR A 104 -8.43 18.61 -7.85
C THR A 104 -7.29 19.17 -7.01
N ILE A 105 -6.07 18.71 -7.29
CA ILE A 105 -4.89 19.26 -6.65
C ILE A 105 -4.42 20.49 -7.41
N GLN A 106 -4.21 21.59 -6.70
CA GLN A 106 -3.80 22.84 -7.33
C GLN A 106 -2.32 22.78 -7.71
N ASP A 107 -1.51 22.14 -6.87
CA ASP A 107 -0.09 22.00 -7.14
C ASP A 107 0.17 20.92 -8.17
N GLN A 108 0.68 21.32 -9.32
CA GLN A 108 0.90 20.41 -10.45
C GLN A 108 1.90 19.30 -10.09
N ALA A 109 2.93 19.66 -9.33
CA ALA A 109 3.95 18.69 -8.92
C ALA A 109 3.32 17.56 -8.11
N SER A 110 2.54 17.93 -7.10
CA SER A 110 1.86 16.96 -6.26
C SER A 110 0.89 16.10 -7.06
N ALA A 111 0.15 16.75 -7.96
CA ALA A 111 -0.84 16.06 -8.79
C ALA A 111 -0.18 14.95 -9.61
N MET A 112 0.85 15.31 -10.36
CA MET A 112 1.56 14.36 -11.20
C MET A 112 2.27 13.29 -10.37
N GLN A 113 2.78 13.70 -9.22
CA GLN A 113 3.47 12.79 -8.32
C GLN A 113 2.49 11.76 -7.77
N LEU A 114 1.34 12.25 -7.30
CA LEU A 114 0.30 11.39 -6.74
C LEU A 114 -0.19 10.40 -7.79
N SER A 115 -0.29 10.84 -9.03
CA SER A 115 -0.72 10.00 -10.13
C SER A 115 0.18 8.77 -10.26
N GLN A 116 1.49 9.00 -10.24
CA GLN A 116 2.45 7.92 -10.38
C GLN A 116 2.46 7.05 -9.13
N CYS A 117 2.37 7.68 -7.97
CA CYS A 117 2.38 6.95 -6.69
C CYS A 117 1.18 6.01 -6.58
N ALA A 118 -0.01 6.52 -6.86
CA ALA A 118 -1.22 5.72 -6.79
C ALA A 118 -1.20 4.61 -7.82
N LYS A 119 -0.55 4.87 -8.95
CA LYS A 119 -0.41 3.88 -10.01
C LYS A 119 0.50 2.74 -9.54
N ASN A 120 1.50 3.09 -8.75
CA ASN A 120 2.41 2.09 -8.17
C ASN A 120 1.69 1.33 -7.07
N LEU A 121 1.05 2.07 -6.17
CA LEU A 121 0.35 1.46 -5.04
C LEU A 121 -0.78 0.55 -5.52
N GLY A 122 -1.52 0.99 -6.52
CA GLY A 122 -2.59 0.19 -7.08
C GLY A 122 -2.09 -1.14 -7.62
N THR A 123 -0.96 -1.11 -8.30
CA THR A 123 -0.35 -2.30 -8.85
C THR A 123 0.29 -3.14 -7.75
N ALA A 124 0.83 -2.45 -6.74
CA ALA A 124 1.40 -3.11 -5.59
C ALA A 124 0.32 -3.92 -4.86
N LEU A 125 -0.85 -3.30 -4.70
CA LEU A 125 -1.99 -3.97 -4.09
C LEU A 125 -2.48 -5.10 -4.99
N ALA A 126 -2.40 -4.88 -6.30
CA ALA A 126 -2.78 -5.90 -7.28
C ALA A 126 -1.99 -7.18 -7.05
N GLU A 127 -0.69 -7.03 -6.79
CA GLU A 127 0.15 -8.16 -6.46
C GLU A 127 -0.21 -8.72 -5.09
N LEU A 128 -0.15 -7.86 -4.09
CA LEU A 128 -0.34 -8.25 -2.69
C LEU A 128 -1.68 -8.94 -2.46
N ARG A 129 -2.74 -8.36 -3.01
CA ARG A 129 -4.09 -8.90 -2.85
C ARG A 129 -4.18 -10.31 -3.43
N THR A 130 -3.56 -10.51 -4.58
CA THR A 130 -3.56 -11.82 -5.22
C THR A 130 -2.57 -12.75 -4.52
N ALA A 131 -1.50 -12.16 -4.00
CA ALA A 131 -0.45 -12.90 -3.31
C ALA A 131 -0.97 -13.55 -2.05
N ALA A 132 -1.59 -12.74 -1.20
CA ALA A 132 -2.15 -13.24 0.06
C ALA A 132 -3.30 -14.21 -0.21
N GLN A 133 -4.01 -13.97 -1.30
CA GLN A 133 -5.10 -14.85 -1.71
C GLN A 133 -4.58 -16.26 -1.95
N LYS A 134 -3.52 -16.36 -2.73
CA LYS A 134 -2.93 -17.65 -3.08
C LYS A 134 -2.31 -18.31 -1.86
N ALA A 135 -1.77 -17.51 -0.96
CA ALA A 135 -1.10 -18.01 0.23
C ALA A 135 -2.11 -18.47 1.28
N GLN A 136 -3.32 -17.93 1.21
CA GLN A 136 -4.33 -18.21 2.22
C GLN A 136 -5.14 -19.45 1.85
N GLU A 137 -5.85 -19.39 0.72
CA GLU A 137 -6.73 -20.49 0.32
C GLU A 137 -6.00 -21.51 -0.55
N ALA A 138 -4.90 -21.07 -1.17
CA ALA A 138 -4.10 -21.92 -2.05
C ALA A 138 -4.95 -22.56 -3.15
N GLY A 1 7.02 -30.43 -7.47
CA GLY A 1 6.48 -29.12 -7.05
C GLY A 1 6.52 -28.09 -8.16
N ILE A 2 7.65 -28.04 -8.88
CA ILE A 2 7.84 -27.06 -9.96
C ILE A 2 7.78 -25.64 -9.38
N ASP A 3 8.21 -25.52 -8.14
CA ASP A 3 8.18 -24.26 -7.41
C ASP A 3 8.87 -24.44 -6.05
N PRO A 4 10.19 -24.22 -6.00
CA PRO A 4 11.01 -24.52 -4.82
C PRO A 4 10.89 -23.46 -3.73
N PHE A 5 10.03 -22.50 -3.96
CA PHE A 5 9.80 -21.43 -2.99
C PHE A 5 8.35 -21.43 -2.56
N THR A 6 8.09 -21.06 -1.32
CA THR A 6 6.73 -20.90 -0.85
C THR A 6 6.07 -19.74 -1.58
N LEU A 7 4.75 -19.74 -1.61
CA LEU A 7 4.02 -18.72 -2.35
C LEU A 7 4.00 -17.41 -1.58
N VAL A 8 4.41 -17.46 -0.32
CA VAL A 8 4.50 -16.24 0.48
C VAL A 8 5.80 -15.50 0.17
N GLN A 9 6.67 -16.16 -0.60
CA GLN A 9 7.89 -15.52 -1.07
C GLN A 9 7.54 -14.34 -1.97
N ARG A 10 6.47 -14.51 -2.74
CA ARG A 10 5.94 -13.41 -3.55
C ARG A 10 5.45 -12.29 -2.65
N LEU A 11 4.80 -12.68 -1.56
CA LEU A 11 4.26 -11.73 -0.59
C LEU A 11 5.37 -10.89 0.01
N GLU A 12 6.49 -11.51 0.35
CA GLU A 12 7.64 -10.79 0.87
C GLU A 12 8.05 -9.67 -0.07
N HIS A 13 8.17 -10.01 -1.35
CA HIS A 13 8.60 -9.06 -2.37
C HIS A 13 7.52 -8.01 -2.60
N ALA A 14 6.28 -8.45 -2.72
CA ALA A 14 5.16 -7.56 -3.01
C ALA A 14 4.88 -6.63 -1.84
N ALA A 15 4.98 -7.15 -0.62
CA ALA A 15 4.70 -6.34 0.57
C ALA A 15 5.74 -5.25 0.75
N LYS A 16 7.00 -5.55 0.45
CA LYS A 16 8.06 -4.57 0.54
C LYS A 16 7.82 -3.41 -0.43
N GLN A 17 7.50 -3.75 -1.68
CA GLN A 17 7.27 -2.73 -2.70
C GLN A 17 5.94 -2.01 -2.43
N ALA A 18 4.95 -2.73 -1.92
CA ALA A 18 3.67 -2.13 -1.58
C ALA A 18 3.86 -1.14 -0.44
N ALA A 19 4.60 -1.55 0.58
CA ALA A 19 4.92 -0.69 1.71
C ALA A 19 5.66 0.56 1.22
N ALA A 20 6.62 0.34 0.32
CA ALA A 20 7.40 1.44 -0.27
C ALA A 20 6.50 2.37 -1.08
N SER A 21 5.82 1.81 -2.07
CA SER A 21 4.98 2.60 -2.97
C SER A 21 3.91 3.37 -2.20
N ALA A 22 3.38 2.76 -1.15
CA ALA A 22 2.41 3.44 -0.28
C ALA A 22 3.05 4.67 0.33
N THR A 23 4.29 4.52 0.78
CA THR A 23 5.04 5.62 1.39
C THR A 23 5.20 6.78 0.41
N GLN A 24 5.66 6.45 -0.81
CA GLN A 24 5.81 7.46 -1.85
C GLN A 24 4.49 8.15 -2.17
N THR A 25 3.39 7.41 -2.15
CA THR A 25 2.09 7.98 -2.41
C THR A 25 1.68 8.91 -1.26
N ILE A 26 1.93 8.48 -0.03
CA ILE A 26 1.66 9.30 1.15
C ILE A 26 2.50 10.57 1.11
N ALA A 27 3.76 10.42 0.72
CA ALA A 27 4.66 11.56 0.58
C ALA A 27 4.14 12.54 -0.46
N ALA A 28 3.75 12.01 -1.61
CA ALA A 28 3.19 12.84 -2.68
C ALA A 28 1.93 13.54 -2.21
N ALA A 29 1.11 12.83 -1.45
CA ALA A 29 -0.12 13.38 -0.89
C ALA A 29 0.17 14.59 0.00
N GLN A 30 1.24 14.50 0.78
CA GLN A 30 1.63 15.58 1.66
C GLN A 30 2.29 16.72 0.89
N HIS A 31 3.05 16.35 -0.13
CA HIS A 31 3.77 17.34 -0.95
C HIS A 31 2.79 18.16 -1.77
N ALA A 32 1.75 17.51 -2.27
CA ALA A 32 0.69 18.19 -3.00
C ALA A 32 -0.25 18.88 -2.02
N ALA A 33 -0.31 18.34 -0.81
CA ALA A 33 -1.14 18.87 0.27
C ALA A 33 -2.62 18.80 -0.08
N SER A 34 -3.26 17.73 0.33
CA SER A 34 -4.67 17.55 0.08
C SER A 34 -5.47 18.22 1.17
N ALA A 35 -5.74 19.51 1.00
CA ALA A 35 -6.47 20.28 1.98
C ALA A 35 -7.77 20.80 1.38
N PRO A 36 -8.83 20.86 2.21
CA PRO A 36 -10.13 21.39 1.78
C PRO A 36 -10.01 22.81 1.24
N LYS A 37 -10.92 23.17 0.34
CA LYS A 37 -10.90 24.49 -0.27
C LYS A 37 -11.52 25.54 0.65
N ALA A 38 -11.81 25.12 1.87
CA ALA A 38 -12.32 26.01 2.89
C ALA A 38 -11.45 25.92 4.15
N SER A 39 -11.59 26.87 5.05
CA SER A 39 -10.81 26.89 6.28
C SER A 39 -11.24 25.74 7.20
N ALA A 40 -12.50 25.36 7.13
CA ALA A 40 -13.03 24.27 7.94
C ALA A 40 -14.22 23.62 7.24
N GLY A 41 -14.69 22.51 7.79
CA GLY A 41 -15.83 21.83 7.21
C GLY A 41 -15.47 20.45 6.70
N PRO A 42 -15.26 20.31 5.38
CA PRO A 42 -14.91 19.02 4.76
C PRO A 42 -13.59 18.48 5.26
N GLN A 43 -13.40 17.17 5.13
CA GLN A 43 -12.18 16.53 5.58
C GLN A 43 -11.28 16.23 4.38
N PRO A 44 -9.96 16.29 4.58
CA PRO A 44 -8.97 16.03 3.51
C PRO A 44 -9.19 14.69 2.82
N LEU A 45 -9.67 13.70 3.60
CA LEU A 45 -10.03 12.38 3.10
C LEU A 45 -8.78 11.56 2.78
N LEU A 46 -7.92 12.08 1.92
CA LEU A 46 -6.67 11.43 1.58
C LEU A 46 -5.82 11.27 2.83
N VAL A 47 -5.72 12.35 3.60
CA VAL A 47 -4.95 12.34 4.84
C VAL A 47 -5.49 11.30 5.82
N GLN A 48 -6.81 11.18 5.86
CA GLN A 48 -7.45 10.17 6.70
C GLN A 48 -7.00 8.78 6.27
N SER A 49 -6.90 8.59 4.96
CA SER A 49 -6.56 7.31 4.39
C SER A 49 -5.06 7.03 4.53
N CYS A 50 -4.23 8.03 4.26
CA CYS A 50 -2.78 7.85 4.28
C CYS A 50 -2.29 7.53 5.69
N LYS A 51 -2.89 8.17 6.70
CA LYS A 51 -2.55 7.89 8.09
C LYS A 51 -2.90 6.45 8.44
N ALA A 52 -4.00 5.95 7.90
CA ALA A 52 -4.41 4.57 8.12
C ALA A 52 -3.45 3.61 7.44
N VAL A 53 -3.03 3.97 6.24
CA VAL A 53 -2.08 3.17 5.48
C VAL A 53 -0.71 3.17 6.15
N ALA A 54 -0.31 4.33 6.67
CA ALA A 54 0.99 4.48 7.32
C ALA A 54 1.12 3.55 8.52
N GLU A 55 0.00 3.16 9.11
CA GLU A 55 0.01 2.24 10.24
C GLU A 55 0.06 0.79 9.76
N GLN A 56 -0.36 0.57 8.53
CA GLN A 56 -0.39 -0.78 7.96
C GLN A 56 0.96 -1.14 7.35
N ILE A 57 1.72 -0.12 6.95
CA ILE A 57 3.05 -0.32 6.38
C ILE A 57 3.95 -1.16 7.29
N PRO A 58 4.11 -0.79 8.58
CA PRO A 58 4.90 -1.57 9.53
C PRO A 58 4.36 -2.99 9.69
N LEU A 59 3.05 -3.14 9.58
CA LEU A 59 2.40 -4.45 9.70
C LEU A 59 2.80 -5.35 8.54
N LEU A 60 2.91 -4.76 7.35
CA LEU A 60 3.40 -5.48 6.19
C LEU A 60 4.80 -6.01 6.46
N VAL A 61 5.70 -5.09 6.76
CA VAL A 61 7.10 -5.43 6.97
C VAL A 61 7.26 -6.37 8.16
N GLN A 62 6.43 -6.21 9.17
CA GLN A 62 6.40 -7.13 10.30
C GLN A 62 6.11 -8.54 9.81
N GLY A 63 5.13 -8.64 8.92
CA GLY A 63 4.79 -9.92 8.32
C GLY A 63 5.90 -10.42 7.40
N VAL A 64 6.48 -9.52 6.62
CA VAL A 64 7.59 -9.84 5.74
C VAL A 64 8.74 -10.45 6.55
N ARG A 65 9.13 -9.76 7.61
CA ARG A 65 10.20 -10.21 8.48
C ARG A 65 9.83 -11.52 9.19
N GLY A 66 8.53 -11.72 9.38
CA GLY A 66 8.05 -12.95 9.96
C GLY A 66 8.27 -14.14 9.04
N SER A 67 7.99 -13.92 7.76
CA SER A 67 8.23 -14.95 6.75
C SER A 67 9.73 -15.17 6.58
N GLN A 68 10.51 -14.09 6.69
CA GLN A 68 11.95 -14.17 6.58
C GLN A 68 12.55 -14.85 7.81
N ALA A 69 11.80 -14.85 8.91
CA ALA A 69 12.23 -15.51 10.13
C ALA A 69 12.22 -17.03 9.94
N GLN A 70 11.04 -17.57 9.65
CA GLN A 70 10.90 -18.99 9.39
C GLN A 70 9.92 -19.25 8.24
N PRO A 71 10.44 -19.34 7.02
CA PRO A 71 9.62 -19.65 5.83
C PRO A 71 9.12 -21.09 5.88
N ASP A 72 9.70 -21.87 6.77
CA ASP A 72 9.30 -23.25 6.97
C ASP A 72 8.08 -23.32 7.87
N SER A 73 7.67 -22.17 8.39
CA SER A 73 6.53 -22.10 9.28
C SER A 73 5.35 -21.42 8.58
N PRO A 74 4.30 -22.19 8.26
CA PRO A 74 3.07 -21.66 7.68
C PRO A 74 2.35 -20.76 8.67
N SER A 75 2.65 -20.94 9.95
CA SER A 75 2.08 -20.12 11.01
C SER A 75 2.72 -18.73 10.99
N ALA A 76 4.00 -18.69 10.64
CA ALA A 76 4.74 -17.44 10.58
C ALA A 76 4.39 -16.66 9.33
N GLN A 77 4.35 -17.36 8.21
CA GLN A 77 4.07 -16.74 6.91
C GLN A 77 2.64 -16.20 6.88
N LEU A 78 1.79 -16.79 7.70
CA LEU A 78 0.40 -16.37 7.82
C LEU A 78 0.32 -14.90 8.22
N ALA A 79 1.28 -14.46 9.03
CA ALA A 79 1.32 -13.08 9.49
C ALA A 79 1.55 -12.11 8.34
N LEU A 80 2.15 -12.61 7.27
CA LEU A 80 2.37 -11.80 6.07
C LEU A 80 1.09 -11.78 5.25
N ILE A 81 0.46 -12.96 5.13
CA ILE A 81 -0.78 -13.10 4.38
C ILE A 81 -1.86 -12.19 4.96
N ALA A 82 -2.04 -12.26 6.28
CA ALA A 82 -3.01 -11.44 6.98
C ALA A 82 -2.70 -9.96 6.81
N ALA A 83 -1.42 -9.62 6.96
CA ALA A 83 -0.97 -8.24 6.81
C ALA A 83 -1.27 -7.70 5.42
N SER A 84 -1.02 -8.53 4.41
CA SER A 84 -1.27 -8.14 3.02
C SER A 84 -2.73 -7.77 2.81
N GLN A 85 -3.63 -8.65 3.26
CA GLN A 85 -5.06 -8.42 3.09
C GLN A 85 -5.53 -7.23 3.92
N SER A 86 -4.95 -7.11 5.12
CA SER A 86 -5.29 -6.02 6.03
C SER A 86 -4.75 -4.69 5.52
N PHE A 87 -3.81 -4.76 4.57
CA PHE A 87 -3.24 -3.57 3.96
C PHE A 87 -4.05 -3.18 2.73
N LEU A 88 -4.59 -4.18 2.04
CA LEU A 88 -5.40 -3.97 0.85
C LEU A 88 -6.57 -3.03 1.13
N GLN A 89 -7.22 -3.25 2.27
CA GLN A 89 -8.42 -2.50 2.63
C GLN A 89 -8.14 -0.98 2.71
N PRO A 90 -7.23 -0.51 3.60
CA PRO A 90 -6.91 0.92 3.69
C PRO A 90 -6.09 1.40 2.50
N GLY A 91 -5.25 0.51 1.96
CA GLY A 91 -4.39 0.85 0.85
C GLY A 91 -5.18 1.24 -0.38
N GLY A 92 -6.17 0.41 -0.72
CA GLY A 92 -7.01 0.70 -1.88
C GLY A 92 -7.78 1.99 -1.70
N LYS A 93 -8.16 2.28 -0.47
CA LYS A 93 -8.86 3.52 -0.15
C LYS A 93 -7.96 4.73 -0.35
N MET A 94 -6.66 4.55 -0.11
CA MET A 94 -5.73 5.66 -0.24
C MET A 94 -5.41 5.88 -1.70
N VAL A 95 -5.39 4.80 -2.47
CA VAL A 95 -5.26 4.88 -3.93
C VAL A 95 -6.39 5.73 -4.49
N ALA A 96 -7.61 5.42 -4.06
CA ALA A 96 -8.79 6.17 -4.49
C ALA A 96 -8.73 7.60 -4.01
N ALA A 97 -8.38 7.79 -2.73
CA ALA A 97 -8.28 9.10 -2.13
C ALA A 97 -7.28 9.97 -2.87
N ALA A 98 -6.14 9.37 -3.23
CA ALA A 98 -5.11 10.07 -3.98
C ALA A 98 -5.66 10.58 -5.30
N LYS A 99 -6.24 9.68 -6.09
CA LYS A 99 -6.78 10.02 -7.40
C LYS A 99 -7.88 11.08 -7.30
N ALA A 100 -8.70 10.98 -6.26
CA ALA A 100 -9.80 11.90 -6.07
C ALA A 100 -9.32 13.28 -5.67
N SER A 101 -8.14 13.34 -5.06
CA SER A 101 -7.58 14.61 -4.61
C SER A 101 -6.79 15.29 -5.72
N VAL A 102 -6.36 14.51 -6.70
CA VAL A 102 -5.59 15.03 -7.84
C VAL A 102 -6.26 16.26 -8.48
N PRO A 103 -7.53 16.15 -8.95
CA PRO A 103 -8.22 17.27 -9.61
C PRO A 103 -8.53 18.43 -8.66
N THR A 104 -8.56 18.16 -7.36
CA THR A 104 -8.90 19.18 -6.39
C THR A 104 -7.68 19.98 -5.95
N ILE A 105 -6.50 19.49 -6.31
CA ILE A 105 -5.25 20.18 -6.01
C ILE A 105 -4.84 21.05 -7.20
N GLN A 106 -4.40 22.27 -6.91
CA GLN A 106 -4.10 23.23 -7.96
C GLN A 106 -2.69 23.03 -8.52
N ASP A 107 -1.80 22.49 -7.69
CA ASP A 107 -0.45 22.16 -8.14
C ASP A 107 -0.48 20.90 -8.99
N GLN A 108 -0.58 21.07 -10.29
CA GLN A 108 -0.79 19.95 -11.20
C GLN A 108 0.43 19.02 -11.23
N ALA A 109 1.61 19.57 -10.99
CA ALA A 109 2.82 18.76 -10.94
C ALA A 109 2.75 17.73 -9.83
N SER A 110 2.43 18.19 -8.63
CA SER A 110 2.30 17.32 -7.48
C SER A 110 1.05 16.46 -7.59
N ALA A 111 0.01 17.02 -8.21
CA ALA A 111 -1.25 16.29 -8.41
C ALA A 111 -1.02 15.07 -9.29
N MET A 112 -0.33 15.26 -10.41
CA MET A 112 -0.04 14.17 -11.34
C MET A 112 0.91 13.15 -10.71
N GLN A 113 1.67 13.59 -9.72
CA GLN A 113 2.54 12.70 -8.97
C GLN A 113 1.70 11.70 -8.18
N LEU A 114 0.57 12.17 -7.67
CA LEU A 114 -0.38 11.31 -6.97
C LEU A 114 -0.96 10.27 -7.91
N SER A 115 -1.36 10.72 -9.10
CA SER A 115 -1.93 9.85 -10.12
C SER A 115 -0.97 8.71 -10.44
N GLN A 116 0.31 9.00 -10.46
CA GLN A 116 1.35 8.01 -10.76
C GLN A 116 1.53 7.06 -9.58
N CYS A 117 1.70 7.62 -8.39
CA CYS A 117 1.93 6.82 -7.19
C CYS A 117 0.75 5.89 -6.91
N ALA A 118 -0.46 6.41 -7.05
CA ALA A 118 -1.67 5.61 -6.85
C ALA A 118 -1.74 4.45 -7.84
N LYS A 119 -1.18 4.65 -9.03
CA LYS A 119 -1.15 3.59 -10.03
C LYS A 119 -0.20 2.49 -9.60
N ASN A 120 1.00 2.88 -9.18
CA ASN A 120 2.01 1.94 -8.74
C ASN A 120 1.54 1.17 -7.51
N LEU A 121 0.96 1.90 -6.56
CA LEU A 121 0.39 1.30 -5.36
C LEU A 121 -0.77 0.37 -5.71
N GLY A 122 -1.58 0.80 -6.67
CA GLY A 122 -2.71 -0.01 -7.12
C GLY A 122 -2.27 -1.32 -7.75
N THR A 123 -1.21 -1.26 -8.54
CA THR A 123 -0.65 -2.46 -9.16
C THR A 123 0.05 -3.31 -8.11
N ALA A 124 0.65 -2.65 -7.13
CA ALA A 124 1.28 -3.34 -6.01
C ALA A 124 0.24 -4.16 -5.25
N LEU A 125 -0.87 -3.51 -4.92
CA LEU A 125 -1.98 -4.18 -4.24
C LEU A 125 -2.56 -5.28 -5.11
N ALA A 126 -2.55 -5.06 -6.42
CA ALA A 126 -3.07 -6.01 -7.39
C ALA A 126 -2.39 -7.37 -7.26
N GLU A 127 -1.06 -7.38 -7.34
CA GLU A 127 -0.32 -8.63 -7.25
C GLU A 127 -0.21 -9.10 -5.80
N LEU A 128 -0.25 -8.16 -4.87
CA LEU A 128 -0.25 -8.49 -3.44
C LEU A 128 -1.48 -9.32 -3.11
N ARG A 129 -2.63 -8.87 -3.60
CA ARG A 129 -3.89 -9.59 -3.40
C ARG A 129 -3.86 -10.94 -4.14
N THR A 130 -3.22 -10.96 -5.30
CA THR A 130 -3.11 -12.17 -6.08
C THR A 130 -2.23 -13.20 -5.36
N ALA A 131 -1.07 -12.76 -4.91
CA ALA A 131 -0.12 -13.62 -4.23
C ALA A 131 -0.67 -14.10 -2.89
N ALA A 132 -1.27 -13.19 -2.14
CA ALA A 132 -1.81 -13.51 -0.82
C ALA A 132 -2.88 -14.60 -0.91
N GLN A 133 -3.70 -14.53 -1.95
CA GLN A 133 -4.78 -15.50 -2.14
C GLN A 133 -4.24 -16.91 -2.26
N LYS A 134 -3.29 -17.11 -3.17
CA LYS A 134 -2.73 -18.44 -3.41
C LYS A 134 -1.83 -18.87 -2.26
N ALA A 135 -1.14 -17.92 -1.66
CA ALA A 135 -0.24 -18.21 -0.54
C ALA A 135 -1.02 -18.64 0.69
N GLN A 136 -2.23 -18.13 0.81
CA GLN A 136 -3.12 -18.46 1.92
C GLN A 136 -3.61 -19.89 1.83
N GLU A 137 -3.48 -20.47 0.64
CA GLU A 137 -3.94 -21.83 0.40
C GLU A 137 -2.83 -22.84 0.67
N ALA A 138 -1.60 -22.35 0.75
CA ALA A 138 -0.45 -23.22 0.98
C ALA A 138 0.36 -22.74 2.16
N GLY A 1 6.68 -24.40 -8.88
CA GLY A 1 6.58 -25.67 -9.63
C GLY A 1 7.00 -26.86 -8.79
N ILE A 2 6.20 -27.18 -7.77
CA ILE A 2 6.54 -28.21 -6.80
C ILE A 2 7.92 -27.95 -6.21
N ASP A 3 7.99 -26.97 -5.32
CA ASP A 3 9.25 -26.57 -4.72
C ASP A 3 9.00 -26.03 -3.31
N PRO A 4 10.02 -26.07 -2.44
CA PRO A 4 9.89 -25.64 -1.04
C PRO A 4 9.88 -24.13 -0.85
N PHE A 5 9.70 -23.40 -1.93
CA PHE A 5 9.71 -21.95 -1.89
C PHE A 5 8.56 -21.36 -2.71
N THR A 6 8.66 -20.06 -3.00
CA THR A 6 7.70 -19.31 -3.82
C THR A 6 6.34 -19.16 -3.14
N LEU A 7 5.47 -18.37 -3.80
CA LEU A 7 4.19 -17.93 -3.24
C LEU A 7 4.44 -16.90 -2.14
N VAL A 8 5.24 -17.29 -1.17
CA VAL A 8 5.64 -16.38 -0.12
C VAL A 8 6.76 -15.48 -0.61
N GLN A 9 7.53 -15.99 -1.57
CA GLN A 9 8.58 -15.22 -2.21
C GLN A 9 7.99 -14.04 -2.95
N ARG A 10 6.94 -14.30 -3.72
CA ARG A 10 6.22 -13.23 -4.40
C ARG A 10 5.58 -12.31 -3.38
N LEU A 11 4.99 -12.90 -2.36
CA LEU A 11 4.31 -12.15 -1.30
C LEU A 11 5.27 -11.17 -0.62
N GLU A 12 6.47 -11.65 -0.30
CA GLU A 12 7.51 -10.80 0.29
C GLU A 12 7.75 -9.57 -0.56
N HIS A 13 8.11 -9.78 -1.82
CA HIS A 13 8.47 -8.69 -2.72
C HIS A 13 7.27 -7.78 -2.98
N ALA A 14 6.10 -8.39 -3.18
CA ALA A 14 4.89 -7.63 -3.45
C ALA A 14 4.53 -6.73 -2.28
N ALA A 15 4.61 -7.27 -1.07
CA ALA A 15 4.27 -6.52 0.12
C ALA A 15 5.27 -5.39 0.36
N LYS A 16 6.55 -5.67 0.18
CA LYS A 16 7.59 -4.68 0.40
C LYS A 16 7.50 -3.54 -0.61
N GLN A 17 7.20 -3.86 -1.86
CA GLN A 17 7.08 -2.83 -2.89
C GLN A 17 5.77 -2.07 -2.71
N ALA A 18 4.75 -2.75 -2.20
CA ALA A 18 3.48 -2.11 -1.88
C ALA A 18 3.65 -1.13 -0.74
N ALA A 19 4.33 -1.58 0.31
CA ALA A 19 4.63 -0.74 1.46
C ALA A 19 5.46 0.47 1.03
N ALA A 20 6.42 0.23 0.14
CA ALA A 20 7.27 1.29 -0.38
C ALA A 20 6.46 2.27 -1.21
N SER A 21 5.69 1.75 -2.16
CA SER A 21 4.87 2.58 -3.03
C SER A 21 3.84 3.35 -2.20
N ALA A 22 3.32 2.72 -1.16
CA ALA A 22 2.40 3.38 -0.24
C ALA A 22 3.09 4.56 0.42
N THR A 23 4.32 4.34 0.87
CA THR A 23 5.12 5.39 1.49
C THR A 23 5.33 6.54 0.50
N GLN A 24 5.63 6.20 -0.75
CA GLN A 24 5.81 7.20 -1.80
C GLN A 24 4.51 7.98 -2.03
N THR A 25 3.39 7.27 -1.98
CA THR A 25 2.09 7.90 -2.18
C THR A 25 1.74 8.79 -0.99
N ILE A 26 2.07 8.34 0.22
CA ILE A 26 1.85 9.14 1.42
C ILE A 26 2.66 10.43 1.35
N ALA A 27 3.95 10.30 1.06
CA ALA A 27 4.83 11.45 0.94
C ALA A 27 4.33 12.41 -0.13
N ALA A 28 3.90 11.85 -1.26
CA ALA A 28 3.35 12.66 -2.34
C ALA A 28 2.08 13.36 -1.89
N ALA A 29 1.22 12.63 -1.19
CA ALA A 29 -0.05 13.17 -0.71
C ALA A 29 0.19 14.29 0.29
N GLN A 30 1.14 14.09 1.21
CA GLN A 30 1.48 15.10 2.21
C GLN A 30 2.01 16.36 1.55
N HIS A 31 2.84 16.18 0.52
CA HIS A 31 3.46 17.30 -0.17
C HIS A 31 2.52 17.91 -1.19
N ALA A 32 1.40 17.24 -1.43
CA ALA A 32 0.39 17.73 -2.37
C ALA A 32 -0.79 18.34 -1.63
N ALA A 33 -0.60 18.58 -0.35
CA ALA A 33 -1.65 19.13 0.50
C ALA A 33 -1.85 20.64 0.26
N SER A 34 -1.77 21.04 -0.99
CA SER A 34 -1.97 22.44 -1.37
C SER A 34 -3.42 22.68 -1.78
N ALA A 35 -4.25 21.65 -1.59
CA ALA A 35 -5.67 21.75 -1.87
C ALA A 35 -6.39 22.39 -0.69
N PRO A 36 -7.55 23.02 -0.92
CA PRO A 36 -8.34 23.62 0.15
C PRO A 36 -8.80 22.57 1.16
N LYS A 37 -8.91 22.97 2.42
CA LYS A 37 -9.33 22.05 3.47
C LYS A 37 -10.77 21.59 3.26
N ALA A 38 -11.50 22.29 2.41
CA ALA A 38 -12.82 21.86 2.01
C ALA A 38 -12.83 21.61 0.50
N SER A 39 -12.34 20.45 0.11
CA SER A 39 -12.26 20.09 -1.30
C SER A 39 -12.94 18.75 -1.54
N ALA A 40 -14.15 18.81 -2.10
CA ALA A 40 -14.98 17.63 -2.34
C ALA A 40 -15.38 16.97 -1.03
N GLY A 41 -15.22 17.71 0.06
CA GLY A 41 -15.55 17.21 1.37
C GLY A 41 -14.75 17.89 2.46
N PRO A 42 -15.19 17.79 3.72
CA PRO A 42 -14.49 18.39 4.86
C PRO A 42 -13.22 17.62 5.22
N GLN A 43 -12.08 18.27 5.01
CA GLN A 43 -10.75 17.69 5.24
C GLN A 43 -10.41 16.67 4.16
N PRO A 44 -9.34 16.93 3.40
CA PRO A 44 -8.87 16.04 2.32
C PRO A 44 -8.79 14.58 2.77
N LEU A 45 -9.36 13.69 1.97
CA LEU A 45 -9.44 12.28 2.32
C LEU A 45 -8.08 11.61 2.19
N LEU A 46 -7.14 12.33 1.63
CA LEU A 46 -5.75 11.88 1.61
C LEU A 46 -5.26 11.65 3.02
N VAL A 47 -5.54 12.62 3.90
CA VAL A 47 -5.09 12.56 5.29
C VAL A 47 -5.59 11.30 5.98
N GLN A 48 -6.88 11.03 5.88
CA GLN A 48 -7.49 9.85 6.49
C GLN A 48 -6.84 8.58 5.96
N SER A 49 -6.71 8.50 4.64
CA SER A 49 -6.14 7.33 4.00
C SER A 49 -4.66 7.16 4.38
N CYS A 50 -3.88 8.23 4.25
CA CYS A 50 -2.46 8.20 4.57
C CYS A 50 -2.23 7.81 6.03
N LYS A 51 -3.10 8.30 6.90
CA LYS A 51 -3.01 7.98 8.32
C LYS A 51 -3.18 6.49 8.56
N ALA A 52 -4.21 5.92 7.94
CA ALA A 52 -4.51 4.49 8.08
C ALA A 52 -3.41 3.64 7.48
N VAL A 53 -2.92 4.04 6.31
CA VAL A 53 -1.85 3.31 5.64
C VAL A 53 -0.57 3.33 6.45
N ALA A 54 -0.26 4.50 7.02
CA ALA A 54 0.95 4.67 7.81
C ALA A 54 0.97 3.76 9.04
N GLU A 55 -0.22 3.29 9.44
CA GLU A 55 -0.34 2.37 10.55
C GLU A 55 -0.17 0.93 10.08
N GLN A 56 -0.58 0.66 8.85
CA GLN A 56 -0.56 -0.69 8.30
C GLN A 56 0.78 -1.04 7.67
N ILE A 57 1.49 -0.04 7.16
CA ILE A 57 2.81 -0.26 6.57
C ILE A 57 3.74 -1.03 7.51
N PRO A 58 3.94 -0.56 8.76
CA PRO A 58 4.78 -1.28 9.73
C PRO A 58 4.34 -2.71 9.94
N LEU A 59 3.04 -2.94 10.02
CA LEU A 59 2.50 -4.27 10.27
C LEU A 59 2.72 -5.16 9.06
N LEU A 60 2.61 -4.57 7.88
CA LEU A 60 2.89 -5.27 6.65
C LEU A 60 4.35 -5.71 6.60
N VAL A 61 5.24 -4.75 6.84
CA VAL A 61 6.68 -5.03 6.81
C VAL A 61 7.08 -6.01 7.91
N GLN A 62 6.47 -5.86 9.09
CA GLN A 62 6.69 -6.80 10.18
C GLN A 62 6.21 -8.19 9.78
N GLY A 63 5.09 -8.23 9.07
CA GLY A 63 4.60 -9.48 8.52
C GLY A 63 5.60 -10.10 7.57
N VAL A 64 6.08 -9.29 6.62
CA VAL A 64 7.08 -9.73 5.65
C VAL A 64 8.30 -10.30 6.35
N ARG A 65 8.89 -9.51 7.24
CA ARG A 65 10.11 -9.90 7.94
C ARG A 65 9.85 -11.06 8.89
N GLY A 66 8.62 -11.17 9.37
CA GLY A 66 8.25 -12.28 10.22
C GLY A 66 8.26 -13.60 9.46
N SER A 67 7.79 -13.56 8.22
CA SER A 67 7.82 -14.73 7.35
C SER A 67 9.25 -15.04 6.93
N GLN A 68 10.06 -14.00 6.78
CA GLN A 68 11.48 -14.17 6.43
C GLN A 68 12.23 -14.84 7.56
N ALA A 69 11.86 -14.51 8.80
CA ALA A 69 12.50 -15.08 9.97
C ALA A 69 12.29 -16.59 10.04
N GLN A 70 11.07 -17.03 9.73
CA GLN A 70 10.74 -18.45 9.75
C GLN A 70 10.00 -18.84 8.47
N PRO A 71 10.72 -18.95 7.34
CA PRO A 71 10.10 -19.17 6.02
C PRO A 71 9.58 -20.59 5.81
N ASP A 72 9.70 -21.42 6.82
CA ASP A 72 9.21 -22.79 6.74
C ASP A 72 8.08 -23.01 7.74
N SER A 73 7.73 -21.97 8.47
CA SER A 73 6.75 -22.07 9.53
C SER A 73 5.42 -21.43 9.12
N PRO A 74 4.33 -22.22 9.16
CA PRO A 74 3.00 -21.76 8.74
C PRO A 74 2.52 -20.52 9.50
N SER A 75 2.85 -20.42 10.79
CA SER A 75 2.43 -19.29 11.59
C SER A 75 3.09 -18.01 11.07
N ALA A 76 4.32 -18.14 10.58
CA ALA A 76 5.03 -17.00 10.01
C ALA A 76 4.45 -16.64 8.65
N GLN A 77 4.19 -17.68 7.87
CA GLN A 77 3.58 -17.52 6.55
C GLN A 77 2.28 -16.74 6.63
N LEU A 78 1.39 -17.17 7.52
CA LEU A 78 0.07 -16.55 7.67
C LEU A 78 0.18 -15.12 8.19
N ALA A 79 1.29 -14.82 8.86
CA ALA A 79 1.51 -13.46 9.37
C ALA A 79 1.61 -12.47 8.21
N LEU A 80 2.30 -12.87 7.15
CA LEU A 80 2.43 -12.04 5.96
C LEU A 80 1.09 -12.00 5.22
N ILE A 81 0.46 -13.15 5.10
CA ILE A 81 -0.81 -13.27 4.39
C ILE A 81 -1.88 -12.37 5.01
N ALA A 82 -1.99 -12.42 6.34
CA ALA A 82 -2.96 -11.60 7.06
C ALA A 82 -2.63 -10.12 6.92
N ALA A 83 -1.35 -9.79 7.07
CA ALA A 83 -0.90 -8.41 7.00
C ALA A 83 -1.17 -7.81 5.62
N SER A 84 -0.93 -8.60 4.58
CA SER A 84 -1.14 -8.16 3.21
C SER A 84 -2.60 -7.78 2.97
N GLN A 85 -3.50 -8.66 3.35
CA GLN A 85 -4.94 -8.45 3.15
C GLN A 85 -5.42 -7.26 3.97
N SER A 86 -4.92 -7.16 5.19
CA SER A 86 -5.26 -6.05 6.07
C SER A 86 -4.75 -4.73 5.50
N PHE A 87 -3.58 -4.77 4.86
CA PHE A 87 -2.99 -3.58 4.26
C PHE A 87 -3.77 -3.14 3.03
N LEU A 88 -4.39 -4.11 2.36
CA LEU A 88 -5.20 -3.83 1.17
C LEU A 88 -6.35 -2.89 1.49
N GLN A 89 -6.92 -3.05 2.68
CA GLN A 89 -8.07 -2.26 3.10
C GLN A 89 -7.79 -0.74 3.05
N PRO A 90 -6.84 -0.19 3.85
CA PRO A 90 -6.55 1.23 3.83
C PRO A 90 -5.73 1.64 2.60
N GLY A 91 -4.95 0.69 2.08
CA GLY A 91 -4.13 0.96 0.91
C GLY A 91 -4.97 1.36 -0.29
N GLY A 92 -6.00 0.57 -0.57
CA GLY A 92 -6.88 0.87 -1.68
C GLY A 92 -7.60 2.20 -1.50
N LYS A 93 -7.84 2.58 -0.26
CA LYS A 93 -8.48 3.85 0.07
C LYS A 93 -7.62 5.01 -0.41
N MET A 94 -6.32 4.92 -0.16
CA MET A 94 -5.41 5.99 -0.51
C MET A 94 -5.21 6.04 -2.02
N VAL A 95 -5.30 4.89 -2.67
CA VAL A 95 -5.25 4.82 -4.12
C VAL A 95 -6.40 5.61 -4.72
N ALA A 96 -7.59 5.38 -4.17
CA ALA A 96 -8.80 6.07 -4.64
C ALA A 96 -8.74 7.55 -4.28
N ALA A 97 -8.35 7.83 -3.04
CA ALA A 97 -8.23 9.20 -2.57
C ALA A 97 -7.23 9.98 -3.39
N ALA A 98 -6.12 9.35 -3.74
CA ALA A 98 -5.09 9.99 -4.55
C ALA A 98 -5.66 10.43 -5.88
N LYS A 99 -6.31 9.49 -6.58
CA LYS A 99 -6.89 9.77 -7.89
C LYS A 99 -7.95 10.87 -7.82
N ALA A 100 -8.73 10.87 -6.74
CA ALA A 100 -9.84 11.80 -6.59
C ALA A 100 -9.36 13.16 -6.08
N SER A 101 -8.19 13.20 -5.48
CA SER A 101 -7.65 14.46 -4.95
C SER A 101 -6.86 15.18 -6.03
N VAL A 102 -6.41 14.45 -7.03
CA VAL A 102 -5.68 15.04 -8.15
C VAL A 102 -6.41 16.26 -8.75
N PRO A 103 -7.70 16.14 -9.13
CA PRO A 103 -8.45 17.26 -9.71
C PRO A 103 -8.83 18.35 -8.71
N THR A 104 -8.78 18.04 -7.42
CA THR A 104 -9.16 19.00 -6.40
C THR A 104 -7.97 19.84 -5.93
N ILE A 105 -6.78 19.22 -5.95
CA ILE A 105 -5.55 19.91 -5.59
C ILE A 105 -5.28 21.07 -6.54
N GLN A 106 -5.44 20.78 -7.82
CA GLN A 106 -5.30 21.78 -8.90
C GLN A 106 -3.90 22.39 -8.92
N ASP A 107 -2.91 21.63 -8.47
CA ASP A 107 -1.53 22.08 -8.47
C ASP A 107 -0.82 21.57 -9.72
N GLN A 108 -1.47 20.60 -10.36
CA GLN A 108 -0.94 19.94 -11.54
C GLN A 108 0.25 19.05 -11.20
N ALA A 109 1.38 19.68 -10.88
CA ALA A 109 2.64 18.96 -10.65
C ALA A 109 2.51 17.94 -9.51
N SER A 110 2.07 18.40 -8.35
CA SER A 110 1.94 17.53 -7.19
C SER A 110 0.91 16.42 -7.46
N ALA A 111 -0.13 16.78 -8.19
CA ALA A 111 -1.20 15.85 -8.51
C ALA A 111 -0.73 14.75 -9.45
N MET A 112 0.14 15.11 -10.39
CA MET A 112 0.71 14.14 -11.33
C MET A 112 1.56 13.13 -10.58
N GLN A 113 2.20 13.60 -9.51
CA GLN A 113 3.00 12.74 -8.65
C GLN A 113 2.09 11.72 -7.97
N LEU A 114 0.95 12.21 -7.48
CA LEU A 114 -0.06 11.34 -6.87
C LEU A 114 -0.55 10.28 -7.85
N SER A 115 -0.83 10.71 -9.08
CA SER A 115 -1.34 9.81 -10.10
C SER A 115 -0.34 8.69 -10.40
N GLN A 116 0.95 9.03 -10.40
CA GLN A 116 2.00 8.04 -10.62
C GLN A 116 2.07 7.05 -9.45
N CYS A 117 2.02 7.59 -8.24
CA CYS A 117 2.11 6.76 -7.04
C CYS A 117 0.92 5.82 -6.94
N ALA A 118 -0.27 6.36 -7.18
CA ALA A 118 -1.50 5.56 -7.13
C ALA A 118 -1.51 4.50 -8.22
N LYS A 119 -0.84 4.80 -9.33
CA LYS A 119 -0.72 3.85 -10.44
C LYS A 119 0.03 2.60 -9.97
N ASN A 120 1.15 2.82 -9.32
CA ASN A 120 1.99 1.73 -8.82
C ASN A 120 1.31 1.01 -7.67
N LEU A 121 0.89 1.79 -6.66
CA LEU A 121 0.30 1.24 -5.45
C LEU A 121 -0.92 0.39 -5.76
N GLY A 122 -1.78 0.89 -6.64
CA GLY A 122 -2.99 0.18 -6.99
C GLY A 122 -2.72 -1.21 -7.54
N THR A 123 -1.77 -1.30 -8.46
CA THR A 123 -1.45 -2.58 -9.09
C THR A 123 -0.55 -3.42 -8.19
N ALA A 124 0.20 -2.78 -7.32
CA ALA A 124 1.02 -3.49 -6.34
C ALA A 124 0.12 -4.26 -5.38
N LEU A 125 -0.93 -3.59 -4.91
CA LEU A 125 -1.91 -4.22 -4.04
C LEU A 125 -2.68 -5.31 -4.77
N ALA A 126 -2.86 -5.10 -6.08
CA ALA A 126 -3.61 -6.04 -6.91
C ALA A 126 -3.00 -7.44 -6.86
N GLU A 127 -1.72 -7.55 -7.18
CA GLU A 127 -1.07 -8.86 -7.19
C GLU A 127 -0.67 -9.28 -5.78
N LEU A 128 -0.60 -8.31 -4.86
CA LEU A 128 -0.39 -8.62 -3.46
C LEU A 128 -1.54 -9.46 -2.94
N ARG A 129 -2.75 -9.08 -3.35
CA ARG A 129 -3.95 -9.84 -3.05
C ARG A 129 -3.87 -11.23 -3.70
N THR A 130 -3.41 -11.26 -4.95
CA THR A 130 -3.27 -12.51 -5.68
C THR A 130 -2.27 -13.46 -4.99
N ALA A 131 -1.13 -12.90 -4.57
CA ALA A 131 -0.10 -13.68 -3.92
C ALA A 131 -0.58 -14.18 -2.55
N ALA A 132 -1.23 -13.30 -1.80
CA ALA A 132 -1.77 -13.66 -0.50
C ALA A 132 -2.85 -14.72 -0.64
N GLN A 133 -3.60 -14.65 -1.72
CA GLN A 133 -4.61 -15.64 -2.05
C GLN A 133 -3.96 -17.01 -2.20
N LYS A 134 -2.99 -17.10 -3.11
CA LYS A 134 -2.32 -18.35 -3.42
C LYS A 134 -1.56 -18.88 -2.20
N ALA A 135 -1.04 -17.98 -1.39
CA ALA A 135 -0.34 -18.36 -0.18
C ALA A 135 -1.30 -18.94 0.84
N GLN A 136 -2.54 -18.49 0.81
CA GLN A 136 -3.54 -18.95 1.77
C GLN A 136 -4.06 -20.32 1.37
N GLU A 137 -4.26 -20.54 0.07
CA GLU A 137 -4.75 -21.82 -0.43
C GLU A 137 -3.65 -22.88 -0.45
N ALA A 138 -2.42 -22.45 -0.18
CA ALA A 138 -1.28 -23.36 -0.16
C ALA A 138 -1.24 -24.14 1.14
N GLY A 1 8.69 -13.00 -17.75
CA GLY A 1 9.15 -14.36 -17.40
C GLY A 1 8.44 -14.91 -16.20
N ILE A 2 8.77 -14.36 -15.02
CA ILE A 2 8.20 -14.80 -13.76
C ILE A 2 8.69 -16.19 -13.39
N ASP A 3 9.68 -16.25 -12.52
CA ASP A 3 10.22 -17.53 -12.06
C ASP A 3 9.52 -17.96 -10.79
N PRO A 4 8.88 -19.13 -10.80
CA PRO A 4 8.16 -19.63 -9.65
C PRO A 4 9.08 -20.17 -8.57
N PHE A 5 9.50 -19.29 -7.67
CA PHE A 5 10.30 -19.69 -6.53
C PHE A 5 9.38 -20.35 -5.49
N THR A 6 8.70 -19.52 -4.72
CA THR A 6 7.70 -20.01 -3.77
C THR A 6 6.49 -19.09 -3.82
N LEU A 7 5.45 -19.46 -3.10
CA LEU A 7 4.25 -18.64 -3.05
C LEU A 7 4.46 -17.46 -2.12
N VAL A 8 5.39 -17.62 -1.18
CA VAL A 8 5.65 -16.59 -0.20
C VAL A 8 6.68 -15.57 -0.69
N GLN A 9 7.58 -15.98 -1.58
CA GLN A 9 8.58 -15.05 -2.11
C GLN A 9 7.94 -13.99 -2.99
N ARG A 10 6.99 -14.40 -3.81
CA ARG A 10 6.27 -13.46 -4.66
C ARG A 10 5.40 -12.55 -3.78
N LEU A 11 5.00 -13.08 -2.63
CA LEU A 11 4.25 -12.31 -1.64
C LEU A 11 5.16 -11.25 -1.04
N GLU A 12 6.33 -11.67 -0.55
CA GLU A 12 7.34 -10.76 -0.03
C GLU A 12 7.67 -9.65 -1.04
N HIS A 13 7.76 -10.05 -2.30
CA HIS A 13 8.10 -9.12 -3.36
C HIS A 13 7.03 -8.03 -3.47
N ALA A 14 5.78 -8.45 -3.54
CA ALA A 14 4.67 -7.52 -3.65
C ALA A 14 4.51 -6.69 -2.38
N ALA A 15 4.64 -7.34 -1.24
CA ALA A 15 4.46 -6.67 0.06
C ALA A 15 5.42 -5.51 0.25
N LYS A 16 6.69 -5.75 -0.03
CA LYS A 16 7.71 -4.72 0.20
C LYS A 16 7.53 -3.53 -0.75
N GLN A 17 7.24 -3.81 -2.02
CA GLN A 17 7.08 -2.75 -3.00
C GLN A 17 5.75 -2.02 -2.79
N ALA A 18 4.75 -2.74 -2.26
CA ALA A 18 3.48 -2.13 -1.91
C ALA A 18 3.69 -1.14 -0.77
N ALA A 19 4.44 -1.58 0.23
CA ALA A 19 4.81 -0.72 1.35
C ALA A 19 5.58 0.51 0.84
N ALA A 20 6.44 0.29 -0.14
CA ALA A 20 7.22 1.36 -0.74
C ALA A 20 6.31 2.37 -1.46
N SER A 21 5.45 1.86 -2.34
CA SER A 21 4.54 2.71 -3.09
C SER A 21 3.56 3.40 -2.16
N ALA A 22 3.16 2.72 -1.09
CA ALA A 22 2.30 3.31 -0.08
C ALA A 22 2.98 4.53 0.54
N THR A 23 4.23 4.34 0.96
CA THR A 23 5.02 5.41 1.55
C THR A 23 5.12 6.60 0.58
N GLN A 24 5.36 6.30 -0.70
CA GLN A 24 5.45 7.33 -1.73
C GLN A 24 4.13 8.10 -1.84
N THR A 25 3.03 7.35 -1.90
CA THR A 25 1.72 7.95 -2.03
C THR A 25 1.39 8.82 -0.82
N ILE A 26 1.73 8.34 0.37
CA ILE A 26 1.46 9.07 1.60
C ILE A 26 2.26 10.37 1.67
N ALA A 27 3.55 10.28 1.33
CA ALA A 27 4.42 11.44 1.34
C ALA A 27 3.90 12.50 0.37
N ALA A 28 3.52 12.06 -0.83
CA ALA A 28 2.95 12.96 -1.82
C ALA A 28 1.60 13.49 -1.36
N ALA A 29 0.81 12.60 -0.75
CA ALA A 29 -0.52 12.94 -0.27
C ALA A 29 -0.48 14.11 0.71
N GLN A 30 0.30 13.96 1.78
CA GLN A 30 0.35 14.96 2.84
C GLN A 30 1.06 16.22 2.38
N HIS A 31 1.83 16.13 1.31
CA HIS A 31 2.54 17.28 0.78
C HIS A 31 1.65 18.06 -0.20
N ALA A 32 0.84 17.33 -0.95
CA ALA A 32 0.01 17.93 -1.98
C ALA A 32 -1.33 18.41 -1.42
N ALA A 33 -1.91 17.63 -0.52
CA ALA A 33 -3.22 17.96 0.04
C ALA A 33 -3.14 19.16 0.97
N SER A 34 -1.94 19.48 1.40
CA SER A 34 -1.73 20.63 2.27
C SER A 34 -1.64 21.91 1.46
N ALA A 35 -2.80 22.40 1.04
CA ALA A 35 -2.88 23.68 0.34
C ALA A 35 -3.29 24.78 1.32
N PRO A 36 -2.37 25.70 1.64
CA PRO A 36 -2.62 26.77 2.60
C PRO A 36 -3.77 27.65 2.18
N LYS A 37 -4.84 27.57 2.95
CA LYS A 37 -6.06 28.28 2.63
C LYS A 37 -7.03 28.26 3.81
N ALA A 38 -7.29 29.46 4.34
CA ALA A 38 -8.25 29.65 5.43
C ALA A 38 -7.95 28.75 6.63
N SER A 39 -7.06 29.22 7.48
CA SER A 39 -6.66 28.49 8.69
C SER A 39 -5.96 27.18 8.32
N ALA A 40 -4.65 27.29 8.05
CA ALA A 40 -3.80 26.15 7.68
C ALA A 40 -4.13 25.62 6.30
N GLY A 41 -5.26 24.95 6.17
CA GLY A 41 -5.64 24.34 4.92
C GLY A 41 -6.88 23.50 5.07
N PRO A 42 -7.23 22.69 4.06
CA PRO A 42 -8.43 21.85 4.11
C PRO A 42 -8.19 20.54 4.86
N GLN A 43 -9.27 19.87 5.20
CA GLN A 43 -9.20 18.55 5.83
C GLN A 43 -9.68 17.48 4.84
N PRO A 44 -8.78 17.00 3.97
CA PRO A 44 -9.13 16.08 2.90
C PRO A 44 -9.25 14.64 3.36
N LEU A 45 -9.96 13.84 2.58
CA LEU A 45 -10.13 12.42 2.87
C LEU A 45 -8.83 11.68 2.59
N LEU A 46 -8.02 12.27 1.72
CA LEU A 46 -6.72 11.72 1.38
C LEU A 46 -5.86 11.51 2.63
N VAL A 47 -5.83 12.50 3.51
CA VAL A 47 -5.06 12.39 4.75
C VAL A 47 -5.63 11.31 5.63
N GLN A 48 -6.95 11.21 5.68
CA GLN A 48 -7.64 10.21 6.46
C GLN A 48 -7.25 8.80 5.99
N SER A 49 -7.17 8.62 4.69
CA SER A 49 -6.78 7.35 4.11
C SER A 49 -5.31 7.05 4.33
N CYS A 50 -4.44 8.03 4.06
CA CYS A 50 -3.01 7.86 4.22
C CYS A 50 -2.64 7.65 5.68
N LYS A 51 -3.49 8.18 6.56
CA LYS A 51 -3.29 8.07 7.99
C LYS A 51 -3.33 6.62 8.42
N ALA A 52 -4.33 5.90 7.90
CA ALA A 52 -4.50 4.49 8.19
C ALA A 52 -3.36 3.69 7.58
N VAL A 53 -3.13 3.90 6.28
CA VAL A 53 -2.10 3.17 5.55
C VAL A 53 -0.73 3.33 6.22
N ALA A 54 -0.44 4.53 6.71
CA ALA A 54 0.82 4.81 7.38
C ALA A 54 1.03 3.89 8.59
N GLU A 55 -0.05 3.43 9.18
CA GLU A 55 0.03 2.52 10.31
C GLU A 55 0.27 1.09 9.85
N GLN A 56 -0.32 0.72 8.72
CA GLN A 56 -0.19 -0.62 8.17
C GLN A 56 1.17 -0.86 7.49
N ILE A 57 1.89 0.22 7.16
CA ILE A 57 3.19 0.11 6.49
C ILE A 57 4.17 -0.76 7.30
N PRO A 58 4.46 -0.41 8.58
CA PRO A 58 5.36 -1.21 9.42
C PRO A 58 4.85 -2.63 9.61
N LEU A 59 3.53 -2.77 9.63
CA LEU A 59 2.90 -4.09 9.77
C LEU A 59 3.25 -4.99 8.60
N LEU A 60 3.23 -4.43 7.40
CA LEU A 60 3.64 -5.15 6.21
C LEU A 60 5.08 -5.59 6.33
N VAL A 61 5.97 -4.62 6.49
CA VAL A 61 7.41 -4.88 6.47
C VAL A 61 7.83 -5.85 7.57
N GLN A 62 7.28 -5.67 8.77
CA GLN A 62 7.58 -6.59 9.87
C GLN A 62 6.95 -7.96 9.62
N GLY A 63 5.82 -7.95 8.91
CA GLY A 63 5.24 -9.21 8.46
C GLY A 63 6.16 -9.90 7.47
N VAL A 64 6.74 -9.11 6.56
CA VAL A 64 7.73 -9.61 5.62
C VAL A 64 8.94 -10.16 6.38
N ARG A 65 9.37 -9.44 7.41
CA ARG A 65 10.49 -9.85 8.23
C ARG A 65 10.22 -11.20 8.90
N GLY A 66 8.99 -11.41 9.32
CA GLY A 66 8.60 -12.69 9.89
C GLY A 66 8.66 -13.79 8.86
N SER A 67 8.22 -13.48 7.65
CA SER A 67 8.26 -14.42 6.54
C SER A 67 9.70 -14.80 6.20
N GLN A 68 10.58 -13.80 6.18
CA GLN A 68 11.99 -14.02 5.88
C GLN A 68 12.66 -14.88 6.95
N ALA A 69 12.08 -14.88 8.13
CA ALA A 69 12.60 -15.68 9.23
C ALA A 69 12.21 -17.14 9.07
N GLN A 70 10.94 -17.36 8.78
CA GLN A 70 10.42 -18.72 8.61
C GLN A 70 9.55 -18.81 7.36
N PRO A 71 10.17 -19.11 6.20
CA PRO A 71 9.47 -19.16 4.91
C PRO A 71 8.52 -20.35 4.80
N ASP A 72 8.78 -21.39 5.59
CA ASP A 72 7.97 -22.60 5.51
C ASP A 72 6.84 -22.57 6.53
N SER A 73 7.10 -21.97 7.69
CA SER A 73 6.13 -21.94 8.77
C SER A 73 4.93 -21.07 8.40
N PRO A 74 3.73 -21.67 8.38
CA PRO A 74 2.48 -20.96 8.11
C PRO A 74 2.20 -19.91 9.18
N SER A 75 2.67 -20.18 10.39
CA SER A 75 2.48 -19.27 11.51
C SER A 75 3.13 -17.92 11.24
N ALA A 76 4.28 -17.95 10.56
CA ALA A 76 5.01 -16.74 10.23
C ALA A 76 4.43 -16.07 9.00
N GLN A 77 4.11 -16.90 8.00
CA GLN A 77 3.55 -16.41 6.75
C GLN A 77 2.19 -15.75 6.96
N LEU A 78 1.40 -16.36 7.83
CA LEU A 78 0.05 -15.89 8.12
C LEU A 78 0.06 -14.45 8.59
N ALA A 79 1.11 -14.06 9.30
CA ALA A 79 1.26 -12.69 9.78
C ALA A 79 1.35 -11.73 8.59
N LEU A 80 2.12 -12.12 7.58
CA LEU A 80 2.27 -11.31 6.38
C LEU A 80 0.97 -11.33 5.58
N ILE A 81 0.42 -12.53 5.41
CA ILE A 81 -0.80 -12.74 4.64
C ILE A 81 -1.95 -11.91 5.23
N ALA A 82 -2.10 -11.96 6.54
CA ALA A 82 -3.14 -11.19 7.22
C ALA A 82 -2.88 -9.68 7.09
N ALA A 83 -1.64 -9.29 7.32
CA ALA A 83 -1.25 -7.88 7.21
C ALA A 83 -1.52 -7.35 5.81
N SER A 84 -1.24 -8.16 4.80
CA SER A 84 -1.47 -7.78 3.42
C SER A 84 -2.95 -7.49 3.17
N GLN A 85 -3.81 -8.37 3.65
CA GLN A 85 -5.25 -8.22 3.47
C GLN A 85 -5.76 -7.01 4.24
N SER A 86 -5.21 -6.80 5.44
CA SER A 86 -5.58 -5.66 6.26
C SER A 86 -4.97 -4.37 5.72
N PHE A 87 -4.11 -4.51 4.71
CA PHE A 87 -3.51 -3.36 4.05
C PHE A 87 -4.28 -3.04 2.77
N LEU A 88 -4.85 -4.08 2.17
CA LEU A 88 -5.62 -3.93 0.94
C LEU A 88 -6.79 -2.97 1.12
N GLN A 89 -7.48 -3.09 2.26
CA GLN A 89 -8.65 -2.26 2.52
C GLN A 89 -8.29 -0.77 2.60
N PRO A 90 -7.41 -0.34 3.54
CA PRO A 90 -7.03 1.07 3.66
C PRO A 90 -6.23 1.56 2.45
N GLY A 91 -5.34 0.71 1.95
CA GLY A 91 -4.52 1.07 0.81
C GLY A 91 -5.34 1.35 -0.42
N GLY A 92 -6.33 0.50 -0.68
CA GLY A 92 -7.20 0.69 -1.82
C GLY A 92 -7.94 2.00 -1.77
N LYS A 93 -8.36 2.39 -0.57
CA LYS A 93 -9.07 3.65 -0.38
C LYS A 93 -8.13 4.83 -0.57
N MET A 94 -6.85 4.65 -0.27
CA MET A 94 -5.89 5.73 -0.44
C MET A 94 -5.62 5.95 -1.91
N VAL A 95 -5.66 4.87 -2.69
CA VAL A 95 -5.55 4.94 -4.13
C VAL A 95 -6.69 5.78 -4.70
N ALA A 96 -7.90 5.48 -4.24
CA ALA A 96 -9.09 6.21 -4.67
C ALA A 96 -9.00 7.67 -4.27
N ALA A 97 -8.72 7.91 -2.99
CA ALA A 97 -8.65 9.26 -2.45
C ALA A 97 -7.55 10.07 -3.13
N ALA A 98 -6.42 9.43 -3.41
CA ALA A 98 -5.31 10.10 -4.08
C ALA A 98 -5.71 10.56 -5.47
N LYS A 99 -6.24 9.64 -6.27
CA LYS A 99 -6.63 9.94 -7.64
C LYS A 99 -7.71 11.00 -7.68
N ALA A 100 -8.60 10.98 -6.69
CA ALA A 100 -9.70 11.92 -6.63
C ALA A 100 -9.23 13.29 -6.15
N SER A 101 -8.08 13.31 -5.48
CA SER A 101 -7.51 14.55 -4.98
C SER A 101 -6.63 15.20 -6.06
N VAL A 102 -6.15 14.39 -6.99
CA VAL A 102 -5.27 14.87 -8.07
C VAL A 102 -5.85 16.08 -8.81
N PRO A 103 -7.12 16.04 -9.28
CA PRO A 103 -7.72 17.16 -10.01
C PRO A 103 -7.93 18.41 -9.15
N THR A 104 -8.05 18.23 -7.84
CA THR A 104 -8.25 19.36 -6.94
C THR A 104 -6.92 20.00 -6.57
N ILE A 105 -5.84 19.38 -7.04
CA ILE A 105 -4.50 19.90 -6.82
C ILE A 105 -4.03 20.64 -8.08
N GLN A 106 -3.47 21.81 -7.88
CA GLN A 106 -3.04 22.65 -8.99
C GLN A 106 -1.52 22.76 -9.03
N ASP A 107 -0.86 21.78 -8.44
CA ASP A 107 0.58 21.63 -8.58
C ASP A 107 0.88 20.39 -9.40
N GLN A 108 1.36 20.60 -10.62
CA GLN A 108 1.56 19.52 -11.58
C GLN A 108 2.45 18.41 -11.03
N ALA A 109 3.54 18.78 -10.38
CA ALA A 109 4.48 17.81 -9.83
C ALA A 109 3.80 16.90 -8.82
N SER A 110 3.11 17.50 -7.86
CA SER A 110 2.40 16.73 -6.83
C SER A 110 1.26 15.93 -7.43
N ALA A 111 0.53 16.53 -8.35
CA ALA A 111 -0.61 15.88 -8.98
C ALA A 111 -0.18 14.63 -9.74
N MET A 112 0.84 14.77 -10.58
CA MET A 112 1.32 13.64 -11.38
C MET A 112 1.96 12.59 -10.50
N GLN A 113 2.64 13.03 -9.44
CA GLN A 113 3.26 12.12 -8.49
C GLN A 113 2.20 11.23 -7.84
N LEU A 114 1.14 11.86 -7.34
CA LEU A 114 0.03 11.12 -6.75
C LEU A 114 -0.62 10.18 -7.76
N SER A 115 -0.78 10.67 -8.99
CA SER A 115 -1.38 9.88 -10.05
C SER A 115 -0.56 8.61 -10.31
N GLN A 116 0.75 8.75 -10.31
CA GLN A 116 1.65 7.63 -10.55
C GLN A 116 1.72 6.71 -9.33
N CYS A 117 1.89 7.30 -8.15
CA CYS A 117 2.01 6.54 -6.91
C CYS A 117 0.77 5.66 -6.69
N ALA A 118 -0.41 6.26 -6.79
CA ALA A 118 -1.66 5.53 -6.58
C ALA A 118 -1.87 4.49 -7.66
N LYS A 119 -1.42 4.80 -8.88
CA LYS A 119 -1.55 3.89 -10.00
C LYS A 119 -0.73 2.63 -9.76
N ASN A 120 0.50 2.82 -9.31
CA ASN A 120 1.40 1.70 -9.02
C ASN A 120 0.94 0.98 -7.76
N LEU A 121 0.47 1.74 -6.77
CA LEU A 121 -0.03 1.18 -5.53
C LEU A 121 -1.21 0.24 -5.80
N GLY A 122 -2.05 0.62 -6.77
CA GLY A 122 -3.17 -0.22 -7.15
C GLY A 122 -2.73 -1.59 -7.63
N THR A 123 -1.72 -1.62 -8.50
CA THR A 123 -1.20 -2.88 -9.00
C THR A 123 -0.42 -3.62 -7.91
N ALA A 124 0.25 -2.85 -7.07
CA ALA A 124 0.96 -3.42 -5.92
C ALA A 124 -0.02 -4.21 -5.05
N LEU A 125 -1.17 -3.61 -4.78
CA LEU A 125 -2.23 -4.27 -4.02
C LEU A 125 -2.79 -5.46 -4.80
N ALA A 126 -2.83 -5.32 -6.11
CA ALA A 126 -3.37 -6.36 -6.99
C ALA A 126 -2.61 -7.66 -6.85
N GLU A 127 -1.31 -7.63 -7.12
CA GLU A 127 -0.52 -8.85 -7.04
C GLU A 127 -0.20 -9.22 -5.59
N LEU A 128 -0.32 -8.26 -4.68
CA LEU A 128 -0.22 -8.55 -3.26
C LEU A 128 -1.37 -9.46 -2.83
N ARG A 129 -2.58 -9.06 -3.21
CA ARG A 129 -3.77 -9.87 -2.93
C ARG A 129 -3.67 -11.21 -3.63
N THR A 130 -3.20 -11.18 -4.87
CA THR A 130 -3.03 -12.39 -5.67
C THR A 130 -2.06 -13.37 -4.99
N ALA A 131 -0.94 -12.86 -4.50
CA ALA A 131 0.06 -13.68 -3.83
C ALA A 131 -0.46 -14.17 -2.50
N ALA A 132 -0.97 -13.25 -1.68
CA ALA A 132 -1.46 -13.57 -0.35
C ALA A 132 -2.55 -14.64 -0.40
N GLN A 133 -3.48 -14.50 -1.35
CA GLN A 133 -4.58 -15.46 -1.51
C GLN A 133 -4.05 -16.87 -1.72
N LYS A 134 -3.18 -17.03 -2.70
CA LYS A 134 -2.69 -18.35 -3.08
C LYS A 134 -1.71 -18.91 -2.06
N ALA A 135 -1.19 -18.05 -1.19
CA ALA A 135 -0.30 -18.49 -0.12
C ALA A 135 -1.10 -18.82 1.14
N GLN A 136 -2.21 -18.11 1.33
CA GLN A 136 -3.08 -18.31 2.48
C GLN A 136 -3.67 -19.71 2.49
N GLU A 137 -4.07 -20.17 1.31
CA GLU A 137 -4.70 -21.48 1.17
C GLU A 137 -3.67 -22.57 0.88
N ALA A 138 -2.40 -22.23 0.97
CA ALA A 138 -1.34 -23.18 0.68
C ALA A 138 -0.73 -23.70 1.97
N GLY A 1 21.40 -21.90 -9.72
CA GLY A 1 20.05 -22.50 -9.92
C GLY A 1 19.00 -21.44 -10.18
N ILE A 2 17.75 -21.87 -10.27
CA ILE A 2 16.64 -20.94 -10.51
C ILE A 2 15.50 -21.23 -9.53
N ASP A 3 14.94 -20.15 -8.99
CA ASP A 3 13.84 -20.27 -8.06
C ASP A 3 12.55 -19.81 -8.73
N PRO A 4 11.49 -20.63 -8.67
CA PRO A 4 10.21 -20.34 -9.34
C PRO A 4 9.34 -19.35 -8.57
N PHE A 5 9.94 -18.71 -7.57
CA PHE A 5 9.27 -17.76 -6.70
C PHE A 5 8.02 -18.34 -6.08
N THR A 6 8.17 -18.81 -4.85
CA THR A 6 7.07 -19.42 -4.12
C THR A 6 5.97 -18.38 -3.87
N LEU A 7 4.77 -18.85 -3.56
CA LEU A 7 3.63 -17.96 -3.41
C LEU A 7 3.85 -16.96 -2.27
N VAL A 8 4.39 -17.44 -1.14
CA VAL A 8 4.69 -16.56 -0.02
C VAL A 8 5.89 -15.66 -0.34
N GLN A 9 6.80 -16.15 -1.17
CA GLN A 9 7.97 -15.38 -1.58
C GLN A 9 7.54 -14.16 -2.37
N ARG A 10 6.49 -14.34 -3.17
CA ARG A 10 5.94 -13.25 -3.95
C ARG A 10 5.28 -12.23 -3.03
N LEU A 11 4.69 -12.72 -1.95
CA LEU A 11 4.10 -11.87 -0.93
C LEU A 11 5.16 -10.99 -0.28
N GLU A 12 6.28 -11.61 0.10
CA GLU A 12 7.39 -10.91 0.73
C GLU A 12 7.76 -9.67 -0.07
N HIS A 13 8.10 -9.87 -1.34
CA HIS A 13 8.57 -8.79 -2.20
C HIS A 13 7.45 -7.80 -2.52
N ALA A 14 6.23 -8.31 -2.66
CA ALA A 14 5.08 -7.47 -2.99
C ALA A 14 4.71 -6.56 -1.82
N ALA A 15 4.75 -7.11 -0.62
CA ALA A 15 4.40 -6.33 0.57
C ALA A 15 5.43 -5.23 0.81
N LYS A 16 6.68 -5.52 0.50
CA LYS A 16 7.75 -4.54 0.66
C LYS A 16 7.57 -3.37 -0.30
N GLN A 17 7.28 -3.68 -1.56
CA GLN A 17 7.08 -2.63 -2.55
C GLN A 17 5.75 -1.90 -2.29
N ALA A 18 4.77 -2.62 -1.75
CA ALA A 18 3.51 -2.01 -1.37
C ALA A 18 3.71 -1.03 -0.24
N ALA A 19 4.46 -1.46 0.78
CA ALA A 19 4.80 -0.61 1.91
C ALA A 19 5.58 0.63 1.42
N ALA A 20 6.49 0.40 0.48
CA ALA A 20 7.27 1.49 -0.11
C ALA A 20 6.37 2.46 -0.87
N SER A 21 5.58 1.92 -1.79
CA SER A 21 4.68 2.72 -2.61
C SER A 21 3.67 3.46 -1.75
N ALA A 22 3.23 2.82 -0.67
CA ALA A 22 2.32 3.45 0.27
C ALA A 22 2.99 4.66 0.91
N THR A 23 4.21 4.47 1.38
CA THR A 23 4.98 5.56 1.99
C THR A 23 5.17 6.70 0.99
N GLN A 24 5.48 6.35 -0.26
CA GLN A 24 5.63 7.33 -1.32
C GLN A 24 4.33 8.09 -1.58
N THR A 25 3.23 7.36 -1.63
CA THR A 25 1.92 7.96 -1.85
C THR A 25 1.56 8.87 -0.67
N ILE A 26 1.84 8.39 0.55
CA ILE A 26 1.63 9.17 1.76
C ILE A 26 2.41 10.48 1.69
N ALA A 27 3.69 10.39 1.36
CA ALA A 27 4.56 11.55 1.27
C ALA A 27 4.01 12.58 0.29
N ALA A 28 3.53 12.11 -0.86
CA ALA A 28 2.97 12.99 -1.86
C ALA A 28 1.62 13.55 -1.42
N ALA A 29 0.85 12.71 -0.72
CA ALA A 29 -0.48 13.08 -0.25
C ALA A 29 -0.43 14.22 0.76
N GLN A 30 0.60 14.23 1.60
CA GLN A 30 0.74 15.27 2.61
C GLN A 30 1.77 16.31 2.18
N HIS A 31 2.00 16.43 0.89
CA HIS A 31 2.95 17.42 0.37
C HIS A 31 2.43 18.06 -0.91
N ALA A 32 2.34 17.28 -1.97
CA ALA A 32 1.94 17.79 -3.28
C ALA A 32 0.44 17.87 -3.41
N ALA A 33 -0.26 16.97 -2.73
CA ALA A 33 -1.71 16.91 -2.79
C ALA A 33 -2.32 18.14 -2.17
N SER A 34 -2.69 19.06 -3.03
CA SER A 34 -3.35 20.28 -2.62
C SER A 34 -4.81 20.20 -3.04
N ALA A 35 -5.62 21.06 -2.46
CA ALA A 35 -7.03 21.12 -2.77
C ALA A 35 -7.52 22.56 -2.64
N PRO A 36 -8.52 22.95 -3.44
CA PRO A 36 -9.11 24.30 -3.38
C PRO A 36 -9.60 24.63 -1.97
N LYS A 37 -8.81 25.44 -1.27
CA LYS A 37 -9.05 25.75 0.15
C LYS A 37 -10.49 26.19 0.42
N ALA A 38 -11.00 27.10 -0.41
CA ALA A 38 -12.35 27.62 -0.20
C ALA A 38 -13.24 27.29 -1.38
N SER A 39 -12.64 27.09 -2.54
CA SER A 39 -13.39 26.83 -3.77
C SER A 39 -14.15 25.49 -3.69
N ALA A 40 -13.61 24.56 -2.92
CA ALA A 40 -14.23 23.23 -2.79
C ALA A 40 -14.04 22.68 -1.38
N GLY A 41 -12.81 22.70 -0.91
CA GLY A 41 -12.51 22.16 0.40
C GLY A 41 -11.24 21.35 0.40
N PRO A 42 -10.36 21.56 1.39
CA PRO A 42 -9.11 20.82 1.52
C PRO A 42 -9.31 19.45 2.17
N GLN A 43 -8.21 18.69 2.30
CA GLN A 43 -8.23 17.35 2.86
C GLN A 43 -9.21 16.44 2.11
N PRO A 44 -8.81 15.94 0.94
CA PRO A 44 -9.64 15.04 0.12
C PRO A 44 -9.60 13.60 0.64
N LEU A 45 -9.86 13.44 1.94
CA LEU A 45 -9.89 12.14 2.61
C LEU A 45 -8.50 11.53 2.76
N LEU A 46 -7.54 12.03 1.99
CA LEU A 46 -6.16 11.54 2.04
C LEU A 46 -5.62 11.49 3.46
N VAL A 47 -5.88 12.54 4.23
CA VAL A 47 -5.40 12.63 5.60
C VAL A 47 -5.92 11.46 6.43
N GLN A 48 -7.16 11.06 6.18
CA GLN A 48 -7.79 9.99 6.94
C GLN A 48 -7.26 8.63 6.49
N SER A 49 -7.23 8.43 5.17
CA SER A 49 -6.74 7.18 4.59
C SER A 49 -5.26 6.97 4.93
N CYS A 50 -4.51 8.08 4.93
CA CYS A 50 -3.08 8.05 5.24
C CYS A 50 -2.82 7.41 6.60
N LYS A 51 -3.63 7.79 7.59
CA LYS A 51 -3.49 7.25 8.94
C LYS A 51 -3.69 5.75 8.96
N ALA A 52 -4.69 5.29 8.20
CA ALA A 52 -4.99 3.87 8.12
C ALA A 52 -3.83 3.11 7.50
N VAL A 53 -3.32 3.64 6.40
CA VAL A 53 -2.19 3.03 5.71
C VAL A 53 -0.93 3.04 6.58
N ALA A 54 -0.72 4.16 7.28
CA ALA A 54 0.44 4.33 8.14
C ALA A 54 0.54 3.26 9.22
N GLU A 55 -0.60 2.71 9.62
CA GLU A 55 -0.62 1.68 10.64
C GLU A 55 -0.43 0.29 10.04
N GLN A 56 -0.74 0.17 8.75
CA GLN A 56 -0.68 -1.12 8.07
C GLN A 56 0.70 -1.36 7.46
N ILE A 57 1.41 -0.28 7.12
CA ILE A 57 2.76 -0.37 6.55
C ILE A 57 3.70 -1.21 7.44
N PRO A 58 3.84 -0.88 8.74
CA PRO A 58 4.69 -1.65 9.65
C PRO A 58 4.25 -3.10 9.77
N LEU A 59 2.95 -3.35 9.63
CA LEU A 59 2.41 -4.70 9.70
C LEU A 59 2.85 -5.52 8.50
N LEU A 60 2.94 -4.87 7.34
CA LEU A 60 3.49 -5.52 6.16
C LEU A 60 4.94 -5.92 6.40
N VAL A 61 5.76 -4.92 6.69
CA VAL A 61 7.19 -5.11 6.83
C VAL A 61 7.53 -6.12 7.92
N GLN A 62 6.81 -6.04 9.05
CA GLN A 62 7.01 -6.99 10.14
C GLN A 62 6.72 -8.41 9.64
N GLY A 63 5.60 -8.56 8.93
CA GLY A 63 5.24 -9.84 8.37
C GLY A 63 6.26 -10.33 7.35
N VAL A 64 6.72 -9.41 6.50
CA VAL A 64 7.74 -9.73 5.50
C VAL A 64 8.99 -10.27 6.17
N ARG A 65 9.49 -9.53 7.16
CA ARG A 65 10.69 -9.93 7.88
C ARG A 65 10.49 -11.27 8.58
N GLY A 66 9.26 -11.51 9.03
CA GLY A 66 8.93 -12.78 9.64
C GLY A 66 9.09 -13.94 8.68
N SER A 67 8.65 -13.73 7.44
CA SER A 67 8.77 -14.75 6.41
C SER A 67 10.22 -14.87 5.92
N GLN A 68 10.89 -13.72 5.79
CA GLN A 68 12.28 -13.71 5.34
C GLN A 68 13.21 -14.42 6.33
N ALA A 69 12.80 -14.46 7.59
CA ALA A 69 13.56 -15.14 8.61
C ALA A 69 13.06 -16.57 8.81
N GLN A 70 11.74 -16.71 8.92
CA GLN A 70 11.12 -18.01 9.16
C GLN A 70 10.41 -18.47 7.90
N PRO A 71 11.06 -19.32 7.08
CA PRO A 71 10.55 -19.72 5.78
C PRO A 71 9.68 -20.98 5.80
N ASP A 72 9.26 -21.42 6.97
CA ASP A 72 8.44 -22.63 7.06
C ASP A 72 7.35 -22.54 8.13
N SER A 73 7.64 -21.82 9.22
CA SER A 73 6.69 -21.71 10.32
C SER A 73 5.45 -20.92 9.89
N PRO A 74 4.27 -21.57 9.90
CA PRO A 74 3.01 -20.97 9.42
C PRO A 74 2.70 -19.64 10.10
N SER A 75 3.08 -19.51 11.36
CA SER A 75 2.81 -18.30 12.12
C SER A 75 3.51 -17.08 11.50
N ALA A 76 4.58 -17.32 10.75
CA ALA A 76 5.30 -16.24 10.09
C ALA A 76 4.59 -15.82 8.81
N GLN A 77 4.31 -16.79 7.95
CA GLN A 77 3.65 -16.52 6.67
C GLN A 77 2.24 -16.01 6.88
N LEU A 78 1.48 -16.65 7.76
CA LEU A 78 0.10 -16.24 8.01
C LEU A 78 0.03 -14.84 8.59
N ALA A 79 1.10 -14.39 9.22
CA ALA A 79 1.17 -13.02 9.70
C ALA A 79 1.29 -12.06 8.51
N LEU A 80 2.15 -12.41 7.57
CA LEU A 80 2.35 -11.63 6.36
C LEU A 80 1.06 -11.62 5.54
N ILE A 81 0.52 -12.81 5.29
CA ILE A 81 -0.69 -12.97 4.49
C ILE A 81 -1.86 -12.17 5.06
N ALA A 82 -2.03 -12.24 6.37
CA ALA A 82 -3.11 -11.50 7.03
C ALA A 82 -2.88 -10.00 6.92
N ALA A 83 -1.64 -9.58 7.15
CA ALA A 83 -1.29 -8.16 7.08
C ALA A 83 -1.48 -7.62 5.67
N SER A 84 -1.20 -8.46 4.68
CA SER A 84 -1.35 -8.07 3.28
C SER A 84 -2.80 -7.67 2.98
N GLN A 85 -3.74 -8.53 3.35
CA GLN A 85 -5.16 -8.26 3.11
C GLN A 85 -5.62 -7.08 3.96
N SER A 86 -5.09 -7.00 5.17
CA SER A 86 -5.40 -5.94 6.11
C SER A 86 -4.91 -4.59 5.58
N PHE A 87 -3.88 -4.64 4.73
CA PHE A 87 -3.32 -3.43 4.14
C PHE A 87 -4.06 -3.07 2.85
N LEU A 88 -4.57 -4.09 2.16
CA LEU A 88 -5.25 -3.91 0.89
C LEU A 88 -6.37 -2.87 0.99
N GLN A 89 -7.21 -3.01 2.01
CA GLN A 89 -8.35 -2.10 2.17
C GLN A 89 -7.90 -0.64 2.37
N PRO A 90 -7.09 -0.32 3.42
CA PRO A 90 -6.59 1.04 3.63
C PRO A 90 -5.82 1.56 2.43
N GLY A 91 -5.00 0.70 1.83
CA GLY A 91 -4.25 1.08 0.66
C GLY A 91 -5.14 1.51 -0.48
N GLY A 92 -6.14 0.69 -0.78
CA GLY A 92 -7.09 1.00 -1.84
C GLY A 92 -7.86 2.28 -1.56
N LYS A 93 -8.15 2.52 -0.28
CA LYS A 93 -8.84 3.74 0.12
C LYS A 93 -7.99 4.96 -0.19
N MET A 94 -6.68 4.85 0.03
CA MET A 94 -5.80 5.97 -0.19
C MET A 94 -5.55 6.17 -1.69
N VAL A 95 -5.58 5.06 -2.43
CA VAL A 95 -5.49 5.12 -3.89
C VAL A 95 -6.65 5.93 -4.45
N ALA A 96 -7.86 5.59 -4.02
CA ALA A 96 -9.06 6.29 -4.45
C ALA A 96 -9.02 7.76 -4.04
N ALA A 97 -8.63 8.01 -2.80
CA ALA A 97 -8.54 9.37 -2.28
C ALA A 97 -7.48 10.17 -3.02
N ALA A 98 -6.38 9.51 -3.36
CA ALA A 98 -5.29 10.15 -4.10
C ALA A 98 -5.76 10.58 -5.49
N LYS A 99 -6.45 9.66 -6.17
CA LYS A 99 -6.98 9.95 -7.51
C LYS A 99 -7.96 11.12 -7.47
N ALA A 100 -8.69 11.21 -6.36
CA ALA A 100 -9.67 12.27 -6.20
C ALA A 100 -9.01 13.59 -5.83
N SER A 101 -7.78 13.51 -5.33
CA SER A 101 -7.02 14.70 -4.95
C SER A 101 -6.14 15.17 -6.11
N VAL A 102 -5.98 14.32 -7.11
CA VAL A 102 -5.20 14.68 -8.29
C VAL A 102 -5.73 15.96 -8.97
N PRO A 103 -7.04 16.03 -9.29
CA PRO A 103 -7.61 17.20 -9.97
C PRO A 103 -7.64 18.45 -9.08
N THR A 104 -7.51 18.28 -7.77
CA THR A 104 -7.58 19.41 -6.86
C THR A 104 -6.20 20.08 -6.72
N ILE A 105 -5.17 19.37 -7.17
CA ILE A 105 -3.81 19.91 -7.15
C ILE A 105 -3.64 20.89 -8.30
N GLN A 106 -3.22 22.10 -7.98
CA GLN A 106 -2.99 23.13 -8.99
C GLN A 106 -1.70 22.82 -9.75
N ASP A 107 -0.76 22.21 -9.05
CA ASP A 107 0.49 21.79 -9.65
C ASP A 107 0.26 20.55 -10.49
N GLN A 108 0.09 20.75 -11.79
CA GLN A 108 -0.30 19.66 -12.70
C GLN A 108 0.73 18.53 -12.71
N ALA A 109 2.01 18.87 -12.67
CA ALA A 109 3.07 17.87 -12.62
C ALA A 109 2.97 17.03 -11.36
N SER A 110 2.78 17.71 -10.22
CA SER A 110 2.65 17.03 -8.95
C SER A 110 1.36 16.21 -8.88
N ALA A 111 0.34 16.67 -9.60
CA ALA A 111 -0.91 15.94 -9.70
C ALA A 111 -0.69 14.62 -10.44
N MET A 112 0.05 14.70 -11.54
CA MET A 112 0.40 13.51 -12.31
C MET A 112 1.28 12.59 -11.48
N GLN A 113 2.12 13.19 -10.64
CA GLN A 113 2.95 12.43 -9.70
C GLN A 113 2.08 11.63 -8.74
N LEU A 114 1.16 12.33 -8.08
CA LEU A 114 0.25 11.69 -7.12
C LEU A 114 -0.56 10.58 -7.79
N SER A 115 -1.04 10.87 -9.00
CA SER A 115 -1.79 9.89 -9.77
C SER A 115 -0.94 8.66 -10.04
N GLN A 116 0.32 8.88 -10.39
CA GLN A 116 1.23 7.80 -10.70
C GLN A 116 1.56 6.97 -9.44
N CYS A 117 1.73 7.65 -8.32
CA CYS A 117 1.98 6.97 -7.05
C CYS A 117 0.84 6.02 -6.72
N ALA A 118 -0.39 6.54 -6.76
CA ALA A 118 -1.57 5.75 -6.45
C ALA A 118 -1.77 4.64 -7.47
N LYS A 119 -1.48 4.95 -8.74
CA LYS A 119 -1.61 3.99 -9.82
C LYS A 119 -0.71 2.79 -9.59
N ASN A 120 0.54 3.06 -9.22
CA ASN A 120 1.51 2.01 -8.93
C ASN A 120 1.14 1.28 -7.65
N LEU A 121 0.65 2.02 -6.66
CA LEU A 121 0.18 1.43 -5.42
C LEU A 121 -0.94 0.44 -5.70
N GLY A 122 -1.80 0.78 -6.66
CA GLY A 122 -2.87 -0.11 -7.08
C GLY A 122 -2.34 -1.44 -7.58
N THR A 123 -1.25 -1.39 -8.35
CA THR A 123 -0.61 -2.60 -8.86
C THR A 123 0.12 -3.33 -7.74
N ALA A 124 0.71 -2.55 -6.83
CA ALA A 124 1.37 -3.10 -5.66
C ALA A 124 0.37 -3.92 -4.84
N LEU A 125 -0.82 -3.37 -4.67
CA LEU A 125 -1.91 -4.07 -4.00
C LEU A 125 -2.40 -5.24 -4.83
N ALA A 126 -2.40 -5.05 -6.15
CA ALA A 126 -2.90 -6.04 -7.09
C ALA A 126 -2.18 -7.38 -6.93
N GLU A 127 -0.87 -7.38 -7.15
CA GLU A 127 -0.10 -8.61 -7.09
C GLU A 127 -0.03 -9.16 -5.67
N LEU A 128 -0.07 -8.25 -4.70
CA LEU A 128 -0.07 -8.63 -3.28
C LEU A 128 -1.35 -9.39 -2.95
N ARG A 129 -2.48 -8.84 -3.39
CA ARG A 129 -3.79 -9.45 -3.17
C ARG A 129 -3.82 -10.85 -3.77
N THR A 130 -3.37 -10.94 -5.02
CA THR A 130 -3.35 -12.21 -5.74
C THR A 130 -2.42 -13.22 -5.07
N ALA A 131 -1.23 -12.77 -4.68
CA ALA A 131 -0.26 -13.64 -4.05
C ALA A 131 -0.77 -14.16 -2.71
N ALA A 132 -1.40 -13.28 -1.94
CA ALA A 132 -1.96 -13.66 -0.65
C ALA A 132 -3.06 -14.69 -0.81
N GLN A 133 -3.87 -14.51 -1.85
CA GLN A 133 -4.96 -15.43 -2.15
C GLN A 133 -4.41 -16.82 -2.43
N LYS A 134 -3.38 -16.89 -3.27
CA LYS A 134 -2.76 -18.15 -3.63
C LYS A 134 -2.01 -18.77 -2.45
N ALA A 135 -1.23 -17.94 -1.76
CA ALA A 135 -0.37 -18.42 -0.67
C ALA A 135 -1.18 -18.96 0.50
N GLN A 136 -2.31 -18.33 0.78
CA GLN A 136 -3.12 -18.71 1.93
C GLN A 136 -3.76 -20.09 1.72
N GLU A 137 -3.88 -20.51 0.47
CA GLU A 137 -4.43 -21.82 0.15
C GLU A 137 -3.33 -22.78 -0.30
N ALA A 138 -2.08 -22.37 -0.11
CA ALA A 138 -0.94 -23.19 -0.49
C ALA A 138 -0.32 -23.85 0.74
N GLY A 1 11.97 -12.42 -6.16
CA GLY A 1 11.45 -11.88 -7.44
C GLY A 1 11.12 -12.98 -8.42
N ILE A 2 9.87 -13.00 -8.91
CA ILE A 2 9.39 -14.03 -9.82
C ILE A 2 9.63 -15.42 -9.21
N ASP A 3 9.38 -15.53 -7.92
CA ASP A 3 9.72 -16.71 -7.15
C ASP A 3 8.78 -17.87 -7.48
N PRO A 4 9.33 -18.95 -8.07
CA PRO A 4 8.56 -20.13 -8.43
C PRO A 4 8.50 -21.15 -7.30
N PHE A 5 8.89 -20.72 -6.11
CA PHE A 5 8.94 -21.61 -4.95
C PHE A 5 7.56 -21.76 -4.35
N THR A 6 7.10 -20.71 -3.68
CA THR A 6 5.79 -20.73 -3.03
C THR A 6 5.02 -19.48 -3.40
N LEU A 7 3.77 -19.42 -2.95
CA LEU A 7 2.94 -18.25 -3.17
C LEU A 7 3.26 -17.18 -2.12
N VAL A 8 3.77 -17.61 -0.98
CA VAL A 8 4.05 -16.71 0.12
C VAL A 8 5.38 -15.99 -0.08
N GLN A 9 6.27 -16.60 -0.87
CA GLN A 9 7.53 -15.96 -1.24
C GLN A 9 7.23 -14.70 -2.05
N ARG A 10 6.14 -14.75 -2.81
CA ARG A 10 5.70 -13.60 -3.59
C ARG A 10 5.27 -12.48 -2.66
N LEU A 11 4.64 -12.85 -1.56
CA LEU A 11 4.16 -11.89 -0.58
C LEU A 11 5.32 -11.15 0.06
N GLU A 12 6.43 -11.84 0.28
CA GLU A 12 7.62 -11.22 0.87
C GLU A 12 8.04 -9.99 0.06
N HIS A 13 8.12 -10.16 -1.25
CA HIS A 13 8.55 -9.07 -2.12
C HIS A 13 7.42 -8.05 -2.31
N ALA A 14 6.21 -8.56 -2.52
CA ALA A 14 5.05 -7.71 -2.79
C ALA A 14 4.73 -6.81 -1.59
N ALA A 15 4.86 -7.34 -0.39
CA ALA A 15 4.59 -6.57 0.81
C ALA A 15 5.59 -5.43 0.98
N LYS A 16 6.85 -5.69 0.65
CA LYS A 16 7.88 -4.67 0.78
C LYS A 16 7.70 -3.57 -0.25
N GLN A 17 7.37 -3.94 -1.49
CA GLN A 17 7.17 -2.95 -2.54
C GLN A 17 5.89 -2.15 -2.28
N ALA A 18 4.90 -2.78 -1.66
CA ALA A 18 3.67 -2.10 -1.29
C ALA A 18 3.94 -1.13 -0.15
N ALA A 19 4.68 -1.61 0.85
CA ALA A 19 5.08 -0.79 2.00
C ALA A 19 5.90 0.42 1.54
N ALA A 20 6.67 0.21 0.47
CA ALA A 20 7.51 1.26 -0.09
C ALA A 20 6.67 2.28 -0.86
N SER A 21 5.90 1.79 -1.84
CA SER A 21 5.10 2.66 -2.70
C SER A 21 4.06 3.44 -1.90
N ALA A 22 3.51 2.81 -0.87
CA ALA A 22 2.55 3.45 0.01
C ALA A 22 3.17 4.69 0.65
N THR A 23 4.40 4.55 1.13
CA THR A 23 5.10 5.66 1.77
C THR A 23 5.30 6.81 0.78
N GLN A 24 5.65 6.45 -0.45
CA GLN A 24 5.82 7.44 -1.52
C GLN A 24 4.51 8.15 -1.80
N THR A 25 3.43 7.36 -1.84
CA THR A 25 2.10 7.90 -2.09
C THR A 25 1.66 8.83 -0.94
N ILE A 26 2.01 8.46 0.29
CA ILE A 26 1.72 9.32 1.44
C ILE A 26 2.45 10.66 1.30
N ALA A 27 3.74 10.58 0.99
CA ALA A 27 4.55 11.77 0.80
C ALA A 27 3.95 12.65 -0.29
N ALA A 28 3.50 12.00 -1.36
CA ALA A 28 2.87 12.69 -2.47
C ALA A 28 1.55 13.29 -2.04
N ALA A 29 0.72 12.48 -1.41
CA ALA A 29 -0.63 12.88 -1.02
C ALA A 29 -0.66 14.15 -0.19
N GLN A 30 0.05 14.13 0.93
CA GLN A 30 0.01 15.25 1.88
C GLN A 30 0.77 16.47 1.37
N HIS A 31 1.53 16.30 0.29
CA HIS A 31 2.29 17.42 -0.28
C HIS A 31 1.60 17.96 -1.53
N ALA A 32 0.93 17.09 -2.25
CA ALA A 32 0.16 17.49 -3.43
C ALA A 32 -1.13 18.15 -3.00
N ALA A 33 -1.77 17.59 -1.99
CA ALA A 33 -2.97 18.17 -1.43
C ALA A 33 -2.80 18.36 0.07
N SER A 34 -2.19 19.47 0.45
CA SER A 34 -1.97 19.78 1.85
C SER A 34 -3.20 20.44 2.44
N ALA A 35 -3.77 21.37 1.68
CA ALA A 35 -4.97 22.07 2.09
C ALA A 35 -5.65 22.71 0.87
N PRO A 36 -6.89 22.32 0.60
CA PRO A 36 -7.68 22.90 -0.50
C PRO A 36 -7.96 24.39 -0.24
N LYS A 37 -7.15 25.25 -0.85
CA LYS A 37 -7.19 26.68 -0.59
C LYS A 37 -8.32 27.37 -1.35
N ALA A 38 -9.08 26.61 -2.10
CA ALA A 38 -10.22 27.15 -2.83
C ALA A 38 -11.50 26.44 -2.41
N SER A 39 -11.43 25.72 -1.29
CA SER A 39 -12.56 24.98 -0.78
C SER A 39 -12.72 25.24 0.71
N ALA A 40 -13.90 25.00 1.24
CA ALA A 40 -14.18 25.25 2.65
C ALA A 40 -13.96 23.99 3.48
N GLY A 41 -14.40 22.86 2.94
CA GLY A 41 -14.23 21.59 3.64
C GLY A 41 -14.71 20.41 2.82
N PRO A 42 -13.91 19.98 1.83
CA PRO A 42 -14.25 18.85 0.99
C PRO A 42 -13.80 17.53 1.60
N GLN A 43 -13.87 16.45 0.83
CA GLN A 43 -13.40 15.15 1.30
C GLN A 43 -12.16 14.71 0.51
N PRO A 44 -10.96 14.98 1.04
CA PRO A 44 -9.71 14.57 0.41
C PRO A 44 -9.42 13.09 0.65
N LEU A 45 -9.77 12.61 1.85
CA LEU A 45 -9.55 11.22 2.28
C LEU A 45 -8.07 10.89 2.47
N LEU A 46 -7.20 11.56 1.70
CA LEU A 46 -5.76 11.32 1.75
C LEU A 46 -5.22 11.28 3.18
N VAL A 47 -5.38 12.38 3.90
CA VAL A 47 -4.86 12.50 5.26
C VAL A 47 -5.30 11.32 6.14
N GLN A 48 -6.56 10.94 6.01
CA GLN A 48 -7.12 9.86 6.82
C GLN A 48 -6.56 8.51 6.37
N SER A 49 -6.42 8.35 5.07
CA SER A 49 -5.91 7.11 4.50
C SER A 49 -4.42 6.95 4.81
N CYS A 50 -3.67 8.05 4.73
CA CYS A 50 -2.25 8.04 5.01
C CYS A 50 -1.96 7.62 6.44
N LYS A 51 -2.83 8.02 7.37
CA LYS A 51 -2.72 7.61 8.76
C LYS A 51 -2.96 6.11 8.89
N ALA A 52 -3.95 5.62 8.17
CA ALA A 52 -4.31 4.21 8.20
C ALA A 52 -3.21 3.35 7.60
N VAL A 53 -2.74 3.75 6.42
CA VAL A 53 -1.67 3.04 5.72
C VAL A 53 -0.40 3.02 6.57
N ALA A 54 -0.11 4.14 7.24
CA ALA A 54 1.08 4.26 8.06
C ALA A 54 1.09 3.27 9.21
N GLU A 55 -0.10 2.77 9.58
CA GLU A 55 -0.21 1.77 10.63
C GLU A 55 0.03 0.37 10.07
N GLN A 56 -0.25 0.22 8.79
CA GLN A 56 -0.21 -1.08 8.14
C GLN A 56 1.16 -1.36 7.52
N ILE A 57 1.86 -0.30 7.15
CA ILE A 57 3.22 -0.44 6.58
C ILE A 57 4.15 -1.24 7.50
N PRO A 58 4.28 -0.86 8.80
CA PRO A 58 5.09 -1.63 9.76
C PRO A 58 4.60 -3.06 9.90
N LEU A 59 3.29 -3.25 9.82
CA LEU A 59 2.71 -4.59 9.93
C LEU A 59 3.15 -5.46 8.76
N LEU A 60 3.19 -4.86 7.57
CA LEU A 60 3.71 -5.55 6.40
C LEU A 60 5.13 -6.02 6.65
N VAL A 61 6.02 -5.07 6.90
CA VAL A 61 7.43 -5.35 7.06
C VAL A 61 7.67 -6.29 8.24
N GLN A 62 6.90 -6.13 9.30
CA GLN A 62 6.97 -7.03 10.45
C GLN A 62 6.61 -8.45 10.01
N GLY A 63 5.56 -8.55 9.21
CA GLY A 63 5.16 -9.83 8.65
C GLY A 63 6.21 -10.39 7.71
N VAL A 64 6.75 -9.52 6.85
CA VAL A 64 7.81 -9.90 5.93
C VAL A 64 9.00 -10.46 6.69
N ARG A 65 9.52 -9.67 7.64
CA ARG A 65 10.67 -10.08 8.44
C ARG A 65 10.39 -11.35 9.22
N GLY A 66 9.16 -11.47 9.73
CA GLY A 66 8.78 -12.68 10.44
C GLY A 66 8.82 -13.90 9.56
N SER A 67 8.38 -13.73 8.32
CA SER A 67 8.36 -14.82 7.35
C SER A 67 9.75 -15.09 6.80
N GLN A 68 10.66 -14.14 6.99
CA GLN A 68 12.05 -14.31 6.60
C GLN A 68 12.83 -15.03 7.69
N ALA A 69 12.59 -14.62 8.93
CA ALA A 69 13.25 -15.21 10.08
C ALA A 69 12.84 -16.66 10.27
N GLN A 70 11.60 -16.95 9.93
CA GLN A 70 11.10 -18.32 9.95
C GLN A 70 11.19 -18.90 8.54
N PRO A 71 12.17 -19.77 8.27
CA PRO A 71 12.40 -20.33 6.93
C PRO A 71 11.14 -20.86 6.28
N ASP A 72 10.53 -21.85 6.90
CA ASP A 72 9.30 -22.43 6.38
C ASP A 72 8.33 -22.67 7.52
N SER A 73 7.64 -21.62 7.92
CA SER A 73 6.66 -21.71 8.99
C SER A 73 5.29 -21.31 8.49
N PRO A 74 4.30 -22.21 8.61
CA PRO A 74 2.92 -21.91 8.24
C PRO A 74 2.35 -20.78 9.07
N SER A 75 2.81 -20.68 10.31
CA SER A 75 2.37 -19.62 11.20
C SER A 75 2.87 -18.26 10.70
N ALA A 76 4.12 -18.25 10.23
CA ALA A 76 4.73 -17.03 9.72
C ALA A 76 4.10 -16.59 8.41
N GLN A 77 4.01 -17.54 7.48
CA GLN A 77 3.48 -17.27 6.15
C GLN A 77 2.04 -16.76 6.22
N LEU A 78 1.25 -17.34 7.12
CA LEU A 78 -0.13 -16.90 7.31
C LEU A 78 -0.18 -15.48 7.87
N ALA A 79 0.81 -15.14 8.69
CA ALA A 79 0.88 -13.79 9.24
C ALA A 79 1.20 -12.79 8.14
N LEU A 80 1.99 -13.21 7.17
CA LEU A 80 2.30 -12.39 6.02
C LEU A 80 1.02 -12.15 5.21
N ILE A 81 0.28 -13.23 4.96
CA ILE A 81 -1.00 -13.15 4.25
C ILE A 81 -1.94 -12.19 4.97
N ALA A 82 -2.04 -12.37 6.29
CA ALA A 82 -2.88 -11.52 7.13
C ALA A 82 -2.52 -10.05 6.97
N ALA A 83 -1.22 -9.75 7.08
CA ALA A 83 -0.74 -8.39 6.96
C ALA A 83 -1.04 -7.82 5.58
N SER A 84 -0.80 -8.63 4.55
CA SER A 84 -1.01 -8.21 3.17
C SER A 84 -2.46 -7.81 2.93
N GLN A 85 -3.39 -8.67 3.35
CA GLN A 85 -4.82 -8.41 3.15
C GLN A 85 -5.25 -7.21 3.98
N SER A 86 -4.72 -7.10 5.19
CA SER A 86 -5.06 -6.01 6.08
C SER A 86 -4.49 -4.68 5.57
N PHE A 87 -3.48 -4.75 4.72
CA PHE A 87 -2.90 -3.55 4.12
C PHE A 87 -3.72 -3.12 2.91
N LEU A 88 -4.36 -4.07 2.26
CA LEU A 88 -5.17 -3.80 1.08
C LEU A 88 -6.33 -2.87 1.42
N GLN A 89 -6.90 -3.04 2.61
CA GLN A 89 -8.04 -2.24 3.05
C GLN A 89 -7.73 -0.72 3.01
N PRO A 90 -6.74 -0.22 3.80
CA PRO A 90 -6.40 1.20 3.78
C PRO A 90 -5.59 1.59 2.54
N GLY A 91 -4.79 0.65 2.04
CA GLY A 91 -3.96 0.92 0.89
C GLY A 91 -4.78 1.20 -0.35
N GLY A 92 -5.72 0.30 -0.65
CA GLY A 92 -6.57 0.46 -1.81
C GLY A 92 -7.50 1.64 -1.68
N LYS A 93 -7.72 2.07 -0.45
CA LYS A 93 -8.57 3.18 -0.16
C LYS A 93 -7.83 4.49 -0.46
N MET A 94 -6.53 4.51 -0.19
CA MET A 94 -5.73 5.69 -0.44
C MET A 94 -5.48 5.86 -1.93
N VAL A 95 -5.50 4.76 -2.66
CA VAL A 95 -5.38 4.80 -4.12
C VAL A 95 -6.54 5.60 -4.70
N ALA A 96 -7.75 5.29 -4.25
CA ALA A 96 -8.94 5.99 -4.70
C ALA A 96 -8.93 7.43 -4.21
N ALA A 97 -8.53 7.61 -2.95
CA ALA A 97 -8.43 8.94 -2.35
C ALA A 97 -7.49 9.83 -3.15
N ALA A 98 -6.37 9.25 -3.59
CA ALA A 98 -5.39 9.97 -4.38
C ALA A 98 -5.98 10.38 -5.73
N LYS A 99 -6.60 9.43 -6.41
CA LYS A 99 -7.19 9.67 -7.73
C LYS A 99 -8.26 10.76 -7.65
N ALA A 100 -9.01 10.76 -6.56
CA ALA A 100 -10.09 11.72 -6.38
C ALA A 100 -9.56 13.09 -5.97
N SER A 101 -8.33 13.13 -5.48
CA SER A 101 -7.73 14.39 -5.04
C SER A 101 -6.92 15.04 -6.16
N VAL A 102 -6.61 14.27 -7.19
CA VAL A 102 -5.86 14.79 -8.34
C VAL A 102 -6.54 16.03 -8.96
N PRO A 103 -7.85 15.98 -9.29
CA PRO A 103 -8.55 17.11 -9.90
C PRO A 103 -8.72 18.31 -8.96
N THR A 104 -8.56 18.07 -7.66
CA THR A 104 -8.72 19.14 -6.67
C THR A 104 -7.40 19.88 -6.45
N ILE A 105 -6.34 19.40 -7.10
CA ILE A 105 -5.04 20.04 -7.04
C ILE A 105 -4.87 20.95 -8.24
N GLN A 106 -4.43 22.17 -8.00
CA GLN A 106 -4.24 23.13 -9.09
C GLN A 106 -2.88 22.93 -9.74
N ASP A 107 -1.88 22.60 -8.93
CA ASP A 107 -0.54 22.35 -9.42
C ASP A 107 -0.52 21.04 -10.20
N GLN A 108 -0.33 21.14 -11.51
CA GLN A 108 -0.36 19.97 -12.38
C GLN A 108 0.69 18.94 -11.94
N ALA A 109 1.85 19.41 -11.53
CA ALA A 109 2.93 18.52 -11.12
C ALA A 109 2.53 17.71 -9.90
N SER A 110 1.89 18.36 -8.95
CA SER A 110 1.43 17.68 -7.75
C SER A 110 0.34 16.68 -8.09
N ALA A 111 -0.55 17.07 -9.00
CA ALA A 111 -1.63 16.20 -9.45
C ALA A 111 -1.06 14.97 -10.15
N MET A 112 -0.05 15.19 -11.00
CA MET A 112 0.59 14.10 -11.72
C MET A 112 1.36 13.18 -10.78
N GLN A 113 1.88 13.74 -9.69
CA GLN A 113 2.60 12.95 -8.71
C GLN A 113 1.67 11.95 -8.04
N LEU A 114 0.49 12.43 -7.63
CA LEU A 114 -0.53 11.57 -7.07
C LEU A 114 -0.99 10.55 -8.10
N SER A 115 -1.23 11.02 -9.31
CA SER A 115 -1.68 10.17 -10.40
C SER A 115 -0.67 9.04 -10.65
N GLN A 116 0.61 9.35 -10.51
CA GLN A 116 1.67 8.38 -10.72
C GLN A 116 1.74 7.39 -9.56
N CYS A 117 1.77 7.91 -8.34
CA CYS A 117 1.94 7.07 -7.16
C CYS A 117 0.73 6.16 -6.95
N ALA A 118 -0.47 6.70 -7.12
CA ALA A 118 -1.68 5.90 -6.97
C ALA A 118 -1.73 4.79 -8.02
N LYS A 119 -1.17 5.08 -9.18
CA LYS A 119 -1.15 4.12 -10.28
C LYS A 119 -0.18 2.97 -10.00
N ASN A 120 0.98 3.28 -9.43
CA ASN A 120 1.95 2.24 -9.14
C ASN A 120 1.61 1.52 -7.84
N LEU A 121 1.03 2.24 -6.88
CA LEU A 121 0.56 1.64 -5.63
C LEU A 121 -0.58 0.67 -5.92
N GLY A 122 -1.47 1.07 -6.82
CA GLY A 122 -2.56 0.20 -7.22
C GLY A 122 -2.06 -1.10 -7.82
N THR A 123 -0.99 -1.01 -8.61
CA THR A 123 -0.40 -2.19 -9.22
C THR A 123 0.41 -2.98 -8.19
N ALA A 124 0.99 -2.27 -7.24
CA ALA A 124 1.70 -2.90 -6.13
C ALA A 124 0.75 -3.74 -5.29
N LEU A 125 -0.40 -3.14 -4.99
CA LEU A 125 -1.44 -3.83 -4.25
C LEU A 125 -2.08 -4.93 -5.10
N ALA A 126 -2.09 -4.71 -6.40
CA ALA A 126 -2.67 -5.66 -7.35
C ALA A 126 -2.03 -7.04 -7.20
N GLU A 127 -0.72 -7.11 -7.40
CA GLU A 127 -0.02 -8.38 -7.32
C GLU A 127 -0.01 -8.92 -5.90
N LEU A 128 0.08 -8.03 -4.93
CA LEU A 128 0.03 -8.41 -3.52
C LEU A 128 -1.30 -9.07 -3.20
N ARG A 129 -2.38 -8.45 -3.63
CA ARG A 129 -3.73 -8.95 -3.40
C ARG A 129 -3.93 -10.30 -4.11
N THR A 130 -3.49 -10.37 -5.36
CA THR A 130 -3.58 -11.60 -6.13
C THR A 130 -2.77 -12.72 -5.48
N ALA A 131 -1.55 -12.39 -5.05
CA ALA A 131 -0.69 -13.37 -4.40
C ALA A 131 -1.28 -13.83 -3.08
N ALA A 132 -1.75 -12.88 -2.27
CA ALA A 132 -2.34 -13.20 -0.97
C ALA A 132 -3.58 -14.06 -1.12
N GLN A 133 -4.39 -13.78 -2.14
CA GLN A 133 -5.59 -14.55 -2.40
C GLN A 133 -5.22 -15.98 -2.77
N LYS A 134 -4.22 -16.13 -3.64
CA LYS A 134 -3.78 -17.46 -4.05
C LYS A 134 -3.17 -18.21 -2.87
N ALA A 135 -2.34 -17.52 -2.11
CA ALA A 135 -1.64 -18.13 -0.98
C ALA A 135 -2.61 -18.61 0.10
N GLN A 136 -3.72 -17.91 0.26
CA GLN A 136 -4.68 -18.26 1.30
C GLN A 136 -5.49 -19.49 0.89
N GLU A 137 -5.96 -19.50 -0.35
CA GLU A 137 -6.82 -20.58 -0.83
C GLU A 137 -6.01 -21.84 -1.12
N ALA A 138 -4.70 -21.70 -1.15
CA ALA A 138 -3.81 -22.82 -1.43
C ALA A 138 -3.53 -23.62 -0.17
N GLY A 1 17.98 -17.22 -11.28
CA GLY A 1 17.22 -17.73 -12.44
C GLY A 1 15.73 -17.63 -12.21
N ILE A 2 14.96 -18.19 -13.14
CA ILE A 2 13.51 -18.18 -13.04
C ILE A 2 12.98 -19.57 -12.73
N ASP A 3 12.32 -19.70 -11.59
CA ASP A 3 11.79 -20.98 -11.15
C ASP A 3 10.49 -20.73 -10.39
N PRO A 4 9.47 -21.58 -10.58
CA PRO A 4 8.20 -21.48 -9.87
C PRO A 4 8.37 -21.53 -8.36
N PHE A 5 8.51 -20.35 -7.77
CA PHE A 5 8.67 -20.22 -6.33
C PHE A 5 7.33 -20.31 -5.62
N THR A 6 7.33 -20.01 -4.32
CA THR A 6 6.13 -20.13 -3.51
C THR A 6 5.24 -18.90 -3.67
N LEU A 7 4.05 -18.98 -3.09
CA LEU A 7 3.11 -17.88 -3.10
C LEU A 7 3.55 -16.81 -2.11
N VAL A 8 4.09 -17.26 -0.97
CA VAL A 8 4.56 -16.34 0.06
C VAL A 8 5.82 -15.62 -0.41
N GLN A 9 6.55 -16.24 -1.33
CA GLN A 9 7.70 -15.60 -1.96
C GLN A 9 7.24 -14.32 -2.64
N ARG A 10 6.11 -14.41 -3.33
CA ARG A 10 5.52 -13.25 -3.97
C ARG A 10 5.03 -12.26 -2.94
N LEU A 11 4.44 -12.76 -1.87
CA LEU A 11 3.98 -11.92 -0.77
C LEU A 11 5.13 -11.06 -0.25
N GLU A 12 6.30 -11.67 -0.11
CA GLU A 12 7.50 -10.96 0.28
C GLU A 12 7.77 -9.79 -0.66
N HIS A 13 7.92 -10.08 -1.95
CA HIS A 13 8.32 -9.06 -2.91
C HIS A 13 7.20 -8.07 -3.20
N ALA A 14 5.97 -8.49 -3.00
CA ALA A 14 4.82 -7.62 -3.21
C ALA A 14 4.60 -6.68 -2.04
N ALA A 15 4.66 -7.20 -0.82
CA ALA A 15 4.44 -6.40 0.37
C ALA A 15 5.54 -5.36 0.55
N LYS A 16 6.77 -5.73 0.20
CA LYS A 16 7.89 -4.80 0.30
C LYS A 16 7.68 -3.58 -0.59
N GLN A 17 7.36 -3.82 -1.86
CA GLN A 17 7.16 -2.73 -2.80
C GLN A 17 5.88 -1.96 -2.48
N ALA A 18 4.88 -2.67 -1.96
CA ALA A 18 3.64 -2.03 -1.54
C ALA A 18 3.91 -1.06 -0.39
N ALA A 19 4.65 -1.54 0.60
CA ALA A 19 5.03 -0.71 1.74
C ALA A 19 5.83 0.51 1.29
N ALA A 20 6.73 0.28 0.34
CA ALA A 20 7.57 1.35 -0.20
C ALA A 20 6.73 2.38 -0.95
N SER A 21 5.91 1.91 -1.88
CA SER A 21 5.07 2.78 -2.69
C SER A 21 4.07 3.53 -1.81
N ALA A 22 3.54 2.84 -0.80
CA ALA A 22 2.61 3.45 0.14
C ALA A 22 3.26 4.62 0.85
N THR A 23 4.50 4.43 1.29
CA THR A 23 5.25 5.48 1.96
C THR A 23 5.36 6.71 1.07
N GLN A 24 5.60 6.47 -0.22
CA GLN A 24 5.70 7.55 -1.20
C GLN A 24 4.34 8.22 -1.40
N THR A 25 3.29 7.41 -1.50
CA THR A 25 1.95 7.90 -1.75
C THR A 25 1.45 8.77 -0.60
N ILE A 26 1.75 8.37 0.64
CA ILE A 26 1.33 9.14 1.81
C ILE A 26 1.94 10.53 1.79
N ALA A 27 3.26 10.58 1.60
CA ALA A 27 3.96 11.86 1.53
C ALA A 27 3.46 12.69 0.36
N ALA A 28 3.17 12.00 -0.74
CA ALA A 28 2.64 12.65 -1.94
C ALA A 28 1.27 13.25 -1.65
N ALA A 29 0.39 12.47 -1.04
CA ALA A 29 -0.98 12.91 -0.75
C ALA A 29 -0.98 14.15 0.14
N GLN A 30 -0.23 14.09 1.23
CA GLN A 30 -0.20 15.19 2.19
C GLN A 30 0.44 16.44 1.60
N HIS A 31 1.35 16.25 0.64
CA HIS A 31 2.03 17.38 0.02
C HIS A 31 1.20 17.94 -1.14
N ALA A 32 0.71 17.06 -1.99
CA ALA A 32 0.01 17.46 -3.21
C ALA A 32 -1.29 18.19 -2.90
N ALA A 33 -2.06 17.65 -1.96
CA ALA A 33 -3.34 18.25 -1.60
C ALA A 33 -3.17 19.27 -0.48
N SER A 34 -1.95 19.33 0.06
CA SER A 34 -1.63 20.20 1.18
C SER A 34 -2.46 19.83 2.40
N ALA A 35 -1.95 18.89 3.18
CA ALA A 35 -2.62 18.41 4.38
C ALA A 35 -2.91 19.55 5.35
N PRO A 36 -4.06 19.49 6.04
CA PRO A 36 -4.49 20.52 6.97
C PRO A 36 -3.72 20.49 8.28
N LYS A 37 -2.75 21.38 8.41
CA LYS A 37 -2.03 21.56 9.67
C LYS A 37 -2.73 22.63 10.49
N ALA A 38 -3.32 23.59 9.79
CA ALA A 38 -4.04 24.68 10.43
C ALA A 38 -5.28 25.04 9.62
N SER A 39 -5.14 25.03 8.31
CA SER A 39 -6.25 25.32 7.41
C SER A 39 -6.79 24.02 6.84
N ALA A 40 -8.02 23.68 7.22
CA ALA A 40 -8.64 22.45 6.77
C ALA A 40 -9.29 22.62 5.41
N GLY A 41 -9.28 21.55 4.63
CA GLY A 41 -9.88 21.59 3.31
C GLY A 41 -10.57 20.27 3.00
N PRO A 42 -11.31 20.19 1.89
CA PRO A 42 -12.03 18.99 1.50
C PRO A 42 -11.11 17.87 1.04
N GLN A 43 -10.58 17.11 2.00
CA GLN A 43 -9.74 15.95 1.71
C GLN A 43 -9.89 14.89 2.82
N PRO A 44 -11.14 14.50 3.15
CA PRO A 44 -11.41 13.61 4.28
C PRO A 44 -10.88 12.20 4.05
N LEU A 45 -10.98 11.74 2.80
CA LEU A 45 -10.55 10.39 2.45
C LEU A 45 -9.03 10.29 2.50
N LEU A 46 -8.37 11.33 2.02
CA LEU A 46 -6.91 11.38 2.03
C LEU A 46 -6.37 11.24 3.44
N VAL A 47 -6.77 12.16 4.32
CA VAL A 47 -6.23 12.19 5.68
C VAL A 47 -6.62 10.95 6.46
N GLN A 48 -7.74 10.33 6.10
CA GLN A 48 -8.18 9.14 6.81
C GLN A 48 -7.42 7.92 6.35
N SER A 49 -7.14 7.85 5.05
CA SER A 49 -6.41 6.72 4.51
C SER A 49 -4.91 6.83 4.80
N CYS A 50 -4.37 8.04 4.70
CA CYS A 50 -2.94 8.25 4.89
C CYS A 50 -2.50 7.84 6.29
N LYS A 51 -3.30 8.18 7.30
CA LYS A 51 -2.98 7.84 8.67
C LYS A 51 -3.03 6.33 8.88
N ALA A 52 -3.99 5.68 8.21
CA ALA A 52 -4.18 4.25 8.34
C ALA A 52 -3.04 3.50 7.66
N VAL A 53 -2.79 3.86 6.40
CA VAL A 53 -1.73 3.21 5.62
C VAL A 53 -0.38 3.36 6.32
N ALA A 54 -0.13 4.53 6.89
CA ALA A 54 1.12 4.80 7.59
C ALA A 54 1.41 3.77 8.68
N GLU A 55 0.35 3.33 9.35
CA GLU A 55 0.51 2.36 10.43
C GLU A 55 0.59 0.94 9.90
N GLN A 56 0.07 0.72 8.71
CA GLN A 56 0.02 -0.62 8.12
C GLN A 56 1.35 -0.96 7.44
N ILE A 57 2.10 0.07 7.05
CA ILE A 57 3.40 -0.12 6.39
C ILE A 57 4.36 -0.97 7.25
N PRO A 58 4.62 -0.58 8.52
CA PRO A 58 5.50 -1.36 9.41
C PRO A 58 5.02 -2.79 9.60
N LEU A 59 3.69 -2.97 9.57
CA LEU A 59 3.10 -4.28 9.75
C LEU A 59 3.41 -5.18 8.56
N LEU A 60 3.41 -4.60 7.37
CA LEU A 60 3.81 -5.32 6.16
C LEU A 60 5.24 -5.79 6.28
N VAL A 61 6.14 -4.85 6.52
CA VAL A 61 7.56 -5.13 6.56
C VAL A 61 7.91 -6.12 7.68
N GLN A 62 7.26 -5.98 8.83
CA GLN A 62 7.44 -6.93 9.91
C GLN A 62 6.94 -8.31 9.49
N GLY A 63 5.88 -8.33 8.70
CA GLY A 63 5.37 -9.57 8.14
C GLY A 63 6.35 -10.18 7.16
N VAL A 64 6.86 -9.35 6.25
CA VAL A 64 7.84 -9.78 5.27
C VAL A 64 9.07 -10.35 5.96
N ARG A 65 9.63 -9.57 6.88
CA ARG A 65 10.82 -9.98 7.62
C ARG A 65 10.54 -11.22 8.48
N GLY A 66 9.29 -11.41 8.85
CA GLY A 66 8.91 -12.60 9.57
C GLY A 66 9.04 -13.84 8.72
N SER A 67 8.58 -13.75 7.48
CA SER A 67 8.68 -14.85 6.54
C SER A 67 10.13 -15.02 6.08
N GLN A 68 10.85 -13.91 5.99
CA GLN A 68 12.26 -13.94 5.60
C GLN A 68 13.12 -14.60 6.68
N ALA A 69 12.66 -14.52 7.93
CA ALA A 69 13.37 -15.14 9.04
C ALA A 69 13.14 -16.65 9.04
N GLN A 70 11.90 -17.05 8.77
CA GLN A 70 11.55 -18.46 8.75
C GLN A 70 10.72 -18.80 7.52
N PRO A 71 11.38 -19.29 6.46
CA PRO A 71 10.71 -19.70 5.22
C PRO A 71 9.86 -20.95 5.41
N ASP A 72 10.08 -21.63 6.52
CA ASP A 72 9.29 -22.81 6.87
C ASP A 72 8.59 -22.58 8.19
N SER A 73 7.55 -21.76 8.15
CA SER A 73 6.78 -21.44 9.34
C SER A 73 5.40 -20.93 8.94
N PRO A 74 4.36 -21.74 9.19
CA PRO A 74 2.98 -21.34 8.93
C PRO A 74 2.62 -20.08 9.71
N SER A 75 3.17 -19.97 10.92
CA SER A 75 2.92 -18.82 11.78
C SER A 75 3.47 -17.55 11.12
N ALA A 76 4.68 -17.64 10.58
CA ALA A 76 5.31 -16.51 9.92
C ALA A 76 4.52 -16.11 8.67
N GLN A 77 4.05 -17.10 7.93
CA GLN A 77 3.31 -16.84 6.71
C GLN A 77 1.98 -16.16 7.01
N LEU A 78 1.22 -16.72 7.95
CA LEU A 78 -0.09 -16.18 8.30
C LEU A 78 0.00 -14.75 8.80
N ALA A 79 1.16 -14.38 9.34
CA ALA A 79 1.39 -13.01 9.76
C ALA A 79 1.46 -12.08 8.56
N LEU A 80 2.21 -12.50 7.54
CA LEU A 80 2.36 -11.74 6.31
C LEU A 80 1.05 -11.73 5.53
N ILE A 81 0.44 -12.90 5.39
CA ILE A 81 -0.82 -13.04 4.66
C ILE A 81 -1.89 -12.13 5.24
N ALA A 82 -2.01 -12.12 6.56
CA ALA A 82 -2.99 -11.28 7.24
C ALA A 82 -2.64 -9.80 7.09
N ALA A 83 -1.35 -9.49 7.23
CA ALA A 83 -0.88 -8.12 7.10
C ALA A 83 -1.18 -7.56 5.72
N SER A 84 -1.03 -8.41 4.71
CA SER A 84 -1.32 -8.03 3.33
C SER A 84 -2.78 -7.61 3.18
N GLN A 85 -3.68 -8.46 3.65
CA GLN A 85 -5.12 -8.19 3.55
C GLN A 85 -5.49 -6.97 4.38
N SER A 86 -4.83 -6.81 5.52
CA SER A 86 -5.07 -5.70 6.41
C SER A 86 -4.55 -4.39 5.81
N PHE A 87 -3.68 -4.50 4.83
CA PHE A 87 -3.13 -3.33 4.15
C PHE A 87 -3.94 -3.00 2.91
N LEU A 88 -4.48 -4.03 2.27
CA LEU A 88 -5.29 -3.86 1.06
C LEU A 88 -6.47 -2.93 1.30
N GLN A 89 -7.14 -3.11 2.44
CA GLN A 89 -8.33 -2.34 2.76
C GLN A 89 -8.06 -0.82 2.82
N PRO A 90 -7.17 -0.35 3.73
CA PRO A 90 -6.86 1.08 3.84
C PRO A 90 -6.02 1.59 2.67
N GLY A 91 -5.19 0.69 2.12
CA GLY A 91 -4.34 1.06 1.00
C GLY A 91 -5.16 1.40 -0.22
N GLY A 92 -6.16 0.57 -0.52
CA GLY A 92 -7.04 0.80 -1.65
C GLY A 92 -7.77 2.12 -1.52
N LYS A 93 -8.12 2.48 -0.29
CA LYS A 93 -8.79 3.73 0.00
C LYS A 93 -7.91 4.92 -0.38
N MET A 94 -6.62 4.81 -0.07
CA MET A 94 -5.71 5.91 -0.35
C MET A 94 -5.45 6.01 -1.84
N VAL A 95 -5.45 4.86 -2.51
CA VAL A 95 -5.33 4.84 -3.97
C VAL A 95 -6.48 5.61 -4.60
N ALA A 96 -7.69 5.30 -4.16
CA ALA A 96 -8.89 5.94 -4.67
C ALA A 96 -8.91 7.42 -4.31
N ALA A 97 -8.52 7.73 -3.08
CA ALA A 97 -8.47 9.11 -2.61
C ALA A 97 -7.44 9.93 -3.37
N ALA A 98 -6.24 9.36 -3.53
CA ALA A 98 -5.15 10.06 -4.20
C ALA A 98 -5.51 10.38 -5.64
N LYS A 99 -6.00 9.39 -6.38
CA LYS A 99 -6.35 9.58 -7.78
C LYS A 99 -7.49 10.57 -7.94
N ALA A 100 -8.35 10.64 -6.94
CA ALA A 100 -9.49 11.54 -6.98
C ALA A 100 -9.07 12.96 -6.62
N SER A 101 -7.88 13.09 -6.05
CA SER A 101 -7.37 14.39 -5.66
C SER A 101 -6.52 14.99 -6.79
N VAL A 102 -6.05 14.13 -7.69
CA VAL A 102 -5.24 14.55 -8.82
C VAL A 102 -5.92 15.66 -9.67
N PRO A 103 -7.20 15.47 -10.07
CA PRO A 103 -7.90 16.47 -10.89
C PRO A 103 -8.24 17.75 -10.13
N THR A 104 -8.16 17.71 -8.81
CA THR A 104 -8.50 18.87 -8.00
C THR A 104 -7.25 19.66 -7.65
N ILE A 105 -6.13 19.30 -8.25
CA ILE A 105 -4.88 20.02 -8.06
C ILE A 105 -4.50 20.73 -9.35
N GLN A 106 -4.23 22.03 -9.24
CA GLN A 106 -3.86 22.82 -10.40
C GLN A 106 -2.36 22.72 -10.66
N ASP A 107 -1.61 22.33 -9.63
CA ASP A 107 -0.17 22.14 -9.78
C ASP A 107 0.13 20.80 -10.44
N GLN A 108 0.76 20.86 -11.60
CA GLN A 108 1.02 19.68 -12.40
C GLN A 108 1.94 18.70 -11.68
N ALA A 109 2.91 19.24 -10.95
CA ALA A 109 3.87 18.40 -10.25
C ALA A 109 3.21 17.60 -9.14
N SER A 110 2.28 18.22 -8.44
CA SER A 110 1.52 17.55 -7.40
C SER A 110 0.60 16.50 -8.00
N ALA A 111 -0.03 16.85 -9.12
CA ALA A 111 -0.94 15.95 -9.81
C ALA A 111 -0.20 14.70 -10.30
N MET A 112 0.94 14.90 -10.94
CA MET A 112 1.72 13.78 -11.47
C MET A 112 2.26 12.92 -10.33
N GLN A 113 2.55 13.56 -9.20
CA GLN A 113 3.08 12.86 -8.04
C GLN A 113 2.08 11.85 -7.52
N LEU A 114 0.82 12.28 -7.39
CA LEU A 114 -0.24 11.40 -6.91
C LEU A 114 -0.56 10.31 -7.93
N SER A 115 -0.69 10.70 -9.19
CA SER A 115 -1.06 9.76 -10.25
C SER A 115 -0.01 8.65 -10.37
N GLN A 116 1.25 9.00 -10.17
CA GLN A 116 2.33 8.03 -10.20
C GLN A 116 2.22 7.05 -9.03
N CYS A 117 2.28 7.60 -7.82
CA CYS A 117 2.35 6.79 -6.61
C CYS A 117 1.10 5.92 -6.44
N ALA A 118 -0.07 6.52 -6.58
CA ALA A 118 -1.33 5.81 -6.37
C ALA A 118 -1.50 4.68 -7.37
N LYS A 119 -0.98 4.88 -8.57
CA LYS A 119 -1.07 3.87 -9.62
C LYS A 119 -0.11 2.72 -9.32
N ASN A 120 1.08 3.06 -8.81
CA ASN A 120 2.06 2.05 -8.41
C ASN A 120 1.56 1.27 -7.20
N LEU A 121 1.00 1.99 -6.24
CA LEU A 121 0.41 1.37 -5.06
C LEU A 121 -0.73 0.45 -5.46
N GLY A 122 -1.53 0.90 -6.42
CA GLY A 122 -2.63 0.09 -6.92
C GLY A 122 -2.15 -1.20 -7.56
N THR A 123 -1.11 -1.12 -8.36
CA THR A 123 -0.55 -2.30 -9.01
C THR A 123 0.15 -3.19 -7.99
N ALA A 124 0.72 -2.57 -6.97
CA ALA A 124 1.35 -3.29 -5.87
C ALA A 124 0.30 -4.09 -5.11
N LEU A 125 -0.81 -3.44 -4.78
CA LEU A 125 -1.93 -4.09 -4.11
C LEU A 125 -2.54 -5.16 -5.00
N ALA A 126 -2.52 -4.89 -6.30
CA ALA A 126 -3.06 -5.81 -7.29
C ALA A 126 -2.45 -7.21 -7.16
N GLU A 127 -1.13 -7.28 -7.22
CA GLU A 127 -0.46 -8.57 -7.15
C GLU A 127 -0.39 -9.08 -5.71
N LEU A 128 -0.36 -8.15 -4.76
CA LEU A 128 -0.36 -8.51 -3.34
C LEU A 128 -1.66 -9.21 -2.98
N ARG A 129 -2.77 -8.63 -3.40
CA ARG A 129 -4.09 -9.22 -3.17
C ARG A 129 -4.20 -10.59 -3.82
N THR A 130 -3.78 -10.67 -5.07
CA THR A 130 -3.85 -11.91 -5.83
C THR A 130 -2.98 -12.99 -5.18
N ALA A 131 -1.79 -12.59 -4.73
CA ALA A 131 -0.87 -13.51 -4.10
C ALA A 131 -1.38 -13.97 -2.74
N ALA A 132 -1.83 -13.02 -1.93
CA ALA A 132 -2.34 -13.32 -0.59
C ALA A 132 -3.57 -14.22 -0.66
N GLN A 133 -4.37 -14.02 -1.70
CA GLN A 133 -5.56 -14.82 -1.89
C GLN A 133 -5.19 -16.27 -2.15
N LYS A 134 -4.26 -16.48 -3.08
CA LYS A 134 -3.81 -17.80 -3.45
C LYS A 134 -3.09 -18.48 -2.29
N ALA A 135 -2.26 -17.71 -1.59
CA ALA A 135 -1.51 -18.22 -0.44
C ALA A 135 -2.46 -18.70 0.66
N GLN A 136 -3.56 -17.98 0.82
CA GLN A 136 -4.56 -18.31 1.81
C GLN A 136 -5.21 -19.65 1.50
N GLU A 137 -5.56 -19.86 0.23
CA GLU A 137 -6.25 -21.06 -0.19
C GLU A 137 -5.27 -22.14 -0.65
N ALA A 138 -3.99 -21.95 -0.33
CA ALA A 138 -2.97 -22.92 -0.66
C ALA A 138 -2.84 -23.95 0.46
N GLY A 1 18.84 -18.93 -11.12
CA GLY A 1 18.11 -18.34 -9.97
C GLY A 1 16.84 -17.65 -10.41
N ILE A 2 16.14 -17.03 -9.47
CA ILE A 2 14.87 -16.36 -9.73
C ILE A 2 13.82 -17.37 -10.18
N ASP A 3 13.26 -18.08 -9.22
CA ASP A 3 12.20 -19.04 -9.49
C ASP A 3 11.22 -19.03 -8.33
N PRO A 4 9.92 -19.22 -8.61
CA PRO A 4 8.90 -19.25 -7.58
C PRO A 4 8.96 -20.53 -6.76
N PHE A 5 9.75 -20.49 -5.68
CA PHE A 5 9.84 -21.61 -4.75
C PHE A 5 8.44 -21.98 -4.26
N THR A 6 7.67 -20.95 -3.95
CA THR A 6 6.31 -21.12 -3.48
C THR A 6 5.56 -19.80 -3.59
N LEU A 7 4.29 -19.81 -3.22
CA LEU A 7 3.41 -18.67 -3.36
C LEU A 7 3.83 -17.51 -2.46
N VAL A 8 4.37 -17.83 -1.29
CA VAL A 8 4.73 -16.80 -0.32
C VAL A 8 5.94 -15.99 -0.77
N GLN A 9 6.67 -16.52 -1.76
CA GLN A 9 7.85 -15.84 -2.29
C GLN A 9 7.45 -14.56 -3.00
N ARG A 10 6.39 -14.62 -3.78
CA ARG A 10 5.89 -13.44 -4.48
C ARG A 10 5.16 -12.53 -3.51
N LEU A 11 4.72 -13.11 -2.40
CA LEU A 11 4.06 -12.34 -1.34
C LEU A 11 5.06 -11.40 -0.67
N GLU A 12 6.24 -11.93 -0.35
CA GLU A 12 7.31 -11.11 0.23
C GLU A 12 7.64 -9.96 -0.70
N HIS A 13 7.85 -10.28 -1.97
CA HIS A 13 8.20 -9.30 -3.00
C HIS A 13 7.11 -8.23 -3.11
N ALA A 14 5.86 -8.67 -3.15
CA ALA A 14 4.73 -7.75 -3.30
C ALA A 14 4.58 -6.85 -2.09
N ALA A 15 4.73 -7.42 -0.90
CA ALA A 15 4.54 -6.68 0.34
C ALA A 15 5.60 -5.59 0.49
N LYS A 16 6.84 -5.91 0.13
CA LYS A 16 7.94 -4.94 0.22
C LYS A 16 7.65 -3.72 -0.64
N GLN A 17 7.32 -3.96 -1.90
CA GLN A 17 7.08 -2.87 -2.85
C GLN A 17 5.77 -2.16 -2.54
N ALA A 18 4.81 -2.87 -1.96
CA ALA A 18 3.55 -2.27 -1.56
C ALA A 18 3.78 -1.30 -0.41
N ALA A 19 4.50 -1.77 0.60
CA ALA A 19 4.85 -0.93 1.74
C ALA A 19 5.64 0.29 1.29
N ALA A 20 6.48 0.08 0.27
CA ALA A 20 7.29 1.15 -0.29
C ALA A 20 6.42 2.16 -1.04
N SER A 21 5.69 1.70 -2.04
CA SER A 21 4.88 2.57 -2.88
C SER A 21 3.84 3.33 -2.05
N ALA A 22 3.33 2.67 -1.01
CA ALA A 22 2.40 3.30 -0.09
C ALA A 22 3.04 4.52 0.57
N THR A 23 4.31 4.38 0.94
CA THR A 23 5.05 5.46 1.55
C THR A 23 5.11 6.68 0.63
N GLN A 24 5.48 6.44 -0.63
CA GLN A 24 5.52 7.50 -1.63
C GLN A 24 4.13 8.11 -1.84
N THR A 25 3.11 7.26 -1.87
CA THR A 25 1.74 7.73 -2.05
C THR A 25 1.32 8.61 -0.87
N ILE A 26 1.67 8.17 0.34
CA ILE A 26 1.41 8.95 1.54
C ILE A 26 2.13 10.30 1.49
N ALA A 27 3.42 10.25 1.20
CA ALA A 27 4.25 11.45 1.13
C ALA A 27 3.75 12.42 0.07
N ALA A 28 3.06 11.89 -0.93
CA ALA A 28 2.48 12.69 -1.98
C ALA A 28 1.13 13.25 -1.55
N ALA A 29 0.27 12.38 -1.07
CA ALA A 29 -1.12 12.73 -0.77
C ALA A 29 -1.24 13.77 0.33
N GLN A 30 -0.69 13.48 1.51
CA GLN A 30 -0.87 14.36 2.67
C GLN A 30 -0.03 15.62 2.54
N HIS A 31 0.87 15.66 1.57
CA HIS A 31 1.69 16.84 1.36
C HIS A 31 1.10 17.70 0.24
N ALA A 32 0.42 17.05 -0.69
CA ALA A 32 -0.26 17.75 -1.76
C ALA A 32 -1.57 18.33 -1.26
N ALA A 33 -2.33 17.54 -0.52
CA ALA A 33 -3.58 18.00 0.06
C ALA A 33 -3.30 18.78 1.34
N SER A 34 -2.71 19.95 1.19
CA SER A 34 -2.40 20.80 2.32
C SER A 34 -3.67 21.49 2.81
N ALA A 35 -4.53 21.85 1.85
CA ALA A 35 -5.79 22.53 2.13
C ALA A 35 -5.56 23.90 2.74
N PRO A 36 -5.82 24.97 1.95
CA PRO A 36 -5.66 26.35 2.42
C PRO A 36 -6.15 26.53 3.83
N LYS A 37 -5.22 26.90 4.68
CA LYS A 37 -5.39 26.76 6.10
C LYS A 37 -6.22 27.90 6.68
N ALA A 38 -7.52 27.80 6.47
CA ALA A 38 -8.50 28.65 7.10
C ALA A 38 -9.61 27.76 7.65
N SER A 39 -10.39 27.20 6.74
CA SER A 39 -11.37 26.18 7.08
C SER A 39 -11.87 25.50 5.81
N ALA A 40 -11.26 24.38 5.47
CA ALA A 40 -11.61 23.64 4.27
C ALA A 40 -12.25 22.30 4.64
N GLY A 41 -11.76 21.72 5.71
CA GLY A 41 -12.29 20.45 6.16
C GLY A 41 -11.35 19.79 7.16
N PRO A 42 -11.88 19.29 8.29
CA PRO A 42 -11.09 18.61 9.30
C PRO A 42 -10.55 17.26 8.82
N GLN A 43 -9.31 17.27 8.33
CA GLN A 43 -8.64 16.08 7.80
C GLN A 43 -9.34 15.54 6.55
N PRO A 44 -8.80 15.88 5.37
CA PRO A 44 -9.32 15.36 4.10
C PRO A 44 -9.13 13.84 3.98
N LEU A 45 -9.76 13.24 2.99
CA LEU A 45 -9.73 11.80 2.81
C LEU A 45 -8.30 11.28 2.66
N LEU A 46 -7.47 12.03 1.94
CA LEU A 46 -6.07 11.66 1.77
C LEU A 46 -5.37 11.56 3.12
N VAL A 47 -5.40 12.64 3.89
CA VAL A 47 -4.70 12.70 5.17
C VAL A 47 -5.16 11.57 6.10
N GLN A 48 -6.46 11.32 6.14
CA GLN A 48 -7.00 10.26 6.99
C GLN A 48 -6.50 8.89 6.53
N SER A 49 -6.61 8.62 5.23
CA SER A 49 -6.20 7.34 4.68
C SER A 49 -4.70 7.13 4.81
N CYS A 50 -3.93 8.21 4.58
CA CYS A 50 -2.48 8.15 4.65
C CYS A 50 -2.01 7.69 6.03
N LYS A 51 -2.56 8.27 7.08
CA LYS A 51 -2.14 7.92 8.44
C LYS A 51 -2.56 6.49 8.77
N ALA A 52 -3.66 6.04 8.17
CA ALA A 52 -4.13 4.69 8.35
C ALA A 52 -3.20 3.69 7.66
N VAL A 53 -2.87 3.98 6.41
CA VAL A 53 -1.95 3.13 5.65
C VAL A 53 -0.58 3.08 6.30
N ALA A 54 -0.16 4.21 6.87
CA ALA A 54 1.15 4.32 7.52
C ALA A 54 1.27 3.35 8.71
N GLU A 55 0.12 2.94 9.25
CA GLU A 55 0.10 1.99 10.36
C GLU A 55 0.20 0.56 9.86
N GLN A 56 -0.20 0.34 8.62
CA GLN A 56 -0.20 -1.00 8.03
C GLN A 56 1.14 -1.32 7.39
N ILE A 57 1.89 -0.28 7.01
CA ILE A 57 3.20 -0.43 6.39
C ILE A 57 4.16 -1.28 7.26
N PRO A 58 4.38 -0.89 8.53
CA PRO A 58 5.27 -1.64 9.44
C PRO A 58 4.79 -3.08 9.62
N LEU A 59 3.47 -3.27 9.59
CA LEU A 59 2.89 -4.60 9.75
C LEU A 59 3.26 -5.48 8.57
N LEU A 60 3.26 -4.90 7.38
CA LEU A 60 3.70 -5.61 6.19
C LEU A 60 5.14 -6.05 6.34
N VAL A 61 6.02 -5.08 6.54
CA VAL A 61 7.46 -5.32 6.58
C VAL A 61 7.82 -6.27 7.73
N GLN A 62 7.19 -6.09 8.88
CA GLN A 62 7.41 -6.98 10.02
C GLN A 62 7.04 -8.41 9.63
N GLY A 63 5.93 -8.54 8.90
CA GLY A 63 5.51 -9.83 8.41
C GLY A 63 6.47 -10.40 7.39
N VAL A 64 6.92 -9.55 6.48
CA VAL A 64 7.89 -9.96 5.46
C VAL A 64 9.17 -10.45 6.12
N ARG A 65 9.67 -9.69 7.09
CA ARG A 65 10.89 -10.07 7.80
C ARG A 65 10.66 -11.33 8.63
N GLY A 66 9.42 -11.55 9.03
CA GLY A 66 9.07 -12.79 9.70
C GLY A 66 9.17 -13.97 8.76
N SER A 67 8.75 -13.74 7.52
CA SER A 67 8.89 -14.74 6.47
C SER A 67 10.37 -14.96 6.13
N GLN A 68 11.15 -13.89 6.24
CA GLN A 68 12.59 -13.97 6.05
C GLN A 68 13.23 -14.83 7.13
N ALA A 69 12.64 -14.79 8.33
CA ALA A 69 13.12 -15.59 9.44
C ALA A 69 12.76 -17.05 9.24
N GLN A 70 11.46 -17.33 9.13
CA GLN A 70 10.98 -18.69 8.90
C GLN A 70 9.82 -18.69 7.91
N PRO A 71 10.12 -18.92 6.62
CA PRO A 71 9.09 -18.91 5.57
C PRO A 71 8.18 -20.14 5.64
N ASP A 72 8.62 -21.17 6.35
CA ASP A 72 7.85 -22.40 6.47
C ASP A 72 6.95 -22.36 7.69
N SER A 73 7.00 -21.25 8.42
CA SER A 73 6.21 -21.08 9.62
C SER A 73 4.88 -20.41 9.30
N PRO A 74 3.75 -21.09 9.57
CA PRO A 74 2.42 -20.54 9.33
C PRO A 74 2.16 -19.29 10.15
N SER A 75 2.74 -19.24 11.35
CA SER A 75 2.60 -18.10 12.24
C SER A 75 3.19 -16.83 11.60
N ALA A 76 4.25 -17.01 10.83
CA ALA A 76 4.89 -15.90 10.15
C ALA A 76 4.13 -15.53 8.88
N GLN A 77 3.70 -16.55 8.14
CA GLN A 77 2.97 -16.33 6.89
C GLN A 77 1.63 -15.67 7.15
N LEU A 78 0.87 -16.19 8.10
CA LEU A 78 -0.44 -15.64 8.42
C LEU A 78 -0.32 -14.18 8.84
N ALA A 79 0.77 -13.86 9.52
CA ALA A 79 1.04 -12.48 9.92
C ALA A 79 1.22 -11.59 8.70
N LEU A 80 1.95 -12.10 7.72
CA LEU A 80 2.19 -11.37 6.47
C LEU A 80 0.89 -11.27 5.67
N ILE A 81 0.24 -12.42 5.48
CA ILE A 81 -0.99 -12.51 4.71
C ILE A 81 -2.08 -11.60 5.28
N ALA A 82 -2.34 -11.74 6.57
CA ALA A 82 -3.38 -10.95 7.23
C ALA A 82 -3.07 -9.46 7.13
N ALA A 83 -1.80 -9.10 7.35
CA ALA A 83 -1.39 -7.71 7.27
C ALA A 83 -1.59 -7.16 5.88
N SER A 84 -1.37 -7.99 4.87
CA SER A 84 -1.52 -7.57 3.49
C SER A 84 -2.98 -7.33 3.14
N GLN A 85 -3.85 -8.24 3.57
CA GLN A 85 -5.28 -8.09 3.34
C GLN A 85 -5.82 -6.87 4.08
N SER A 86 -5.32 -6.67 5.29
CA SER A 86 -5.71 -5.53 6.11
C SER A 86 -5.08 -4.25 5.57
N PHE A 87 -4.10 -4.41 4.69
CA PHE A 87 -3.44 -3.27 4.05
C PHE A 87 -4.20 -2.88 2.78
N LEU A 88 -4.75 -3.88 2.11
CA LEU A 88 -5.50 -3.69 0.87
C LEU A 88 -6.64 -2.69 1.06
N GLN A 89 -7.40 -2.87 2.14
CA GLN A 89 -8.57 -2.03 2.40
C GLN A 89 -8.23 -0.53 2.46
N PRO A 90 -7.35 -0.08 3.38
CA PRO A 90 -6.99 1.34 3.45
C PRO A 90 -6.10 1.77 2.28
N GLY A 91 -5.31 0.83 1.77
CA GLY A 91 -4.46 1.12 0.63
C GLY A 91 -5.27 1.48 -0.60
N GLY A 92 -6.24 0.63 -0.92
CA GLY A 92 -7.07 0.85 -2.08
C GLY A 92 -7.92 2.10 -1.96
N LYS A 93 -8.39 2.40 -0.76
CA LYS A 93 -9.22 3.57 -0.54
C LYS A 93 -8.38 4.85 -0.62
N MET A 94 -7.08 4.72 -0.43
CA MET A 94 -6.19 5.86 -0.55
C MET A 94 -5.84 6.06 -2.02
N VAL A 95 -5.75 4.95 -2.76
CA VAL A 95 -5.55 5.01 -4.21
C VAL A 95 -6.68 5.79 -4.86
N ALA A 96 -7.91 5.40 -4.54
CA ALA A 96 -9.09 6.06 -5.08
C ALA A 96 -9.13 7.53 -4.66
N ALA A 97 -8.86 7.79 -3.39
CA ALA A 97 -8.83 9.15 -2.87
C ALA A 97 -7.79 9.98 -3.61
N ALA A 98 -6.61 9.40 -3.83
CA ALA A 98 -5.53 10.08 -4.54
C ALA A 98 -5.94 10.42 -5.95
N LYS A 99 -6.53 9.44 -6.66
CA LYS A 99 -6.96 9.63 -8.04
C LYS A 99 -7.96 10.77 -8.17
N ALA A 100 -8.82 10.93 -7.17
CA ALA A 100 -9.86 11.94 -7.22
C ALA A 100 -9.31 13.31 -6.83
N SER A 101 -8.20 13.33 -6.11
CA SER A 101 -7.59 14.59 -5.70
C SER A 101 -6.66 15.14 -6.78
N VAL A 102 -6.21 14.27 -7.67
CA VAL A 102 -5.33 14.67 -8.77
C VAL A 102 -5.91 15.84 -9.57
N PRO A 103 -7.13 15.72 -10.14
CA PRO A 103 -7.72 16.78 -10.97
C PRO A 103 -8.16 18.01 -10.18
N THR A 104 -8.22 17.89 -8.85
CA THR A 104 -8.67 18.99 -8.02
C THR A 104 -7.50 19.85 -7.54
N ILE A 105 -6.29 19.33 -7.68
CA ILE A 105 -5.09 20.06 -7.29
C ILE A 105 -4.64 20.99 -8.42
N GLN A 106 -4.18 22.18 -8.07
CA GLN A 106 -3.74 23.15 -9.05
C GLN A 106 -2.29 22.88 -9.45
N ASP A 107 -1.47 22.56 -8.46
CA ASP A 107 -0.07 22.24 -8.68
C ASP A 107 0.07 20.95 -9.49
N GLN A 108 0.58 21.07 -10.71
CA GLN A 108 0.65 19.94 -11.62
C GLN A 108 1.62 18.87 -11.11
N ALA A 109 2.66 19.28 -10.40
CA ALA A 109 3.64 18.33 -9.88
C ALA A 109 3.01 17.45 -8.82
N SER A 110 2.14 18.04 -8.00
CA SER A 110 1.42 17.31 -6.97
C SER A 110 0.49 16.29 -7.61
N ALA A 111 -0.21 16.73 -8.67
CA ALA A 111 -1.15 15.88 -9.38
C ALA A 111 -0.43 14.71 -10.06
N MET A 112 0.68 15.01 -10.73
CA MET A 112 1.45 13.99 -11.42
C MET A 112 1.97 12.95 -10.44
N GLN A 113 2.55 13.42 -9.35
CA GLN A 113 3.13 12.53 -8.36
C GLN A 113 2.07 11.62 -7.75
N LEU A 114 0.92 12.19 -7.42
CA LEU A 114 -0.19 11.41 -6.88
C LEU A 114 -0.65 10.32 -7.84
N SER A 115 -0.94 10.72 -9.07
CA SER A 115 -1.45 9.79 -10.08
C SER A 115 -0.48 8.65 -10.31
N GLN A 116 0.81 8.96 -10.30
CA GLN A 116 1.84 7.95 -10.51
C GLN A 116 1.93 7.00 -9.32
N CYS A 117 1.99 7.57 -8.11
CA CYS A 117 2.12 6.76 -6.90
C CYS A 117 0.91 5.88 -6.69
N ALA A 118 -0.29 6.43 -6.88
CA ALA A 118 -1.52 5.67 -6.71
C ALA A 118 -1.60 4.55 -7.74
N LYS A 119 -1.02 4.78 -8.91
CA LYS A 119 -0.94 3.78 -9.95
C LYS A 119 -0.04 2.63 -9.50
N ASN A 120 1.14 2.99 -8.99
CA ASN A 120 2.12 2.02 -8.55
C ASN A 120 1.63 1.27 -7.31
N LEU A 121 0.99 2.00 -6.40
CA LEU A 121 0.38 1.42 -5.21
C LEU A 121 -0.73 0.45 -5.60
N GLY A 122 -1.48 0.82 -6.63
CA GLY A 122 -2.55 -0.04 -7.13
C GLY A 122 -2.03 -1.38 -7.60
N THR A 123 -0.96 -1.36 -8.38
CA THR A 123 -0.34 -2.59 -8.87
C THR A 123 0.32 -3.35 -7.73
N ALA A 124 0.85 -2.60 -6.76
CA ALA A 124 1.43 -3.20 -5.57
C ALA A 124 0.38 -3.98 -4.80
N LEU A 125 -0.80 -3.38 -4.67
CA LEU A 125 -1.94 -4.04 -4.05
C LEU A 125 -2.42 -5.21 -4.92
N ALA A 126 -2.37 -5.02 -6.23
CA ALA A 126 -2.74 -6.06 -7.17
C ALA A 126 -1.89 -7.31 -6.96
N GLU A 127 -0.60 -7.10 -6.74
CA GLU A 127 0.31 -8.19 -6.42
C GLU A 127 -0.06 -8.80 -5.08
N LEU A 128 -0.11 -7.95 -4.05
CA LEU A 128 -0.44 -8.37 -2.70
C LEU A 128 -1.72 -9.18 -2.64
N ARG A 129 -2.80 -8.60 -3.15
CA ARG A 129 -4.12 -9.24 -3.14
C ARG A 129 -4.06 -10.64 -3.76
N THR A 130 -3.44 -10.77 -4.92
CA THR A 130 -3.34 -12.06 -5.59
C THR A 130 -2.39 -13.00 -4.85
N ALA A 131 -1.25 -12.45 -4.44
CA ALA A 131 -0.22 -13.23 -3.74
C ALA A 131 -0.73 -13.75 -2.41
N ALA A 132 -1.28 -12.86 -1.59
CA ALA A 132 -1.78 -13.22 -0.28
C ALA A 132 -2.96 -14.15 -0.37
N GLN A 133 -3.78 -13.98 -1.41
CA GLN A 133 -4.95 -14.82 -1.62
C GLN A 133 -4.52 -16.27 -1.82
N LYS A 134 -3.63 -16.49 -2.77
CA LYS A 134 -3.18 -17.83 -3.09
C LYS A 134 -2.33 -18.41 -1.96
N ALA A 135 -1.56 -17.55 -1.30
CA ALA A 135 -0.72 -17.98 -0.19
C ALA A 135 -1.56 -18.33 1.04
N GLN A 136 -2.68 -17.65 1.19
CA GLN A 136 -3.57 -17.88 2.33
C GLN A 136 -4.18 -19.27 2.24
N GLU A 137 -4.52 -19.68 1.03
CA GLU A 137 -5.12 -21.00 0.81
C GLU A 137 -4.05 -22.01 0.44
N ALA A 138 -2.79 -21.66 0.67
CA ALA A 138 -1.68 -22.56 0.44
C ALA A 138 -1.22 -23.18 1.75
N GLY A 1 13.75 -7.93 -10.94
CA GLY A 1 12.26 -8.07 -10.99
C GLY A 1 11.76 -9.10 -10.01
N ILE A 2 10.68 -9.77 -10.37
CA ILE A 2 10.09 -10.78 -9.50
C ILE A 2 9.83 -12.07 -10.26
N ASP A 3 10.14 -13.18 -9.62
CA ASP A 3 9.82 -14.49 -10.17
C ASP A 3 9.10 -15.31 -9.12
N PRO A 4 7.92 -15.85 -9.45
CA PRO A 4 7.12 -16.64 -8.51
C PRO A 4 7.73 -18.01 -8.21
N PHE A 5 8.75 -18.01 -7.36
CA PHE A 5 9.33 -19.27 -6.88
C PHE A 5 8.34 -19.97 -5.97
N THR A 6 7.94 -19.27 -4.91
CA THR A 6 6.98 -19.78 -3.96
C THR A 6 5.82 -18.81 -3.80
N LEU A 7 4.85 -19.19 -2.99
CA LEU A 7 3.70 -18.34 -2.72
C LEU A 7 4.11 -17.12 -1.91
N VAL A 8 4.99 -17.31 -0.94
CA VAL A 8 5.45 -16.21 -0.10
C VAL A 8 6.48 -15.34 -0.81
N GLN A 9 7.18 -15.91 -1.78
CA GLN A 9 8.17 -15.16 -2.54
C GLN A 9 7.50 -14.04 -3.34
N ARG A 10 6.37 -14.34 -3.95
CA ARG A 10 5.63 -13.33 -4.69
C ARG A 10 4.96 -12.35 -3.72
N LEU A 11 4.70 -12.83 -2.50
CA LEU A 11 4.16 -11.98 -1.44
C LEU A 11 5.20 -10.95 -0.99
N GLU A 12 6.39 -11.43 -0.64
CA GLU A 12 7.46 -10.56 -0.17
C GLU A 12 7.68 -9.38 -1.11
N HIS A 13 7.91 -9.68 -2.38
CA HIS A 13 8.23 -8.65 -3.37
C HIS A 13 7.05 -7.71 -3.61
N ALA A 14 5.83 -8.24 -3.50
CA ALA A 14 4.64 -7.42 -3.71
C ALA A 14 4.38 -6.52 -2.49
N ALA A 15 4.53 -7.11 -1.31
CA ALA A 15 4.30 -6.38 -0.06
C ALA A 15 5.32 -5.27 0.12
N LYS A 16 6.59 -5.58 -0.15
CA LYS A 16 7.66 -4.58 -0.04
C LYS A 16 7.35 -3.35 -0.89
N GLN A 17 7.08 -3.58 -2.18
CA GLN A 17 6.83 -2.48 -3.11
C GLN A 17 5.53 -1.77 -2.77
N ALA A 18 4.57 -2.51 -2.23
CA ALA A 18 3.30 -1.93 -1.80
C ALA A 18 3.55 -0.97 -0.64
N ALA A 19 4.26 -1.46 0.37
CA ALA A 19 4.59 -0.65 1.54
C ALA A 19 5.42 0.56 1.13
N ALA A 20 6.37 0.34 0.23
CA ALA A 20 7.23 1.41 -0.26
C ALA A 20 6.42 2.45 -1.05
N SER A 21 5.61 1.96 -1.97
CA SER A 21 4.80 2.85 -2.81
C SER A 21 3.77 3.58 -1.95
N ALA A 22 3.26 2.92 -0.93
CA ALA A 22 2.36 3.54 0.02
C ALA A 22 3.06 4.68 0.72
N THR A 23 4.30 4.45 1.11
CA THR A 23 5.12 5.48 1.73
C THR A 23 5.28 6.68 0.79
N GLN A 24 5.53 6.38 -0.48
CA GLN A 24 5.62 7.42 -1.51
C GLN A 24 4.30 8.18 -1.62
N THR A 25 3.21 7.43 -1.65
CA THR A 25 1.88 8.01 -1.79
C THR A 25 1.55 8.89 -0.59
N ILE A 26 1.94 8.45 0.61
CA ILE A 26 1.74 9.23 1.82
C ILE A 26 2.46 10.58 1.72
N ALA A 27 3.73 10.52 1.31
CA ALA A 27 4.52 11.74 1.13
C ALA A 27 3.86 12.64 0.09
N ALA A 28 3.51 12.06 -1.05
CA ALA A 28 2.88 12.79 -2.13
C ALA A 28 1.55 13.39 -1.69
N ALA A 29 0.77 12.60 -0.95
CA ALA A 29 -0.53 13.03 -0.48
C ALA A 29 -0.42 14.26 0.40
N GLN A 30 0.46 14.21 1.40
CA GLN A 30 0.60 15.29 2.35
C GLN A 30 1.22 16.53 1.71
N HIS A 31 1.98 16.33 0.63
CA HIS A 31 2.59 17.46 -0.08
C HIS A 31 1.64 18.05 -1.12
N ALA A 32 1.23 17.21 -2.07
CA ALA A 32 0.48 17.68 -3.24
C ALA A 32 -0.90 18.21 -2.87
N ALA A 33 -1.55 17.58 -1.90
CA ALA A 33 -2.90 17.97 -1.52
C ALA A 33 -2.88 19.17 -0.57
N SER A 34 -1.68 19.59 -0.18
CA SER A 34 -1.47 20.74 0.70
C SER A 34 -1.91 20.45 2.15
N ALA A 35 -2.94 19.61 2.29
CA ALA A 35 -3.50 19.22 3.58
C ALA A 35 -4.30 20.36 4.20
N PRO A 36 -5.57 20.10 4.57
CA PRO A 36 -6.46 21.11 5.16
C PRO A 36 -5.87 21.73 6.41
N LYS A 37 -6.13 23.01 6.60
CA LYS A 37 -5.57 23.75 7.72
C LYS A 37 -6.41 23.55 8.97
N ALA A 38 -7.71 23.78 8.84
CA ALA A 38 -8.62 23.64 9.96
C ALA A 38 -9.92 23.00 9.50
N SER A 39 -10.10 21.74 9.84
CA SER A 39 -11.31 21.01 9.51
C SER A 39 -11.85 20.28 10.74
N ALA A 40 -13.13 20.00 10.73
CA ALA A 40 -13.78 19.33 11.85
C ALA A 40 -14.46 18.05 11.40
N GLY A 41 -14.23 17.66 10.16
CA GLY A 41 -14.84 16.45 9.64
C GLY A 41 -14.49 16.18 8.19
N PRO A 42 -15.10 16.91 7.24
CA PRO A 42 -14.87 16.72 5.80
C PRO A 42 -13.40 16.81 5.41
N GLN A 43 -12.80 15.66 5.15
CA GLN A 43 -11.42 15.59 4.70
C GLN A 43 -11.35 14.95 3.32
N PRO A 44 -10.32 15.25 2.53
CA PRO A 44 -10.16 14.72 1.16
C PRO A 44 -9.80 13.23 1.14
N LEU A 45 -10.27 12.49 2.14
CA LEU A 45 -10.04 11.05 2.28
C LEU A 45 -8.56 10.74 2.60
N LEU A 46 -7.67 11.21 1.74
CA LEU A 46 -6.21 11.01 1.90
C LEU A 46 -5.74 11.16 3.34
N VAL A 47 -6.20 12.21 4.02
CA VAL A 47 -5.77 12.47 5.40
C VAL A 47 -6.08 11.29 6.32
N GLN A 48 -7.24 10.67 6.11
CA GLN A 48 -7.68 9.55 6.92
C GLN A 48 -6.95 8.28 6.50
N SER A 49 -6.89 8.07 5.19
CA SER A 49 -6.24 6.90 4.63
C SER A 49 -4.76 6.89 4.99
N CYS A 50 -4.13 8.06 4.94
CA CYS A 50 -2.72 8.21 5.28
C CYS A 50 -2.44 7.69 6.68
N LYS A 51 -3.30 8.04 7.62
CA LYS A 51 -3.14 7.62 9.00
C LYS A 51 -3.30 6.11 9.11
N ALA A 52 -4.32 5.58 8.44
CA ALA A 52 -4.58 4.15 8.45
C ALA A 52 -3.42 3.37 7.84
N VAL A 53 -2.94 3.83 6.68
CA VAL A 53 -1.82 3.18 6.00
C VAL A 53 -0.55 3.26 6.83
N ALA A 54 -0.31 4.43 7.44
CA ALA A 54 0.89 4.63 8.27
C ALA A 54 0.95 3.63 9.42
N GLU A 55 -0.21 3.17 9.86
CA GLU A 55 -0.29 2.18 10.93
C GLU A 55 -0.08 0.77 10.38
N GLN A 56 -0.42 0.57 9.12
CA GLN A 56 -0.36 -0.75 8.51
C GLN A 56 1.01 -1.06 7.91
N ILE A 57 1.68 -0.02 7.39
CA ILE A 57 2.99 -0.19 6.75
C ILE A 57 3.95 -1.03 7.61
N PRO A 58 4.19 -0.64 8.88
CA PRO A 58 5.06 -1.41 9.77
C PRO A 58 4.63 -2.87 9.90
N LEU A 59 3.33 -3.09 10.11
CA LEU A 59 2.81 -4.44 10.32
C LEU A 59 2.94 -5.26 9.05
N LEU A 60 2.77 -4.59 7.93
CA LEU A 60 2.89 -5.21 6.63
C LEU A 60 4.35 -5.63 6.37
N VAL A 61 5.27 -4.72 6.64
CA VAL A 61 6.69 -5.00 6.46
C VAL A 61 7.18 -6.03 7.49
N GLN A 62 6.69 -5.92 8.73
CA GLN A 62 7.02 -6.90 9.76
C GLN A 62 6.45 -8.26 9.39
N GLY A 63 5.36 -8.25 8.62
CA GLY A 63 4.82 -9.48 8.10
C GLY A 63 5.76 -10.11 7.09
N VAL A 64 6.31 -9.28 6.21
CA VAL A 64 7.31 -9.73 5.24
C VAL A 64 8.52 -10.29 5.95
N ARG A 65 9.07 -9.52 6.88
CA ARG A 65 10.26 -9.92 7.61
C ARG A 65 9.98 -11.08 8.54
N GLY A 66 8.72 -11.24 8.93
CA GLY A 66 8.32 -12.36 9.76
C GLY A 66 8.53 -13.67 9.04
N SER A 67 8.18 -13.69 7.75
CA SER A 67 8.37 -14.87 6.92
C SER A 67 9.86 -15.12 6.68
N GLN A 68 10.64 -14.05 6.76
CA GLN A 68 12.08 -14.13 6.56
C GLN A 68 12.77 -14.63 7.82
N ALA A 69 12.24 -14.23 8.97
CA ALA A 69 12.77 -14.67 10.25
C ALA A 69 12.35 -16.09 10.57
N GLN A 70 11.14 -16.44 10.12
CA GLN A 70 10.63 -17.80 10.28
C GLN A 70 10.28 -18.36 8.91
N PRO A 71 11.26 -19.02 8.26
CA PRO A 71 11.13 -19.48 6.87
C PRO A 71 9.88 -20.33 6.61
N ASP A 72 9.76 -21.45 7.30
CA ASP A 72 8.66 -22.36 7.05
C ASP A 72 7.84 -22.55 8.32
N SER A 73 7.10 -21.52 8.68
CA SER A 73 6.21 -21.57 9.80
C SER A 73 4.83 -21.07 9.40
N PRO A 74 3.79 -21.91 9.54
CA PRO A 74 2.39 -21.54 9.23
C PRO A 74 1.98 -20.23 9.89
N SER A 75 2.40 -20.03 11.13
CA SER A 75 2.10 -18.81 11.86
C SER A 75 2.68 -17.59 11.13
N ALA A 76 3.96 -17.67 10.78
CA ALA A 76 4.64 -16.58 10.09
C ALA A 76 4.05 -16.36 8.69
N GLN A 77 3.84 -17.47 7.98
CA GLN A 77 3.28 -17.42 6.64
C GLN A 77 1.91 -16.74 6.65
N LEU A 78 1.04 -17.21 7.54
CA LEU A 78 -0.29 -16.66 7.66
C LEU A 78 -0.25 -15.22 8.17
N ALA A 79 0.77 -14.90 8.95
CA ALA A 79 0.95 -13.54 9.44
C ALA A 79 1.20 -12.59 8.27
N LEU A 80 2.00 -13.04 7.30
CA LEU A 80 2.26 -12.26 6.10
C LEU A 80 0.98 -12.14 5.28
N ILE A 81 0.26 -13.25 5.13
CA ILE A 81 -1.00 -13.27 4.40
C ILE A 81 -2.00 -12.29 5.01
N ALA A 82 -2.17 -12.38 6.32
CA ALA A 82 -3.07 -11.49 7.04
C ALA A 82 -2.62 -10.04 6.95
N ALA A 83 -1.31 -9.82 7.09
CA ALA A 83 -0.75 -8.47 7.00
C ALA A 83 -1.00 -7.87 5.63
N SER A 84 -0.83 -8.69 4.60
CA SER A 84 -1.06 -8.24 3.22
C SER A 84 -2.48 -7.74 3.05
N GLN A 85 -3.45 -8.53 3.51
CA GLN A 85 -4.86 -8.16 3.38
C GLN A 85 -5.19 -6.96 4.25
N SER A 86 -4.55 -6.90 5.42
CA SER A 86 -4.72 -5.79 6.35
C SER A 86 -4.16 -4.50 5.75
N PHE A 87 -3.24 -4.64 4.80
CA PHE A 87 -2.63 -3.50 4.14
C PHE A 87 -3.45 -3.08 2.92
N LEU A 88 -4.14 -4.04 2.33
CA LEU A 88 -4.94 -3.80 1.13
C LEU A 88 -6.10 -2.85 1.40
N GLN A 89 -6.74 -3.03 2.55
CA GLN A 89 -7.90 -2.22 2.92
C GLN A 89 -7.56 -0.72 2.96
N PRO A 90 -6.60 -0.27 3.80
CA PRO A 90 -6.24 1.15 3.88
C PRO A 90 -5.49 1.61 2.64
N GLY A 91 -4.62 0.74 2.13
CA GLY A 91 -3.83 1.07 0.96
C GLY A 91 -4.69 1.38 -0.25
N GLY A 92 -5.62 0.48 -0.54
CA GLY A 92 -6.49 0.66 -1.70
C GLY A 92 -7.33 1.92 -1.57
N LYS A 93 -7.74 2.23 -0.36
CA LYS A 93 -8.53 3.43 -0.10
C LYS A 93 -7.70 4.69 -0.29
N MET A 94 -6.40 4.61 0.02
CA MET A 94 -5.52 5.74 -0.16
C MET A 94 -5.23 5.94 -1.65
N VAL A 95 -5.21 4.83 -2.39
CA VAL A 95 -5.11 4.88 -3.85
C VAL A 95 -6.31 5.61 -4.42
N ALA A 96 -7.50 5.18 -3.99
CA ALA A 96 -8.75 5.80 -4.40
C ALA A 96 -8.77 7.27 -4.02
N ALA A 97 -8.30 7.58 -2.82
CA ALA A 97 -8.23 8.94 -2.34
C ALA A 97 -7.27 9.77 -3.18
N ALA A 98 -6.09 9.24 -3.44
CA ALA A 98 -5.07 9.93 -4.21
C ALA A 98 -5.58 10.28 -5.60
N LYS A 99 -6.12 9.29 -6.28
CA LYS A 99 -6.61 9.47 -7.65
C LYS A 99 -7.76 10.46 -7.70
N ALA A 100 -8.51 10.55 -6.62
CA ALA A 100 -9.65 11.44 -6.55
C ALA A 100 -9.21 12.87 -6.24
N SER A 101 -8.05 12.99 -5.60
CA SER A 101 -7.51 14.29 -5.26
C SER A 101 -6.72 14.87 -6.43
N VAL A 102 -6.24 13.99 -7.31
CA VAL A 102 -5.44 14.41 -8.46
C VAL A 102 -6.11 15.51 -9.29
N PRO A 103 -7.37 15.34 -9.74
CA PRO A 103 -8.04 16.34 -10.58
C PRO A 103 -8.43 17.60 -9.81
N THR A 104 -8.41 17.52 -8.49
CA THR A 104 -8.79 18.66 -7.65
C THR A 104 -7.57 19.47 -7.22
N ILE A 105 -6.39 19.02 -7.63
CA ILE A 105 -5.16 19.75 -7.37
C ILE A 105 -4.88 20.71 -8.52
N GLN A 106 -4.50 21.94 -8.20
CA GLN A 106 -4.24 22.94 -9.22
C GLN A 106 -2.90 22.69 -9.89
N ASP A 107 -1.93 22.22 -9.11
CA ASP A 107 -0.59 21.97 -9.61
C ASP A 107 -0.52 20.59 -10.26
N GLN A 108 -0.39 20.58 -11.58
CA GLN A 108 -0.43 19.34 -12.34
C GLN A 108 0.82 18.49 -12.09
N ALA A 109 1.92 19.14 -11.75
CA ALA A 109 3.14 18.42 -11.42
C ALA A 109 2.95 17.64 -10.12
N SER A 110 2.24 18.24 -9.19
CA SER A 110 1.89 17.57 -7.94
C SER A 110 0.83 16.52 -8.19
N ALA A 111 -0.07 16.80 -9.13
CA ALA A 111 -1.12 15.86 -9.50
C ALA A 111 -0.53 14.58 -10.10
N MET A 112 0.44 14.75 -11.00
CA MET A 112 1.10 13.59 -11.63
C MET A 112 1.94 12.84 -10.60
N GLN A 113 2.37 13.54 -9.56
CA GLN A 113 3.12 12.93 -8.48
C GLN A 113 2.25 11.94 -7.72
N LEU A 114 1.03 12.36 -7.40
CA LEU A 114 0.07 11.48 -6.76
C LEU A 114 -0.32 10.33 -7.68
N SER A 115 -0.54 10.65 -8.95
CA SER A 115 -0.93 9.64 -9.93
C SER A 115 0.14 8.56 -10.05
N GLN A 116 1.41 8.97 -10.10
CA GLN A 116 2.52 8.03 -10.19
C GLN A 116 2.53 7.08 -9.00
N CYS A 117 2.41 7.64 -7.81
CA CYS A 117 2.42 6.85 -6.59
C CYS A 117 1.21 5.92 -6.53
N ALA A 118 0.03 6.46 -6.82
CA ALA A 118 -1.21 5.69 -6.76
C ALA A 118 -1.21 4.58 -7.82
N LYS A 119 -0.63 4.86 -8.97
CA LYS A 119 -0.56 3.88 -10.05
C LYS A 119 0.29 2.69 -9.62
N ASN A 120 1.43 2.96 -9.01
CA ASN A 120 2.31 1.91 -8.52
C ASN A 120 1.65 1.15 -7.36
N LEU A 121 1.21 1.89 -6.36
CA LEU A 121 0.57 1.31 -5.18
C LEU A 121 -0.63 0.45 -5.56
N GLY A 122 -1.48 0.98 -6.42
CA GLY A 122 -2.67 0.24 -6.85
C GLY A 122 -2.33 -1.06 -7.53
N THR A 123 -1.29 -1.05 -8.35
CA THR A 123 -0.86 -2.25 -9.06
C THR A 123 -0.13 -3.20 -8.11
N ALA A 124 0.63 -2.63 -7.18
CA ALA A 124 1.34 -3.39 -6.17
C ALA A 124 0.35 -4.16 -5.31
N LEU A 125 -0.68 -3.46 -4.84
CA LEU A 125 -1.73 -4.07 -4.04
C LEU A 125 -2.52 -5.07 -4.87
N ALA A 126 -2.63 -4.79 -6.17
CA ALA A 126 -3.35 -5.66 -7.09
C ALA A 126 -2.77 -7.07 -7.07
N GLU A 127 -1.45 -7.18 -7.19
CA GLU A 127 -0.80 -8.48 -7.21
C GLU A 127 -0.55 -8.99 -5.79
N LEU A 128 -0.50 -8.08 -4.83
CA LEU A 128 -0.38 -8.45 -3.43
C LEU A 128 -1.65 -9.17 -2.98
N ARG A 129 -2.80 -8.61 -3.33
CA ARG A 129 -4.09 -9.22 -3.03
C ARG A 129 -4.20 -10.58 -3.72
N THR A 130 -3.71 -10.64 -4.95
CA THR A 130 -3.70 -11.88 -5.71
C THR A 130 -2.81 -12.93 -5.04
N ALA A 131 -1.61 -12.51 -4.66
CA ALA A 131 -0.64 -13.40 -4.02
C ALA A 131 -1.13 -13.89 -2.66
N ALA A 132 -1.63 -12.96 -1.86
CA ALA A 132 -2.11 -13.30 -0.51
C ALA A 132 -3.27 -14.28 -0.57
N GLN A 133 -4.12 -14.11 -1.57
CA GLN A 133 -5.24 -15.01 -1.76
C GLN A 133 -4.73 -16.41 -2.03
N LYS A 134 -3.85 -16.53 -3.03
CA LYS A 134 -3.28 -17.82 -3.42
C LYS A 134 -2.61 -18.53 -2.25
N ALA A 135 -1.81 -17.79 -1.50
CA ALA A 135 -1.08 -18.35 -0.36
C ALA A 135 -2.04 -18.77 0.75
N GLN A 136 -3.20 -18.14 0.79
CA GLN A 136 -4.20 -18.44 1.80
C GLN A 136 -5.08 -19.61 1.37
N GLU A 137 -5.30 -19.73 0.06
CA GLU A 137 -6.08 -20.84 -0.49
C GLU A 137 -5.35 -22.16 -0.32
N ALA A 138 -4.03 -22.11 -0.40
CA ALA A 138 -3.20 -23.29 -0.31
C ALA A 138 -2.83 -23.59 1.14
N GLY A 1 20.30 -22.93 1.18
CA GLY A 1 19.02 -23.12 0.47
C GLY A 1 18.62 -21.89 -0.33
N ILE A 2 18.77 -21.96 -1.65
CA ILE A 2 18.41 -20.86 -2.52
C ILE A 2 16.89 -20.70 -2.59
N ASP A 3 16.43 -19.52 -2.92
CA ASP A 3 15.00 -19.25 -2.99
C ASP A 3 14.58 -18.87 -4.41
N PRO A 4 13.63 -19.63 -4.97
CA PRO A 4 12.99 -19.29 -6.23
C PRO A 4 11.77 -18.41 -5.96
N PHE A 5 10.80 -18.42 -6.86
CA PHE A 5 9.56 -17.71 -6.59
C PHE A 5 8.42 -18.71 -6.42
N THR A 6 7.98 -18.85 -5.18
CA THR A 6 6.86 -19.69 -4.84
C THR A 6 5.62 -18.84 -4.64
N LEU A 7 4.52 -19.48 -4.25
CA LEU A 7 3.28 -18.79 -3.96
C LEU A 7 3.47 -17.75 -2.87
N VAL A 8 4.26 -18.10 -1.86
CA VAL A 8 4.48 -17.20 -0.73
C VAL A 8 5.61 -16.23 -1.01
N GLN A 9 6.63 -16.67 -1.74
CA GLN A 9 7.81 -15.83 -2.02
C GLN A 9 7.38 -14.54 -2.72
N ARG A 10 6.35 -14.66 -3.54
CA ARG A 10 5.79 -13.50 -4.23
C ARG A 10 5.17 -12.54 -3.24
N LEU A 11 4.56 -13.07 -2.19
CA LEU A 11 3.91 -12.26 -1.17
C LEU A 11 4.95 -11.53 -0.33
N GLU A 12 5.90 -12.28 0.23
CA GLU A 12 6.99 -11.72 1.00
C GLU A 12 7.66 -10.56 0.25
N HIS A 13 7.88 -10.73 -1.05
CA HIS A 13 8.50 -9.70 -1.86
C HIS A 13 7.53 -8.55 -2.15
N ALA A 14 6.29 -8.90 -2.44
CA ALA A 14 5.28 -7.89 -2.76
C ALA A 14 4.99 -6.99 -1.58
N ALA A 15 5.02 -7.56 -0.37
CA ALA A 15 4.78 -6.79 0.83
C ALA A 15 5.86 -5.74 1.04
N LYS A 16 7.11 -6.11 0.75
CA LYS A 16 8.23 -5.18 0.84
C LYS A 16 7.99 -3.97 -0.07
N GLN A 17 7.71 -4.23 -1.34
CA GLN A 17 7.54 -3.19 -2.33
C GLN A 17 6.25 -2.41 -2.09
N ALA A 18 5.21 -3.09 -1.62
CA ALA A 18 3.94 -2.44 -1.31
C ALA A 18 4.13 -1.43 -0.19
N ALA A 19 4.85 -1.84 0.86
CA ALA A 19 5.17 -0.97 1.96
C ALA A 19 5.95 0.25 1.47
N ALA A 20 6.89 -0.01 0.57
CA ALA A 20 7.71 1.04 -0.03
C ALA A 20 6.86 2.00 -0.86
N SER A 21 6.08 1.44 -1.77
CA SER A 21 5.24 2.21 -2.66
C SER A 21 4.20 3.02 -1.89
N ALA A 22 3.68 2.44 -0.81
CA ALA A 22 2.75 3.15 0.05
C ALA A 22 3.42 4.36 0.67
N THR A 23 4.65 4.17 1.12
CA THR A 23 5.44 5.24 1.70
C THR A 23 5.66 6.37 0.69
N GLN A 24 5.93 5.99 -0.55
CA GLN A 24 6.10 6.96 -1.64
C GLN A 24 4.83 7.78 -1.83
N THR A 25 3.70 7.08 -1.86
CA THR A 25 2.41 7.71 -2.09
C THR A 25 2.03 8.63 -0.94
N ILE A 26 2.34 8.22 0.29
CA ILE A 26 2.08 9.03 1.47
C ILE A 26 2.86 10.35 1.41
N ALA A 27 4.13 10.25 1.05
CA ALA A 27 4.99 11.42 0.93
C ALA A 27 4.42 12.40 -0.10
N ALA A 28 4.01 11.88 -1.24
CA ALA A 28 3.43 12.69 -2.30
C ALA A 28 2.08 13.25 -1.86
N ALA A 29 1.27 12.41 -1.22
CA ALA A 29 -0.07 12.79 -0.79
C ALA A 29 -0.04 14.02 0.10
N GLN A 30 0.86 14.03 1.07
CA GLN A 30 0.94 15.13 2.02
C GLN A 30 1.36 16.42 1.32
N HIS A 31 2.34 16.32 0.43
CA HIS A 31 2.89 17.51 -0.23
C HIS A 31 1.97 18.03 -1.33
N ALA A 32 1.21 17.14 -1.94
CA ALA A 32 0.34 17.52 -3.05
C ALA A 32 -1.05 17.92 -2.55
N ALA A 33 -1.70 17.02 -1.82
CA ALA A 33 -3.08 17.24 -1.40
C ALA A 33 -3.17 18.25 -0.26
N SER A 34 -2.29 18.11 0.72
CA SER A 34 -2.30 19.01 1.87
C SER A 34 -1.46 20.25 1.57
N ALA A 35 -0.75 20.21 0.45
CA ALA A 35 0.10 21.32 -0.01
C ALA A 35 1.31 21.53 0.90
N PRO A 36 2.39 22.11 0.37
CA PRO A 36 3.59 22.43 1.14
C PRO A 36 3.40 23.67 2.03
N LYS A 37 2.15 24.10 2.15
CA LYS A 37 1.80 25.24 2.98
C LYS A 37 0.48 24.97 3.71
N ALA A 38 -0.62 25.05 2.99
CA ALA A 38 -1.94 24.79 3.55
C ALA A 38 -2.90 24.29 2.48
N SER A 39 -3.78 23.39 2.87
CA SER A 39 -4.75 22.82 1.94
C SER A 39 -5.84 23.84 1.61
N ALA A 40 -6.47 23.67 0.46
CA ALA A 40 -7.51 24.58 0.02
C ALA A 40 -8.83 23.85 -0.17
N GLY A 41 -9.82 24.22 0.61
CA GLY A 41 -11.11 23.57 0.55
C GLY A 41 -11.33 22.64 1.73
N PRO A 42 -12.05 21.52 1.54
CA PRO A 42 -12.25 20.53 2.59
C PRO A 42 -11.01 19.67 2.79
N GLN A 43 -11.13 18.62 3.58
CA GLN A 43 -10.02 17.69 3.77
C GLN A 43 -9.91 16.80 2.53
N PRO A 44 -8.68 16.61 2.01
CA PRO A 44 -8.46 15.96 0.71
C PRO A 44 -8.60 14.43 0.75
N LEU A 45 -9.24 13.90 1.80
CA LEU A 45 -9.47 12.45 1.95
C LEU A 45 -8.18 11.70 2.25
N LEU A 46 -7.12 12.00 1.50
CA LEU A 46 -5.81 11.37 1.68
C LEU A 46 -5.32 11.45 3.10
N VAL A 47 -5.69 12.53 3.80
CA VAL A 47 -5.28 12.72 5.18
C VAL A 47 -5.77 11.56 6.04
N GLN A 48 -7.01 11.17 5.81
CA GLN A 48 -7.61 10.06 6.53
C GLN A 48 -6.97 8.74 6.13
N SER A 49 -6.80 8.56 4.83
CA SER A 49 -6.23 7.33 4.28
C SER A 49 -4.79 7.15 4.77
N CYS A 50 -4.02 8.24 4.77
CA CYS A 50 -2.63 8.23 5.20
C CYS A 50 -2.48 7.62 6.58
N LYS A 51 -3.37 8.00 7.49
CA LYS A 51 -3.32 7.53 8.87
C LYS A 51 -3.52 6.02 8.93
N ALA A 52 -4.43 5.51 8.12
CA ALA A 52 -4.73 4.09 8.10
C ALA A 52 -3.65 3.30 7.37
N VAL A 53 -3.05 3.91 6.36
CA VAL A 53 -1.96 3.27 5.64
C VAL A 53 -0.71 3.18 6.51
N ALA A 54 -0.41 4.29 7.18
CA ALA A 54 0.79 4.39 8.00
C ALA A 54 0.79 3.40 9.17
N GLU A 55 -0.39 2.94 9.57
CA GLU A 55 -0.50 2.00 10.68
C GLU A 55 -0.32 0.57 10.19
N GLN A 56 -0.57 0.34 8.91
CA GLN A 56 -0.55 -1.02 8.36
C GLN A 56 0.77 -1.32 7.65
N ILE A 57 1.49 -0.26 7.25
CA ILE A 57 2.81 -0.43 6.63
C ILE A 57 3.76 -1.24 7.52
N PRO A 58 3.95 -0.85 8.80
CA PRO A 58 4.82 -1.58 9.72
C PRO A 58 4.41 -3.04 9.87
N LEU A 59 3.10 -3.30 9.87
CA LEU A 59 2.58 -4.65 10.03
C LEU A 59 2.99 -5.53 8.85
N LEU A 60 3.02 -4.93 7.65
CA LEU A 60 3.53 -5.62 6.47
C LEU A 60 4.95 -6.08 6.70
N VAL A 61 5.80 -5.12 7.06
CA VAL A 61 7.23 -5.38 7.23
C VAL A 61 7.49 -6.31 8.42
N GLN A 62 6.69 -6.17 9.48
CA GLN A 62 6.77 -7.09 10.62
C GLN A 62 6.45 -8.51 10.14
N GLY A 63 5.46 -8.61 9.28
CA GLY A 63 5.14 -9.88 8.66
C GLY A 63 6.28 -10.38 7.79
N VAL A 64 6.80 -9.49 6.94
CA VAL A 64 7.90 -9.83 6.06
C VAL A 64 9.10 -10.36 6.84
N ARG A 65 9.49 -9.62 7.88
CA ARG A 65 10.63 -10.01 8.70
C ARG A 65 10.43 -11.38 9.34
N GLY A 66 9.19 -11.67 9.73
CA GLY A 66 8.88 -12.97 10.29
C GLY A 66 8.89 -14.06 9.23
N SER A 67 8.30 -13.75 8.09
CA SER A 67 8.21 -14.70 6.98
C SER A 67 9.58 -14.95 6.34
N GLN A 68 10.45 -13.94 6.41
CA GLN A 68 11.81 -14.07 5.90
C GLN A 68 12.69 -14.88 6.85
N ALA A 69 12.39 -14.76 8.14
CA ALA A 69 13.12 -15.50 9.15
C ALA A 69 12.67 -16.95 9.19
N GLN A 70 11.37 -17.16 9.12
CA GLN A 70 10.81 -18.50 9.15
C GLN A 70 9.89 -18.75 7.96
N PRO A 71 10.45 -19.13 6.80
CA PRO A 71 9.66 -19.52 5.63
C PRO A 71 9.04 -20.91 5.83
N ASP A 72 9.45 -21.56 6.91
CA ASP A 72 8.93 -22.85 7.29
C ASP A 72 7.60 -22.70 8.03
N SER A 73 7.52 -21.66 8.84
CA SER A 73 6.37 -21.44 9.70
C SER A 73 5.16 -20.99 8.89
N PRO A 74 4.11 -21.81 8.85
CA PRO A 74 2.86 -21.46 8.17
C PRO A 74 2.22 -20.25 8.82
N SER A 75 2.39 -20.14 10.13
CA SER A 75 1.84 -19.02 10.89
C SER A 75 2.56 -17.73 10.52
N ALA A 76 3.81 -17.83 10.10
CA ALA A 76 4.56 -16.66 9.64
C ALA A 76 3.96 -16.14 8.36
N GLN A 77 3.87 -17.01 7.35
CA GLN A 77 3.25 -16.66 6.08
C GLN A 77 1.83 -16.16 6.28
N LEU A 78 1.03 -16.92 7.04
CA LEU A 78 -0.35 -16.55 7.31
C LEU A 78 -0.44 -15.17 7.95
N ALA A 79 0.52 -14.84 8.82
CA ALA A 79 0.56 -13.52 9.44
C ALA A 79 0.75 -12.44 8.39
N LEU A 80 1.64 -12.69 7.43
CA LEU A 80 1.90 -11.74 6.36
C LEU A 80 0.68 -11.66 5.44
N ILE A 81 0.09 -12.81 5.13
CA ILE A 81 -1.12 -12.86 4.31
C ILE A 81 -2.22 -12.00 4.93
N ALA A 82 -2.43 -12.18 6.23
CA ALA A 82 -3.43 -11.41 6.95
C ALA A 82 -3.06 -9.92 6.96
N ALA A 83 -1.79 -9.64 7.23
CA ALA A 83 -1.31 -8.26 7.25
C ALA A 83 -1.49 -7.58 5.90
N SER A 84 -1.26 -8.33 4.83
CA SER A 84 -1.43 -7.81 3.48
C SER A 84 -2.89 -7.42 3.23
N GLN A 85 -3.81 -8.30 3.63
CA GLN A 85 -5.24 -8.01 3.49
C GLN A 85 -5.65 -6.87 4.42
N SER A 86 -5.01 -6.84 5.58
CA SER A 86 -5.24 -5.77 6.55
C SER A 86 -4.74 -4.44 6.00
N PHE A 87 -3.79 -4.50 5.07
CA PHE A 87 -3.24 -3.32 4.44
C PHE A 87 -4.03 -2.95 3.18
N LEU A 88 -4.60 -3.97 2.54
CA LEU A 88 -5.38 -3.77 1.32
C LEU A 88 -6.50 -2.76 1.51
N GLN A 89 -7.22 -2.88 2.63
CA GLN A 89 -8.31 -1.96 2.91
C GLN A 89 -7.82 -0.50 2.99
N PRO A 90 -6.90 -0.15 3.93
CA PRO A 90 -6.37 1.22 4.04
C PRO A 90 -5.63 1.67 2.77
N GLY A 91 -4.86 0.76 2.20
CA GLY A 91 -4.12 1.07 0.98
C GLY A 91 -5.04 1.43 -0.16
N GLY A 92 -6.07 0.61 -0.37
CA GLY A 92 -7.04 0.87 -1.41
C GLY A 92 -7.77 2.19 -1.21
N LYS A 93 -7.93 2.57 0.05
CA LYS A 93 -8.53 3.85 0.39
C LYS A 93 -7.69 4.99 -0.17
N MET A 94 -6.38 4.92 0.06
CA MET A 94 -5.49 6.00 -0.35
C MET A 94 -5.36 6.03 -1.88
N VAL A 95 -5.42 4.87 -2.50
CA VAL A 95 -5.39 4.79 -3.96
C VAL A 95 -6.59 5.54 -4.55
N ALA A 96 -7.77 5.25 -4.01
CA ALA A 96 -9.00 5.88 -4.48
C ALA A 96 -9.01 7.37 -4.14
N ALA A 97 -8.58 7.69 -2.92
CA ALA A 97 -8.54 9.08 -2.47
C ALA A 97 -7.53 9.89 -3.27
N ALA A 98 -6.41 9.27 -3.62
CA ALA A 98 -5.37 9.94 -4.40
C ALA A 98 -5.92 10.35 -5.76
N LYS A 99 -6.60 9.41 -6.42
CA LYS A 99 -7.19 9.67 -7.74
C LYS A 99 -8.27 10.75 -7.66
N ALA A 100 -8.85 10.90 -6.48
CA ALA A 100 -9.92 11.86 -6.27
C ALA A 100 -9.36 13.22 -5.82
N SER A 101 -8.10 13.22 -5.44
CA SER A 101 -7.44 14.45 -5.02
C SER A 101 -6.54 15.00 -6.12
N VAL A 102 -6.54 14.31 -7.26
CA VAL A 102 -5.80 14.76 -8.42
C VAL A 102 -6.44 16.02 -9.06
N PRO A 103 -7.73 15.97 -9.45
CA PRO A 103 -8.39 17.09 -10.13
C PRO A 103 -8.50 18.33 -9.23
N THR A 104 -8.42 18.14 -7.92
CA THR A 104 -8.55 19.24 -6.98
C THR A 104 -7.26 20.07 -6.92
N ILE A 105 -6.21 19.55 -7.54
CA ILE A 105 -4.93 20.24 -7.56
C ILE A 105 -4.80 21.04 -8.85
N GLN A 106 -4.81 22.36 -8.73
CA GLN A 106 -4.72 23.26 -9.88
C GLN A 106 -3.27 23.48 -10.28
N ASP A 107 -2.39 22.62 -9.79
CA ASP A 107 -0.97 22.71 -10.10
C ASP A 107 -0.61 21.78 -11.24
N GLN A 108 -1.51 20.83 -11.49
CA GLN A 108 -1.34 19.79 -12.50
C GLN A 108 -0.17 18.85 -12.21
N ALA A 109 1.04 19.39 -12.07
CA ALA A 109 2.22 18.58 -11.82
C ALA A 109 2.13 17.86 -10.48
N SER A 110 1.62 18.54 -9.47
CA SER A 110 1.42 17.92 -8.17
C SER A 110 0.30 16.88 -8.26
N ALA A 111 -0.59 17.07 -9.23
CA ALA A 111 -1.70 16.16 -9.44
C ALA A 111 -1.26 14.88 -10.15
N MET A 112 -0.44 15.04 -11.20
CA MET A 112 0.08 13.91 -11.93
C MET A 112 1.02 13.10 -11.04
N GLN A 113 1.63 13.79 -10.08
CA GLN A 113 2.50 13.14 -9.11
C GLN A 113 1.69 12.17 -8.25
N LEU A 114 0.49 12.61 -7.86
CA LEU A 114 -0.43 11.77 -7.11
C LEU A 114 -0.91 10.60 -7.95
N SER A 115 -1.33 10.89 -9.17
CA SER A 115 -1.85 9.86 -10.07
C SER A 115 -0.79 8.79 -10.34
N GLN A 116 0.45 9.22 -10.50
CA GLN A 116 1.57 8.30 -10.72
C GLN A 116 1.77 7.39 -9.51
N CYS A 117 1.56 7.94 -8.32
CA CYS A 117 1.71 7.16 -7.10
C CYS A 117 0.54 6.23 -6.89
N ALA A 118 -0.67 6.73 -7.17
CA ALA A 118 -1.87 5.91 -7.09
C ALA A 118 -1.79 4.75 -8.06
N LYS A 119 -1.18 4.99 -9.21
CA LYS A 119 -0.96 3.96 -10.21
C LYS A 119 -0.06 2.86 -9.67
N ASN A 120 1.15 3.23 -9.24
CA ASN A 120 2.13 2.23 -8.82
C ASN A 120 1.68 1.51 -7.55
N LEU A 121 0.99 2.23 -6.67
CA LEU A 121 0.46 1.63 -5.44
C LEU A 121 -0.72 0.72 -5.77
N GLY A 122 -1.53 1.14 -6.73
CA GLY A 122 -2.66 0.34 -7.16
C GLY A 122 -2.25 -1.00 -7.70
N THR A 123 -1.23 -1.00 -8.55
CA THR A 123 -0.69 -2.23 -9.11
C THR A 123 0.07 -3.02 -8.04
N ALA A 124 0.70 -2.29 -7.11
CA ALA A 124 1.39 -2.92 -6.00
C ALA A 124 0.42 -3.74 -5.17
N LEU A 125 -0.72 -3.12 -4.83
CA LEU A 125 -1.77 -3.81 -4.10
C LEU A 125 -2.36 -4.93 -4.94
N ALA A 126 -2.43 -4.69 -6.25
CA ALA A 126 -2.96 -5.67 -7.17
C ALA A 126 -2.17 -6.98 -7.11
N GLU A 127 -0.85 -6.88 -7.29
CA GLU A 127 -0.01 -8.07 -7.29
C GLU A 127 0.16 -8.62 -5.87
N LEU A 128 0.12 -7.73 -4.88
CA LEU A 128 0.17 -8.13 -3.48
C LEU A 128 -1.03 -9.00 -3.14
N ARG A 129 -2.22 -8.50 -3.48
CA ARG A 129 -3.46 -9.21 -3.21
C ARG A 129 -3.50 -10.52 -3.97
N THR A 130 -3.05 -10.50 -5.22
CA THR A 130 -3.00 -11.69 -6.04
C THR A 130 -2.05 -12.73 -5.45
N ALA A 131 -0.90 -12.26 -4.95
CA ALA A 131 0.06 -13.12 -4.31
C ALA A 131 -0.51 -13.72 -3.04
N ALA A 132 -1.10 -12.88 -2.21
CA ALA A 132 -1.71 -13.32 -0.95
C ALA A 132 -2.85 -14.29 -1.20
N GLN A 133 -3.62 -14.03 -2.26
CA GLN A 133 -4.74 -14.89 -2.63
C GLN A 133 -4.24 -16.31 -2.91
N LYS A 134 -3.19 -16.41 -3.72
CA LYS A 134 -2.64 -17.70 -4.09
C LYS A 134 -1.73 -18.24 -2.99
N ALA A 135 -1.48 -17.42 -1.98
CA ALA A 135 -0.72 -17.85 -0.81
C ALA A 135 -1.64 -18.49 0.21
N GLN A 136 -2.89 -18.06 0.20
CA GLN A 136 -3.90 -18.62 1.09
C GLN A 136 -4.16 -20.08 0.75
N GLU A 137 -4.13 -20.38 -0.54
CA GLU A 137 -4.39 -21.73 -1.03
C GLU A 137 -3.10 -22.55 -1.11
N ALA A 138 -2.02 -22.00 -0.55
CA ALA A 138 -0.75 -22.71 -0.52
C ALA A 138 -0.72 -23.66 0.67
N GLY A 1 12.89 -10.79 -14.07
CA GLY A 1 12.94 -12.27 -14.01
C GLY A 1 12.74 -12.79 -12.61
N ILE A 2 11.57 -12.52 -12.04
CA ILE A 2 11.27 -12.96 -10.69
C ILE A 2 10.46 -14.26 -10.73
N ASP A 3 10.68 -15.12 -9.75
CA ASP A 3 9.94 -16.37 -9.66
C ASP A 3 9.40 -16.56 -8.26
N PRO A 4 8.08 -16.78 -8.14
CA PRO A 4 7.45 -17.09 -6.87
C PRO A 4 7.72 -18.53 -6.44
N PHE A 5 8.85 -18.74 -5.77
CA PHE A 5 9.20 -20.06 -5.27
C PHE A 5 8.12 -20.55 -4.31
N THR A 6 7.93 -19.81 -3.23
CA THR A 6 6.91 -20.13 -2.25
C THR A 6 5.76 -19.14 -2.36
N LEU A 7 4.68 -19.40 -1.65
CA LEU A 7 3.53 -18.51 -1.64
C LEU A 7 3.86 -17.20 -0.94
N VAL A 8 4.68 -17.28 0.10
CA VAL A 8 5.13 -16.09 0.80
C VAL A 8 6.15 -15.33 -0.02
N GLN A 9 6.81 -16.02 -0.94
CA GLN A 9 7.82 -15.39 -1.81
C GLN A 9 7.16 -14.40 -2.76
N ARG A 10 6.00 -14.76 -3.30
CA ARG A 10 5.26 -13.84 -4.17
C ARG A 10 4.65 -12.72 -3.34
N LEU A 11 4.42 -13.00 -2.06
CA LEU A 11 3.96 -12.00 -1.11
C LEU A 11 5.08 -11.04 -0.76
N GLU A 12 6.29 -11.58 -0.57
CA GLU A 12 7.47 -10.79 -0.28
C GLU A 12 7.56 -9.57 -1.17
N HIS A 13 7.75 -9.80 -2.47
CA HIS A 13 7.92 -8.73 -3.44
C HIS A 13 6.74 -7.77 -3.41
N ALA A 14 5.54 -8.32 -3.35
CA ALA A 14 4.33 -7.51 -3.37
C ALA A 14 4.23 -6.60 -2.13
N ALA A 15 4.54 -7.17 -0.97
CA ALA A 15 4.48 -6.42 0.28
C ALA A 15 5.55 -5.34 0.33
N LYS A 16 6.75 -5.65 -0.17
CA LYS A 16 7.83 -4.67 -0.23
C LYS A 16 7.40 -3.49 -1.10
N GLN A 17 6.75 -3.79 -2.22
CA GLN A 17 6.20 -2.76 -3.11
C GLN A 17 5.13 -1.96 -2.41
N ALA A 18 4.15 -2.67 -1.87
CA ALA A 18 3.05 -2.04 -1.16
C ALA A 18 3.55 -1.08 -0.09
N ALA A 19 4.51 -1.53 0.71
CA ALA A 19 5.11 -0.69 1.75
C ALA A 19 5.86 0.50 1.13
N ALA A 20 6.61 0.22 0.08
CA ALA A 20 7.41 1.24 -0.60
C ALA A 20 6.52 2.32 -1.22
N SER A 21 5.60 1.91 -2.07
CA SER A 21 4.76 2.84 -2.80
C SER A 21 3.81 3.58 -1.85
N ALA A 22 3.39 2.90 -0.78
CA ALA A 22 2.53 3.54 0.22
C ALA A 22 3.24 4.72 0.85
N THR A 23 4.50 4.52 1.22
CA THR A 23 5.31 5.57 1.80
C THR A 23 5.42 6.76 0.84
N GLN A 24 5.56 6.44 -0.44
CA GLN A 24 5.62 7.46 -1.48
C GLN A 24 4.28 8.18 -1.63
N THR A 25 3.21 7.41 -1.64
CA THR A 25 1.88 7.98 -1.81
C THR A 25 1.52 8.90 -0.66
N ILE A 26 1.88 8.50 0.57
CA ILE A 26 1.64 9.34 1.74
C ILE A 26 2.40 10.65 1.61
N ALA A 27 3.66 10.56 1.20
CA ALA A 27 4.49 11.76 1.01
C ALA A 27 3.87 12.68 -0.03
N ALA A 28 3.44 12.10 -1.14
CA ALA A 28 2.80 12.87 -2.19
C ALA A 28 1.47 13.46 -1.72
N ALA A 29 0.67 12.64 -1.05
CA ALA A 29 -0.64 13.06 -0.60
C ALA A 29 -0.56 14.20 0.41
N GLN A 30 0.29 14.05 1.42
CA GLN A 30 0.42 15.04 2.48
C GLN A 30 0.95 16.36 1.95
N HIS A 31 1.75 16.30 0.88
CA HIS A 31 2.30 17.51 0.30
C HIS A 31 1.36 18.10 -0.74
N ALA A 32 0.50 17.26 -1.30
CA ALA A 32 -0.46 17.72 -2.29
C ALA A 32 -1.66 18.38 -1.61
N ALA A 33 -1.90 17.99 -0.37
CA ALA A 33 -2.99 18.56 0.40
C ALA A 33 -2.61 19.93 0.95
N SER A 34 -2.83 20.96 0.16
CA SER A 34 -2.63 22.34 0.59
C SER A 34 -3.81 22.79 1.44
N ALA A 35 -4.85 21.94 1.45
CA ALA A 35 -6.05 22.14 2.25
C ALA A 35 -6.76 23.45 1.90
N PRO A 36 -7.71 23.39 0.96
CA PRO A 36 -8.57 24.52 0.64
C PRO A 36 -9.32 24.98 1.88
N LYS A 37 -9.02 26.19 2.33
CA LYS A 37 -9.40 26.64 3.66
C LYS A 37 -10.92 26.63 3.88
N ALA A 38 -11.68 26.87 2.82
CA ALA A 38 -13.14 26.92 2.95
C ALA A 38 -13.81 25.76 2.23
N SER A 39 -13.01 24.87 1.65
CA SER A 39 -13.54 23.76 0.87
C SER A 39 -13.23 22.43 1.54
N ALA A 40 -12.12 22.36 2.24
CA ALA A 40 -11.73 21.14 2.93
C ALA A 40 -12.34 21.10 4.33
N GLY A 41 -12.95 19.98 4.66
CA GLY A 41 -13.53 19.81 5.97
C GLY A 41 -12.69 18.93 6.85
N PRO A 42 -13.10 18.73 8.11
CA PRO A 42 -12.37 17.88 9.06
C PRO A 42 -12.11 16.48 8.51
N GLN A 43 -10.83 16.10 8.52
CA GLN A 43 -10.39 14.79 8.05
C GLN A 43 -10.66 14.58 6.56
N PRO A 44 -9.75 15.08 5.71
CA PRO A 44 -9.80 14.83 4.26
C PRO A 44 -9.51 13.36 3.97
N LEU A 45 -10.01 12.88 2.83
CA LEU A 45 -9.89 11.48 2.47
C LEU A 45 -8.42 11.04 2.42
N LEU A 46 -7.57 11.90 1.86
CA LEU A 46 -6.13 11.61 1.78
C LEU A 46 -5.54 11.41 3.17
N VAL A 47 -5.71 12.41 4.03
CA VAL A 47 -5.13 12.38 5.37
C VAL A 47 -5.71 11.25 6.20
N GLN A 48 -7.00 11.01 6.04
CA GLN A 48 -7.68 9.94 6.77
C GLN A 48 -7.11 8.58 6.38
N SER A 49 -7.02 8.33 5.08
CA SER A 49 -6.55 7.05 4.57
C SER A 49 -5.05 6.87 4.84
N CYS A 50 -4.28 7.95 4.69
CA CYS A 50 -2.83 7.86 4.83
C CYS A 50 -2.45 7.44 6.25
N LYS A 51 -3.26 7.80 7.22
CA LYS A 51 -3.01 7.41 8.61
C LYS A 51 -3.22 5.92 8.78
N ALA A 52 -4.28 5.40 8.19
CA ALA A 52 -4.56 3.97 8.25
C ALA A 52 -3.46 3.18 7.55
N VAL A 53 -3.03 3.68 6.39
CA VAL A 53 -1.97 3.06 5.63
C VAL A 53 -0.64 3.11 6.37
N ALA A 54 -0.35 4.25 7.01
CA ALA A 54 0.90 4.46 7.73
C ALA A 54 1.08 3.44 8.86
N GLU A 55 -0.02 2.91 9.37
CA GLU A 55 0.04 1.92 10.43
C GLU A 55 0.31 0.52 9.86
N GLN A 56 -0.04 0.34 8.59
CA GLN A 56 0.03 -0.97 7.97
C GLN A 56 1.39 -1.18 7.29
N ILE A 57 2.06 -0.08 6.93
CA ILE A 57 3.37 -0.16 6.28
C ILE A 57 4.38 -0.95 7.11
N PRO A 58 4.60 -0.58 8.40
CA PRO A 58 5.53 -1.32 9.27
C PRO A 58 5.06 -2.75 9.53
N LEU A 59 3.74 -2.95 9.45
CA LEU A 59 3.17 -4.28 9.64
C LEU A 59 3.51 -5.19 8.48
N LEU A 60 3.40 -4.65 7.26
CA LEU A 60 3.80 -5.38 6.07
C LEU A 60 5.23 -5.87 6.19
N VAL A 61 6.13 -4.92 6.39
CA VAL A 61 7.56 -5.22 6.45
C VAL A 61 7.87 -6.12 7.64
N GLN A 62 7.11 -5.96 8.73
CA GLN A 62 7.21 -6.85 9.88
C GLN A 62 6.89 -8.27 9.46
N GLY A 63 5.80 -8.40 8.70
CA GLY A 63 5.41 -9.69 8.17
C GLY A 63 6.43 -10.25 7.20
N VAL A 64 6.90 -9.41 6.29
CA VAL A 64 7.92 -9.80 5.30
C VAL A 64 9.15 -10.36 6.01
N ARG A 65 9.79 -9.52 6.82
CA ARG A 65 11.02 -9.91 7.52
C ARG A 65 10.81 -11.11 8.43
N GLY A 66 9.59 -11.22 8.98
CA GLY A 66 9.28 -12.34 9.85
C GLY A 66 9.12 -13.63 9.09
N SER A 67 8.52 -13.55 7.91
CA SER A 67 8.30 -14.72 7.08
C SER A 67 9.62 -15.23 6.50
N GLN A 68 10.55 -14.30 6.28
CA GLN A 68 11.90 -14.66 5.84
C GLN A 68 12.62 -15.46 6.92
N ALA A 69 12.51 -14.97 8.15
CA ALA A 69 13.20 -15.58 9.28
C ALA A 69 12.56 -16.91 9.66
N GLN A 70 11.24 -16.97 9.58
CA GLN A 70 10.50 -18.16 9.96
C GLN A 70 9.63 -18.66 8.80
N PRO A 71 10.22 -19.43 7.88
CA PRO A 71 9.49 -19.99 6.73
C PRO A 71 8.64 -21.20 7.10
N ASP A 72 8.91 -21.77 8.26
CA ASP A 72 8.18 -22.93 8.73
C ASP A 72 7.08 -22.55 9.69
N SER A 73 7.36 -21.56 10.54
CA SER A 73 6.42 -21.14 11.57
C SER A 73 5.18 -20.48 10.96
N PRO A 74 4.02 -21.12 11.13
CA PRO A 74 2.76 -20.67 10.53
C PRO A 74 2.37 -19.24 10.90
N SER A 75 2.72 -18.82 12.11
CA SER A 75 2.35 -17.49 12.59
C SER A 75 3.06 -16.42 11.76
N ALA A 76 4.23 -16.75 11.24
CA ALA A 76 4.97 -15.85 10.38
C ALA A 76 4.27 -15.73 9.03
N GLN A 77 3.84 -16.87 8.49
CA GLN A 77 3.07 -16.89 7.27
C GLN A 77 1.79 -16.10 7.45
N LEU A 78 1.07 -16.38 8.52
CA LEU A 78 -0.17 -15.67 8.83
C LEU A 78 0.10 -14.18 9.02
N ALA A 79 1.28 -13.84 9.50
CA ALA A 79 1.66 -12.44 9.67
C ALA A 79 1.72 -11.74 8.31
N LEU A 80 2.42 -12.35 7.36
CA LEU A 80 2.53 -11.78 6.02
C LEU A 80 1.16 -11.70 5.36
N ILE A 81 0.43 -12.82 5.40
CA ILE A 81 -0.88 -12.92 4.76
C ILE A 81 -1.86 -11.90 5.34
N ALA A 82 -1.98 -11.86 6.66
CA ALA A 82 -2.93 -10.96 7.33
C ALA A 82 -2.57 -9.51 7.09
N ALA A 83 -1.28 -9.19 7.18
CA ALA A 83 -0.81 -7.82 6.97
C ALA A 83 -1.15 -7.35 5.56
N SER A 84 -0.99 -8.25 4.59
CA SER A 84 -1.30 -7.93 3.21
C SER A 84 -2.77 -7.55 3.06
N GLN A 85 -3.66 -8.39 3.60
CA GLN A 85 -5.09 -8.15 3.53
C GLN A 85 -5.46 -6.89 4.31
N SER A 86 -4.83 -6.73 5.48
CA SER A 86 -5.07 -5.59 6.35
C SER A 86 -4.56 -4.29 5.71
N PHE A 87 -3.76 -4.43 4.66
CA PHE A 87 -3.23 -3.28 3.94
C PHE A 87 -4.10 -2.97 2.73
N LEU A 88 -4.63 -4.01 2.11
CA LEU A 88 -5.44 -3.89 0.90
C LEU A 88 -6.62 -2.94 1.09
N GLN A 89 -7.39 -3.17 2.15
CA GLN A 89 -8.62 -2.41 2.38
C GLN A 89 -8.36 -0.91 2.58
N PRO A 90 -7.52 -0.50 3.57
CA PRO A 90 -7.22 0.92 3.80
C PRO A 90 -6.35 1.52 2.69
N GLY A 91 -5.45 0.70 2.15
CA GLY A 91 -4.58 1.15 1.10
C GLY A 91 -5.35 1.51 -0.16
N GLY A 92 -6.35 0.69 -0.48
CA GLY A 92 -7.19 0.95 -1.63
C GLY A 92 -7.92 2.27 -1.52
N LYS A 93 -8.27 2.65 -0.30
CA LYS A 93 -8.97 3.91 -0.07
C LYS A 93 -8.06 5.10 -0.35
N MET A 94 -6.77 4.94 -0.09
CA MET A 94 -5.83 6.02 -0.32
C MET A 94 -5.55 6.12 -1.81
N VAL A 95 -5.59 4.98 -2.49
CA VAL A 95 -5.49 4.95 -3.94
C VAL A 95 -6.68 5.68 -4.56
N ALA A 96 -7.87 5.33 -4.08
CA ALA A 96 -9.09 5.99 -4.55
C ALA A 96 -9.08 7.48 -4.24
N ALA A 97 -8.63 7.83 -3.04
CA ALA A 97 -8.50 9.22 -2.63
C ALA A 97 -7.51 9.96 -3.53
N ALA A 98 -6.40 9.29 -3.85
CA ALA A 98 -5.39 9.87 -4.71
C ALA A 98 -5.93 10.07 -6.13
N LYS A 99 -6.60 9.05 -6.65
CA LYS A 99 -7.18 9.12 -7.99
C LYS A 99 -8.21 10.24 -8.09
N ALA A 100 -8.84 10.56 -6.97
CA ALA A 100 -9.88 11.57 -6.92
C ALA A 100 -9.30 12.97 -6.69
N SER A 101 -8.13 13.03 -6.08
CA SER A 101 -7.52 14.31 -5.77
C SER A 101 -6.66 14.83 -6.92
N VAL A 102 -6.06 13.91 -7.69
CA VAL A 102 -5.23 14.28 -8.83
C VAL A 102 -5.93 15.28 -9.77
N PRO A 103 -7.14 14.97 -10.27
CA PRO A 103 -7.85 15.87 -11.20
C PRO A 103 -8.30 17.18 -10.55
N THR A 104 -8.42 17.18 -9.23
CA THR A 104 -8.90 18.37 -8.52
C THR A 104 -7.73 19.29 -8.16
N ILE A 105 -6.52 18.76 -8.17
CA ILE A 105 -5.34 19.54 -7.86
C ILE A 105 -4.76 20.16 -9.12
N GLN A 106 -4.71 21.48 -9.14
CA GLN A 106 -4.21 22.22 -10.30
C GLN A 106 -2.70 22.25 -10.32
N ASP A 107 -2.09 21.94 -9.19
CA ASP A 107 -0.64 21.82 -9.12
C ASP A 107 -0.20 20.49 -9.70
N GLN A 108 0.40 20.55 -10.88
CA GLN A 108 0.74 19.34 -11.63
C GLN A 108 1.83 18.54 -10.92
N ALA A 109 2.73 19.23 -10.22
CA ALA A 109 3.80 18.56 -9.50
C ALA A 109 3.25 17.62 -8.44
N SER A 110 2.27 18.10 -7.69
CA SER A 110 1.62 17.27 -6.67
C SER A 110 0.71 16.23 -7.33
N ALA A 111 -0.08 16.67 -8.30
CA ALA A 111 -1.06 15.81 -8.95
C ALA A 111 -0.40 14.63 -9.67
N MET A 112 0.65 14.91 -10.43
CA MET A 112 1.32 13.87 -11.19
C MET A 112 2.07 12.90 -10.30
N GLN A 113 2.61 13.41 -9.20
CA GLN A 113 3.29 12.54 -8.25
C GLN A 113 2.29 11.63 -7.56
N LEU A 114 1.11 12.17 -7.26
CA LEU A 114 0.01 11.37 -6.74
C LEU A 114 -0.40 10.31 -7.76
N SER A 115 -0.54 10.74 -9.01
CA SER A 115 -0.88 9.83 -10.10
C SER A 115 0.12 8.68 -10.18
N GLN A 116 1.40 9.02 -10.09
CA GLN A 116 2.47 8.03 -10.09
C GLN A 116 2.33 7.06 -8.92
N CYS A 117 2.23 7.62 -7.71
CA CYS A 117 2.14 6.82 -6.51
C CYS A 117 0.91 5.92 -6.52
N ALA A 118 -0.25 6.52 -6.82
CA ALA A 118 -1.50 5.77 -6.85
C ALA A 118 -1.47 4.68 -7.93
N LYS A 119 -0.71 4.93 -8.98
CA LYS A 119 -0.56 3.95 -10.06
C LYS A 119 0.23 2.75 -9.57
N ASN A 120 1.40 3.00 -8.99
CA ASN A 120 2.26 1.94 -8.51
C ASN A 120 1.62 1.23 -7.32
N LEU A 121 1.04 2.00 -6.40
CA LEU A 121 0.38 1.43 -5.24
C LEU A 121 -0.81 0.57 -5.66
N GLY A 122 -1.56 1.04 -6.65
CA GLY A 122 -2.67 0.27 -7.18
C GLY A 122 -2.23 -1.08 -7.72
N THR A 123 -1.18 -1.08 -8.52
CA THR A 123 -0.65 -2.31 -9.07
C THR A 123 0.02 -3.16 -7.98
N ALA A 124 0.62 -2.48 -6.99
CA ALA A 124 1.23 -3.19 -5.87
C ALA A 124 0.17 -3.93 -5.07
N LEU A 125 -0.99 -3.29 -4.91
CA LEU A 125 -2.13 -3.95 -4.27
C LEU A 125 -2.62 -5.10 -5.15
N ALA A 126 -2.57 -4.90 -6.46
CA ALA A 126 -2.99 -5.90 -7.41
C ALA A 126 -2.18 -7.19 -7.28
N GLU A 127 -0.86 -7.04 -7.17
CA GLU A 127 0.03 -8.19 -7.06
C GLU A 127 0.09 -8.70 -5.62
N LEU A 128 -0.34 -7.88 -4.67
CA LEU A 128 -0.38 -8.27 -3.27
C LEU A 128 -1.65 -9.06 -2.96
N ARG A 129 -2.78 -8.54 -3.42
CA ARG A 129 -4.08 -9.16 -3.21
C ARG A 129 -4.10 -10.59 -3.72
N THR A 130 -3.69 -10.76 -4.98
CA THR A 130 -3.69 -12.07 -5.61
C THR A 130 -2.73 -13.01 -4.89
N ALA A 131 -1.61 -12.47 -4.43
CA ALA A 131 -0.59 -13.25 -3.76
C ALA A 131 -1.10 -13.77 -2.41
N ALA A 132 -1.76 -12.89 -1.65
CA ALA A 132 -2.30 -13.28 -0.36
C ALA A 132 -3.37 -14.34 -0.51
N GLN A 133 -4.11 -14.27 -1.62
CA GLN A 133 -5.11 -15.27 -1.93
C GLN A 133 -4.44 -16.63 -2.10
N LYS A 134 -3.33 -16.65 -2.84
CA LYS A 134 -2.59 -17.88 -3.08
C LYS A 134 -2.10 -18.50 -1.78
N ALA A 135 -1.53 -17.66 -0.93
CA ALA A 135 -1.01 -18.11 0.36
C ALA A 135 -2.13 -18.63 1.24
N GLN A 136 -3.35 -18.19 0.96
CA GLN A 136 -4.51 -18.59 1.75
C GLN A 136 -5.18 -19.83 1.15
N GLU A 137 -5.36 -19.84 -0.17
CA GLU A 137 -6.14 -20.88 -0.84
C GLU A 137 -5.36 -22.19 -0.94
N ALA A 138 -4.05 -22.11 -1.05
CA ALA A 138 -3.23 -23.30 -1.21
C ALA A 138 -2.84 -23.87 0.14
N GLY A 1 9.43 -13.03 -14.65
CA GLY A 1 8.01 -13.13 -15.07
C GLY A 1 7.26 -14.16 -14.28
N ILE A 2 7.38 -15.41 -14.69
CA ILE A 2 6.79 -16.52 -13.96
C ILE A 2 7.79 -17.03 -12.93
N ASP A 3 7.50 -16.78 -11.66
CA ASP A 3 8.42 -17.15 -10.59
C ASP A 3 8.24 -18.62 -10.22
N PRO A 4 9.34 -19.38 -10.15
CA PRO A 4 9.32 -20.75 -9.68
C PRO A 4 9.46 -20.83 -8.16
N PHE A 5 9.38 -19.66 -7.54
CA PHE A 5 9.56 -19.54 -6.10
C PHE A 5 8.27 -19.89 -5.37
N THR A 6 8.36 -20.00 -4.05
CA THR A 6 7.22 -20.34 -3.23
C THR A 6 6.21 -19.20 -3.15
N LEU A 7 5.00 -19.55 -2.74
CA LEU A 7 3.88 -18.61 -2.66
C LEU A 7 4.18 -17.47 -1.69
N VAL A 8 4.97 -17.75 -0.67
CA VAL A 8 5.29 -16.74 0.32
C VAL A 8 6.36 -15.78 -0.20
N GLN A 9 7.17 -16.26 -1.14
CA GLN A 9 8.26 -15.45 -1.69
C GLN A 9 7.70 -14.35 -2.57
N ARG A 10 6.81 -14.74 -3.48
CA ARG A 10 6.13 -13.76 -4.33
C ARG A 10 5.29 -12.81 -3.49
N LEU A 11 4.83 -13.31 -2.34
CA LEU A 11 4.08 -12.50 -1.39
C LEU A 11 5.00 -11.44 -0.81
N GLU A 12 6.15 -11.87 -0.31
CA GLU A 12 7.17 -10.96 0.22
C GLU A 12 7.49 -9.88 -0.80
N HIS A 13 7.74 -10.28 -2.04
CA HIS A 13 8.11 -9.37 -3.11
C HIS A 13 7.05 -8.28 -3.29
N ALA A 14 5.79 -8.66 -3.15
CA ALA A 14 4.69 -7.73 -3.32
C ALA A 14 4.48 -6.87 -2.08
N ALA A 15 4.66 -7.48 -0.91
CA ALA A 15 4.48 -6.79 0.36
C ALA A 15 5.51 -5.68 0.54
N LYS A 16 6.76 -5.97 0.19
CA LYS A 16 7.84 -4.98 0.32
C LYS A 16 7.54 -3.76 -0.55
N GLN A 17 7.16 -4.00 -1.80
CA GLN A 17 6.93 -2.91 -2.74
C GLN A 17 5.66 -2.15 -2.39
N ALA A 18 4.68 -2.85 -1.83
CA ALA A 18 3.45 -2.20 -1.39
C ALA A 18 3.74 -1.24 -0.25
N ALA A 19 4.51 -1.72 0.72
CA ALA A 19 4.92 -0.90 1.85
C ALA A 19 5.71 0.32 1.38
N ALA A 20 6.61 0.09 0.43
CA ALA A 20 7.43 1.15 -0.12
C ALA A 20 6.59 2.16 -0.90
N SER A 21 5.80 1.66 -1.84
CA SER A 21 5.00 2.51 -2.72
C SER A 21 3.99 3.32 -1.93
N ALA A 22 3.43 2.72 -0.89
CA ALA A 22 2.48 3.40 -0.03
C ALA A 22 3.14 4.60 0.64
N THR A 23 4.35 4.40 1.11
CA THR A 23 5.11 5.45 1.77
C THR A 23 5.36 6.61 0.81
N GLN A 24 5.61 6.28 -0.46
CA GLN A 24 5.83 7.30 -1.48
C GLN A 24 4.53 8.04 -1.79
N THR A 25 3.43 7.29 -1.80
CA THR A 25 2.12 7.87 -2.03
C THR A 25 1.75 8.81 -0.88
N ILE A 26 2.05 8.39 0.33
CA ILE A 26 1.84 9.21 1.52
C ILE A 26 2.59 10.53 1.40
N ALA A 27 3.87 10.45 1.03
CA ALA A 27 4.71 11.63 0.87
C ALA A 27 4.09 12.60 -0.13
N ALA A 28 3.68 12.08 -1.28
CA ALA A 28 3.07 12.90 -2.31
C ALA A 28 1.75 13.50 -1.81
N ALA A 29 0.94 12.67 -1.17
CA ALA A 29 -0.37 13.09 -0.68
C ALA A 29 -0.26 14.24 0.32
N GLN A 30 0.68 14.13 1.25
CA GLN A 30 0.85 15.14 2.29
C GLN A 30 1.39 16.46 1.73
N HIS A 31 2.17 16.36 0.66
CA HIS A 31 2.79 17.55 0.07
C HIS A 31 1.86 18.22 -0.93
N ALA A 32 1.17 17.43 -1.75
CA ALA A 32 0.27 17.98 -2.75
C ALA A 32 -1.05 18.41 -2.13
N ALA A 33 -1.58 17.56 -1.26
CA ALA A 33 -2.84 17.80 -0.55
C ALA A 33 -4.02 17.98 -1.52
N SER A 34 -4.31 19.24 -1.89
CA SER A 34 -5.48 19.52 -2.73
C SER A 34 -5.70 21.02 -2.92
N ALA A 35 -5.32 21.84 -1.95
CA ALA A 35 -5.60 23.27 -2.00
C ALA A 35 -4.87 23.96 -3.16
N PRO A 36 -5.62 24.47 -4.15
CA PRO A 36 -5.05 25.18 -5.29
C PRO A 36 -4.70 26.62 -4.97
N LYS A 37 -5.14 27.04 -3.81
CA LYS A 37 -4.92 28.39 -3.32
C LYS A 37 -4.76 28.37 -1.80
N ALA A 38 -5.90 28.32 -1.12
CA ALA A 38 -5.92 28.29 0.32
C ALA A 38 -7.10 27.48 0.82
N SER A 39 -8.31 28.02 0.64
CA SER A 39 -9.53 27.41 1.13
C SER A 39 -9.80 26.07 0.42
N ALA A 40 -9.35 25.00 1.05
CA ALA A 40 -9.53 23.64 0.55
C ALA A 40 -8.79 22.68 1.46
N GLY A 41 -7.51 22.95 1.65
CA GLY A 41 -6.67 22.14 2.52
C GLY A 41 -6.52 20.71 2.04
N PRO A 42 -5.92 19.84 2.86
CA PRO A 42 -5.85 18.42 2.58
C PRO A 42 -7.18 17.75 2.85
N GLN A 43 -7.69 17.03 1.86
CA GLN A 43 -8.98 16.37 1.96
C GLN A 43 -9.00 15.37 3.11
N PRO A 44 -10.04 15.43 3.97
CA PRO A 44 -10.18 14.56 5.14
C PRO A 44 -10.02 13.07 4.79
N LEU A 45 -10.61 12.64 3.68
CA LEU A 45 -10.53 11.24 3.27
C LEU A 45 -9.08 10.90 2.91
N LEU A 46 -8.42 11.84 2.25
CA LEU A 46 -7.01 11.67 1.87
C LEU A 46 -6.13 11.56 3.12
N VAL A 47 -6.37 12.45 4.08
CA VAL A 47 -5.61 12.46 5.32
C VAL A 47 -5.87 11.19 6.13
N GLN A 48 -7.14 10.80 6.22
CA GLN A 48 -7.52 9.62 6.98
C GLN A 48 -6.84 8.38 6.42
N SER A 49 -6.94 8.18 5.10
CA SER A 49 -6.35 7.01 4.47
C SER A 49 -4.83 7.06 4.56
N CYS A 50 -4.27 8.26 4.45
CA CYS A 50 -2.83 8.47 4.58
C CYS A 50 -2.32 7.93 5.92
N LYS A 51 -3.01 8.28 7.00
CA LYS A 51 -2.62 7.82 8.32
C LYS A 51 -2.95 6.33 8.48
N ALA A 52 -4.09 5.93 7.96
CA ALA A 52 -4.51 4.53 8.03
C ALA A 52 -3.47 3.62 7.39
N VAL A 53 -3.00 3.99 6.20
CA VAL A 53 -1.99 3.23 5.49
C VAL A 53 -0.67 3.24 6.26
N ALA A 54 -0.32 4.39 6.82
CA ALA A 54 0.93 4.55 7.55
C ALA A 54 1.01 3.59 8.74
N GLU A 55 -0.14 3.19 9.26
CA GLU A 55 -0.20 2.27 10.38
C GLU A 55 -0.11 0.81 9.91
N GLN A 56 -0.51 0.57 8.67
CA GLN A 56 -0.56 -0.79 8.13
C GLN A 56 0.79 -1.17 7.50
N ILE A 57 1.53 -0.17 7.04
CA ILE A 57 2.84 -0.39 6.41
C ILE A 57 3.78 -1.24 7.29
N PRO A 58 3.98 -0.88 8.58
CA PRO A 58 4.83 -1.66 9.49
C PRO A 58 4.37 -3.10 9.62
N LEU A 59 3.06 -3.34 9.49
CA LEU A 59 2.51 -4.68 9.60
C LEU A 59 2.95 -5.54 8.40
N LEU A 60 2.99 -4.92 7.23
CA LEU A 60 3.49 -5.59 6.03
C LEU A 60 4.91 -6.07 6.26
N VAL A 61 5.80 -5.13 6.53
CA VAL A 61 7.21 -5.42 6.71
C VAL A 61 7.43 -6.40 7.85
N GLN A 62 6.70 -6.23 8.94
CA GLN A 62 6.77 -7.16 10.06
C GLN A 62 6.41 -8.56 9.61
N GLY A 63 5.38 -8.65 8.77
CA GLY A 63 4.99 -9.92 8.20
C GLY A 63 6.06 -10.49 7.29
N VAL A 64 6.61 -9.62 6.44
CA VAL A 64 7.67 -10.02 5.52
C VAL A 64 8.86 -10.62 6.28
N ARG A 65 9.45 -9.83 7.17
CA ARG A 65 10.60 -10.28 7.93
C ARG A 65 10.26 -11.44 8.83
N GLY A 66 9.04 -11.45 9.35
CA GLY A 66 8.58 -12.54 10.19
C GLY A 66 8.48 -13.85 9.42
N SER A 67 8.01 -13.77 8.18
CA SER A 67 7.88 -14.94 7.33
C SER A 67 9.24 -15.41 6.84
N GLN A 68 10.23 -14.52 6.87
CA GLN A 68 11.60 -14.87 6.50
C GLN A 68 12.33 -15.49 7.68
N ALA A 69 11.97 -15.05 8.89
CA ALA A 69 12.60 -15.54 10.11
C ALA A 69 12.26 -17.00 10.33
N GLN A 70 10.97 -17.32 10.29
CA GLN A 70 10.52 -18.69 10.45
C GLN A 70 9.65 -19.11 9.27
N PRO A 71 10.26 -19.41 8.11
CA PRO A 71 9.53 -19.84 6.93
C PRO A 71 9.03 -21.27 7.07
N ASP A 72 9.58 -21.96 8.06
CA ASP A 72 9.18 -23.32 8.39
C ASP A 72 7.82 -23.32 9.07
N SER A 73 7.42 -22.14 9.54
CA SER A 73 6.16 -21.99 10.25
C SER A 73 5.12 -21.36 9.34
N PRO A 74 4.03 -22.08 9.05
CA PRO A 74 2.94 -21.59 8.21
C PRO A 74 2.24 -20.38 8.83
N SER A 75 2.17 -20.36 10.15
CA SER A 75 1.51 -19.26 10.85
C SER A 75 2.30 -17.96 10.70
N ALA A 76 3.59 -18.10 10.44
CA ALA A 76 4.44 -16.94 10.19
C ALA A 76 4.15 -16.35 8.82
N GLN A 77 3.94 -17.21 7.83
CA GLN A 77 3.62 -16.75 6.49
C GLN A 77 2.16 -16.30 6.42
N LEU A 78 1.33 -16.89 7.27
CA LEU A 78 -0.05 -16.45 7.41
C LEU A 78 -0.10 -15.05 8.00
N ALA A 79 0.85 -14.76 8.88
CA ALA A 79 0.98 -13.42 9.45
C ALA A 79 1.30 -12.40 8.36
N LEU A 80 2.00 -12.86 7.32
CA LEU A 80 2.27 -12.02 6.16
C LEU A 80 0.96 -11.76 5.41
N ILE A 81 0.23 -12.85 5.15
CA ILE A 81 -1.05 -12.79 4.43
C ILE A 81 -2.04 -11.87 5.16
N ALA A 82 -2.18 -12.10 6.46
CA ALA A 82 -3.08 -11.31 7.28
C ALA A 82 -2.76 -9.82 7.19
N ALA A 83 -1.48 -9.50 7.34
CA ALA A 83 -1.02 -8.12 7.26
C ALA A 83 -1.27 -7.54 5.88
N SER A 84 -1.04 -8.35 4.85
CA SER A 84 -1.24 -7.92 3.47
C SER A 84 -2.70 -7.51 3.24
N GLN A 85 -3.63 -8.38 3.64
CA GLN A 85 -5.05 -8.10 3.47
C GLN A 85 -5.49 -6.96 4.38
N SER A 86 -4.83 -6.84 5.53
CA SER A 86 -5.11 -5.77 6.48
C SER A 86 -4.65 -4.43 5.88
N PHE A 87 -3.67 -4.49 5.00
CA PHE A 87 -3.13 -3.30 4.35
C PHE A 87 -3.94 -2.96 3.10
N LEU A 88 -4.43 -3.99 2.42
CA LEU A 88 -5.21 -3.82 1.19
C LEU A 88 -6.40 -2.89 1.41
N GLN A 89 -7.08 -3.07 2.54
CA GLN A 89 -8.27 -2.29 2.86
C GLN A 89 -7.98 -0.77 2.90
N PRO A 90 -7.10 -0.28 3.80
CA PRO A 90 -6.79 1.15 3.87
C PRO A 90 -5.96 1.60 2.66
N GLY A 91 -5.08 0.73 2.19
CA GLY A 91 -4.23 1.05 1.07
C GLY A 91 -5.03 1.36 -0.18
N GLY A 92 -6.03 0.53 -0.47
CA GLY A 92 -6.86 0.74 -1.63
C GLY A 92 -7.66 2.02 -1.53
N LYS A 93 -7.97 2.42 -0.31
CA LYS A 93 -8.72 3.65 -0.07
C LYS A 93 -7.85 4.87 -0.32
N MET A 94 -6.55 4.76 -0.03
CA MET A 94 -5.64 5.88 -0.22
C MET A 94 -5.37 6.09 -1.71
N VAL A 95 -5.42 5.00 -2.47
CA VAL A 95 -5.31 5.09 -3.91
C VAL A 95 -6.47 5.89 -4.47
N ALA A 96 -7.68 5.57 -4.00
CA ALA A 96 -8.88 6.28 -4.40
C ALA A 96 -8.82 7.73 -3.95
N ALA A 97 -8.41 7.94 -2.71
CA ALA A 97 -8.28 9.28 -2.16
C ALA A 97 -7.27 10.11 -2.94
N ALA A 98 -6.13 9.51 -3.25
CA ALA A 98 -5.09 10.19 -4.02
C ALA A 98 -5.62 10.61 -5.38
N LYS A 99 -6.29 9.68 -6.07
CA LYS A 99 -6.89 9.97 -7.36
C LYS A 99 -7.95 11.06 -7.25
N ALA A 100 -8.64 11.08 -6.13
CA ALA A 100 -9.71 12.05 -5.90
C ALA A 100 -9.15 13.41 -5.50
N SER A 101 -7.85 13.46 -5.26
CA SER A 101 -7.17 14.71 -4.90
C SER A 101 -6.52 15.32 -6.14
N VAL A 102 -6.19 14.47 -7.10
CA VAL A 102 -5.56 14.89 -8.36
C VAL A 102 -6.31 16.05 -9.04
N PRO A 103 -7.64 15.92 -9.32
CA PRO A 103 -8.38 16.93 -10.07
C PRO A 103 -8.73 18.17 -9.25
N THR A 104 -8.51 18.13 -7.94
CA THR A 104 -8.86 19.25 -7.07
C THR A 104 -7.65 20.11 -6.75
N ILE A 105 -6.45 19.56 -6.94
CA ILE A 105 -5.22 20.28 -6.68
C ILE A 105 -5.03 21.45 -7.63
N GLN A 106 -5.53 21.28 -8.85
CA GLN A 106 -5.45 22.30 -9.89
C GLN A 106 -3.99 22.63 -10.22
N ASP A 107 -3.13 21.64 -10.04
CA ASP A 107 -1.70 21.78 -10.34
C ASP A 107 -1.21 20.51 -11.02
N GLN A 108 -0.93 20.62 -12.31
CA GLN A 108 -0.55 19.46 -13.12
C GLN A 108 0.60 18.68 -12.50
N ALA A 109 1.63 19.40 -12.04
CA ALA A 109 2.80 18.76 -11.46
C ALA A 109 2.44 17.88 -10.27
N SER A 110 1.77 18.46 -9.29
CA SER A 110 1.37 17.72 -8.10
C SER A 110 0.35 16.64 -8.44
N ALA A 111 -0.52 16.93 -9.39
CA ALA A 111 -1.55 16.00 -9.82
C ALA A 111 -0.93 14.75 -10.43
N MET A 112 0.02 14.94 -11.34
CA MET A 112 0.68 13.82 -12.00
C MET A 112 1.52 13.02 -11.00
N GLN A 113 2.03 13.70 -9.98
CA GLN A 113 2.79 13.02 -8.94
C GLN A 113 1.90 12.03 -8.20
N LEU A 114 0.72 12.49 -7.80
CA LEU A 114 -0.25 11.64 -7.13
C LEU A 114 -0.72 10.52 -8.06
N SER A 115 -0.92 10.85 -9.32
CA SER A 115 -1.32 9.87 -10.31
C SER A 115 -0.28 8.76 -10.41
N GLN A 116 1.00 9.16 -10.39
CA GLN A 116 2.10 8.21 -10.49
C GLN A 116 2.15 7.28 -9.27
N CYS A 117 2.09 7.85 -8.08
CA CYS A 117 2.19 7.06 -6.86
C CYS A 117 0.99 6.13 -6.72
N ALA A 118 -0.20 6.64 -7.08
CA ALA A 118 -1.41 5.83 -7.04
C ALA A 118 -1.35 4.70 -8.06
N LYS A 119 -0.66 4.95 -9.17
CA LYS A 119 -0.47 3.95 -10.20
C LYS A 119 0.38 2.80 -9.66
N ASN A 120 1.52 3.16 -9.07
CA ASN A 120 2.44 2.18 -8.51
C ASN A 120 1.78 1.39 -7.39
N LEU A 121 1.17 2.10 -6.45
CA LEU A 121 0.51 1.48 -5.30
C LEU A 121 -0.63 0.58 -5.76
N GLY A 122 -1.35 1.02 -6.78
CA GLY A 122 -2.45 0.22 -7.32
C GLY A 122 -2.00 -1.15 -7.80
N THR A 123 -0.92 -1.18 -8.56
CA THR A 123 -0.39 -2.44 -9.08
C THR A 123 0.30 -3.22 -7.96
N ALA A 124 0.91 -2.50 -7.04
CA ALA A 124 1.56 -3.14 -5.89
C ALA A 124 0.54 -3.91 -5.07
N LEU A 125 -0.62 -3.30 -4.84
CA LEU A 125 -1.72 -3.94 -4.13
C LEU A 125 -2.31 -5.07 -4.97
N ALA A 126 -2.30 -4.86 -6.29
CA ALA A 126 -2.88 -5.82 -7.22
C ALA A 126 -2.26 -7.21 -7.07
N GLU A 127 -0.94 -7.30 -7.22
CA GLU A 127 -0.29 -8.61 -7.12
C GLU A 127 -0.12 -9.04 -5.67
N LEU A 128 -0.18 -8.08 -4.75
CA LEU A 128 -0.15 -8.39 -3.32
C LEU A 128 -1.41 -9.15 -2.94
N ARG A 129 -2.55 -8.62 -3.39
CA ARG A 129 -3.84 -9.24 -3.15
C ARG A 129 -3.94 -10.59 -3.87
N THR A 130 -3.14 -10.75 -4.91
CA THR A 130 -3.10 -11.98 -5.67
C THR A 130 -2.18 -13.01 -5.00
N ALA A 131 -0.97 -12.59 -4.68
CA ALA A 131 0.04 -13.48 -4.09
C ALA A 131 -0.42 -14.00 -2.72
N ALA A 132 -0.90 -13.09 -1.89
CA ALA A 132 -1.39 -13.45 -0.56
C ALA A 132 -2.59 -14.38 -0.66
N GLN A 133 -3.40 -14.16 -1.69
CA GLN A 133 -4.57 -15.00 -1.94
C GLN A 133 -4.15 -16.40 -2.30
N LYS A 134 -3.22 -16.51 -3.26
CA LYS A 134 -2.75 -17.81 -3.73
C LYS A 134 -2.06 -18.58 -2.60
N ALA A 135 -1.38 -17.86 -1.72
CA ALA A 135 -0.73 -18.49 -0.57
C ALA A 135 -1.74 -18.93 0.46
N GLN A 136 -2.82 -18.18 0.57
CA GLN A 136 -3.86 -18.46 1.54
C GLN A 136 -4.73 -19.65 1.12
N GLU A 137 -5.03 -19.75 -0.17
CA GLU A 137 -5.87 -20.83 -0.68
C GLU A 137 -5.05 -22.11 -0.89
N ALA A 138 -3.80 -22.09 -0.49
CA ALA A 138 -2.96 -23.28 -0.55
C ALA A 138 -3.03 -24.04 0.77
N GLY A 1 19.48 -23.50 -13.07
CA GLY A 1 18.60 -24.69 -12.97
C GLY A 1 17.19 -24.32 -12.60
N ILE A 2 16.41 -25.30 -12.14
CA ILE A 2 15.04 -25.05 -11.75
C ILE A 2 14.98 -24.50 -10.32
N ASP A 3 15.27 -23.22 -10.19
CA ASP A 3 15.19 -22.54 -8.90
C ASP A 3 14.29 -21.32 -9.02
N PRO A 4 12.97 -21.52 -8.85
CA PRO A 4 11.99 -20.45 -8.95
C PRO A 4 11.76 -19.76 -7.60
N PHE A 5 10.64 -19.07 -7.49
CA PHE A 5 10.29 -18.41 -6.25
C PHE A 5 9.00 -18.99 -5.69
N THR A 6 8.84 -18.88 -4.38
CA THR A 6 7.69 -19.45 -3.70
C THR A 6 6.50 -18.50 -3.70
N LEU A 7 5.37 -18.95 -3.18
CA LEU A 7 4.18 -18.12 -3.04
C LEU A 7 4.45 -17.01 -2.04
N VAL A 8 5.14 -17.34 -0.95
CA VAL A 8 5.48 -16.35 0.06
C VAL A 8 6.51 -15.36 -0.48
N GLN A 9 7.31 -15.80 -1.44
CA GLN A 9 8.27 -14.91 -2.10
C GLN A 9 7.53 -13.80 -2.84
N ARG A 10 6.38 -14.13 -3.42
CA ARG A 10 5.55 -13.13 -4.05
C ARG A 10 4.99 -12.17 -3.01
N LEU A 11 4.57 -12.73 -1.88
CA LEU A 11 4.07 -11.93 -0.78
C LEU A 11 5.15 -10.98 -0.29
N GLU A 12 6.34 -11.49 -0.04
CA GLU A 12 7.48 -10.67 0.34
C GLU A 12 7.71 -9.58 -0.70
N HIS A 13 7.82 -10.02 -1.96
CA HIS A 13 8.08 -9.12 -3.09
C HIS A 13 7.06 -7.99 -3.15
N ALA A 14 5.79 -8.37 -3.11
CA ALA A 14 4.71 -7.40 -3.23
C ALA A 14 4.60 -6.52 -1.99
N ALA A 15 4.72 -7.11 -0.82
CA ALA A 15 4.57 -6.38 0.44
C ALA A 15 5.65 -5.31 0.60
N LYS A 16 6.88 -5.65 0.23
CA LYS A 16 8.00 -4.72 0.37
C LYS A 16 7.80 -3.50 -0.54
N GLN A 17 7.35 -3.74 -1.76
CA GLN A 17 7.14 -2.65 -2.71
C GLN A 17 5.84 -1.92 -2.42
N ALA A 18 4.88 -2.63 -1.84
CA ALA A 18 3.63 -2.02 -1.42
C ALA A 18 3.87 -1.07 -0.25
N ALA A 19 4.62 -1.56 0.73
CA ALA A 19 4.99 -0.75 1.89
C ALA A 19 5.76 0.49 1.45
N ALA A 20 6.63 0.31 0.46
CA ALA A 20 7.39 1.42 -0.10
C ALA A 20 6.49 2.42 -0.80
N SER A 21 5.74 1.93 -1.78
CA SER A 21 4.84 2.77 -2.58
C SER A 21 3.80 3.45 -1.69
N ALA A 22 3.33 2.76 -0.66
CA ALA A 22 2.37 3.31 0.27
C ALA A 22 2.95 4.53 0.97
N THR A 23 4.13 4.37 1.56
CA THR A 23 4.80 5.46 2.26
C THR A 23 5.06 6.62 1.30
N GLN A 24 5.44 6.29 0.07
CA GLN A 24 5.68 7.30 -0.95
C GLN A 24 4.40 8.04 -1.31
N THR A 25 3.29 7.30 -1.42
CA THR A 25 2.01 7.91 -1.73
C THR A 25 1.54 8.80 -0.59
N ILE A 26 1.83 8.40 0.64
CA ILE A 26 1.52 9.22 1.81
C ILE A 26 2.26 10.55 1.74
N ALA A 27 3.57 10.46 1.47
CA ALA A 27 4.40 11.64 1.35
C ALA A 27 3.91 12.54 0.20
N ALA A 28 3.53 11.90 -0.90
CA ALA A 28 3.01 12.61 -2.06
C ALA A 28 1.68 13.26 -1.74
N ALA A 29 0.79 12.51 -1.09
CA ALA A 29 -0.55 12.99 -0.77
C ALA A 29 -0.50 14.24 0.11
N GLN A 30 0.50 14.29 0.99
CA GLN A 30 0.61 15.39 1.92
C GLN A 30 1.60 16.46 1.43
N HIS A 31 2.04 16.32 0.18
CA HIS A 31 2.96 17.30 -0.40
C HIS A 31 2.44 17.86 -1.72
N ALA A 32 1.77 17.01 -2.49
CA ALA A 32 1.21 17.41 -3.77
C ALA A 32 0.06 18.39 -3.56
N ALA A 33 -0.81 18.08 -2.61
CA ALA A 33 -1.93 18.95 -2.29
C ALA A 33 -1.43 20.21 -1.58
N SER A 34 -1.10 21.22 -2.37
CA SER A 34 -0.57 22.47 -1.84
C SER A 34 -1.70 23.37 -1.35
N ALA A 35 -1.71 23.63 -0.06
CA ALA A 35 -2.76 24.46 0.54
C ALA A 35 -2.37 25.93 0.51
N PRO A 36 -3.14 26.77 -0.21
CA PRO A 36 -2.92 28.21 -0.26
C PRO A 36 -3.59 28.93 0.90
N LYS A 37 -4.07 28.13 1.86
CA LYS A 37 -4.75 28.62 3.05
C LYS A 37 -5.02 27.44 3.97
N ALA A 38 -5.92 27.61 4.94
CA ALA A 38 -6.28 26.52 5.84
C ALA A 38 -6.61 25.25 5.06
N SER A 39 -7.49 25.40 4.07
CA SER A 39 -7.81 24.35 3.10
C SER A 39 -8.65 23.23 3.72
N ALA A 40 -8.19 22.67 4.82
CA ALA A 40 -8.85 21.53 5.44
C ALA A 40 -10.09 21.96 6.21
N GLY A 41 -11.19 22.14 5.50
CA GLY A 41 -12.47 22.36 6.14
C GLY A 41 -13.04 21.04 6.63
N PRO A 42 -13.61 20.25 5.73
CA PRO A 42 -13.98 18.86 6.03
C PRO A 42 -12.73 17.97 6.03
N GLN A 43 -12.77 16.87 6.76
CA GLN A 43 -11.63 15.96 6.83
C GLN A 43 -11.23 15.47 5.43
N PRO A 44 -9.97 15.75 5.04
CA PRO A 44 -9.42 15.27 3.76
C PRO A 44 -9.26 13.75 3.76
N LEU A 45 -9.86 13.10 2.78
CA LEU A 45 -9.83 11.64 2.67
C LEU A 45 -8.38 11.16 2.54
N LEU A 46 -7.54 12.00 1.94
CA LEU A 46 -6.11 11.69 1.79
C LEU A 46 -5.47 11.33 3.13
N VAL A 47 -5.34 12.31 4.01
CA VAL A 47 -4.66 12.14 5.27
C VAL A 47 -5.29 11.05 6.13
N GLN A 48 -6.61 10.95 6.09
CA GLN A 48 -7.33 9.94 6.85
C GLN A 48 -6.90 8.54 6.42
N SER A 49 -6.75 8.36 5.11
CA SER A 49 -6.30 7.08 4.57
C SER A 49 -4.81 6.90 4.81
N CYS A 50 -4.04 7.97 4.63
CA CYS A 50 -2.60 7.95 4.83
C CYS A 50 -2.24 7.43 6.21
N LYS A 51 -2.92 7.93 7.23
CA LYS A 51 -2.67 7.51 8.60
C LYS A 51 -2.97 6.03 8.77
N ALA A 52 -4.09 5.58 8.22
CA ALA A 52 -4.49 4.18 8.31
C ALA A 52 -3.47 3.28 7.63
N VAL A 53 -3.00 3.69 6.48
CA VAL A 53 -1.97 2.96 5.76
C VAL A 53 -0.69 2.91 6.56
N ALA A 54 -0.28 4.06 7.08
CA ALA A 54 0.96 4.19 7.84
C ALA A 54 0.97 3.29 9.08
N GLU A 55 -0.22 3.00 9.60
CA GLU A 55 -0.36 2.11 10.75
C GLU A 55 -0.11 0.67 10.37
N GLN A 56 -0.50 0.30 9.15
CA GLN A 56 -0.45 -1.09 8.71
C GLN A 56 0.88 -1.42 8.04
N ILE A 57 1.59 -0.40 7.56
CA ILE A 57 2.88 -0.59 6.90
C ILE A 57 3.88 -1.37 7.77
N PRO A 58 4.15 -0.90 9.01
CA PRO A 58 5.10 -1.57 9.92
C PRO A 58 4.70 -3.01 10.21
N LEU A 59 3.40 -3.29 10.20
CA LEU A 59 2.90 -4.63 10.46
C LEU A 59 3.08 -5.51 9.23
N LEU A 60 2.88 -4.90 8.07
CA LEU A 60 3.09 -5.59 6.81
C LEU A 60 4.55 -5.99 6.68
N VAL A 61 5.44 -5.03 6.90
CA VAL A 61 6.87 -5.28 6.84
C VAL A 61 7.31 -6.24 7.95
N GLN A 62 6.64 -6.17 9.09
CA GLN A 62 6.92 -7.10 10.19
C GLN A 62 6.62 -8.51 9.76
N GLY A 63 5.47 -8.69 9.10
CA GLY A 63 5.13 -9.98 8.52
C GLY A 63 6.17 -10.45 7.53
N VAL A 64 6.67 -9.51 6.72
CA VAL A 64 7.73 -9.80 5.77
C VAL A 64 8.99 -10.26 6.50
N ARG A 65 9.36 -9.55 7.56
CA ARG A 65 10.55 -9.88 8.34
C ARG A 65 10.49 -11.32 8.86
N GLY A 66 9.38 -11.67 9.47
CA GLY A 66 9.22 -13.02 9.99
C GLY A 66 9.28 -14.06 8.89
N SER A 67 8.79 -13.68 7.71
CA SER A 67 8.78 -14.58 6.57
C SER A 67 10.16 -14.67 5.92
N GLN A 68 10.91 -13.58 5.95
CA GLN A 68 12.29 -13.57 5.47
C GLN A 68 13.13 -14.51 6.31
N ALA A 69 12.78 -14.61 7.58
CA ALA A 69 13.47 -15.51 8.49
C ALA A 69 12.92 -16.93 8.35
N GLN A 70 11.60 -17.08 8.45
CA GLN A 70 10.97 -18.39 8.37
C GLN A 70 9.89 -18.41 7.28
N PRO A 71 10.26 -18.77 6.05
CA PRO A 71 9.32 -18.85 4.93
C PRO A 71 8.40 -20.07 5.02
N ASP A 72 8.88 -21.10 5.70
CA ASP A 72 8.13 -22.34 5.85
C ASP A 72 7.19 -22.27 7.06
N SER A 73 7.31 -21.17 7.81
CA SER A 73 6.50 -20.98 9.01
C SER A 73 5.06 -20.62 8.65
N PRO A 74 4.10 -21.42 9.12
CA PRO A 74 2.67 -21.15 8.95
C PRO A 74 2.29 -19.82 9.60
N SER A 75 2.93 -19.49 10.71
CA SER A 75 2.66 -18.23 11.40
C SER A 75 3.12 -17.06 10.55
N ALA A 76 4.29 -17.19 9.93
CA ALA A 76 4.83 -16.14 9.08
C ALA A 76 4.00 -16.00 7.80
N GLN A 77 3.66 -17.14 7.20
CA GLN A 77 2.79 -17.17 6.04
C GLN A 77 1.47 -16.48 6.35
N LEU A 78 0.86 -16.91 7.43
CA LEU A 78 -0.40 -16.36 7.89
C LEU A 78 -0.27 -14.87 8.18
N ALA A 79 0.84 -14.49 8.79
CA ALA A 79 1.12 -13.09 9.06
C ALA A 79 1.12 -12.28 7.78
N LEU A 80 1.84 -12.76 6.77
CA LEU A 80 1.86 -12.12 5.46
C LEU A 80 0.46 -11.98 4.90
N ILE A 81 -0.22 -13.11 4.75
CA ILE A 81 -1.54 -13.16 4.13
C ILE A 81 -2.53 -12.25 4.85
N ALA A 82 -2.56 -12.34 6.17
CA ALA A 82 -3.48 -11.52 6.97
C ALA A 82 -3.12 -10.05 6.89
N ALA A 83 -1.85 -9.73 7.09
CA ALA A 83 -1.38 -8.35 7.07
C ALA A 83 -1.62 -7.72 5.70
N SER A 84 -1.50 -8.53 4.66
CA SER A 84 -1.74 -8.06 3.30
C SER A 84 -3.18 -7.60 3.14
N GLN A 85 -4.11 -8.43 3.59
CA GLN A 85 -5.53 -8.11 3.46
C GLN A 85 -5.91 -6.90 4.31
N SER A 86 -5.30 -6.80 5.48
CA SER A 86 -5.52 -5.67 6.37
C SER A 86 -4.79 -4.43 5.86
N PHE A 87 -3.99 -4.60 4.81
CA PHE A 87 -3.27 -3.48 4.20
C PHE A 87 -3.98 -3.05 2.91
N LEU A 88 -4.56 -4.03 2.22
CA LEU A 88 -5.28 -3.79 0.98
C LEU A 88 -6.42 -2.80 1.18
N GLN A 89 -7.15 -2.96 2.27
CA GLN A 89 -8.30 -2.10 2.55
C GLN A 89 -7.87 -0.63 2.72
N PRO A 90 -6.99 -0.30 3.69
CA PRO A 90 -6.50 1.08 3.87
C PRO A 90 -5.76 1.59 2.63
N GLY A 91 -4.98 0.71 2.02
CA GLY A 91 -4.24 1.08 0.82
C GLY A 91 -5.16 1.50 -0.30
N GLY A 92 -6.18 0.68 -0.57
CA GLY A 92 -7.14 1.00 -1.61
C GLY A 92 -7.87 2.29 -1.35
N LYS A 93 -8.11 2.57 -0.07
CA LYS A 93 -8.74 3.82 0.33
C LYS A 93 -7.89 5.02 -0.10
N MET A 94 -6.59 4.92 0.12
CA MET A 94 -5.70 6.02 -0.21
C MET A 94 -5.50 6.11 -1.72
N VAL A 95 -5.54 4.97 -2.39
CA VAL A 95 -5.47 4.95 -3.85
C VAL A 95 -6.65 5.72 -4.43
N ALA A 96 -7.85 5.40 -3.94
CA ALA A 96 -9.06 6.09 -4.37
C ALA A 96 -9.00 7.58 -4.03
N ALA A 97 -8.61 7.87 -2.80
CA ALA A 97 -8.49 9.25 -2.34
C ALA A 97 -7.49 10.03 -3.19
N ALA A 98 -6.34 9.41 -3.48
CA ALA A 98 -5.32 10.05 -4.29
C ALA A 98 -5.85 10.39 -5.67
N LYS A 99 -6.46 9.40 -6.32
CA LYS A 99 -7.01 9.57 -7.67
C LYS A 99 -8.09 10.64 -7.69
N ALA A 100 -8.83 10.75 -6.60
CA ALA A 100 -9.90 11.72 -6.50
C ALA A 100 -9.37 13.12 -6.21
N SER A 101 -8.17 13.18 -5.63
CA SER A 101 -7.55 14.45 -5.30
C SER A 101 -6.76 14.99 -6.50
N VAL A 102 -6.28 14.09 -7.35
CA VAL A 102 -5.49 14.46 -8.53
C VAL A 102 -6.13 15.61 -9.33
N PRO A 103 -7.42 15.51 -9.72
CA PRO A 103 -8.08 16.56 -10.51
C PRO A 103 -8.36 17.83 -9.70
N THR A 104 -8.28 17.74 -8.39
CA THR A 104 -8.60 18.88 -7.53
C THR A 104 -7.35 19.64 -7.11
N ILE A 105 -6.19 19.21 -7.62
CA ILE A 105 -4.94 19.90 -7.33
C ILE A 105 -4.71 21.01 -8.35
N GLN A 106 -4.36 22.20 -7.85
CA GLN A 106 -4.19 23.37 -8.69
C GLN A 106 -3.02 23.20 -9.67
N ASP A 107 -2.01 22.46 -9.25
CA ASP A 107 -0.84 22.23 -10.08
C ASP A 107 -0.88 20.86 -10.72
N GLN A 108 -0.78 20.83 -12.05
CA GLN A 108 -0.90 19.58 -12.80
C GLN A 108 0.27 18.63 -12.51
N ALA A 109 1.46 19.19 -12.36
CA ALA A 109 2.66 18.38 -12.09
C ALA A 109 2.52 17.61 -10.78
N SER A 110 2.11 18.29 -9.73
CA SER A 110 1.90 17.65 -8.44
C SER A 110 0.69 16.73 -8.47
N ALA A 111 -0.26 17.02 -9.37
CA ALA A 111 -1.40 16.15 -9.58
C ALA A 111 -0.95 14.82 -10.18
N MET A 112 -0.03 14.89 -11.13
CA MET A 112 0.52 13.69 -11.74
C MET A 112 1.41 12.92 -10.77
N GLN A 113 1.87 13.63 -9.74
CA GLN A 113 2.64 13.03 -8.66
C GLN A 113 1.81 11.98 -7.94
N LEU A 114 0.59 12.37 -7.55
CA LEU A 114 -0.34 11.44 -6.93
C LEU A 114 -0.74 10.34 -7.89
N SER A 115 -0.95 10.70 -9.14
CA SER A 115 -1.32 9.76 -10.17
C SER A 115 -0.27 8.66 -10.31
N GLN A 116 0.99 9.05 -10.30
CA GLN A 116 2.10 8.11 -10.40
C GLN A 116 2.15 7.18 -9.18
N CYS A 117 2.03 7.77 -8.00
CA CYS A 117 2.10 7.00 -6.76
C CYS A 117 0.94 6.02 -6.65
N ALA A 118 -0.26 6.49 -6.96
CA ALA A 118 -1.46 5.65 -6.91
C ALA A 118 -1.36 4.50 -7.92
N LYS A 119 -0.64 4.74 -9.01
CA LYS A 119 -0.42 3.71 -10.01
C LYS A 119 0.47 2.60 -9.46
N ASN A 120 1.57 3.01 -8.84
CA ASN A 120 2.52 2.06 -8.27
C ASN A 120 1.92 1.33 -7.08
N LEU A 121 1.24 2.07 -6.21
CA LEU A 121 0.58 1.49 -5.06
C LEU A 121 -0.53 0.54 -5.49
N GLY A 122 -1.30 0.95 -6.49
CA GLY A 122 -2.37 0.12 -7.01
C GLY A 122 -1.86 -1.19 -7.57
N THR A 123 -0.74 -1.13 -8.29
CA THR A 123 -0.14 -2.32 -8.86
C THR A 123 0.56 -3.15 -7.77
N ALA A 124 1.07 -2.47 -6.76
CA ALA A 124 1.65 -3.13 -5.61
C ALA A 124 0.60 -3.94 -4.87
N LEU A 125 -0.55 -3.33 -4.64
CA LEU A 125 -1.68 -4.01 -4.02
C LEU A 125 -2.21 -5.11 -4.94
N ALA A 126 -2.14 -4.86 -6.25
CA ALA A 126 -2.54 -5.85 -7.24
C ALA A 126 -1.77 -7.15 -7.06
N GLU A 127 -0.46 -7.04 -6.92
CA GLU A 127 0.38 -8.21 -6.66
C GLU A 127 0.02 -8.82 -5.32
N LEU A 128 0.05 -8.00 -4.29
CA LEU A 128 -0.14 -8.44 -2.91
C LEU A 128 -1.46 -9.19 -2.75
N ARG A 129 -2.53 -8.62 -3.27
CA ARG A 129 -3.85 -9.19 -3.16
C ARG A 129 -3.93 -10.54 -3.87
N THR A 130 -3.35 -10.60 -5.07
CA THR A 130 -3.38 -11.81 -5.87
C THR A 130 -2.51 -12.90 -5.25
N ALA A 131 -1.35 -12.50 -4.75
CA ALA A 131 -0.42 -13.42 -4.13
C ALA A 131 -1.00 -14.01 -2.86
N ALA A 132 -1.60 -13.16 -2.03
CA ALA A 132 -2.20 -13.61 -0.78
C ALA A 132 -3.39 -14.51 -1.03
N GLN A 133 -4.10 -14.27 -2.12
CA GLN A 133 -5.25 -15.09 -2.49
C GLN A 133 -4.81 -16.52 -2.75
N LYS A 134 -3.73 -16.68 -3.51
CA LYS A 134 -3.21 -17.99 -3.84
C LYS A 134 -2.66 -18.69 -2.61
N ALA A 135 -1.89 -17.95 -1.81
CA ALA A 135 -1.21 -18.51 -0.64
C ALA A 135 -2.19 -18.86 0.47
N GLN A 136 -3.31 -18.13 0.55
CA GLN A 136 -4.31 -18.35 1.59
C GLN A 136 -4.89 -19.75 1.50
N GLU A 137 -5.12 -20.21 0.27
CA GLU A 137 -5.76 -21.50 0.04
C GLU A 137 -4.76 -22.53 -0.45
N ALA A 138 -3.48 -22.25 -0.25
CA ALA A 138 -2.41 -23.15 -0.69
C ALA A 138 -2.10 -24.18 0.40
N GLY A 1 10.42 -21.22 -18.60
CA GLY A 1 11.57 -20.65 -17.85
C GLY A 1 11.13 -19.79 -16.68
N ILE A 2 9.95 -20.06 -16.14
CA ILE A 2 9.43 -19.29 -15.03
C ILE A 2 9.99 -19.81 -13.70
N ASP A 3 10.38 -18.91 -12.82
CA ASP A 3 10.88 -19.31 -11.51
C ASP A 3 9.71 -19.61 -10.58
N PRO A 4 9.70 -20.80 -9.97
CA PRO A 4 8.63 -21.22 -9.07
C PRO A 4 8.69 -20.50 -7.72
N PHE A 5 8.12 -19.29 -7.67
CA PHE A 5 8.05 -18.53 -6.43
C PHE A 5 6.98 -19.12 -5.54
N THR A 6 7.28 -19.20 -4.25
CA THR A 6 6.30 -19.67 -3.28
C THR A 6 5.26 -18.58 -3.03
N LEU A 7 4.12 -18.95 -2.47
CA LEU A 7 3.07 -17.98 -2.18
C LEU A 7 3.57 -16.94 -1.19
N VAL A 8 4.35 -17.37 -0.22
CA VAL A 8 4.90 -16.46 0.77
C VAL A 8 6.04 -15.61 0.17
N GLN A 9 6.80 -16.18 -0.76
CA GLN A 9 7.86 -15.43 -1.44
C GLN A 9 7.25 -14.29 -2.24
N ARG A 10 6.09 -14.55 -2.82
CA ARG A 10 5.33 -13.52 -3.51
C ARG A 10 4.98 -12.41 -2.54
N LEU A 11 4.45 -12.80 -1.39
CA LEU A 11 4.11 -11.86 -0.33
C LEU A 11 5.34 -11.07 0.10
N GLU A 12 6.45 -11.77 0.32
CA GLU A 12 7.71 -11.15 0.68
C GLU A 12 8.06 -10.02 -0.29
N HIS A 13 8.17 -10.38 -1.57
CA HIS A 13 8.60 -9.43 -2.59
C HIS A 13 7.57 -8.33 -2.80
N ALA A 14 6.30 -8.69 -2.80
CA ALA A 14 5.22 -7.73 -3.05
C ALA A 14 5.10 -6.74 -1.91
N ALA A 15 5.13 -7.24 -0.67
CA ALA A 15 4.99 -6.39 0.51
C ALA A 15 6.11 -5.35 0.59
N LYS A 16 7.30 -5.73 0.13
CA LYS A 16 8.43 -4.82 0.13
C LYS A 16 8.15 -3.58 -0.72
N GLN A 17 7.70 -3.80 -1.95
CA GLN A 17 7.45 -2.70 -2.86
C GLN A 17 6.11 -2.03 -2.55
N ALA A 18 5.16 -2.80 -2.02
CA ALA A 18 3.88 -2.23 -1.62
C ALA A 18 4.06 -1.25 -0.47
N ALA A 19 4.87 -1.67 0.51
CA ALA A 19 5.18 -0.81 1.65
C ALA A 19 5.93 0.43 1.20
N ALA A 20 6.80 0.26 0.22
CA ALA A 20 7.57 1.37 -0.32
C ALA A 20 6.69 2.32 -1.11
N SER A 21 5.91 1.77 -2.04
CA SER A 21 5.02 2.56 -2.88
C SER A 21 3.98 3.29 -2.03
N ALA A 22 3.54 2.64 -0.97
CA ALA A 22 2.60 3.27 -0.03
C ALA A 22 3.22 4.51 0.56
N THR A 23 4.48 4.40 0.99
CA THR A 23 5.21 5.53 1.55
C THR A 23 5.29 6.67 0.53
N GLN A 24 5.52 6.32 -0.73
CA GLN A 24 5.58 7.30 -1.81
C GLN A 24 4.23 7.97 -2.01
N THR A 25 3.17 7.16 -2.01
CA THR A 25 1.83 7.68 -2.23
C THR A 25 1.40 8.57 -1.06
N ILE A 26 1.71 8.15 0.16
CA ILE A 26 1.41 8.96 1.33
C ILE A 26 2.18 10.28 1.28
N ALA A 27 3.45 10.20 0.90
CA ALA A 27 4.29 11.39 0.77
C ALA A 27 3.69 12.36 -0.22
N ALA A 28 3.20 11.84 -1.34
CA ALA A 28 2.54 12.66 -2.35
C ALA A 28 1.22 13.21 -1.81
N ALA A 29 0.46 12.36 -1.13
CA ALA A 29 -0.87 12.74 -0.63
C ALA A 29 -0.78 13.83 0.43
N GLN A 30 0.19 13.73 1.33
CA GLN A 30 0.35 14.74 2.38
C GLN A 30 0.72 16.10 1.79
N HIS A 31 1.38 16.07 0.63
CA HIS A 31 1.76 17.30 -0.05
C HIS A 31 0.73 17.64 -1.13
N ALA A 32 -0.31 16.83 -1.22
CA ALA A 32 -1.36 17.01 -2.22
C ALA A 32 -2.51 17.82 -1.65
N ALA A 33 -2.30 18.36 -0.46
CA ALA A 33 -3.29 19.21 0.18
C ALA A 33 -3.15 20.64 -0.31
N SER A 34 -2.36 20.81 -1.36
CA SER A 34 -2.13 22.10 -1.96
C SER A 34 -3.43 22.62 -2.58
N ALA A 35 -3.65 23.93 -2.40
CA ALA A 35 -4.85 24.61 -2.89
C ALA A 35 -6.09 24.16 -2.13
N PRO A 36 -6.64 25.05 -1.28
CA PRO A 36 -7.88 24.78 -0.54
C PRO A 36 -8.98 24.25 -1.45
N LYS A 37 -9.36 23.01 -1.22
CA LYS A 37 -10.26 22.32 -2.12
C LYS A 37 -11.63 22.14 -1.47
N ALA A 38 -12.63 21.86 -2.30
CA ALA A 38 -14.01 21.72 -1.82
C ALA A 38 -14.23 20.36 -1.17
N SER A 39 -13.78 20.24 0.06
CA SER A 39 -13.94 19.01 0.83
C SER A 39 -13.75 19.32 2.31
N ALA A 40 -14.85 19.59 2.99
CA ALA A 40 -14.82 19.94 4.41
C ALA A 40 -14.50 18.72 5.25
N GLY A 41 -13.65 18.92 6.25
CA GLY A 41 -13.25 17.85 7.13
C GLY A 41 -11.75 17.73 7.24
N PRO A 42 -11.23 17.45 8.45
CA PRO A 42 -9.78 17.31 8.68
C PRO A 42 -9.21 16.13 7.91
N GLN A 43 -10.07 15.19 7.62
CA GLN A 43 -9.70 14.03 6.83
C GLN A 43 -10.63 13.93 5.63
N PRO A 44 -10.36 14.69 4.57
CA PRO A 44 -11.19 14.69 3.35
C PRO A 44 -11.28 13.30 2.74
N LEU A 45 -10.13 12.72 2.46
CA LEU A 45 -10.05 11.37 1.95
C LEU A 45 -8.61 10.87 2.01
N LEU A 46 -7.72 11.64 1.37
CA LEU A 46 -6.28 11.36 1.41
C LEU A 46 -5.79 11.11 2.84
N VAL A 47 -5.86 12.15 3.66
CA VAL A 47 -5.37 12.10 5.04
C VAL A 47 -5.98 10.91 5.80
N GLN A 48 -7.26 10.64 5.55
CA GLN A 48 -7.96 9.55 6.20
C GLN A 48 -7.31 8.21 5.87
N SER A 49 -7.14 7.95 4.58
CA SER A 49 -6.58 6.69 4.13
C SER A 49 -5.09 6.59 4.48
N CYS A 50 -4.38 7.72 4.40
CA CYS A 50 -2.97 7.77 4.73
C CYS A 50 -2.72 7.32 6.17
N LYS A 51 -3.65 7.66 7.06
CA LYS A 51 -3.55 7.25 8.45
C LYS A 51 -3.58 5.74 8.57
N ALA A 52 -4.54 5.12 7.89
CA ALA A 52 -4.70 3.68 7.94
C ALA A 52 -3.52 2.97 7.28
N VAL A 53 -3.13 3.44 6.11
CA VAL A 53 -2.04 2.83 5.36
C VAL A 53 -0.73 2.89 6.14
N ALA A 54 -0.45 4.03 6.75
CA ALA A 54 0.81 4.22 7.48
C ALA A 54 0.96 3.25 8.64
N GLU A 55 -0.17 2.78 9.18
CA GLU A 55 -0.13 1.82 10.28
C GLU A 55 0.12 0.41 9.75
N GLN A 56 -0.26 0.18 8.50
CA GLN A 56 -0.15 -1.14 7.90
C GLN A 56 1.23 -1.36 7.28
N ILE A 57 1.90 -0.28 6.91
CA ILE A 57 3.22 -0.35 6.30
C ILE A 57 4.21 -1.15 7.16
N PRO A 58 4.41 -0.77 8.45
CA PRO A 58 5.33 -1.50 9.34
C PRO A 58 4.89 -2.94 9.56
N LEU A 59 3.59 -3.20 9.48
CA LEU A 59 3.06 -4.54 9.67
C LEU A 59 3.45 -5.45 8.51
N LEU A 60 3.41 -4.92 7.30
CA LEU A 60 3.89 -5.64 6.12
C LEU A 60 5.33 -6.06 6.32
N VAL A 61 6.18 -5.07 6.54
CA VAL A 61 7.61 -5.30 6.65
C VAL A 61 7.94 -6.20 7.85
N GLN A 62 7.17 -6.06 8.93
CA GLN A 62 7.33 -6.93 10.09
C GLN A 62 7.13 -8.38 9.69
N GLY A 63 6.11 -8.61 8.86
CA GLY A 63 5.86 -9.94 8.34
C GLY A 63 6.95 -10.39 7.39
N VAL A 64 7.45 -9.46 6.58
CA VAL A 64 8.51 -9.75 5.61
C VAL A 64 9.78 -10.20 6.33
N ARG A 65 10.09 -9.58 7.47
CA ARG A 65 11.27 -9.94 8.24
C ARG A 65 11.15 -11.37 8.78
N GLY A 66 9.93 -11.76 9.11
CA GLY A 66 9.70 -13.10 9.63
C GLY A 66 9.72 -14.15 8.55
N SER A 67 9.08 -13.86 7.43
CA SER A 67 8.95 -14.80 6.32
C SER A 67 10.31 -15.09 5.68
N GLN A 68 11.17 -14.09 5.59
CA GLN A 68 12.51 -14.27 5.03
C GLN A 68 13.34 -15.21 5.90
N ALA A 69 12.96 -15.36 7.15
CA ALA A 69 13.64 -16.28 8.05
C ALA A 69 12.97 -17.64 8.04
N GLN A 70 11.66 -17.64 8.25
CA GLN A 70 10.89 -18.88 8.27
C GLN A 70 9.66 -18.75 7.38
N PRO A 71 9.75 -19.19 6.11
CA PRO A 71 8.62 -19.19 5.20
C PRO A 71 7.66 -20.36 5.47
N ASP A 72 8.04 -21.22 6.39
CA ASP A 72 7.26 -22.42 6.69
C ASP A 72 6.52 -22.30 8.02
N SER A 73 6.70 -21.18 8.71
CA SER A 73 6.04 -20.98 9.97
C SER A 73 4.71 -20.25 9.77
N PRO A 74 3.62 -20.80 10.33
CA PRO A 74 2.29 -20.21 10.21
C PRO A 74 2.25 -18.78 10.74
N SER A 75 3.05 -18.52 11.76
CA SER A 75 3.13 -17.19 12.36
C SER A 75 3.60 -16.17 11.34
N ALA A 76 4.67 -16.50 10.60
CA ALA A 76 5.21 -15.59 9.60
C ALA A 76 4.29 -15.50 8.40
N GLN A 77 3.67 -16.63 8.05
CA GLN A 77 2.70 -16.66 6.95
C GLN A 77 1.53 -15.75 7.26
N LEU A 78 0.88 -15.96 8.39
CA LEU A 78 -0.27 -15.16 8.79
C LEU A 78 0.13 -13.70 9.00
N ALA A 79 1.36 -13.49 9.45
CA ALA A 79 1.88 -12.13 9.61
C ALA A 79 1.83 -11.38 8.28
N LEU A 80 2.18 -12.07 7.21
CA LEU A 80 2.09 -11.50 5.87
C LEU A 80 0.64 -11.44 5.40
N ILE A 81 0.01 -12.61 5.38
CA ILE A 81 -1.34 -12.77 4.84
C ILE A 81 -2.33 -11.76 5.44
N ALA A 82 -2.38 -11.71 6.77
CA ALA A 82 -3.33 -10.85 7.46
C ALA A 82 -3.01 -9.37 7.23
N ALA A 83 -1.73 -9.02 7.36
CA ALA A 83 -1.31 -7.63 7.22
C ALA A 83 -1.48 -7.15 5.78
N SER A 84 -1.29 -8.04 4.83
CA SER A 84 -1.49 -7.71 3.43
C SER A 84 -2.95 -7.36 3.17
N GLN A 85 -3.86 -8.16 3.73
CA GLN A 85 -5.29 -7.92 3.56
C GLN A 85 -5.71 -6.62 4.22
N SER A 86 -5.13 -6.34 5.40
CA SER A 86 -5.43 -5.13 6.13
C SER A 86 -4.72 -3.93 5.51
N PHE A 87 -3.88 -4.20 4.51
CA PHE A 87 -3.17 -3.16 3.80
C PHE A 87 -3.87 -2.87 2.46
N LEU A 88 -4.34 -3.94 1.82
CA LEU A 88 -5.04 -3.84 0.54
C LEU A 88 -6.21 -2.87 0.60
N GLN A 89 -7.03 -3.02 1.64
CA GLN A 89 -8.25 -2.22 1.75
C GLN A 89 -7.95 -0.72 1.88
N PRO A 90 -7.22 -0.28 2.93
CA PRO A 90 -6.90 1.15 3.11
C PRO A 90 -6.02 1.68 1.99
N GLY A 91 -5.15 0.83 1.47
CA GLY A 91 -4.31 1.20 0.36
C GLY A 91 -5.13 1.55 -0.87
N GLY A 92 -6.08 0.68 -1.19
CA GLY A 92 -6.97 0.91 -2.31
C GLY A 92 -7.80 2.17 -2.12
N LYS A 93 -8.20 2.42 -0.88
CA LYS A 93 -8.92 3.64 -0.54
C LYS A 93 -8.07 4.86 -0.90
N MET A 94 -6.79 4.81 -0.55
CA MET A 94 -5.90 5.92 -0.80
C MET A 94 -5.60 6.06 -2.29
N VAL A 95 -5.61 4.94 -3.01
CA VAL A 95 -5.47 4.98 -4.47
C VAL A 95 -6.64 5.76 -5.08
N ALA A 96 -7.84 5.45 -4.61
CA ALA A 96 -9.04 6.13 -5.06
C ALA A 96 -9.01 7.59 -4.61
N ALA A 97 -8.63 7.80 -3.36
CA ALA A 97 -8.50 9.13 -2.80
C ALA A 97 -7.52 9.98 -3.59
N ALA A 98 -6.38 9.39 -3.92
CA ALA A 98 -5.34 10.07 -4.67
C ALA A 98 -5.88 10.60 -5.99
N LYS A 99 -6.42 9.71 -6.80
CA LYS A 99 -6.92 10.08 -8.12
C LYS A 99 -8.03 11.11 -8.04
N ALA A 100 -8.87 11.02 -7.02
CA ALA A 100 -10.01 11.91 -6.87
C ALA A 100 -9.61 13.28 -6.34
N SER A 101 -8.42 13.38 -5.76
CA SER A 101 -7.96 14.64 -5.19
C SER A 101 -7.10 15.40 -6.20
N VAL A 102 -6.49 14.68 -7.15
CA VAL A 102 -5.63 15.27 -8.16
C VAL A 102 -6.26 16.50 -8.87
N PRO A 103 -7.50 16.39 -9.39
CA PRO A 103 -8.13 17.49 -10.14
C PRO A 103 -8.29 18.78 -9.33
N THR A 104 -8.26 18.67 -8.00
CA THR A 104 -8.47 19.83 -7.14
C THR A 104 -7.13 20.50 -6.82
N ILE A 105 -6.04 19.88 -7.25
CA ILE A 105 -4.72 20.40 -6.99
C ILE A 105 -4.23 21.21 -8.18
N GLN A 106 -3.92 22.47 -7.95
CA GLN A 106 -3.52 23.36 -9.03
C GLN A 106 -2.02 23.21 -9.32
N ASP A 107 -1.29 22.74 -8.32
CA ASP A 107 0.12 22.43 -8.49
C ASP A 107 0.27 21.16 -9.33
N GLN A 108 0.82 21.32 -10.52
CA GLN A 108 0.95 20.22 -11.47
C GLN A 108 1.80 19.09 -10.89
N ALA A 109 2.96 19.45 -10.36
CA ALA A 109 3.93 18.47 -9.89
C ALA A 109 3.33 17.52 -8.86
N SER A 110 2.72 18.09 -7.81
CA SER A 110 2.15 17.29 -6.75
C SER A 110 0.98 16.46 -7.25
N ALA A 111 0.19 17.03 -8.15
CA ALA A 111 -0.94 16.32 -8.73
C ALA A 111 -0.46 15.13 -9.57
N MET A 112 0.56 15.36 -10.37
CA MET A 112 1.15 14.32 -11.20
C MET A 112 1.74 13.21 -10.33
N GLN A 113 2.52 13.62 -9.33
CA GLN A 113 3.18 12.68 -8.44
C GLN A 113 2.15 11.83 -7.69
N LEU A 114 1.11 12.48 -7.21
CA LEU A 114 0.04 11.81 -6.47
C LEU A 114 -0.58 10.70 -7.31
N SER A 115 -0.90 11.03 -8.55
CA SER A 115 -1.53 10.08 -9.47
C SER A 115 -0.55 8.96 -9.83
N GLN A 116 0.71 9.32 -10.00
CA GLN A 116 1.73 8.35 -10.40
C GLN A 116 1.96 7.31 -9.32
N CYS A 117 2.14 7.76 -8.09
CA CYS A 117 2.34 6.86 -6.96
C CYS A 117 1.11 5.98 -6.75
N ALA A 118 -0.06 6.56 -6.94
CA ALA A 118 -1.32 5.83 -6.80
C ALA A 118 -1.37 4.66 -7.78
N LYS A 119 -0.89 4.88 -9.00
CA LYS A 119 -0.87 3.83 -10.01
C LYS A 119 0.07 2.70 -9.60
N ASN A 120 1.21 3.06 -9.01
CA ASN A 120 2.16 2.07 -8.53
C ASN A 120 1.55 1.27 -7.38
N LEU A 121 0.95 1.98 -6.45
CA LEU A 121 0.31 1.38 -5.29
C LEU A 121 -0.83 0.46 -5.72
N GLY A 122 -1.65 0.93 -6.64
CA GLY A 122 -2.77 0.15 -7.14
C GLY A 122 -2.33 -1.17 -7.74
N THR A 123 -1.22 -1.14 -8.47
CA THR A 123 -0.70 -2.34 -9.09
C THR A 123 0.02 -3.21 -8.05
N ALA A 124 0.63 -2.57 -7.07
CA ALA A 124 1.28 -3.26 -5.97
C ALA A 124 0.26 -4.09 -5.20
N LEU A 125 -0.88 -3.48 -4.94
CA LEU A 125 -1.97 -4.16 -4.25
C LEU A 125 -2.51 -5.29 -5.10
N ALA A 126 -2.53 -5.07 -6.41
CA ALA A 126 -3.04 -6.05 -7.36
C ALA A 126 -2.36 -7.41 -7.19
N GLU A 127 -1.04 -7.40 -7.13
CA GLU A 127 -0.28 -8.64 -7.00
C GLU A 127 -0.23 -9.13 -5.55
N LEU A 128 -0.18 -8.20 -4.61
CA LEU A 128 -0.18 -8.55 -3.20
C LEU A 128 -1.47 -9.24 -2.82
N ARG A 129 -2.59 -8.73 -3.34
CA ARG A 129 -3.91 -9.30 -3.10
C ARG A 129 -3.97 -10.74 -3.59
N THR A 130 -3.55 -10.96 -4.82
CA THR A 130 -3.58 -12.27 -5.43
C THR A 130 -2.71 -13.26 -4.65
N ALA A 131 -1.62 -12.76 -4.10
CA ALA A 131 -0.70 -13.59 -3.33
C ALA A 131 -1.30 -13.96 -1.98
N ALA A 132 -1.72 -12.95 -1.22
CA ALA A 132 -2.23 -13.16 0.13
C ALA A 132 -3.49 -14.03 0.14
N GLN A 133 -4.32 -13.85 -0.87
CA GLN A 133 -5.57 -14.61 -0.96
C GLN A 133 -5.29 -16.11 -1.09
N LYS A 134 -4.40 -16.45 -2.02
CA LYS A 134 -4.10 -17.86 -2.27
C LYS A 134 -3.18 -18.44 -1.20
N ALA A 135 -2.38 -17.58 -0.59
CA ALA A 135 -1.47 -18.02 0.47
C ALA A 135 -2.25 -18.42 1.71
N GLN A 136 -3.44 -17.86 1.87
CA GLN A 136 -4.27 -18.15 3.03
C GLN A 136 -5.00 -19.48 2.86
N GLU A 137 -5.15 -19.92 1.61
CA GLU A 137 -5.86 -21.16 1.31
C GLU A 137 -4.88 -22.26 0.93
N ALA A 138 -3.62 -22.09 1.31
CA ALA A 138 -2.60 -23.09 1.02
C ALA A 138 -1.59 -23.18 2.16
N GLY A 1 5.23 -8.05 -10.01
CA GLY A 1 5.53 -9.50 -9.86
C GLY A 1 6.90 -9.85 -10.39
N ILE A 2 7.76 -10.38 -9.53
CA ILE A 2 9.12 -10.72 -9.93
C ILE A 2 9.45 -12.19 -9.59
N ASP A 3 9.47 -13.01 -10.64
CA ASP A 3 9.86 -14.43 -10.55
C ASP A 3 8.96 -15.22 -9.60
N PRO A 4 8.04 -16.01 -10.16
CA PRO A 4 7.20 -16.91 -9.37
C PRO A 4 8.01 -18.07 -8.79
N PHE A 5 8.56 -17.86 -7.61
CA PHE A 5 9.35 -18.88 -6.94
C PHE A 5 8.48 -19.69 -5.98
N THR A 6 7.90 -19.01 -5.00
CA THR A 6 6.98 -19.65 -4.06
C THR A 6 5.94 -18.65 -3.58
N LEU A 7 4.93 -19.15 -2.89
CA LEU A 7 3.80 -18.34 -2.46
C LEU A 7 4.22 -17.23 -1.52
N VAL A 8 5.08 -17.56 -0.56
CA VAL A 8 5.54 -16.59 0.42
C VAL A 8 6.54 -15.61 -0.20
N GLN A 9 7.25 -16.08 -1.23
CA GLN A 9 8.23 -15.26 -1.93
C GLN A 9 7.51 -14.13 -2.67
N ARG A 10 6.36 -14.45 -3.24
CA ARG A 10 5.51 -13.44 -3.86
C ARG A 10 5.16 -12.36 -2.84
N LEU A 11 4.78 -12.81 -1.64
CA LEU A 11 4.43 -11.90 -0.56
C LEU A 11 5.61 -11.02 -0.17
N GLU A 12 6.77 -11.64 0.06
CA GLU A 12 7.98 -10.91 0.44
C GLU A 12 8.24 -9.72 -0.47
N HIS A 13 8.24 -9.97 -1.77
CA HIS A 13 8.59 -8.94 -2.74
C HIS A 13 7.45 -7.95 -2.95
N ALA A 14 6.22 -8.46 -2.99
CA ALA A 14 5.06 -7.61 -3.22
C ALA A 14 4.81 -6.68 -2.04
N ALA A 15 4.98 -7.19 -0.83
CA ALA A 15 4.73 -6.40 0.36
C ALA A 15 5.74 -5.26 0.50
N LYS A 16 7.00 -5.53 0.17
CA LYS A 16 8.05 -4.52 0.27
C LYS A 16 7.82 -3.38 -0.73
N GLN A 17 7.40 -3.72 -1.95
CA GLN A 17 7.16 -2.71 -2.95
C GLN A 17 5.83 -2.01 -2.69
N ALA A 18 4.86 -2.73 -2.15
CA ALA A 18 3.58 -2.14 -1.78
C ALA A 18 3.77 -1.14 -0.65
N ALA A 19 4.55 -1.55 0.35
CA ALA A 19 4.89 -0.68 1.47
C ALA A 19 5.60 0.58 0.97
N ALA A 20 6.50 0.38 0.02
CA ALA A 20 7.23 1.49 -0.59
C ALA A 20 6.29 2.41 -1.36
N SER A 21 5.55 1.84 -2.31
CA SER A 21 4.63 2.62 -3.14
C SER A 21 3.59 3.35 -2.29
N ALA A 22 3.14 2.72 -1.21
CA ALA A 22 2.21 3.36 -0.30
C ALA A 22 2.85 4.58 0.33
N THR A 23 4.08 4.42 0.80
CA THR A 23 4.83 5.52 1.39
C THR A 23 5.07 6.62 0.37
N GLN A 24 5.30 6.22 -0.88
CA GLN A 24 5.47 7.17 -1.97
C GLN A 24 4.20 7.98 -2.20
N THR A 25 3.06 7.31 -2.17
CA THR A 25 1.79 7.98 -2.35
C THR A 25 1.52 8.92 -1.18
N ILE A 26 1.82 8.44 0.03
CA ILE A 26 1.69 9.24 1.23
C ILE A 26 2.54 10.50 1.16
N ALA A 27 3.76 10.36 0.65
CA ALA A 27 4.70 11.48 0.55
C ALA A 27 4.24 12.50 -0.49
N ALA A 28 3.18 12.19 -1.20
CA ALA A 28 2.56 13.15 -2.11
C ALA A 28 1.25 13.64 -1.53
N ALA A 29 0.50 12.72 -0.92
CA ALA A 29 -0.81 13.00 -0.36
C ALA A 29 -0.74 14.08 0.73
N GLN A 30 0.11 13.87 1.73
CA GLN A 30 0.19 14.79 2.85
C GLN A 30 1.27 15.85 2.61
N HIS A 31 1.76 15.91 1.39
CA HIS A 31 2.77 16.90 1.01
C HIS A 31 2.14 17.98 0.14
N ALA A 32 1.09 17.60 -0.58
CA ALA A 32 0.39 18.52 -1.45
C ALA A 32 -1.01 18.80 -0.91
N ALA A 33 -1.22 18.50 0.36
CA ALA A 33 -2.50 18.69 0.99
C ALA A 33 -2.70 20.16 1.35
N SER A 34 -3.49 20.83 0.50
CA SER A 34 -3.84 22.26 0.62
C SER A 34 -2.63 23.20 0.45
N ALA A 35 -1.45 22.76 0.88
CA ALA A 35 -0.23 23.52 0.72
C ALA A 35 0.89 22.60 0.22
N PRO A 36 1.85 23.14 -0.55
CA PRO A 36 2.93 22.35 -1.14
C PRO A 36 4.02 21.96 -0.13
N LYS A 37 3.64 21.87 1.13
CA LYS A 37 4.55 21.45 2.19
C LYS A 37 3.86 20.48 3.13
N ALA A 38 3.10 21.03 4.07
CA ALA A 38 2.35 20.23 5.03
C ALA A 38 1.29 21.07 5.69
N SER A 39 0.05 20.66 5.56
CA SER A 39 -1.07 21.38 6.16
C SER A 39 -2.24 20.43 6.38
N ALA A 40 -2.33 19.89 7.59
CA ALA A 40 -3.35 18.91 7.91
C ALA A 40 -4.56 19.56 8.57
N GLY A 41 -4.59 20.89 8.59
CA GLY A 41 -5.74 21.61 9.11
C GLY A 41 -7.00 21.27 8.34
N PRO A 42 -7.15 21.77 7.12
CA PRO A 42 -8.26 21.41 6.24
C PRO A 42 -7.97 20.10 5.51
N GLN A 43 -7.71 19.05 6.28
CA GLN A 43 -7.34 17.76 5.73
C GLN A 43 -8.50 17.13 4.97
N PRO A 44 -8.28 16.79 3.69
CA PRO A 44 -9.28 16.16 2.85
C PRO A 44 -9.12 14.64 2.86
N LEU A 45 -9.70 13.98 1.86
CA LEU A 45 -9.56 12.53 1.71
C LEU A 45 -8.16 12.20 1.19
N LEU A 46 -7.18 12.43 2.05
CA LEU A 46 -5.79 12.09 1.77
C LEU A 46 -5.07 11.84 3.08
N VAL A 47 -4.99 12.89 3.90
CA VAL A 47 -4.32 12.81 5.20
C VAL A 47 -5.03 11.81 6.11
N GLN A 48 -6.34 11.74 5.99
CA GLN A 48 -7.14 10.82 6.77
C GLN A 48 -6.80 9.36 6.42
N SER A 49 -6.98 9.02 5.14
CA SER A 49 -6.70 7.68 4.66
C SER A 49 -5.21 7.34 4.81
N CYS A 50 -4.38 8.38 4.74
CA CYS A 50 -2.95 8.24 4.96
C CYS A 50 -2.67 7.56 6.29
N LYS A 51 -3.38 8.01 7.33
CA LYS A 51 -3.20 7.45 8.67
C LYS A 51 -3.48 5.96 8.67
N ALA A 52 -4.59 5.56 8.07
CA ALA A 52 -4.97 4.16 8.02
C ALA A 52 -3.92 3.34 7.29
N VAL A 53 -3.43 3.87 6.18
CA VAL A 53 -2.43 3.20 5.38
C VAL A 53 -1.09 3.11 6.12
N ALA A 54 -0.65 4.23 6.68
CA ALA A 54 0.66 4.31 7.32
C ALA A 54 0.76 3.40 8.54
N GLU A 55 -0.36 3.03 9.12
CA GLU A 55 -0.36 2.14 10.28
C GLU A 55 -0.36 0.68 9.83
N GLN A 56 -0.68 0.44 8.56
CA GLN A 56 -0.69 -0.91 8.02
C GLN A 56 0.63 -1.25 7.34
N ILE A 57 1.35 -0.21 6.93
CA ILE A 57 2.66 -0.36 6.27
C ILE A 57 3.65 -1.18 7.13
N PRO A 58 3.87 -0.81 8.42
CA PRO A 58 4.78 -1.54 9.30
C PRO A 58 4.42 -3.01 9.42
N LEU A 59 3.12 -3.30 9.32
CA LEU A 59 2.64 -4.68 9.42
C LEU A 59 3.12 -5.49 8.23
N LEU A 60 3.10 -4.88 7.04
CA LEU A 60 3.62 -5.51 5.84
C LEU A 60 5.07 -5.90 6.04
N VAL A 61 5.88 -4.89 6.36
CA VAL A 61 7.32 -5.07 6.50
C VAL A 61 7.64 -6.04 7.64
N GLN A 62 6.86 -5.98 8.71
CA GLN A 62 7.02 -6.91 9.82
C GLN A 62 6.75 -8.33 9.34
N GLY A 63 5.69 -8.49 8.54
CA GLY A 63 5.38 -9.77 7.96
C GLY A 63 6.50 -10.26 7.04
N VAL A 64 7.00 -9.36 6.21
CA VAL A 64 8.12 -9.68 5.31
C VAL A 64 9.32 -10.18 6.11
N ARG A 65 9.67 -9.43 7.16
CA ARG A 65 10.78 -9.79 8.03
C ARG A 65 10.52 -11.15 8.69
N GLY A 66 9.29 -11.36 9.13
CA GLY A 66 8.93 -12.62 9.75
C GLY A 66 9.12 -13.80 8.81
N SER A 67 8.70 -13.64 7.57
CA SER A 67 8.80 -14.70 6.57
C SER A 67 10.25 -14.92 6.14
N GLN A 68 11.11 -13.94 6.41
CA GLN A 68 12.52 -14.08 6.11
C GLN A 68 13.28 -14.68 7.28
N ALA A 69 12.89 -14.29 8.49
CA ALA A 69 13.48 -14.85 9.69
C ALA A 69 13.04 -16.30 9.87
N GLN A 70 11.80 -16.56 9.52
CA GLN A 70 11.26 -17.91 9.53
C GLN A 70 10.71 -18.27 8.15
N PRO A 71 11.58 -18.81 7.26
CA PRO A 71 11.19 -19.16 5.90
C PRO A 71 10.15 -20.27 5.86
N ASP A 72 10.11 -21.08 6.91
CA ASP A 72 9.14 -22.15 7.01
C ASP A 72 8.42 -22.06 8.33
N SER A 73 7.43 -21.19 8.37
CA SER A 73 6.60 -21.01 9.55
C SER A 73 5.23 -20.52 9.15
N PRO A 74 4.18 -21.30 9.46
CA PRO A 74 2.80 -20.92 9.16
C PRO A 74 2.40 -19.64 9.89
N SER A 75 3.02 -19.40 11.04
CA SER A 75 2.78 -18.19 11.79
C SER A 75 3.25 -16.97 11.00
N ALA A 76 4.46 -17.06 10.46
CA ALA A 76 5.02 -15.99 9.64
C ALA A 76 4.21 -15.84 8.35
N GLN A 77 3.83 -16.99 7.78
CA GLN A 77 3.02 -17.01 6.57
C GLN A 77 1.70 -16.27 6.79
N LEU A 78 0.90 -16.76 7.72
CA LEU A 78 -0.41 -16.15 7.98
C LEU A 78 -0.28 -14.71 8.43
N ALA A 79 0.81 -14.39 9.14
CA ALA A 79 1.06 -13.02 9.56
C ALA A 79 1.20 -12.10 8.36
N LEU A 80 2.03 -12.51 7.40
CA LEU A 80 2.25 -11.75 6.19
C LEU A 80 0.97 -11.69 5.37
N ILE A 81 0.31 -12.84 5.23
CA ILE A 81 -0.94 -12.94 4.48
C ILE A 81 -2.00 -12.00 5.05
N ALA A 82 -2.21 -12.09 6.36
CA ALA A 82 -3.20 -11.26 7.04
C ALA A 82 -2.83 -9.79 6.95
N ALA A 83 -1.55 -9.48 7.18
CA ALA A 83 -1.07 -8.11 7.12
C ALA A 83 -1.29 -7.51 5.73
N SER A 84 -1.02 -8.31 4.70
CA SER A 84 -1.24 -7.88 3.33
C SER A 84 -2.70 -7.55 3.09
N GLN A 85 -3.59 -8.44 3.53
CA GLN A 85 -5.03 -8.24 3.37
C GLN A 85 -5.50 -7.05 4.20
N SER A 86 -4.92 -6.91 5.38
CA SER A 86 -5.25 -5.82 6.28
C SER A 86 -4.84 -4.48 5.69
N PHE A 87 -3.81 -4.52 4.84
CA PHE A 87 -3.31 -3.33 4.18
C PHE A 87 -4.14 -3.02 2.93
N LEU A 88 -4.66 -4.08 2.30
CA LEU A 88 -5.44 -3.94 1.07
C LEU A 88 -6.62 -3.00 1.25
N GLN A 89 -7.33 -3.15 2.37
CA GLN A 89 -8.52 -2.34 2.62
C GLN A 89 -8.20 -0.83 2.65
N PRO A 90 -7.36 -0.35 3.60
CA PRO A 90 -7.03 1.07 3.69
C PRO A 90 -6.26 1.57 2.48
N GLY A 91 -5.32 0.76 2.01
CA GLY A 91 -4.52 1.12 0.86
C GLY A 91 -5.36 1.35 -0.38
N GLY A 92 -6.28 0.43 -0.64
CA GLY A 92 -7.15 0.54 -1.79
C GLY A 92 -7.99 1.79 -1.77
N LYS A 93 -8.43 2.18 -0.58
CA LYS A 93 -9.25 3.37 -0.41
C LYS A 93 -8.43 4.63 -0.69
N MET A 94 -7.15 4.60 -0.35
CA MET A 94 -6.31 5.77 -0.52
C MET A 94 -5.91 5.90 -1.99
N VAL A 95 -5.92 4.78 -2.71
CA VAL A 95 -5.71 4.80 -4.15
C VAL A 95 -6.79 5.65 -4.82
N ALA A 96 -8.04 5.44 -4.39
CA ALA A 96 -9.16 6.21 -4.90
C ALA A 96 -9.10 7.65 -4.40
N ALA A 97 -8.77 7.80 -3.13
CA ALA A 97 -8.64 9.11 -2.51
C ALA A 97 -7.60 9.96 -3.22
N ALA A 98 -6.48 9.34 -3.59
CA ALA A 98 -5.41 10.01 -4.29
C ALA A 98 -5.86 10.48 -5.68
N LYS A 99 -6.52 9.59 -6.41
CA LYS A 99 -7.00 9.88 -7.76
C LYS A 99 -7.92 11.10 -7.77
N ALA A 100 -8.83 11.15 -6.81
CA ALA A 100 -9.81 12.23 -6.74
C ALA A 100 -9.16 13.56 -6.35
N SER A 101 -7.99 13.49 -5.75
CA SER A 101 -7.30 14.68 -5.27
C SER A 101 -6.34 15.23 -6.34
N VAL A 102 -6.03 14.42 -7.33
CA VAL A 102 -5.14 14.82 -8.41
C VAL A 102 -5.65 16.09 -9.12
N PRO A 103 -6.91 16.14 -9.59
CA PRO A 103 -7.44 17.30 -10.32
C PRO A 103 -7.72 18.51 -9.42
N THR A 104 -7.74 18.30 -8.11
CA THR A 104 -8.04 19.39 -7.20
C THR A 104 -6.76 20.10 -6.76
N ILE A 105 -5.63 19.41 -6.89
CA ILE A 105 -4.33 20.01 -6.60
C ILE A 105 -3.86 20.82 -7.79
N GLN A 106 -3.51 22.08 -7.55
CA GLN A 106 -3.09 22.98 -8.63
C GLN A 106 -1.65 22.72 -9.02
N ASP A 107 -0.86 22.23 -8.08
CA ASP A 107 0.53 21.87 -8.35
C ASP A 107 0.58 20.63 -9.22
N GLN A 108 0.95 20.82 -10.48
CA GLN A 108 0.94 19.75 -11.46
C GLN A 108 1.88 18.61 -11.07
N ALA A 109 3.09 18.96 -10.64
CA ALA A 109 4.08 17.96 -10.23
C ALA A 109 3.55 17.09 -9.10
N SER A 110 2.86 17.72 -8.16
CA SER A 110 2.29 17.02 -7.02
C SER A 110 1.08 16.18 -7.45
N ALA A 111 0.27 16.73 -8.34
CA ALA A 111 -0.89 16.04 -8.87
C ALA A 111 -0.47 14.79 -9.63
N MET A 112 0.50 14.97 -10.52
CA MET A 112 1.04 13.85 -11.31
C MET A 112 1.66 12.81 -10.38
N GLN A 113 2.33 13.29 -9.33
CA GLN A 113 2.99 12.41 -8.37
C GLN A 113 1.98 11.50 -7.69
N LEU A 114 0.82 12.07 -7.34
CA LEU A 114 -0.25 11.29 -6.72
C LEU A 114 -0.71 10.16 -7.62
N SER A 115 -1.08 10.50 -8.85
CA SER A 115 -1.59 9.52 -9.79
C SER A 115 -0.51 8.46 -10.09
N GLN A 116 0.72 8.92 -10.23
CA GLN A 116 1.86 8.03 -10.48
C GLN A 116 1.98 6.97 -9.39
N CYS A 117 1.93 7.42 -8.14
CA CYS A 117 2.06 6.52 -7.01
C CYS A 117 0.81 5.68 -6.83
N ALA A 118 -0.35 6.31 -6.92
CA ALA A 118 -1.62 5.64 -6.70
C ALA A 118 -1.84 4.50 -7.69
N LYS A 119 -1.51 4.72 -8.95
CA LYS A 119 -1.70 3.70 -9.97
C LYS A 119 -0.77 2.51 -9.72
N ASN A 120 0.44 2.80 -9.23
CA ASN A 120 1.40 1.75 -8.90
C ASN A 120 0.93 1.01 -7.65
N LEU A 121 0.43 1.77 -6.68
CA LEU A 121 -0.11 1.19 -5.46
C LEU A 121 -1.27 0.25 -5.79
N GLY A 122 -2.06 0.64 -6.79
CA GLY A 122 -3.15 -0.21 -7.25
C GLY A 122 -2.67 -1.56 -7.74
N THR A 123 -1.64 -1.56 -8.58
CA THR A 123 -1.09 -2.81 -9.11
C THR A 123 -0.36 -3.57 -8.01
N ALA A 124 0.29 -2.83 -7.12
CA ALA A 124 0.97 -3.44 -5.99
C ALA A 124 -0.01 -4.22 -5.12
N LEU A 125 -1.15 -3.59 -4.81
CA LEU A 125 -2.20 -4.24 -4.06
C LEU A 125 -2.81 -5.39 -4.84
N ALA A 126 -2.88 -5.22 -6.16
CA ALA A 126 -3.42 -6.24 -7.04
C ALA A 126 -2.69 -7.56 -6.88
N GLU A 127 -1.38 -7.54 -7.08
CA GLU A 127 -0.58 -8.76 -6.99
C GLU A 127 -0.37 -9.18 -5.54
N LEU A 128 -0.34 -8.21 -4.63
CA LEU A 128 -0.22 -8.51 -3.20
C LEU A 128 -1.44 -9.32 -2.75
N ARG A 129 -2.62 -8.86 -3.15
CA ARG A 129 -3.86 -9.57 -2.84
C ARG A 129 -3.84 -10.95 -3.48
N THR A 130 -3.40 -11.01 -4.72
CA THR A 130 -3.33 -12.27 -5.46
C THR A 130 -2.35 -13.23 -4.80
N ALA A 131 -1.19 -12.70 -4.41
CA ALA A 131 -0.17 -13.50 -3.75
C ALA A 131 -0.66 -14.05 -2.42
N ALA A 132 -1.25 -13.16 -1.60
CA ALA A 132 -1.77 -13.55 -0.31
C ALA A 132 -2.89 -14.55 -0.45
N GLN A 133 -3.66 -14.42 -1.53
CA GLN A 133 -4.76 -15.32 -1.80
C GLN A 133 -4.24 -16.72 -2.12
N LYS A 134 -3.18 -16.79 -2.90
CA LYS A 134 -2.58 -18.07 -3.27
C LYS A 134 -1.98 -18.76 -2.04
N ALA A 135 -1.23 -18.00 -1.25
CA ALA A 135 -0.55 -18.54 -0.08
C ALA A 135 -1.54 -18.95 1.01
N GLN A 136 -2.74 -18.39 0.96
CA GLN A 136 -3.74 -18.66 1.98
C GLN A 136 -4.44 -19.99 1.72
N GLU A 137 -4.59 -20.35 0.46
CA GLU A 137 -5.35 -21.53 0.09
C GLU A 137 -4.45 -22.77 0.00
N ALA A 138 -3.15 -22.56 0.06
CA ALA A 138 -2.21 -23.67 -0.04
C ALA A 138 -1.23 -23.66 1.13
N GLY A 1 14.76 -18.84 -11.10
CA GLY A 1 14.61 -17.45 -11.57
C GLY A 1 13.54 -16.71 -10.79
N ILE A 2 12.53 -16.21 -11.48
CA ILE A 2 11.43 -15.52 -10.84
C ILE A 2 10.24 -16.47 -10.67
N ASP A 3 10.57 -17.74 -10.65
CA ASP A 3 9.57 -18.79 -10.45
C ASP A 3 9.37 -19.03 -8.96
N PRO A 4 8.13 -18.89 -8.50
CA PRO A 4 7.75 -18.98 -7.09
C PRO A 4 8.25 -20.23 -6.39
N PHE A 5 9.30 -20.05 -5.63
CA PHE A 5 9.75 -21.07 -4.69
C PHE A 5 8.59 -21.42 -3.78
N THR A 6 8.13 -20.40 -3.05
CA THR A 6 6.90 -20.47 -2.28
C THR A 6 5.97 -19.37 -2.77
N LEU A 7 4.78 -19.29 -2.21
CA LEU A 7 3.87 -18.22 -2.58
C LEU A 7 4.13 -16.99 -1.73
N VAL A 8 4.73 -17.20 -0.56
CA VAL A 8 5.08 -16.08 0.31
C VAL A 8 6.33 -15.37 -0.20
N GLN A 9 7.13 -16.06 -1.00
CA GLN A 9 8.25 -15.44 -1.69
C GLN A 9 7.76 -14.27 -2.54
N ARG A 10 6.58 -14.46 -3.14
CA ARG A 10 5.92 -13.42 -3.91
C ARG A 10 5.46 -12.31 -2.97
N LEU A 11 4.89 -12.72 -1.84
CA LEU A 11 4.40 -11.78 -0.84
C LEU A 11 5.51 -10.89 -0.31
N GLU A 12 6.68 -11.47 -0.07
CA GLU A 12 7.84 -10.70 0.40
C GLU A 12 8.14 -9.55 -0.53
N HIS A 13 8.13 -9.83 -1.83
CA HIS A 13 8.41 -8.80 -2.83
C HIS A 13 7.28 -7.78 -2.89
N ALA A 14 6.06 -8.29 -3.02
CA ALA A 14 4.90 -7.43 -3.14
C ALA A 14 4.69 -6.57 -1.90
N ALA A 15 4.91 -7.15 -0.73
CA ALA A 15 4.73 -6.44 0.53
C ALA A 15 5.72 -5.29 0.68
N LYS A 16 6.98 -5.55 0.34
CA LYS A 16 8.01 -4.53 0.48
C LYS A 16 7.78 -3.38 -0.50
N GLN A 17 7.37 -3.70 -1.72
CA GLN A 17 7.13 -2.66 -2.72
C GLN A 17 5.80 -1.94 -2.42
N ALA A 18 4.86 -2.66 -1.82
CA ALA A 18 3.60 -2.05 -1.41
C ALA A 18 3.85 -1.08 -0.26
N ALA A 19 4.61 -1.54 0.73
CA ALA A 19 5.00 -0.71 1.86
C ALA A 19 5.77 0.53 1.37
N ALA A 20 6.65 0.31 0.40
CA ALA A 20 7.41 1.40 -0.21
C ALA A 20 6.49 2.38 -0.91
N SER A 21 5.69 1.86 -1.84
CA SER A 21 4.77 2.69 -2.62
C SER A 21 3.79 3.41 -1.72
N ALA A 22 3.35 2.75 -0.67
CA ALA A 22 2.45 3.36 0.31
C ALA A 22 3.12 4.57 0.95
N THR A 23 4.33 4.37 1.45
CA THR A 23 5.09 5.44 2.07
C THR A 23 5.29 6.59 1.10
N GLN A 24 5.63 6.26 -0.14
CA GLN A 24 5.83 7.27 -1.18
C GLN A 24 4.53 8.01 -1.47
N THR A 25 3.42 7.28 -1.52
CA THR A 25 2.12 7.87 -1.79
C THR A 25 1.70 8.77 -0.63
N ILE A 26 2.01 8.37 0.60
CA ILE A 26 1.72 9.19 1.77
C ILE A 26 2.47 10.52 1.68
N ALA A 27 3.77 10.45 1.42
CA ALA A 27 4.59 11.64 1.29
C ALA A 27 4.09 12.53 0.17
N ALA A 28 3.68 11.90 -0.94
CA ALA A 28 3.14 12.62 -2.08
C ALA A 28 1.79 13.24 -1.72
N ALA A 29 0.96 12.48 -1.02
CA ALA A 29 -0.36 12.93 -0.61
C ALA A 29 -0.28 14.16 0.28
N GLN A 30 0.65 14.14 1.22
CA GLN A 30 0.88 15.27 2.11
C GLN A 30 1.28 16.51 1.31
N HIS A 31 2.14 16.30 0.32
CA HIS A 31 2.62 17.39 -0.52
C HIS A 31 1.51 17.91 -1.44
N ALA A 32 0.74 17.00 -1.99
CA ALA A 32 -0.30 17.36 -2.96
C ALA A 32 -1.55 17.89 -2.27
N ALA A 33 -1.68 17.65 -0.97
CA ALA A 33 -2.80 18.15 -0.20
C ALA A 33 -2.86 19.68 -0.29
N SER A 34 -1.79 20.33 0.20
CA SER A 34 -1.63 21.78 0.11
C SER A 34 -2.61 22.53 1.02
N ALA A 35 -3.90 22.36 0.76
CA ALA A 35 -4.93 23.08 1.51
C ALA A 35 -6.19 22.23 1.62
N PRO A 36 -7.02 22.48 2.65
CA PRO A 36 -8.32 21.83 2.80
C PRO A 36 -9.19 22.03 1.55
N LYS A 37 -9.48 20.94 0.87
CA LYS A 37 -10.13 21.02 -0.44
C LYS A 37 -11.65 21.12 -0.35
N ALA A 38 -12.12 22.36 -0.21
CA ALA A 38 -13.54 22.70 -0.33
C ALA A 38 -14.43 22.00 0.70
N SER A 39 -14.47 22.57 1.90
CA SER A 39 -15.42 22.17 2.94
C SER A 39 -15.31 20.67 3.27
N ALA A 40 -14.09 20.17 3.26
CA ALA A 40 -13.83 18.78 3.58
C ALA A 40 -13.29 18.66 4.99
N GLY A 41 -13.38 19.75 5.75
CA GLY A 41 -12.84 19.79 7.09
C GLY A 41 -11.41 20.28 7.11
N PRO A 42 -10.73 20.23 8.27
CA PRO A 42 -9.31 20.62 8.37
C PRO A 42 -8.40 19.55 7.82
N GLN A 43 -9.01 18.46 7.39
CA GLN A 43 -8.31 17.33 6.83
C GLN A 43 -9.06 16.87 5.58
N PRO A 44 -8.51 17.16 4.38
CA PRO A 44 -9.20 16.93 3.11
C PRO A 44 -9.68 15.49 2.92
N LEU A 45 -8.78 14.59 2.57
CA LEU A 45 -9.15 13.21 2.31
C LEU A 45 -7.90 12.32 2.38
N LEU A 46 -6.86 12.73 1.67
CA LEU A 46 -5.60 12.00 1.60
C LEU A 46 -5.09 11.57 2.97
N VAL A 47 -4.94 12.54 3.86
CA VAL A 47 -4.36 12.30 5.19
C VAL A 47 -5.11 11.22 5.94
N GLN A 48 -6.45 11.22 5.82
CA GLN A 48 -7.29 10.24 6.51
C GLN A 48 -6.85 8.83 6.15
N SER A 49 -6.71 8.58 4.86
CA SER A 49 -6.29 7.28 4.37
C SER A 49 -4.84 7.00 4.75
N CYS A 50 -3.98 8.01 4.64
CA CYS A 50 -2.57 7.88 4.96
C CYS A 50 -2.36 7.43 6.40
N LYS A 51 -3.20 7.92 7.30
CA LYS A 51 -3.12 7.55 8.71
C LYS A 51 -3.44 6.07 8.90
N ALA A 52 -4.42 5.57 8.16
CA ALA A 52 -4.81 4.17 8.25
C ALA A 52 -3.77 3.27 7.61
N VAL A 53 -3.27 3.70 6.45
CA VAL A 53 -2.22 2.97 5.76
C VAL A 53 -0.98 2.84 6.63
N ALA A 54 -0.63 3.92 7.32
CA ALA A 54 0.54 3.95 8.18
C ALA A 54 0.46 2.93 9.32
N GLU A 55 -0.76 2.50 9.65
CA GLU A 55 -0.97 1.49 10.68
C GLU A 55 -0.62 0.11 10.16
N GLN A 56 -0.79 -0.09 8.86
CA GLN A 56 -0.61 -1.41 8.25
C GLN A 56 0.77 -1.57 7.60
N ILE A 57 1.43 -0.45 7.32
CA ILE A 57 2.77 -0.48 6.71
C ILE A 57 3.75 -1.33 7.53
N PRO A 58 3.94 -1.03 8.83
CA PRO A 58 4.85 -1.79 9.69
C PRO A 58 4.45 -3.26 9.79
N LEU A 59 3.15 -3.53 9.67
CA LEU A 59 2.64 -4.89 9.75
C LEU A 59 3.07 -5.69 8.53
N LEU A 60 3.08 -5.05 7.36
CA LEU A 60 3.59 -5.68 6.15
C LEU A 60 5.04 -6.07 6.34
N VAL A 61 5.86 -5.08 6.67
CA VAL A 61 7.29 -5.27 6.80
C VAL A 61 7.61 -6.25 7.94
N GLN A 62 6.81 -6.19 9.00
CA GLN A 62 6.94 -7.14 10.10
C GLN A 62 6.69 -8.56 9.59
N GLY A 63 5.69 -8.71 8.75
CA GLY A 63 5.43 -9.99 8.12
C GLY A 63 6.58 -10.41 7.22
N VAL A 64 7.12 -9.46 6.47
CA VAL A 64 8.26 -9.73 5.60
C VAL A 64 9.46 -10.19 6.42
N ARG A 65 9.69 -9.51 7.55
CA ARG A 65 10.78 -9.86 8.45
C ARG A 65 10.49 -11.16 9.19
N GLY A 66 9.27 -11.67 9.04
CA GLY A 66 8.93 -12.95 9.60
C GLY A 66 9.21 -14.07 8.63
N SER A 67 8.76 -13.89 7.39
CA SER A 67 8.98 -14.87 6.35
C SER A 67 10.47 -15.01 6.06
N GLN A 68 11.19 -13.89 6.11
CA GLN A 68 12.63 -13.90 5.83
C GLN A 68 13.43 -14.19 7.09
N ALA A 69 12.74 -14.59 8.15
CA ALA A 69 13.38 -15.05 9.35
C ALA A 69 13.14 -16.54 9.53
N GLN A 70 11.90 -16.95 9.30
CA GLN A 70 11.53 -18.35 9.33
C GLN A 70 10.70 -18.70 8.10
N PRO A 71 11.36 -19.04 6.98
CA PRO A 71 10.70 -19.33 5.70
C PRO A 71 9.93 -20.65 5.73
N ASP A 72 10.24 -21.50 6.69
CA ASP A 72 9.57 -22.80 6.82
C ASP A 72 8.34 -22.67 7.72
N SER A 73 8.32 -21.62 8.52
CA SER A 73 7.21 -21.40 9.44
C SER A 73 5.95 -20.98 8.70
N PRO A 74 4.85 -21.74 8.89
CA PRO A 74 3.55 -21.40 8.33
C PRO A 74 2.96 -20.15 8.98
N SER A 75 3.46 -19.82 10.16
CA SER A 75 3.03 -18.64 10.89
C SER A 75 3.42 -17.38 10.11
N ALA A 76 4.56 -17.46 9.42
CA ALA A 76 5.04 -16.36 8.61
C ALA A 76 4.13 -16.13 7.41
N GLN A 77 3.54 -17.22 6.91
CA GLN A 77 2.61 -17.15 5.80
C GLN A 77 1.41 -16.29 6.15
N LEU A 78 0.64 -16.74 7.13
CA LEU A 78 -0.58 -16.05 7.54
C LEU A 78 -0.26 -14.64 8.04
N ALA A 79 0.94 -14.45 8.59
CA ALA A 79 1.38 -13.14 9.01
C ALA A 79 1.37 -12.17 7.84
N LEU A 80 1.97 -12.60 6.74
CA LEU A 80 1.99 -11.81 5.51
C LEU A 80 0.60 -11.72 4.89
N ILE A 81 -0.04 -12.87 4.74
CA ILE A 81 -1.36 -12.95 4.09
C ILE A 81 -2.37 -12.01 4.76
N ALA A 82 -2.51 -12.12 6.08
CA ALA A 82 -3.47 -11.33 6.81
C ALA A 82 -3.09 -9.85 6.79
N ALA A 83 -1.80 -9.57 6.94
CA ALA A 83 -1.31 -8.19 6.93
C ALA A 83 -1.57 -7.54 5.57
N SER A 84 -1.37 -8.33 4.51
CA SER A 84 -1.59 -7.84 3.15
C SER A 84 -3.07 -7.52 2.94
N GLN A 85 -3.94 -8.45 3.32
CA GLN A 85 -5.38 -8.25 3.17
C GLN A 85 -5.84 -7.04 3.97
N SER A 86 -5.35 -6.93 5.19
CA SER A 86 -5.71 -5.83 6.08
C SER A 86 -5.07 -4.52 5.61
N PHE A 87 -4.14 -4.62 4.68
CA PHE A 87 -3.50 -3.44 4.10
C PHE A 87 -4.22 -3.03 2.81
N LEU A 88 -4.76 -4.02 2.11
CA LEU A 88 -5.47 -3.80 0.86
C LEU A 88 -6.61 -2.81 1.03
N GLN A 89 -7.37 -2.96 2.11
CA GLN A 89 -8.53 -2.12 2.35
C GLN A 89 -8.13 -0.64 2.53
N PRO A 90 -7.33 -0.28 3.56
CA PRO A 90 -6.91 1.11 3.78
C PRO A 90 -6.02 1.63 2.65
N GLY A 91 -5.20 0.73 2.10
CA GLY A 91 -4.35 1.10 0.98
C GLY A 91 -5.15 1.52 -0.22
N GLY A 92 -6.16 0.72 -0.56
CA GLY A 92 -7.03 1.04 -1.67
C GLY A 92 -7.77 2.35 -1.45
N LYS A 93 -8.07 2.64 -0.20
CA LYS A 93 -8.73 3.89 0.16
C LYS A 93 -7.81 5.08 -0.11
N MET A 94 -6.51 4.89 0.05
CA MET A 94 -5.56 5.96 -0.20
C MET A 94 -5.33 6.11 -1.69
N VAL A 95 -5.38 5.00 -2.41
CA VAL A 95 -5.29 5.03 -3.87
C VAL A 95 -6.49 5.81 -4.43
N ALA A 96 -7.67 5.49 -3.93
CA ALA A 96 -8.89 6.17 -4.33
C ALA A 96 -8.81 7.65 -3.97
N ALA A 97 -8.41 7.93 -2.72
CA ALA A 97 -8.26 9.30 -2.24
C ALA A 97 -7.27 10.07 -3.11
N ALA A 98 -6.18 9.41 -3.48
CA ALA A 98 -5.16 10.03 -4.31
C ALA A 98 -5.72 10.39 -5.68
N LYS A 99 -6.34 9.41 -6.33
CA LYS A 99 -6.92 9.60 -7.66
C LYS A 99 -8.03 10.65 -7.65
N ALA A 100 -8.68 10.78 -6.50
CA ALA A 100 -9.79 11.71 -6.36
C ALA A 100 -9.30 13.11 -6.00
N SER A 101 -8.09 13.20 -5.48
CA SER A 101 -7.51 14.50 -5.15
C SER A 101 -6.80 15.10 -6.36
N VAL A 102 -6.36 14.24 -7.28
CA VAL A 102 -5.68 14.66 -8.49
C VAL A 102 -6.47 15.72 -9.28
N PRO A 103 -7.76 15.48 -9.60
CA PRO A 103 -8.54 16.41 -10.43
C PRO A 103 -8.79 17.76 -9.74
N THR A 104 -8.70 17.77 -8.42
CA THR A 104 -8.94 18.98 -7.65
C THR A 104 -7.63 19.68 -7.35
N ILE A 105 -6.54 19.13 -7.87
CA ILE A 105 -5.24 19.79 -7.84
C ILE A 105 -5.07 20.55 -9.15
N GLN A 106 -4.88 21.86 -9.06
CA GLN A 106 -4.81 22.68 -10.25
C GLN A 106 -3.36 22.91 -10.65
N ASP A 107 -2.46 22.21 -9.98
CA ASP A 107 -1.06 22.16 -10.38
C ASP A 107 -0.76 20.82 -11.02
N GLN A 108 -0.37 20.85 -12.28
CA GLN A 108 -0.16 19.63 -13.06
C GLN A 108 0.88 18.72 -12.41
N ALA A 109 2.00 19.30 -12.00
CA ALA A 109 3.11 18.52 -11.45
C ALA A 109 2.73 17.81 -10.16
N SER A 110 2.04 18.51 -9.27
CA SER A 110 1.61 17.93 -8.01
C SER A 110 0.59 16.82 -8.25
N ALA A 111 -0.30 17.05 -9.21
CA ALA A 111 -1.34 16.07 -9.54
C ALA A 111 -0.72 14.80 -10.12
N MET A 112 0.29 14.96 -10.97
CA MET A 112 0.94 13.83 -11.61
C MET A 112 1.70 12.98 -10.59
N GLN A 113 2.16 13.63 -9.52
CA GLN A 113 2.89 12.93 -8.47
C GLN A 113 1.98 11.92 -7.78
N LEU A 114 0.75 12.35 -7.50
CA LEU A 114 -0.25 11.46 -6.91
C LEU A 114 -0.59 10.33 -7.85
N SER A 115 -0.83 10.66 -9.11
CA SER A 115 -1.19 9.66 -10.11
C SER A 115 -0.11 8.59 -10.22
N GLN A 116 1.15 9.02 -10.21
CA GLN A 116 2.29 8.10 -10.31
C GLN A 116 2.29 7.13 -9.14
N CYS A 117 2.20 7.67 -7.94
CA CYS A 117 2.26 6.86 -6.73
C CYS A 117 1.03 5.96 -6.61
N ALA A 118 -0.15 6.54 -6.83
CA ALA A 118 -1.41 5.82 -6.68
C ALA A 118 -1.51 4.62 -7.63
N LYS A 119 -1.13 4.83 -8.89
CA LYS A 119 -1.25 3.76 -9.88
C LYS A 119 -0.30 2.61 -9.54
N ASN A 120 0.86 2.94 -9.00
CA ASN A 120 1.84 1.92 -8.64
C ASN A 120 1.44 1.21 -7.36
N LEU A 121 0.94 1.97 -6.40
CA LEU A 121 0.41 1.39 -5.17
C LEU A 121 -0.76 0.47 -5.47
N GLY A 122 -1.65 0.92 -6.34
CA GLY A 122 -2.79 0.10 -6.73
C GLY A 122 -2.36 -1.20 -7.37
N THR A 123 -1.36 -1.15 -8.23
CA THR A 123 -0.84 -2.33 -8.89
C THR A 123 -0.09 -3.21 -7.91
N ALA A 124 0.63 -2.56 -6.98
CA ALA A 124 1.32 -3.26 -5.92
C ALA A 124 0.32 -4.06 -5.09
N LEU A 125 -0.81 -3.44 -4.78
CA LEU A 125 -1.89 -4.09 -4.06
C LEU A 125 -2.50 -5.21 -4.91
N ALA A 126 -2.60 -4.96 -6.22
CA ALA A 126 -3.17 -5.92 -7.15
C ALA A 126 -2.46 -7.26 -7.09
N GLU A 127 -1.15 -7.25 -7.29
CA GLU A 127 -0.38 -8.49 -7.29
C GLU A 127 -0.22 -9.04 -5.87
N LEU A 128 -0.20 -8.16 -4.88
CA LEU A 128 -0.12 -8.56 -3.47
C LEU A 128 -1.38 -9.34 -3.09
N ARG A 129 -2.54 -8.77 -3.41
CA ARG A 129 -3.82 -9.38 -3.13
C ARG A 129 -3.92 -10.78 -3.75
N THR A 130 -3.56 -10.87 -5.01
CA THR A 130 -3.64 -12.12 -5.74
C THR A 130 -2.71 -13.18 -5.14
N ALA A 131 -1.50 -12.78 -4.77
CA ALA A 131 -0.54 -13.71 -4.19
C ALA A 131 -0.98 -14.15 -2.79
N ALA A 132 -1.49 -13.20 -2.01
CA ALA A 132 -1.95 -13.48 -0.65
C ALA A 132 -3.10 -14.49 -0.68
N GLN A 133 -4.00 -14.30 -1.64
CA GLN A 133 -5.12 -15.22 -1.83
C GLN A 133 -4.61 -16.63 -2.11
N LYS A 134 -3.64 -16.74 -3.00
CA LYS A 134 -3.10 -18.03 -3.40
C LYS A 134 -2.41 -18.73 -2.24
N ALA A 135 -1.66 -17.98 -1.45
CA ALA A 135 -0.96 -18.55 -0.30
C ALA A 135 -1.96 -18.98 0.77
N GLN A 136 -3.10 -18.30 0.80
CA GLN A 136 -4.16 -18.60 1.76
C GLN A 136 -4.81 -19.95 1.44
N GLU A 137 -4.91 -20.24 0.15
CA GLU A 137 -5.52 -21.48 -0.31
C GLU A 137 -4.46 -22.55 -0.63
N ALA A 138 -3.22 -22.30 -0.20
CA ALA A 138 -2.14 -23.24 -0.46
C ALA A 138 -1.60 -23.81 0.85
N GLY A 1 18.87 -28.08 -4.05
CA GLY A 1 19.11 -27.25 -2.85
C GLY A 1 19.25 -25.79 -3.21
N ILE A 2 18.23 -25.25 -3.85
CA ILE A 2 18.26 -23.86 -4.32
C ILE A 2 17.42 -22.96 -3.43
N ASP A 3 17.37 -21.68 -3.78
CA ASP A 3 16.55 -20.70 -3.06
C ASP A 3 15.10 -21.15 -3.00
N PRO A 4 14.51 -21.10 -1.80
CA PRO A 4 13.09 -21.42 -1.60
C PRO A 4 12.19 -20.31 -2.11
N PHE A 5 11.74 -20.47 -3.34
CA PHE A 5 10.77 -19.54 -3.93
C PHE A 5 9.40 -20.20 -4.00
N THR A 6 8.35 -19.40 -3.87
CA THR A 6 6.99 -19.90 -3.83
C THR A 6 5.98 -18.76 -3.64
N LEU A 7 4.75 -19.11 -3.33
CA LEU A 7 3.66 -18.16 -3.20
C LEU A 7 3.96 -17.10 -2.15
N VAL A 8 4.44 -17.54 -1.00
CA VAL A 8 4.70 -16.62 0.11
C VAL A 8 5.90 -15.71 -0.21
N GLN A 9 6.80 -16.20 -1.05
CA GLN A 9 7.95 -15.42 -1.46
C GLN A 9 7.53 -14.31 -2.41
N ARG A 10 6.56 -14.61 -3.26
CA ARG A 10 5.97 -13.60 -4.13
C ARG A 10 5.17 -12.61 -3.30
N LEU A 11 4.54 -13.12 -2.25
CA LEU A 11 3.79 -12.28 -1.31
C LEU A 11 4.74 -11.29 -0.63
N GLU A 12 5.90 -11.79 -0.20
CA GLU A 12 6.94 -10.93 0.37
C GLU A 12 7.30 -9.80 -0.59
N HIS A 13 7.62 -10.18 -1.82
CA HIS A 13 8.03 -9.22 -2.85
C HIS A 13 6.92 -8.19 -3.10
N ALA A 14 5.68 -8.63 -2.97
CA ALA A 14 4.54 -7.74 -3.17
C ALA A 14 4.36 -6.83 -1.96
N ALA A 15 4.48 -7.39 -0.77
CA ALA A 15 4.33 -6.63 0.47
C ALA A 15 5.39 -5.54 0.58
N LYS A 16 6.61 -5.88 0.21
CA LYS A 16 7.72 -4.94 0.26
C LYS A 16 7.49 -3.77 -0.70
N GLN A 17 7.06 -4.07 -1.92
CA GLN A 17 6.84 -3.02 -2.91
C GLN A 17 5.59 -2.23 -2.59
N ALA A 18 4.60 -2.88 -1.97
CA ALA A 18 3.40 -2.21 -1.54
C ALA A 18 3.72 -1.21 -0.45
N ALA A 19 4.51 -1.65 0.52
CA ALA A 19 4.98 -0.79 1.60
C ALA A 19 5.75 0.40 1.03
N ALA A 20 6.61 0.11 0.06
CA ALA A 20 7.41 1.14 -0.61
C ALA A 20 6.52 2.13 -1.34
N SER A 21 5.64 1.62 -2.19
CA SER A 21 4.76 2.45 -3.01
C SER A 21 3.80 3.24 -2.15
N ALA A 22 3.40 2.68 -1.02
CA ALA A 22 2.57 3.38 -0.06
C ALA A 22 3.31 4.57 0.52
N THR A 23 4.59 4.34 0.82
CA THR A 23 5.44 5.41 1.33
C THR A 23 5.53 6.56 0.33
N GLN A 24 5.66 6.21 -0.95
CA GLN A 24 5.68 7.19 -2.03
C GLN A 24 4.38 7.99 -2.04
N THR A 25 3.28 7.27 -1.92
CA THR A 25 1.96 7.88 -1.98
C THR A 25 1.70 8.75 -0.76
N ILE A 26 2.13 8.30 0.42
CA ILE A 26 1.98 9.08 1.63
C ILE A 26 2.80 10.37 1.55
N ALA A 27 4.02 10.25 1.05
CA ALA A 27 4.89 11.42 0.88
C ALA A 27 4.25 12.42 -0.08
N ALA A 28 3.55 11.91 -1.08
CA ALA A 28 2.81 12.75 -2.01
C ALA A 28 1.57 13.33 -1.37
N ALA A 29 0.86 12.50 -0.62
CA ALA A 29 -0.38 12.91 0.06
C ALA A 29 -0.11 14.06 1.02
N GLN A 30 0.95 13.94 1.81
CA GLN A 30 1.29 14.96 2.79
C GLN A 30 1.64 16.28 2.11
N HIS A 31 2.13 16.21 0.89
CA HIS A 31 2.60 17.38 0.17
C HIS A 31 1.47 18.00 -0.65
N ALA A 32 0.74 17.14 -1.35
CA ALA A 32 -0.33 17.60 -2.25
C ALA A 32 -1.59 17.95 -1.48
N ALA A 33 -1.95 17.12 -0.50
CA ALA A 33 -3.16 17.32 0.26
C ALA A 33 -2.86 17.96 1.61
N SER A 34 -2.85 19.28 1.64
CA SER A 34 -2.68 20.01 2.88
C SER A 34 -4.04 20.37 3.44
N ALA A 35 -4.93 20.77 2.55
CA ALA A 35 -6.29 21.11 2.91
C ALA A 35 -7.19 21.01 1.68
N PRO A 36 -8.38 20.39 1.83
CA PRO A 36 -9.30 20.19 0.70
C PRO A 36 -10.03 21.47 0.31
N LYS A 37 -9.62 22.58 0.90
CA LYS A 37 -10.23 23.90 0.65
C LYS A 37 -11.70 23.88 1.06
N ALA A 38 -12.02 23.07 2.05
CA ALA A 38 -13.39 22.91 2.48
C ALA A 38 -13.57 23.39 3.91
N SER A 39 -14.28 24.50 4.06
CA SER A 39 -14.59 25.04 5.35
C SER A 39 -15.79 24.31 5.94
N ALA A 40 -16.69 23.87 5.07
CA ALA A 40 -17.86 23.11 5.47
C ALA A 40 -17.58 21.62 5.30
N GLY A 41 -17.43 20.93 6.42
CA GLY A 41 -17.11 19.52 6.38
C GLY A 41 -15.65 19.27 6.04
N PRO A 42 -14.74 19.46 7.01
CA PRO A 42 -13.31 19.24 6.81
C PRO A 42 -12.98 17.78 6.58
N GLN A 43 -12.79 17.41 5.32
CA GLN A 43 -12.45 16.04 4.96
C GLN A 43 -11.21 16.04 4.08
N PRO A 44 -10.04 15.72 4.65
CA PRO A 44 -8.77 15.72 3.93
C PRO A 44 -8.62 14.54 2.97
N LEU A 45 -9.42 13.50 3.18
CA LEU A 45 -9.37 12.28 2.36
C LEU A 45 -8.01 11.57 2.44
N LEU A 46 -7.05 12.05 1.66
CA LEU A 46 -5.71 11.45 1.62
C LEU A 46 -5.09 11.39 2.99
N VAL A 47 -5.21 12.48 3.74
CA VAL A 47 -4.65 12.58 5.07
C VAL A 47 -5.28 11.55 6.01
N GLN A 48 -6.52 11.20 5.74
CA GLN A 48 -7.21 10.18 6.53
C GLN A 48 -6.64 8.81 6.19
N SER A 49 -6.59 8.51 4.90
CA SER A 49 -6.13 7.22 4.43
C SER A 49 -4.67 6.96 4.81
N CYS A 50 -3.82 7.97 4.65
CA CYS A 50 -2.39 7.81 4.91
C CYS A 50 -2.13 7.50 6.38
N LYS A 51 -3.04 7.94 7.27
CA LYS A 51 -2.93 7.60 8.68
C LYS A 51 -3.06 6.10 8.89
N ALA A 52 -4.08 5.51 8.29
CA ALA A 52 -4.33 4.08 8.43
C ALA A 52 -3.27 3.27 7.70
N VAL A 53 -2.85 3.76 6.54
CA VAL A 53 -1.82 3.10 5.76
C VAL A 53 -0.50 3.06 6.53
N ALA A 54 -0.19 4.16 7.22
CA ALA A 54 1.04 4.27 8.00
C ALA A 54 1.06 3.26 9.15
N GLU A 55 -0.09 2.69 9.46
CA GLU A 55 -0.19 1.68 10.50
C GLU A 55 0.05 0.30 9.90
N GLN A 56 -0.40 0.12 8.66
CA GLN A 56 -0.36 -1.18 8.00
C GLN A 56 0.99 -1.44 7.33
N ILE A 57 1.68 -0.37 6.93
CA ILE A 57 3.01 -0.50 6.32
C ILE A 57 3.97 -1.28 7.23
N PRO A 58 4.14 -0.86 8.51
CA PRO A 58 5.00 -1.58 9.45
C PRO A 58 4.54 -3.01 9.67
N LEU A 59 3.24 -3.24 9.58
CA LEU A 59 2.67 -4.58 9.73
C LEU A 59 3.07 -5.48 8.57
N LEU A 60 3.03 -4.91 7.36
CA LEU A 60 3.52 -5.62 6.17
C LEU A 60 4.94 -6.08 6.38
N VAL A 61 5.82 -5.12 6.63
CA VAL A 61 7.25 -5.38 6.76
C VAL A 61 7.52 -6.30 7.95
N GLN A 62 6.71 -6.18 9.00
CA GLN A 62 6.80 -7.09 10.14
C GLN A 62 6.53 -8.51 9.70
N GLY A 63 5.50 -8.67 8.86
CA GLY A 63 5.20 -9.97 8.29
C GLY A 63 6.28 -10.45 7.35
N VAL A 64 6.77 -9.53 6.50
CA VAL A 64 7.84 -9.84 5.56
C VAL A 64 9.07 -10.33 6.31
N ARG A 65 9.48 -9.57 7.32
CA ARG A 65 10.64 -9.95 8.13
C ARG A 65 10.35 -11.21 8.93
N GLY A 66 9.07 -11.44 9.21
CA GLY A 66 8.67 -12.67 9.87
C GLY A 66 8.98 -13.89 9.02
N SER A 67 8.71 -13.78 7.72
CA SER A 67 9.03 -14.84 6.77
C SER A 67 10.54 -14.92 6.57
N GLN A 68 11.23 -13.83 6.86
CA GLN A 68 12.69 -13.79 6.78
C GLN A 68 13.31 -14.28 8.08
N ALA A 69 12.46 -14.60 9.05
CA ALA A 69 12.92 -15.07 10.34
C ALA A 69 12.47 -16.51 10.58
N GLN A 70 11.25 -16.81 10.17
CA GLN A 70 10.68 -18.13 10.34
C GLN A 70 9.95 -18.57 9.07
N PRO A 71 10.68 -18.80 7.97
CA PRO A 71 10.08 -19.12 6.66
C PRO A 71 9.30 -20.43 6.66
N ASP A 72 9.76 -21.39 7.45
CA ASP A 72 9.13 -22.70 7.49
C ASP A 72 7.95 -22.70 8.45
N SER A 73 7.90 -21.69 9.31
CA SER A 73 6.86 -21.58 10.30
C SER A 73 5.61 -20.96 9.71
N PRO A 74 4.45 -21.64 9.82
CA PRO A 74 3.17 -21.15 9.31
C PRO A 74 2.78 -19.80 9.90
N SER A 75 3.38 -19.47 11.05
CA SER A 75 3.13 -18.21 11.72
C SER A 75 3.47 -17.04 10.81
N ALA A 76 4.60 -17.14 10.12
CA ALA A 76 5.05 -16.09 9.22
C ALA A 76 4.08 -15.92 8.07
N GLN A 77 3.61 -17.03 7.55
CA GLN A 77 2.63 -17.02 6.47
C GLN A 77 1.34 -16.35 6.93
N LEU A 78 0.81 -16.79 8.06
CA LEU A 78 -0.42 -16.24 8.61
C LEU A 78 -0.29 -14.74 8.85
N ALA A 79 0.87 -14.32 9.34
CA ALA A 79 1.13 -12.90 9.55
C ALA A 79 1.12 -12.13 8.23
N LEU A 80 1.86 -12.66 7.25
CA LEU A 80 1.94 -12.03 5.93
C LEU A 80 0.56 -11.94 5.28
N ILE A 81 -0.15 -13.05 5.22
CA ILE A 81 -1.46 -13.10 4.57
C ILE A 81 -2.42 -12.10 5.21
N ALA A 82 -2.45 -12.09 6.54
CA ALA A 82 -3.33 -11.18 7.27
C ALA A 82 -2.94 -9.73 7.02
N ALA A 83 -1.66 -9.41 7.21
CA ALA A 83 -1.17 -8.05 7.06
C ALA A 83 -1.41 -7.53 5.64
N SER A 84 -1.16 -8.38 4.65
CA SER A 84 -1.33 -8.00 3.26
C SER A 84 -2.78 -7.62 2.97
N GLN A 85 -3.71 -8.47 3.38
CA GLN A 85 -5.13 -8.22 3.15
C GLN A 85 -5.60 -7.02 3.97
N SER A 86 -5.03 -6.90 5.16
CA SER A 86 -5.35 -5.78 6.05
C SER A 86 -4.86 -4.47 5.45
N PHE A 87 -3.71 -4.52 4.78
CA PHE A 87 -3.14 -3.35 4.14
C PHE A 87 -3.95 -2.94 2.91
N LEU A 88 -4.52 -3.93 2.24
CA LEU A 88 -5.34 -3.69 1.05
C LEU A 88 -6.52 -2.77 1.38
N GLN A 89 -7.02 -2.89 2.61
CA GLN A 89 -8.19 -2.12 3.03
C GLN A 89 -7.96 -0.61 2.95
N PRO A 90 -7.01 -0.03 3.72
CA PRO A 90 -6.73 1.41 3.66
C PRO A 90 -5.90 1.78 2.44
N GLY A 91 -5.08 0.83 1.99
CA GLY A 91 -4.22 1.09 0.85
C GLY A 91 -5.01 1.37 -0.41
N GLY A 92 -5.97 0.49 -0.71
CA GLY A 92 -6.80 0.67 -1.89
C GLY A 92 -7.62 1.94 -1.83
N LYS A 93 -8.04 2.30 -0.63
CA LYS A 93 -8.84 3.51 -0.44
C LYS A 93 -7.98 4.76 -0.60
N MET A 94 -6.70 4.66 -0.25
CA MET A 94 -5.80 5.79 -0.41
C MET A 94 -5.51 6.01 -1.89
N VAL A 95 -5.45 4.91 -2.64
CA VAL A 95 -5.31 4.99 -4.09
C VAL A 95 -6.52 5.69 -4.69
N ALA A 96 -7.70 5.30 -4.22
CA ALA A 96 -8.95 5.89 -4.66
C ALA A 96 -8.98 7.38 -4.34
N ALA A 97 -8.66 7.72 -3.09
CA ALA A 97 -8.62 9.10 -2.64
C ALA A 97 -7.60 9.89 -3.44
N ALA A 98 -6.43 9.30 -3.67
CA ALA A 98 -5.37 9.94 -4.43
C ALA A 98 -5.85 10.30 -5.83
N LYS A 99 -6.37 9.30 -6.54
CA LYS A 99 -6.86 9.51 -7.90
C LYS A 99 -7.98 10.53 -7.94
N ALA A 100 -8.81 10.53 -6.92
CA ALA A 100 -9.96 11.42 -6.87
C ALA A 100 -9.54 12.86 -6.55
N SER A 101 -8.43 13.00 -5.83
CA SER A 101 -7.95 14.33 -5.47
C SER A 101 -7.15 14.97 -6.60
N VAL A 102 -6.64 14.14 -7.51
CA VAL A 102 -5.84 14.62 -8.64
C VAL A 102 -6.52 15.77 -9.41
N PRO A 103 -7.76 15.56 -9.93
CA PRO A 103 -8.46 16.58 -10.71
C PRO A 103 -9.03 17.72 -9.87
N THR A 104 -8.93 17.61 -8.54
CA THR A 104 -9.44 18.66 -7.67
C THR A 104 -8.31 19.55 -7.16
N ILE A 105 -7.08 19.08 -7.31
CA ILE A 105 -5.92 19.84 -6.88
C ILE A 105 -5.50 20.82 -7.96
N GLN A 106 -5.29 22.07 -7.58
CA GLN A 106 -4.92 23.12 -8.51
C GLN A 106 -3.49 22.91 -9.02
N ASP A 107 -2.64 22.37 -8.16
CA ASP A 107 -1.24 22.14 -8.50
C ASP A 107 -1.12 20.87 -9.35
N GLN A 108 -0.84 21.06 -10.64
CA GLN A 108 -0.77 19.96 -11.59
C GLN A 108 0.39 19.03 -11.28
N ALA A 109 1.50 19.60 -10.80
CA ALA A 109 2.68 18.82 -10.45
C ALA A 109 2.34 17.78 -9.38
N SER A 110 1.64 18.23 -8.34
CA SER A 110 1.21 17.33 -7.27
C SER A 110 0.20 16.31 -7.79
N ALA A 111 -0.63 16.73 -8.73
CA ALA A 111 -1.62 15.86 -9.33
C ALA A 111 -0.92 14.73 -10.10
N MET A 112 0.10 15.08 -10.87
CA MET A 112 0.88 14.11 -11.62
C MET A 112 1.65 13.19 -10.68
N GLN A 113 2.15 13.77 -9.59
CA GLN A 113 2.86 13.02 -8.56
C GLN A 113 1.94 11.95 -7.97
N LEU A 114 0.70 12.32 -7.69
CA LEU A 114 -0.30 11.38 -7.18
C LEU A 114 -0.60 10.30 -8.22
N SER A 115 -0.75 10.71 -9.47
CA SER A 115 -1.02 9.78 -10.55
C SER A 115 0.11 8.75 -10.69
N GLN A 116 1.31 9.15 -10.29
CA GLN A 116 2.46 8.25 -10.31
C GLN A 116 2.42 7.30 -9.11
N CYS A 117 2.30 7.88 -7.93
CA CYS A 117 2.34 7.11 -6.68
C CYS A 117 1.18 6.12 -6.61
N ALA A 118 -0.03 6.59 -6.92
CA ALA A 118 -1.22 5.75 -6.86
C ALA A 118 -1.14 4.63 -7.89
N LYS A 119 -0.42 4.88 -8.98
CA LYS A 119 -0.26 3.88 -10.02
C LYS A 119 0.64 2.74 -9.52
N ASN A 120 1.72 3.11 -8.85
CA ASN A 120 2.62 2.13 -8.27
C ASN A 120 1.92 1.34 -7.18
N LEU A 121 1.32 2.07 -6.24
CA LEU A 121 0.62 1.46 -5.11
C LEU A 121 -0.53 0.58 -5.59
N GLY A 122 -1.33 1.10 -6.51
CA GLY A 122 -2.47 0.36 -7.01
C GLY A 122 -2.09 -0.97 -7.64
N THR A 123 -1.04 -0.95 -8.45
CA THR A 123 -0.59 -2.17 -9.11
C THR A 123 0.14 -3.08 -8.13
N ALA A 124 0.82 -2.48 -7.16
CA ALA A 124 1.46 -3.23 -6.10
C ALA A 124 0.40 -3.99 -5.30
N LEU A 125 -0.69 -3.30 -4.99
CA LEU A 125 -1.82 -3.91 -4.29
C LEU A 125 -2.47 -4.97 -5.16
N ALA A 126 -2.45 -4.77 -6.47
CA ALA A 126 -3.05 -5.70 -7.41
C ALA A 126 -2.43 -7.09 -7.28
N GLU A 127 -1.11 -7.17 -7.36
CA GLU A 127 -0.43 -8.45 -7.25
C GLU A 127 -0.32 -8.88 -5.80
N LEU A 128 -0.29 -7.92 -4.88
CA LEU A 128 -0.30 -8.21 -3.46
C LEU A 128 -1.57 -8.95 -3.07
N ARG A 129 -2.71 -8.41 -3.50
CA ARG A 129 -4.00 -9.00 -3.24
C ARG A 129 -4.07 -10.40 -3.83
N THR A 130 -3.54 -10.54 -5.03
CA THR A 130 -3.53 -11.82 -5.73
C THR A 130 -2.61 -12.82 -5.02
N ALA A 131 -1.41 -12.37 -4.65
CA ALA A 131 -0.43 -13.23 -4.00
C ALA A 131 -0.88 -13.60 -2.59
N ALA A 132 -1.51 -12.64 -1.90
CA ALA A 132 -2.02 -12.87 -0.56
C ALA A 132 -3.12 -13.92 -0.56
N GLN A 133 -3.92 -13.92 -1.60
CA GLN A 133 -4.99 -14.90 -1.72
C GLN A 133 -4.40 -16.26 -2.10
N LYS A 134 -3.37 -16.23 -2.94
CA LYS A 134 -2.64 -17.45 -3.30
C LYS A 134 -2.11 -18.16 -2.07
N ALA A 135 -1.31 -17.45 -1.28
CA ALA A 135 -0.69 -18.02 -0.10
C ALA A 135 -1.75 -18.40 0.95
N GLN A 136 -2.91 -17.77 0.84
CA GLN A 136 -3.99 -17.98 1.80
C GLN A 136 -4.67 -19.32 1.57
N GLU A 137 -5.23 -19.51 0.38
CA GLU A 137 -6.05 -20.68 0.11
C GLU A 137 -5.37 -21.68 -0.82
N ALA A 138 -4.05 -21.68 -0.81
CA ALA A 138 -3.27 -22.68 -1.55
C ALA A 138 -2.12 -23.20 -0.70
N GLY A 1 6.40 -20.71 -18.01
CA GLY A 1 5.66 -19.93 -16.99
C GLY A 1 6.09 -20.28 -15.58
N ILE A 2 7.39 -20.45 -15.38
CA ILE A 2 7.92 -20.79 -14.07
C ILE A 2 8.36 -19.53 -13.34
N ASP A 3 7.64 -19.18 -12.28
CA ASP A 3 8.00 -18.03 -11.47
C ASP A 3 9.10 -18.41 -10.48
N PRO A 4 10.11 -17.55 -10.33
CA PRO A 4 11.20 -17.76 -9.39
C PRO A 4 10.80 -17.41 -7.96
N PHE A 5 9.52 -17.19 -7.75
CA PHE A 5 8.99 -16.86 -6.45
C PHE A 5 7.88 -17.84 -6.07
N THR A 6 7.99 -18.41 -4.88
CA THR A 6 6.93 -19.24 -4.34
C THR A 6 5.81 -18.37 -3.78
N LEU A 7 4.81 -19.00 -3.17
CA LEU A 7 3.68 -18.26 -2.60
C LEU A 7 4.15 -17.25 -1.56
N VAL A 8 5.08 -17.65 -0.71
CA VAL A 8 5.58 -16.75 0.33
C VAL A 8 6.61 -15.77 -0.25
N GLN A 9 7.41 -16.22 -1.21
CA GLN A 9 8.43 -15.38 -1.82
C GLN A 9 7.80 -14.17 -2.52
N ARG A 10 6.71 -14.40 -3.24
CA ARG A 10 6.04 -13.31 -3.92
C ARG A 10 5.41 -12.37 -2.89
N LEU A 11 4.95 -12.93 -1.78
CA LEU A 11 4.38 -12.14 -0.69
C LEU A 11 5.42 -11.20 -0.11
N GLU A 12 6.60 -11.75 0.19
CA GLU A 12 7.71 -10.96 0.73
C GLU A 12 8.00 -9.74 -0.13
N HIS A 13 8.05 -9.95 -1.43
CA HIS A 13 8.42 -8.90 -2.35
C HIS A 13 7.25 -7.96 -2.64
N ALA A 14 6.05 -8.52 -2.71
CA ALA A 14 4.86 -7.71 -2.95
C ALA A 14 4.54 -6.84 -1.75
N ALA A 15 4.76 -7.37 -0.55
CA ALA A 15 4.50 -6.63 0.67
C ALA A 15 5.46 -5.45 0.80
N LYS A 16 6.72 -5.66 0.45
CA LYS A 16 7.71 -4.59 0.53
C LYS A 16 7.45 -3.52 -0.50
N GLN A 17 7.01 -3.90 -1.69
CA GLN A 17 6.73 -2.93 -2.74
C GLN A 17 5.45 -2.15 -2.41
N ALA A 18 4.50 -2.84 -1.78
CA ALA A 18 3.28 -2.19 -1.32
C ALA A 18 3.60 -1.18 -0.23
N ALA A 19 4.39 -1.62 0.75
CA ALA A 19 4.86 -0.76 1.83
C ALA A 19 5.63 0.44 1.28
N ALA A 20 6.50 0.17 0.31
CA ALA A 20 7.30 1.21 -0.33
C ALA A 20 6.42 2.22 -1.06
N SER A 21 5.55 1.71 -1.91
CA SER A 21 4.67 2.55 -2.71
C SER A 21 3.74 3.35 -1.82
N ALA A 22 3.26 2.74 -0.75
CA ALA A 22 2.40 3.43 0.21
C ALA A 22 3.13 4.61 0.82
N THR A 23 4.38 4.38 1.21
CA THR A 23 5.21 5.40 1.83
C THR A 23 5.31 6.65 0.94
N GLN A 24 5.62 6.44 -0.34
CA GLN A 24 5.82 7.55 -1.26
C GLN A 24 4.49 8.24 -1.55
N THR A 25 3.43 7.46 -1.62
CA THR A 25 2.10 7.99 -1.83
C THR A 25 1.67 8.88 -0.66
N ILE A 26 1.99 8.44 0.55
CA ILE A 26 1.68 9.22 1.76
C ILE A 26 2.35 10.60 1.70
N ALA A 27 3.62 10.62 1.33
CA ALA A 27 4.35 11.88 1.23
C ALA A 27 3.78 12.76 0.13
N ALA A 28 3.44 12.14 -0.99
CA ALA A 28 2.87 12.85 -2.13
C ALA A 28 1.50 13.41 -1.79
N ALA A 29 0.70 12.63 -1.08
CA ALA A 29 -0.64 13.01 -0.70
C ALA A 29 -0.64 14.27 0.17
N GLN A 30 0.31 14.36 1.08
CA GLN A 30 0.43 15.52 1.95
C GLN A 30 0.75 16.77 1.13
N HIS A 31 1.68 16.62 0.19
CA HIS A 31 2.08 17.73 -0.67
C HIS A 31 0.92 18.18 -1.55
N ALA A 32 0.14 17.22 -2.02
CA ALA A 32 -1.01 17.51 -2.87
C ALA A 32 -2.14 18.13 -2.06
N ALA A 33 -2.23 17.77 -0.80
CA ALA A 33 -3.30 18.26 0.08
C ALA A 33 -3.01 19.67 0.57
N SER A 34 -2.09 20.36 -0.09
CA SER A 34 -1.77 21.74 0.24
C SER A 34 -2.96 22.65 -0.04
N ALA A 35 -3.61 22.44 -1.18
CA ALA A 35 -4.75 23.25 -1.56
C ALA A 35 -5.80 22.43 -2.30
N PRO A 36 -6.79 21.92 -1.57
CA PRO A 36 -7.90 21.16 -2.12
C PRO A 36 -9.10 22.04 -2.40
N LYS A 37 -10.20 21.44 -2.85
CA LYS A 37 -11.43 22.19 -3.09
C LYS A 37 -12.58 21.57 -2.33
N ALA A 38 -12.24 20.80 -1.29
CA ALA A 38 -13.24 20.12 -0.49
C ALA A 38 -14.14 21.12 0.23
N SER A 39 -15.42 20.81 0.28
CA SER A 39 -16.40 21.70 0.88
C SER A 39 -17.18 20.99 1.98
N ALA A 40 -17.39 19.70 1.81
CA ALA A 40 -18.13 18.90 2.77
C ALA A 40 -17.20 18.29 3.81
N GLY A 41 -15.90 18.43 3.56
CA GLY A 41 -14.91 17.92 4.47
C GLY A 41 -13.84 18.94 4.80
N PRO A 42 -13.65 19.26 6.08
CA PRO A 42 -12.64 20.24 6.52
C PRO A 42 -11.25 19.64 6.51
N GLN A 43 -11.19 18.35 6.28
CA GLN A 43 -9.94 17.61 6.23
C GLN A 43 -9.85 16.81 4.95
N PRO A 44 -8.74 16.97 4.21
CA PRO A 44 -8.50 16.22 2.96
C PRO A 44 -8.49 14.72 3.20
N LEU A 45 -9.13 13.99 2.30
CA LEU A 45 -9.22 12.53 2.40
C LEU A 45 -7.84 11.91 2.32
N LEU A 46 -6.94 12.56 1.57
CA LEU A 46 -5.57 12.09 1.40
C LEU A 46 -4.90 11.83 2.75
N VAL A 47 -4.73 12.88 3.55
CA VAL A 47 -4.03 12.77 4.81
C VAL A 47 -4.72 11.78 5.75
N GLN A 48 -6.03 11.73 5.67
CA GLN A 48 -6.80 10.80 6.49
C GLN A 48 -6.51 9.35 6.12
N SER A 49 -6.51 9.04 4.84
CA SER A 49 -6.20 7.69 4.38
C SER A 49 -4.74 7.34 4.71
N CYS A 50 -3.85 8.32 4.60
CA CYS A 50 -2.44 8.12 4.92
C CYS A 50 -2.26 7.68 6.37
N LYS A 51 -3.09 8.20 7.25
CA LYS A 51 -3.03 7.87 8.67
C LYS A 51 -3.28 6.38 8.89
N ALA A 52 -4.32 5.87 8.23
CA ALA A 52 -4.68 4.47 8.37
C ALA A 52 -3.64 3.56 7.72
N VAL A 53 -3.17 3.96 6.55
CA VAL A 53 -2.16 3.20 5.83
C VAL A 53 -0.89 3.05 6.67
N ALA A 54 -0.48 4.15 7.30
CA ALA A 54 0.74 4.17 8.10
C ALA A 54 0.68 3.17 9.26
N GLU A 55 -0.53 2.82 9.68
CA GLU A 55 -0.71 1.86 10.77
C GLU A 55 -0.48 0.44 10.28
N GLN A 56 -0.77 0.20 9.01
CA GLN A 56 -0.73 -1.15 8.46
C GLN A 56 0.61 -1.47 7.80
N ILE A 57 1.35 -0.42 7.42
CA ILE A 57 2.65 -0.58 6.74
C ILE A 57 3.60 -1.51 7.51
N PRO A 58 3.87 -1.25 8.82
CA PRO A 58 4.79 -2.07 9.61
C PRO A 58 4.36 -3.54 9.69
N LEU A 59 3.07 -3.80 9.53
CA LEU A 59 2.56 -5.16 9.60
C LEU A 59 2.99 -5.96 8.37
N LEU A 60 3.00 -5.30 7.22
CA LEU A 60 3.48 -5.92 5.99
C LEU A 60 4.92 -6.37 6.19
N VAL A 61 5.76 -5.40 6.56
CA VAL A 61 7.18 -5.63 6.72
C VAL A 61 7.45 -6.67 7.80
N GLN A 62 6.63 -6.67 8.85
CA GLN A 62 6.71 -7.70 9.88
C GLN A 62 6.53 -9.08 9.26
N GLY A 63 5.49 -9.21 8.44
CA GLY A 63 5.24 -10.46 7.76
C GLY A 63 6.38 -10.84 6.82
N VAL A 64 6.89 -9.85 6.10
CA VAL A 64 8.00 -10.06 5.18
C VAL A 64 9.18 -10.69 5.89
N ARG A 65 9.63 -10.05 6.97
CA ARG A 65 10.79 -10.52 7.72
C ARG A 65 10.55 -11.90 8.30
N GLY A 66 9.31 -12.19 8.65
CA GLY A 66 8.97 -13.49 9.19
C GLY A 66 9.07 -14.59 8.15
N SER A 67 8.58 -14.29 6.95
CA SER A 67 8.60 -15.26 5.85
C SER A 67 10.03 -15.53 5.40
N GLN A 68 10.86 -14.49 5.37
CA GLN A 68 12.25 -14.65 4.95
C GLN A 68 12.98 -15.63 5.86
N ALA A 69 12.66 -15.56 7.15
CA ALA A 69 13.29 -16.43 8.14
C ALA A 69 12.72 -17.84 8.08
N GLN A 70 11.43 -17.93 7.76
CA GLN A 70 10.76 -19.22 7.71
C GLN A 70 10.05 -19.41 6.36
N PRO A 71 10.72 -20.10 5.41
CA PRO A 71 10.23 -20.27 4.04
C PRO A 71 8.93 -21.07 3.96
N ASP A 72 8.65 -21.86 4.99
CA ASP A 72 7.43 -22.65 5.04
C ASP A 72 6.99 -22.84 6.48
N SER A 73 6.28 -21.84 6.99
CA SER A 73 5.81 -21.88 8.36
C SER A 73 4.48 -21.14 8.48
N PRO A 74 3.53 -21.72 9.24
CA PRO A 74 2.22 -21.09 9.50
C PRO A 74 2.36 -19.68 10.04
N SER A 75 3.22 -19.49 11.03
CA SER A 75 3.41 -18.19 11.66
C SER A 75 3.92 -17.15 10.66
N ALA A 76 4.77 -17.59 9.73
CA ALA A 76 5.33 -16.70 8.73
C ALA A 76 4.26 -16.30 7.72
N GLN A 77 3.55 -17.31 7.21
CA GLN A 77 2.52 -17.08 6.21
C GLN A 77 1.35 -16.29 6.78
N LEU A 78 0.90 -16.67 7.98
CA LEU A 78 -0.22 -16.03 8.63
C LEU A 78 0.07 -14.55 8.88
N ALA A 79 1.31 -14.25 9.27
CA ALA A 79 1.73 -12.88 9.52
C ALA A 79 1.61 -12.04 8.24
N LEU A 80 1.99 -12.63 7.11
CA LEU A 80 1.91 -11.96 5.83
C LEU A 80 0.47 -11.83 5.36
N ILE A 81 -0.23 -12.95 5.27
CA ILE A 81 -1.59 -12.98 4.73
C ILE A 81 -2.52 -12.03 5.49
N ALA A 82 -2.52 -12.15 6.82
CA ALA A 82 -3.39 -11.32 7.64
C ALA A 82 -3.07 -9.84 7.48
N ALA A 83 -1.78 -9.51 7.53
CA ALA A 83 -1.33 -8.13 7.42
C ALA A 83 -1.61 -7.54 6.05
N SER A 84 -1.33 -8.32 5.01
CA SER A 84 -1.52 -7.87 3.64
C SER A 84 -2.96 -7.47 3.38
N GLN A 85 -3.89 -8.36 3.74
CA GLN A 85 -5.31 -8.12 3.52
C GLN A 85 -5.79 -6.94 4.39
N SER A 86 -5.21 -6.81 5.58
CA SER A 86 -5.53 -5.71 6.46
C SER A 86 -4.99 -4.39 5.93
N PHE A 87 -3.93 -4.47 5.13
CA PHE A 87 -3.34 -3.29 4.52
C PHE A 87 -4.10 -2.88 3.27
N LEU A 88 -4.63 -3.89 2.57
CA LEU A 88 -5.36 -3.67 1.32
C LEU A 88 -6.56 -2.75 1.52
N GLN A 89 -7.25 -2.92 2.63
CA GLN A 89 -8.48 -2.17 2.87
C GLN A 89 -8.23 -0.66 3.00
N PRO A 90 -7.38 -0.20 3.95
CA PRO A 90 -7.05 1.22 4.08
C PRO A 90 -6.16 1.71 2.94
N GLY A 91 -5.30 0.81 2.44
CA GLY A 91 -4.41 1.15 1.35
C GLY A 91 -5.18 1.50 0.10
N GLY A 92 -6.19 0.69 -0.21
CA GLY A 92 -7.02 0.94 -1.37
C GLY A 92 -7.75 2.27 -1.27
N LYS A 93 -8.04 2.68 -0.04
CA LYS A 93 -8.70 3.96 0.20
C LYS A 93 -7.80 5.12 -0.21
N MET A 94 -6.50 5.00 0.08
CA MET A 94 -5.57 6.06 -0.23
C MET A 94 -5.33 6.12 -1.74
N VAL A 95 -5.35 4.95 -2.37
CA VAL A 95 -5.23 4.88 -3.82
C VAL A 95 -6.41 5.59 -4.47
N ALA A 96 -7.62 5.27 -4.00
CA ALA A 96 -8.84 5.87 -4.52
C ALA A 96 -8.87 7.37 -4.24
N ALA A 97 -8.46 7.75 -3.03
CA ALA A 97 -8.41 9.16 -2.64
C ALA A 97 -7.41 9.92 -3.50
N ALA A 98 -6.24 9.33 -3.69
CA ALA A 98 -5.18 9.95 -4.49
C ALA A 98 -5.64 10.21 -5.92
N LYS A 99 -6.13 9.16 -6.57
CA LYS A 99 -6.58 9.24 -7.96
C LYS A 99 -7.74 10.20 -8.13
N ALA A 100 -8.55 10.32 -7.09
CA ALA A 100 -9.72 11.18 -7.13
C ALA A 100 -9.34 12.64 -6.85
N SER A 101 -8.20 12.84 -6.21
CA SER A 101 -7.75 14.19 -5.88
C SER A 101 -6.95 14.78 -7.04
N VAL A 102 -6.39 13.92 -7.88
CA VAL A 102 -5.59 14.36 -9.03
C VAL A 102 -6.32 15.42 -9.88
N PRO A 103 -7.53 15.12 -10.40
CA PRO A 103 -8.24 16.04 -11.29
C PRO A 103 -8.76 17.30 -10.58
N THR A 104 -8.90 17.22 -9.27
CA THR A 104 -9.45 18.33 -8.50
C THR A 104 -8.38 19.35 -8.15
N ILE A 105 -7.12 18.97 -8.32
CA ILE A 105 -6.00 19.85 -7.99
C ILE A 105 -5.54 20.59 -9.24
N GLN A 106 -5.47 21.92 -9.15
CA GLN A 106 -5.02 22.74 -10.26
C GLN A 106 -3.54 22.53 -10.54
N ASP A 107 -2.75 22.44 -9.47
CA ASP A 107 -1.31 22.22 -9.60
C ASP A 107 -1.04 20.85 -10.22
N GLN A 108 -0.60 20.87 -11.46
CA GLN A 108 -0.39 19.63 -12.21
C GLN A 108 0.79 18.84 -11.65
N ALA A 109 1.73 19.52 -11.04
CA ALA A 109 2.88 18.85 -10.43
C ALA A 109 2.43 17.90 -9.33
N SER A 110 1.59 18.41 -8.42
CA SER A 110 1.02 17.59 -7.36
C SER A 110 0.09 16.53 -7.95
N ALA A 111 -0.61 16.90 -9.01
CA ALA A 111 -1.52 15.98 -9.69
C ALA A 111 -0.75 14.80 -10.29
N MET A 112 0.33 15.11 -10.99
CA MET A 112 1.20 14.08 -11.59
C MET A 112 1.83 13.25 -10.48
N GLN A 113 2.14 13.89 -9.36
CA GLN A 113 2.73 13.21 -8.23
C GLN A 113 1.77 12.14 -7.70
N LEU A 114 0.51 12.51 -7.57
CA LEU A 114 -0.52 11.58 -7.11
C LEU A 114 -0.78 10.51 -8.15
N SER A 115 -0.83 10.92 -9.42
CA SER A 115 -1.03 9.98 -10.50
C SER A 115 0.03 8.89 -10.48
N GLN A 116 1.28 9.30 -10.25
CA GLN A 116 2.40 8.38 -10.19
C GLN A 116 2.33 7.46 -8.98
N CYS A 117 2.21 8.05 -7.79
CA CYS A 117 2.24 7.27 -6.55
C CYS A 117 1.04 6.30 -6.48
N ALA A 118 -0.13 6.77 -6.88
CA ALA A 118 -1.35 5.98 -6.79
C ALA A 118 -1.32 4.79 -7.74
N LYS A 119 -0.77 4.97 -8.93
CA LYS A 119 -0.71 3.89 -9.91
C LYS A 119 0.33 2.85 -9.49
N ASN A 120 1.35 3.32 -8.79
CA ASN A 120 2.37 2.42 -8.25
C ASN A 120 1.78 1.59 -7.12
N LEU A 121 1.16 2.26 -6.17
CA LEU A 121 0.53 1.61 -5.03
C LEU A 121 -0.58 0.68 -5.48
N GLY A 122 -1.36 1.14 -6.47
CA GLY A 122 -2.44 0.33 -7.01
C GLY A 122 -1.94 -1.00 -7.57
N THR A 123 -0.93 -0.95 -8.41
CA THR A 123 -0.38 -2.15 -9.02
C THR A 123 0.36 -3.00 -7.98
N ALA A 124 0.98 -2.32 -7.02
CA ALA A 124 1.65 -3.00 -5.92
C ALA A 124 0.65 -3.83 -5.12
N LEU A 125 -0.45 -3.20 -4.74
CA LEU A 125 -1.51 -3.88 -4.00
C LEU A 125 -2.14 -4.98 -4.84
N ALA A 126 -2.18 -4.76 -6.14
CA ALA A 126 -2.75 -5.72 -7.07
C ALA A 126 -2.11 -7.09 -6.92
N GLU A 127 -0.78 -7.16 -7.04
CA GLU A 127 -0.09 -8.44 -6.94
C GLU A 127 0.12 -8.84 -5.48
N LEU A 128 0.07 -7.88 -4.58
CA LEU A 128 0.17 -8.15 -3.15
C LEU A 128 -1.10 -8.87 -2.68
N ARG A 129 -2.25 -8.37 -3.13
CA ARG A 129 -3.53 -8.99 -2.82
C ARG A 129 -3.61 -10.37 -3.45
N THR A 130 -3.12 -10.47 -4.68
CA THR A 130 -3.10 -11.74 -5.40
C THR A 130 -2.16 -12.73 -4.72
N ALA A 131 -1.06 -12.23 -4.16
CA ALA A 131 -0.09 -13.08 -3.49
C ALA A 131 -0.69 -13.71 -2.24
N ALA A 132 -1.26 -12.89 -1.38
CA ALA A 132 -1.85 -13.36 -0.13
C ALA A 132 -3.00 -14.32 -0.41
N GLN A 133 -3.76 -14.05 -1.46
CA GLN A 133 -4.88 -14.90 -1.82
C GLN A 133 -4.41 -16.29 -2.19
N LYS A 134 -3.43 -16.38 -3.10
CA LYS A 134 -2.94 -17.68 -3.55
C LYS A 134 -2.17 -18.39 -2.45
N ALA A 135 -1.70 -17.64 -1.47
CA ALA A 135 -1.00 -18.24 -0.35
C ALA A 135 -1.98 -18.77 0.70
N GLN A 136 -3.20 -18.25 0.67
CA GLN A 136 -4.21 -18.62 1.66
C GLN A 136 -5.21 -19.62 1.09
N GLU A 137 -5.61 -19.43 -0.16
CA GLU A 137 -6.65 -20.24 -0.76
C GLU A 137 -6.25 -20.73 -2.15
N ALA A 138 -5.28 -21.61 -2.18
CA ALA A 138 -4.88 -22.27 -3.41
C ALA A 138 -5.05 -23.78 -3.27
N GLY A 1 13.37 -11.16 -13.99
CA GLY A 1 12.01 -11.55 -14.42
C GLY A 1 11.10 -11.84 -13.25
N ILE A 2 10.82 -13.11 -13.01
CA ILE A 2 9.98 -13.51 -11.88
C ILE A 2 10.65 -14.61 -11.08
N ASP A 3 10.31 -14.70 -9.81
CA ASP A 3 10.82 -15.76 -8.96
C ASP A 3 9.66 -16.53 -8.34
N PRO A 4 9.22 -17.59 -9.02
CA PRO A 4 8.10 -18.40 -8.60
C PRO A 4 8.51 -19.55 -7.69
N PHE A 5 9.52 -19.32 -6.88
CA PHE A 5 10.00 -20.33 -5.94
C PHE A 5 8.87 -20.79 -5.03
N THR A 6 8.26 -19.84 -4.33
CA THR A 6 7.09 -20.13 -3.52
C THR A 6 6.04 -19.03 -3.73
N LEU A 7 4.85 -19.24 -3.20
CA LEU A 7 3.81 -18.24 -3.27
C LEU A 7 4.11 -17.09 -2.30
N VAL A 8 4.61 -17.45 -1.12
CA VAL A 8 4.97 -16.46 -0.12
C VAL A 8 6.20 -15.66 -0.56
N GLN A 9 7.01 -16.27 -1.41
CA GLN A 9 8.15 -15.59 -2.03
C GLN A 9 7.67 -14.35 -2.78
N ARG A 10 6.56 -14.50 -3.50
CA ARG A 10 5.98 -13.36 -4.21
C ARG A 10 5.32 -12.41 -3.21
N LEU A 11 4.67 -13.00 -2.21
CA LEU A 11 4.00 -12.23 -1.16
C LEU A 11 4.97 -11.27 -0.48
N GLU A 12 6.15 -11.77 -0.13
CA GLU A 12 7.20 -10.96 0.47
C GLU A 12 7.50 -9.74 -0.38
N HIS A 13 7.78 -9.96 -1.65
CA HIS A 13 8.17 -8.89 -2.56
C HIS A 13 7.00 -7.96 -2.86
N ALA A 14 5.80 -8.53 -2.89
CA ALA A 14 4.59 -7.75 -3.13
C ALA A 14 4.30 -6.84 -1.94
N ALA A 15 4.52 -7.36 -0.74
CA ALA A 15 4.30 -6.58 0.48
C ALA A 15 5.33 -5.46 0.59
N LYS A 16 6.56 -5.76 0.20
CA LYS A 16 7.64 -4.76 0.20
C LYS A 16 7.30 -3.62 -0.75
N GLN A 17 6.94 -3.96 -1.99
CA GLN A 17 6.64 -2.94 -3.00
C GLN A 17 5.37 -2.17 -2.62
N ALA A 18 4.45 -2.84 -1.92
CA ALA A 18 3.25 -2.20 -1.44
C ALA A 18 3.58 -1.19 -0.36
N ALA A 19 4.37 -1.62 0.62
CA ALA A 19 4.83 -0.75 1.69
C ALA A 19 5.58 0.44 1.12
N ALA A 20 6.43 0.18 0.13
CA ALA A 20 7.20 1.22 -0.54
C ALA A 20 6.27 2.23 -1.23
N SER A 21 5.41 1.72 -2.09
CA SER A 21 4.51 2.55 -2.89
C SER A 21 3.52 3.32 -1.99
N ALA A 22 3.10 2.68 -0.91
CA ALA A 22 2.23 3.33 0.05
C ALA A 22 2.91 4.55 0.67
N THR A 23 4.17 4.36 1.03
CA THR A 23 4.97 5.44 1.60
C THR A 23 5.11 6.58 0.60
N GLN A 24 5.31 6.24 -0.67
CA GLN A 24 5.43 7.23 -1.73
C GLN A 24 4.13 8.03 -1.87
N THR A 25 3.01 7.35 -1.71
CA THR A 25 1.71 7.98 -1.82
C THR A 25 1.45 8.88 -0.61
N ILE A 26 1.71 8.36 0.59
CA ILE A 26 1.48 9.10 1.82
C ILE A 26 2.26 10.41 1.86
N ALA A 27 3.56 10.32 1.54
CA ALA A 27 4.44 11.49 1.57
C ALA A 27 3.92 12.59 0.66
N ALA A 28 3.34 12.20 -0.47
CA ALA A 28 2.81 13.16 -1.43
C ALA A 28 1.41 13.61 -1.03
N ALA A 29 0.58 12.66 -0.63
CA ALA A 29 -0.82 12.92 -0.32
C ALA A 29 -0.97 13.89 0.85
N GLN A 30 -0.17 13.73 1.89
CA GLN A 30 -0.28 14.57 3.08
C GLN A 30 0.34 15.94 2.88
N HIS A 31 0.73 16.27 1.64
CA HIS A 31 1.38 17.54 1.37
C HIS A 31 0.86 18.20 0.09
N ALA A 32 0.58 17.40 -0.92
CA ALA A 32 0.18 17.93 -2.22
C ALA A 32 -1.33 17.86 -2.45
N ALA A 33 -2.03 17.06 -1.64
CA ALA A 33 -3.46 16.88 -1.83
C ALA A 33 -4.26 18.01 -1.19
N SER A 34 -4.14 19.20 -1.78
CA SER A 34 -4.86 20.37 -1.31
C SER A 34 -4.96 21.39 -2.43
N ALA A 35 -6.11 22.08 -2.50
CA ALA A 35 -6.30 23.12 -3.51
C ALA A 35 -5.75 24.44 -3.00
N PRO A 36 -4.67 24.94 -3.61
CA PRO A 36 -4.00 26.17 -3.18
C PRO A 36 -4.89 27.40 -3.33
N LYS A 37 -4.58 28.43 -2.54
CA LYS A 37 -5.32 29.71 -2.53
C LYS A 37 -6.70 29.55 -1.89
N ALA A 38 -7.55 28.76 -2.53
CA ALA A 38 -8.93 28.57 -2.07
C ALA A 38 -8.96 27.81 -0.75
N SER A 39 -7.88 27.11 -0.44
CA SER A 39 -7.77 26.38 0.81
C SER A 39 -6.32 26.10 1.15
N ALA A 40 -6.09 25.56 2.33
CA ALA A 40 -4.74 25.20 2.76
C ALA A 40 -4.59 23.70 2.81
N GLY A 41 -5.66 23.04 3.23
CA GLY A 41 -5.65 21.60 3.35
C GLY A 41 -6.85 21.10 4.11
N PRO A 42 -7.97 20.84 3.41
CA PRO A 42 -9.21 20.41 4.05
C PRO A 42 -9.25 18.92 4.32
N GLN A 43 -8.16 18.25 3.97
CA GLN A 43 -8.03 16.80 4.10
C GLN A 43 -9.22 16.08 3.44
N PRO A 44 -9.25 16.06 2.09
CA PRO A 44 -10.37 15.51 1.33
C PRO A 44 -10.64 14.05 1.68
N LEU A 45 -9.59 13.24 1.66
CA LEU A 45 -9.71 11.82 1.95
C LEU A 45 -8.33 11.21 2.09
N LEU A 46 -7.42 11.59 1.18
CA LEU A 46 -6.05 11.07 1.16
C LEU A 46 -5.39 11.11 2.52
N VAL A 47 -5.32 12.29 3.11
CA VAL A 47 -4.65 12.47 4.40
C VAL A 47 -5.19 11.52 5.46
N GLN A 48 -6.50 11.27 5.42
CA GLN A 48 -7.14 10.39 6.39
C GLN A 48 -6.75 8.94 6.13
N SER A 49 -6.72 8.54 4.86
CA SER A 49 -6.33 7.20 4.48
C SER A 49 -4.86 6.95 4.83
N CYS A 50 -4.03 7.97 4.59
CA CYS A 50 -2.60 7.89 4.88
C CYS A 50 -2.36 7.54 6.35
N LYS A 51 -3.25 8.03 7.21
CA LYS A 51 -3.16 7.74 8.64
C LYS A 51 -3.30 6.24 8.89
N ALA A 52 -4.35 5.65 8.31
CA ALA A 52 -4.61 4.23 8.49
C ALA A 52 -3.53 3.37 7.81
N VAL A 53 -3.14 3.79 6.61
CA VAL A 53 -2.12 3.07 5.85
C VAL A 53 -0.77 3.07 6.57
N ALA A 54 -0.40 4.22 7.13
CA ALA A 54 0.88 4.36 7.80
C ALA A 54 1.02 3.42 8.98
N GLU A 55 -0.11 2.97 9.52
CA GLU A 55 -0.11 2.06 10.66
C GLU A 55 0.05 0.61 10.18
N GLN A 56 -0.26 0.36 8.92
CA GLN A 56 -0.21 -0.98 8.35
C GLN A 56 1.12 -1.24 7.65
N ILE A 57 1.78 -0.18 7.19
CA ILE A 57 3.06 -0.30 6.48
C ILE A 57 4.09 -1.12 7.28
N PRO A 58 4.40 -0.74 8.54
CA PRO A 58 5.36 -1.49 9.35
C PRO A 58 4.93 -2.93 9.57
N LEU A 59 3.62 -3.14 9.66
CA LEU A 59 3.06 -4.48 9.87
C LEU A 59 3.36 -5.37 8.68
N LEU A 60 3.29 -4.81 7.49
CA LEU A 60 3.69 -5.52 6.28
C LEU A 60 5.12 -6.02 6.41
N VAL A 61 6.02 -5.08 6.65
CA VAL A 61 7.44 -5.37 6.71
C VAL A 61 7.77 -6.34 7.86
N GLN A 62 7.07 -6.20 8.98
CA GLN A 62 7.21 -7.15 10.08
C GLN A 62 6.86 -8.56 9.61
N GLY A 63 5.79 -8.66 8.84
CA GLY A 63 5.40 -9.93 8.25
C GLY A 63 6.42 -10.42 7.24
N VAL A 64 6.89 -9.51 6.39
CA VAL A 64 7.91 -9.84 5.39
C VAL A 64 9.16 -10.40 6.08
N ARG A 65 9.55 -9.76 7.18
CA ARG A 65 10.68 -10.22 7.98
C ARG A 65 10.48 -11.65 8.45
N GLY A 66 9.25 -11.96 8.86
CA GLY A 66 8.94 -13.29 9.33
C GLY A 66 9.18 -14.37 8.28
N SER A 67 8.71 -14.11 7.06
CA SER A 67 8.88 -15.06 5.98
C SER A 67 10.35 -15.16 5.57
N GLN A 68 11.06 -14.04 5.63
CA GLN A 68 12.49 -14.03 5.33
C GLN A 68 13.25 -14.87 6.34
N ALA A 69 12.83 -14.80 7.60
CA ALA A 69 13.46 -15.58 8.65
C ALA A 69 13.12 -17.06 8.53
N GLN A 70 11.83 -17.36 8.49
CA GLN A 70 11.38 -18.75 8.39
C GLN A 70 10.24 -18.88 7.40
N PRO A 71 10.56 -19.24 6.14
CA PRO A 71 9.54 -19.49 5.13
C PRO A 71 8.72 -20.74 5.46
N ASP A 72 9.31 -21.60 6.29
CA ASP A 72 8.68 -22.84 6.70
C ASP A 72 7.66 -22.58 7.81
N SER A 73 7.72 -21.39 8.38
CA SER A 73 6.87 -21.05 9.52
C SER A 73 5.49 -20.59 9.04
N PRO A 74 4.45 -21.36 9.38
CA PRO A 74 3.06 -20.97 9.08
C PRO A 74 2.66 -19.73 9.85
N SER A 75 3.18 -19.62 11.07
CA SER A 75 2.90 -18.48 11.93
C SER A 75 3.41 -17.19 11.31
N ALA A 76 4.62 -17.26 10.75
CA ALA A 76 5.22 -16.11 10.08
C ALA A 76 4.42 -15.72 8.85
N GLN A 77 3.95 -16.72 8.12
CA GLN A 77 3.14 -16.49 6.94
C GLN A 77 1.81 -15.86 7.30
N LEU A 78 1.18 -16.38 8.35
CA LEU A 78 -0.10 -15.84 8.81
C LEU A 78 0.01 -14.35 9.12
N ALA A 79 1.14 -13.95 9.69
CA ALA A 79 1.39 -12.54 9.99
C ALA A 79 1.45 -11.73 8.70
N LEU A 80 2.21 -12.22 7.72
CA LEU A 80 2.37 -11.55 6.45
C LEU A 80 1.03 -11.46 5.71
N ILE A 81 0.38 -12.62 5.56
CA ILE A 81 -0.88 -12.71 4.84
C ILE A 81 -1.94 -11.80 5.45
N ALA A 82 -2.11 -11.89 6.77
CA ALA A 82 -3.11 -11.10 7.47
C ALA A 82 -2.84 -9.61 7.29
N ALA A 83 -1.60 -9.19 7.51
CA ALA A 83 -1.22 -7.79 7.39
C ALA A 83 -1.43 -7.28 5.98
N SER A 84 -1.16 -8.14 5.00
CA SER A 84 -1.30 -7.77 3.59
C SER A 84 -2.76 -7.51 3.24
N GLN A 85 -3.64 -8.40 3.67
CA GLN A 85 -5.07 -8.26 3.38
C GLN A 85 -5.65 -7.07 4.15
N SER A 86 -5.19 -6.88 5.37
CA SER A 86 -5.60 -5.75 6.17
C SER A 86 -4.94 -4.45 5.70
N PHE A 87 -4.03 -4.58 4.73
CA PHE A 87 -3.39 -3.41 4.13
C PHE A 87 -4.12 -3.02 2.86
N LEU A 88 -4.68 -4.02 2.18
CA LEU A 88 -5.48 -3.80 0.98
C LEU A 88 -6.66 -2.90 1.27
N GLN A 89 -7.28 -3.13 2.42
CA GLN A 89 -8.44 -2.37 2.87
C GLN A 89 -8.16 -0.85 2.87
N PRO A 90 -7.23 -0.34 3.70
CA PRO A 90 -6.91 1.09 3.74
C PRO A 90 -6.19 1.56 2.49
N GLY A 91 -5.36 0.68 1.93
CA GLY A 91 -4.59 1.02 0.74
C GLY A 91 -5.48 1.33 -0.45
N GLY A 92 -6.44 0.45 -0.72
CA GLY A 92 -7.35 0.65 -1.83
C GLY A 92 -8.14 1.94 -1.69
N LYS A 93 -8.48 2.29 -0.45
CA LYS A 93 -9.20 3.52 -0.18
C LYS A 93 -8.35 4.74 -0.51
N MET A 94 -7.05 4.63 -0.24
CA MET A 94 -6.15 5.75 -0.48
C MET A 94 -5.89 5.92 -1.98
N VAL A 95 -5.88 4.80 -2.70
CA VAL A 95 -5.75 4.84 -4.15
C VAL A 95 -6.94 5.59 -4.76
N ALA A 96 -8.14 5.25 -4.30
CA ALA A 96 -9.35 5.91 -4.77
C ALA A 96 -9.36 7.39 -4.39
N ALA A 97 -8.86 7.67 -3.19
CA ALA A 97 -8.75 9.03 -2.71
C ALA A 97 -7.75 9.81 -3.55
N ALA A 98 -6.64 9.17 -3.87
CA ALA A 98 -5.59 9.79 -4.67
C ALA A 98 -6.11 10.19 -6.03
N LYS A 99 -6.74 9.25 -6.73
CA LYS A 99 -7.27 9.49 -8.07
C LYS A 99 -8.27 10.66 -8.08
N ALA A 100 -8.98 10.83 -6.98
CA ALA A 100 -9.99 11.86 -6.87
C ALA A 100 -9.38 13.20 -6.46
N SER A 101 -8.22 13.16 -5.84
CA SER A 101 -7.57 14.37 -5.36
C SER A 101 -6.65 14.96 -6.43
N VAL A 102 -6.18 14.12 -7.34
CA VAL A 102 -5.30 14.57 -8.42
C VAL A 102 -5.91 15.72 -9.24
N PRO A 103 -7.17 15.60 -9.74
CA PRO A 103 -7.77 16.63 -10.59
C PRO A 103 -7.98 17.95 -9.86
N THR A 104 -8.03 17.91 -8.54
CA THR A 104 -8.23 19.12 -7.76
C THR A 104 -6.91 19.85 -7.51
N ILE A 105 -5.81 19.14 -7.76
CA ILE A 105 -4.49 19.75 -7.65
C ILE A 105 -4.18 20.52 -8.94
N GLN A 106 -4.04 21.83 -8.82
CA GLN A 106 -3.80 22.66 -9.99
C GLN A 106 -2.31 22.74 -10.30
N ASP A 107 -1.50 22.10 -9.47
CA ASP A 107 -0.07 21.99 -9.72
C ASP A 107 0.21 20.74 -10.52
N GLN A 108 0.82 20.92 -11.68
CA GLN A 108 0.98 19.84 -12.64
C GLN A 108 1.87 18.72 -12.10
N ALA A 109 3.10 19.05 -11.74
CA ALA A 109 4.06 18.06 -11.26
C ALA A 109 3.57 17.40 -9.98
N SER A 110 2.96 18.20 -9.11
CA SER A 110 2.43 17.71 -7.85
C SER A 110 1.32 16.68 -8.10
N ALA A 111 0.42 17.00 -9.03
CA ALA A 111 -0.70 16.11 -9.35
C ALA A 111 -0.22 14.85 -10.06
N MET A 112 0.72 15.02 -10.99
CA MET A 112 1.23 13.89 -11.76
C MET A 112 1.90 12.86 -10.87
N GLN A 113 2.68 13.34 -9.90
CA GLN A 113 3.36 12.44 -8.97
C GLN A 113 2.34 11.75 -8.05
N LEU A 114 1.33 12.51 -7.65
CA LEU A 114 0.29 11.97 -6.78
C LEU A 114 -0.43 10.82 -7.48
N SER A 115 -0.75 11.02 -8.76
CA SER A 115 -1.38 9.97 -9.55
C SER A 115 -0.40 8.83 -9.81
N GLN A 116 0.87 9.17 -9.94
CA GLN A 116 1.92 8.19 -10.19
C GLN A 116 2.02 7.22 -9.02
N CYS A 117 2.07 7.77 -7.80
CA CYS A 117 2.13 6.97 -6.60
C CYS A 117 0.90 6.08 -6.47
N ALA A 118 -0.27 6.64 -6.79
CA ALA A 118 -1.51 5.88 -6.77
C ALA A 118 -1.47 4.71 -7.75
N LYS A 119 -0.91 4.97 -8.93
CA LYS A 119 -0.78 3.95 -9.96
C LYS A 119 0.13 2.82 -9.49
N ASN A 120 1.25 3.20 -8.88
CA ASN A 120 2.21 2.24 -8.35
C ASN A 120 1.59 1.43 -7.22
N LEU A 121 0.95 2.13 -6.30
CA LEU A 121 0.30 1.49 -5.16
C LEU A 121 -0.82 0.56 -5.61
N GLY A 122 -1.63 1.05 -6.55
CA GLY A 122 -2.74 0.24 -7.06
C GLY A 122 -2.28 -1.07 -7.66
N THR A 123 -1.15 -1.02 -8.36
CA THR A 123 -0.59 -2.22 -8.97
C THR A 123 0.13 -3.07 -7.92
N ALA A 124 0.77 -2.42 -6.97
CA ALA A 124 1.45 -3.09 -5.88
C ALA A 124 0.44 -3.92 -5.07
N LEU A 125 -0.70 -3.31 -4.78
CA LEU A 125 -1.78 -3.99 -4.06
C LEU A 125 -2.43 -5.03 -4.94
N ALA A 126 -2.44 -4.78 -6.25
CA ALA A 126 -3.07 -5.67 -7.22
C ALA A 126 -2.54 -7.10 -7.10
N GLU A 127 -1.24 -7.27 -7.23
CA GLU A 127 -0.67 -8.61 -7.17
C GLU A 127 -0.46 -9.05 -5.73
N LEU A 128 -0.36 -8.09 -4.81
CA LEU A 128 -0.28 -8.40 -3.39
C LEU A 128 -1.55 -9.11 -2.94
N ARG A 129 -2.68 -8.58 -3.41
CA ARG A 129 -3.97 -9.16 -3.12
C ARG A 129 -4.05 -10.59 -3.63
N THR A 130 -3.49 -10.84 -4.80
CA THR A 130 -3.44 -12.18 -5.37
C THR A 130 -2.44 -13.06 -4.61
N ALA A 131 -1.25 -12.51 -4.35
CA ALA A 131 -0.20 -13.24 -3.66
C ALA A 131 -0.65 -13.69 -2.28
N ALA A 132 -1.20 -12.76 -1.51
CA ALA A 132 -1.68 -13.07 -0.17
C ALA A 132 -2.82 -14.08 -0.23
N GLN A 133 -3.65 -13.98 -1.26
CA GLN A 133 -4.77 -14.88 -1.42
C GLN A 133 -4.29 -16.30 -1.71
N LYS A 134 -3.42 -16.44 -2.70
CA LYS A 134 -2.92 -17.76 -3.08
C LYS A 134 -2.07 -18.36 -1.97
N ALA A 135 -1.39 -17.50 -1.22
CA ALA A 135 -0.61 -17.94 -0.06
C ALA A 135 -1.54 -18.42 1.05
N GLN A 136 -2.68 -17.76 1.16
CA GLN A 136 -3.68 -18.14 2.15
C GLN A 136 -4.30 -19.48 1.78
N GLU A 137 -4.43 -19.71 0.48
CA GLU A 137 -4.95 -20.98 -0.03
C GLU A 137 -3.92 -22.10 0.11
N ALA A 138 -2.66 -21.77 -0.13
CA ALA A 138 -1.60 -22.76 -0.12
C ALA A 138 -0.71 -22.60 1.12
N GLY A 1 8.22 -13.94 -16.55
CA GLY A 1 7.41 -15.01 -15.94
C GLY A 1 7.45 -14.95 -14.43
N ILE A 2 7.29 -16.09 -13.78
CA ILE A 2 7.31 -16.14 -12.33
C ILE A 2 8.43 -17.06 -11.83
N ASP A 3 9.12 -16.61 -10.78
CA ASP A 3 10.16 -17.41 -10.14
C ASP A 3 9.89 -17.49 -8.65
N PRO A 4 9.04 -18.44 -8.25
CA PRO A 4 8.66 -18.64 -6.87
C PRO A 4 9.37 -19.84 -6.25
N PHE A 5 8.82 -20.31 -5.14
CA PHE A 5 9.29 -21.48 -4.44
C PHE A 5 8.19 -21.94 -3.51
N THR A 6 7.62 -20.97 -2.81
CA THR A 6 6.40 -21.18 -2.05
C THR A 6 5.38 -20.12 -2.46
N LEU A 7 4.17 -20.24 -1.97
CA LEU A 7 3.11 -19.29 -2.27
C LEU A 7 3.23 -18.03 -1.43
N VAL A 8 3.94 -18.11 -0.32
CA VAL A 8 4.08 -16.98 0.60
C VAL A 8 5.25 -16.08 0.22
N GLN A 9 6.24 -16.64 -0.44
CA GLN A 9 7.40 -15.86 -0.88
C GLN A 9 7.00 -14.86 -1.96
N ARG A 10 5.85 -15.11 -2.58
CA ARG A 10 5.25 -14.19 -3.52
C ARG A 10 4.81 -12.92 -2.79
N LEU A 11 4.36 -13.11 -1.55
CA LEU A 11 3.92 -12.01 -0.70
C LEU A 11 5.09 -11.14 -0.27
N GLU A 12 6.20 -11.78 0.04
CA GLU A 12 7.41 -11.08 0.47
C GLU A 12 7.79 -10.00 -0.54
N HIS A 13 7.84 -10.40 -1.82
CA HIS A 13 8.17 -9.49 -2.90
C HIS A 13 7.17 -8.35 -2.99
N ALA A 14 5.89 -8.70 -3.08
CA ALA A 14 4.82 -7.72 -3.27
C ALA A 14 4.77 -6.72 -2.12
N ALA A 15 4.75 -7.23 -0.89
CA ALA A 15 4.56 -6.40 0.29
C ALA A 15 5.71 -5.40 0.47
N LYS A 16 6.93 -5.81 0.13
CA LYS A 16 8.08 -4.93 0.28
C LYS A 16 7.91 -3.65 -0.54
N GLN A 17 7.65 -3.82 -1.83
CA GLN A 17 7.51 -2.65 -2.70
C GLN A 17 6.13 -2.03 -2.57
N ALA A 18 5.17 -2.77 -2.02
CA ALA A 18 3.86 -2.22 -1.72
C ALA A 18 3.98 -1.21 -0.58
N ALA A 19 4.67 -1.63 0.49
CA ALA A 19 4.93 -0.75 1.62
C ALA A 19 5.72 0.48 1.19
N ALA A 20 6.64 0.27 0.27
CA ALA A 20 7.45 1.35 -0.29
C ALA A 20 6.59 2.32 -1.07
N SER A 21 5.85 1.79 -2.04
CA SER A 21 4.99 2.60 -2.90
C SER A 21 3.93 3.33 -2.08
N ALA A 22 3.45 2.68 -1.02
CA ALA A 22 2.50 3.31 -0.11
C ALA A 22 3.12 4.54 0.55
N THR A 23 4.34 4.38 1.04
CA THR A 23 5.06 5.48 1.66
C THR A 23 5.27 6.64 0.67
N GLN A 24 5.50 6.27 -0.60
CA GLN A 24 5.64 7.27 -1.66
C GLN A 24 4.31 7.98 -1.91
N THR A 25 3.23 7.21 -1.89
CA THR A 25 1.89 7.76 -2.10
C THR A 25 1.52 8.69 -0.96
N ILE A 26 1.88 8.30 0.26
CA ILE A 26 1.65 9.15 1.43
C ILE A 26 2.44 10.45 1.32
N ALA A 27 3.68 10.34 0.86
CA ALA A 27 4.53 11.51 0.65
C ALA A 27 3.93 12.43 -0.41
N ALA A 28 3.37 11.82 -1.46
CA ALA A 28 2.69 12.57 -2.50
C ALA A 28 1.45 13.25 -1.96
N ALA A 29 0.69 12.51 -1.15
CA ALA A 29 -0.54 13.03 -0.57
C ALA A 29 -0.27 14.20 0.36
N GLN A 30 0.77 14.05 1.20
CA GLN A 30 1.13 15.10 2.15
C GLN A 30 1.84 16.26 1.46
N HIS A 31 2.11 16.12 0.18
CA HIS A 31 2.67 17.22 -0.60
C HIS A 31 1.60 17.78 -1.52
N ALA A 32 0.48 17.07 -1.58
CA ALA A 32 -0.67 17.49 -2.35
C ALA A 32 -1.55 18.40 -1.50
N ALA A 33 -1.63 18.07 -0.22
CA ALA A 33 -2.34 18.89 0.73
C ALA A 33 -1.38 19.45 1.76
N SER A 34 -0.53 20.37 1.31
CA SER A 34 0.44 21.00 2.18
C SER A 34 -0.24 22.04 3.07
N ALA A 35 -1.16 22.79 2.47
CA ALA A 35 -1.95 23.75 3.21
C ALA A 35 -3.02 23.01 4.02
N PRO A 36 -2.95 23.10 5.36
CA PRO A 36 -3.87 22.40 6.25
C PRO A 36 -5.31 22.86 6.08
N LYS A 37 -6.11 22.00 5.43
CA LYS A 37 -7.53 22.27 5.15
C LYS A 37 -7.68 23.29 4.03
N ALA A 38 -7.00 24.43 4.17
CA ALA A 38 -7.08 25.54 3.22
C ALA A 38 -8.39 26.31 3.39
N SER A 39 -8.28 27.61 3.62
CA SER A 39 -9.42 28.47 3.87
C SER A 39 -10.39 28.43 2.69
N ALA A 40 -11.58 27.86 2.93
CA ALA A 40 -12.63 27.75 1.91
C ALA A 40 -12.17 26.85 0.76
N GLY A 41 -11.19 26.02 1.02
CA GLY A 41 -10.71 25.10 0.02
C GLY A 41 -11.32 23.72 0.17
N PRO A 42 -10.86 22.75 -0.62
CA PRO A 42 -11.34 21.38 -0.54
C PRO A 42 -10.46 20.51 0.36
N GLN A 43 -11.01 20.08 1.49
CA GLN A 43 -10.30 19.14 2.36
C GLN A 43 -10.36 17.74 1.77
N PRO A 44 -9.21 17.16 1.42
CA PRO A 44 -9.14 15.84 0.81
C PRO A 44 -9.17 14.71 1.84
N LEU A 45 -9.54 13.52 1.39
CA LEU A 45 -9.60 12.36 2.28
C LEU A 45 -8.24 11.70 2.41
N LEU A 46 -7.25 12.29 1.72
CA LEU A 46 -5.87 11.78 1.74
C LEU A 46 -5.37 11.57 3.16
N VAL A 47 -5.49 12.60 3.99
CA VAL A 47 -4.99 12.57 5.35
C VAL A 47 -5.56 11.37 6.12
N GLN A 48 -6.85 11.11 5.93
CA GLN A 48 -7.52 10.03 6.62
C GLN A 48 -6.93 8.68 6.23
N SER A 49 -6.88 8.43 4.93
CA SER A 49 -6.37 7.16 4.42
C SER A 49 -4.89 6.98 4.75
N CYS A 50 -4.12 8.07 4.62
CA CYS A 50 -2.68 8.02 4.87
C CYS A 50 -2.38 7.58 6.30
N LYS A 51 -3.20 8.04 7.25
CA LYS A 51 -3.03 7.65 8.66
C LYS A 51 -3.08 6.13 8.78
N ALA A 52 -4.15 5.55 8.25
CA ALA A 52 -4.36 4.10 8.34
C ALA A 52 -3.25 3.35 7.62
N VAL A 53 -2.93 3.77 6.40
CA VAL A 53 -1.92 3.11 5.59
C VAL A 53 -0.56 3.14 6.29
N ALA A 54 -0.21 4.28 6.88
CA ALA A 54 1.07 4.45 7.55
C ALA A 54 1.21 3.51 8.75
N GLU A 55 0.08 3.02 9.25
CA GLU A 55 0.08 2.10 10.39
C GLU A 55 0.16 0.66 9.90
N GLN A 56 -0.26 0.43 8.66
CA GLN A 56 -0.30 -0.91 8.10
C GLN A 56 1.04 -1.25 7.41
N ILE A 57 1.75 -0.22 6.97
CA ILE A 57 3.04 -0.38 6.33
C ILE A 57 4.03 -1.16 7.21
N PRO A 58 4.27 -0.73 8.48
CA PRO A 58 5.15 -1.45 9.39
C PRO A 58 4.70 -2.88 9.63
N LEU A 59 3.38 -3.10 9.59
CA LEU A 59 2.82 -4.43 9.78
C LEU A 59 3.17 -5.34 8.61
N LEU A 60 3.13 -4.78 7.40
CA LEU A 60 3.58 -5.50 6.21
C LEU A 60 5.00 -5.96 6.40
N VAL A 61 5.89 -5.00 6.60
CA VAL A 61 7.31 -5.25 6.69
C VAL A 61 7.62 -6.17 7.87
N GLN A 62 6.86 -6.02 8.95
CA GLN A 62 6.98 -6.91 10.10
C GLN A 62 6.72 -8.36 9.68
N GLY A 63 5.69 -8.53 8.87
CA GLY A 63 5.38 -9.85 8.34
C GLY A 63 6.42 -10.31 7.33
N VAL A 64 6.82 -9.40 6.45
CA VAL A 64 7.82 -9.70 5.42
C VAL A 64 9.12 -10.18 6.05
N ARG A 65 9.67 -9.37 6.94
CA ARG A 65 10.94 -9.69 7.57
C ARG A 65 10.80 -10.89 8.50
N GLY A 66 9.58 -11.13 8.96
CA GLY A 66 9.31 -12.31 9.75
C GLY A 66 9.33 -13.56 8.89
N SER A 67 8.72 -13.49 7.72
CA SER A 67 8.70 -14.60 6.78
C SER A 67 10.10 -14.86 6.24
N GLN A 68 10.88 -13.80 6.07
CA GLN A 68 12.27 -13.94 5.66
C GLN A 68 13.08 -14.64 6.75
N ALA A 69 12.78 -14.31 8.00
CA ALA A 69 13.44 -14.93 9.13
C ALA A 69 13.09 -16.41 9.23
N GLN A 70 11.80 -16.71 9.17
CA GLN A 70 11.34 -18.09 9.24
C GLN A 70 10.38 -18.42 8.10
N PRO A 71 10.91 -18.88 6.96
CA PRO A 71 10.10 -19.26 5.81
C PRO A 71 9.42 -20.61 5.98
N ASP A 72 9.73 -21.28 7.10
CA ASP A 72 9.14 -22.58 7.40
C ASP A 72 7.99 -22.41 8.39
N SER A 73 8.07 -21.38 9.21
CA SER A 73 7.12 -21.17 10.28
C SER A 73 5.88 -20.42 9.80
N PRO A 74 4.73 -21.11 9.77
CA PRO A 74 3.47 -20.56 9.24
C PRO A 74 3.00 -19.33 10.01
N SER A 75 3.45 -19.23 11.26
CA SER A 75 3.09 -18.10 12.10
C SER A 75 3.58 -16.80 11.46
N ALA A 76 4.78 -16.84 10.92
CA ALA A 76 5.36 -15.70 10.22
C ALA A 76 4.60 -15.41 8.94
N GLN A 77 4.25 -16.47 8.23
CA GLN A 77 3.50 -16.37 6.98
C GLN A 77 2.15 -15.69 7.21
N LEU A 78 1.39 -16.21 8.15
CA LEU A 78 0.05 -15.70 8.44
C LEU A 78 0.09 -14.25 8.88
N ALA A 79 1.16 -13.88 9.59
CA ALA A 79 1.35 -12.49 10.01
C ALA A 79 1.50 -11.58 8.81
N LEU A 80 2.08 -12.12 7.74
CA LEU A 80 2.25 -11.38 6.49
C LEU A 80 0.92 -11.38 5.72
N ILE A 81 0.33 -12.56 5.61
CA ILE A 81 -0.92 -12.74 4.85
C ILE A 81 -2.03 -11.83 5.40
N ALA A 82 -2.24 -11.89 6.71
CA ALA A 82 -3.27 -11.09 7.35
C ALA A 82 -3.00 -9.60 7.20
N ALA A 83 -1.72 -9.23 7.32
CA ALA A 83 -1.32 -7.83 7.18
C ALA A 83 -1.58 -7.34 5.75
N SER A 84 -1.30 -8.18 4.77
CA SER A 84 -1.52 -7.84 3.37
C SER A 84 -3.00 -7.57 3.10
N GLN A 85 -3.86 -8.44 3.61
CA GLN A 85 -5.31 -8.27 3.47
C GLN A 85 -5.75 -6.96 4.12
N SER A 86 -5.21 -6.68 5.29
CA SER A 86 -5.56 -5.49 6.05
C SER A 86 -4.82 -4.27 5.51
N PHE A 87 -4.02 -4.46 4.48
CA PHE A 87 -3.35 -3.35 3.82
C PHE A 87 -4.06 -3.01 2.52
N LEU A 88 -4.64 -4.02 1.90
CA LEU A 88 -5.42 -3.84 0.67
C LEU A 88 -6.56 -2.87 0.90
N GLN A 89 -7.23 -3.02 2.05
CA GLN A 89 -8.37 -2.18 2.39
C GLN A 89 -8.00 -0.69 2.40
N PRO A 90 -7.11 -0.22 3.32
CA PRO A 90 -6.74 1.20 3.39
C PRO A 90 -5.90 1.63 2.19
N GLY A 91 -5.13 0.70 1.64
CA GLY A 91 -4.29 0.99 0.49
C GLY A 91 -5.12 1.32 -0.73
N GLY A 92 -6.04 0.43 -1.07
CA GLY A 92 -6.89 0.63 -2.23
C GLY A 92 -7.75 1.87 -2.08
N LYS A 93 -8.17 2.13 -0.85
CA LYS A 93 -8.94 3.33 -0.54
C LYS A 93 -8.11 4.58 -0.74
N MET A 94 -6.82 4.52 -0.38
CA MET A 94 -5.95 5.68 -0.54
C MET A 94 -5.63 5.90 -2.01
N VAL A 95 -5.57 4.82 -2.78
CA VAL A 95 -5.40 4.93 -4.23
C VAL A 95 -6.58 5.69 -4.82
N ALA A 96 -7.79 5.28 -4.45
CA ALA A 96 -9.00 5.93 -4.91
C ALA A 96 -9.06 7.38 -4.43
N ALA A 97 -8.75 7.58 -3.15
CA ALA A 97 -8.72 8.92 -2.57
C ALA A 97 -7.70 9.80 -3.28
N ALA A 98 -6.53 9.24 -3.58
CA ALA A 98 -5.49 9.97 -4.29
C ALA A 98 -6.00 10.42 -5.67
N LYS A 99 -6.61 9.49 -6.39
CA LYS A 99 -7.17 9.77 -7.70
C LYS A 99 -8.23 10.85 -7.63
N ALA A 100 -9.06 10.78 -6.60
CA ALA A 100 -10.14 11.74 -6.42
C ALA A 100 -9.61 13.11 -5.99
N SER A 101 -8.39 13.14 -5.50
CA SER A 101 -7.79 14.38 -5.05
C SER A 101 -7.09 15.10 -6.20
N VAL A 102 -6.63 14.34 -7.18
CA VAL A 102 -5.90 14.89 -8.33
C VAL A 102 -6.66 16.07 -9.00
N PRO A 103 -7.95 15.89 -9.39
CA PRO A 103 -8.71 16.96 -10.05
C PRO A 103 -9.01 18.13 -9.11
N THR A 104 -9.03 17.87 -7.82
CA THR A 104 -9.34 18.91 -6.83
C THR A 104 -8.08 19.68 -6.43
N ILE A 105 -6.98 19.40 -7.12
CA ILE A 105 -5.73 20.09 -6.87
C ILE A 105 -5.29 20.83 -8.14
N GLN A 106 -4.97 22.10 -7.98
CA GLN A 106 -4.56 22.92 -9.12
C GLN A 106 -3.06 22.80 -9.36
N ASP A 107 -2.36 22.29 -8.36
CA ASP A 107 -0.92 22.04 -8.49
C ASP A 107 -0.70 20.72 -9.23
N GLN A 108 -0.13 20.79 -10.42
CA GLN A 108 0.00 19.62 -11.26
C GLN A 108 1.19 18.76 -10.85
N ALA A 109 2.06 19.30 -10.02
CA ALA A 109 3.23 18.56 -9.56
C ALA A 109 2.80 17.52 -8.54
N SER A 110 2.01 17.95 -7.56
CA SER A 110 1.45 17.04 -6.58
C SER A 110 0.44 16.11 -7.24
N ALA A 111 -0.31 16.63 -8.21
CA ALA A 111 -1.30 15.86 -8.92
C ALA A 111 -0.67 14.70 -9.69
N MET A 112 0.40 14.99 -10.42
CA MET A 112 1.08 13.97 -11.21
C MET A 112 1.83 13.01 -10.29
N GLN A 113 2.37 13.54 -9.19
CA GLN A 113 3.05 12.72 -8.21
C GLN A 113 2.06 11.71 -7.62
N LEU A 114 0.85 12.18 -7.31
CA LEU A 114 -0.22 11.32 -6.83
C LEU A 114 -0.56 10.25 -7.85
N SER A 115 -0.78 10.67 -9.09
CA SER A 115 -1.15 9.76 -10.16
C SER A 115 -0.12 8.64 -10.33
N GLN A 116 1.15 9.01 -10.27
CA GLN A 116 2.23 8.04 -10.43
C GLN A 116 2.29 7.09 -9.25
N CYS A 117 2.20 7.64 -8.04
CA CYS A 117 2.26 6.83 -6.83
C CYS A 117 1.06 5.90 -6.73
N ALA A 118 -0.14 6.43 -6.98
CA ALA A 118 -1.36 5.63 -6.96
C ALA A 118 -1.30 4.49 -7.98
N LYS A 119 -0.67 4.76 -9.12
CA LYS A 119 -0.51 3.75 -10.16
C LYS A 119 0.40 2.62 -9.65
N ASN A 120 1.52 3.00 -9.06
CA ASN A 120 2.47 2.02 -8.53
C ASN A 120 1.87 1.26 -7.36
N LEU A 121 1.25 1.99 -6.43
CA LEU A 121 0.59 1.39 -5.28
C LEU A 121 -0.52 0.45 -5.72
N GLY A 122 -1.28 0.88 -6.72
CA GLY A 122 -2.36 0.07 -7.25
C GLY A 122 -1.86 -1.26 -7.79
N THR A 123 -0.77 -1.22 -8.57
CA THR A 123 -0.19 -2.44 -9.12
C THR A 123 0.47 -3.26 -8.01
N ALA A 124 1.03 -2.58 -7.02
CA ALA A 124 1.60 -3.25 -5.86
C ALA A 124 0.54 -4.04 -5.12
N LEU A 125 -0.61 -3.42 -4.92
CA LEU A 125 -1.75 -4.08 -4.28
C LEU A 125 -2.31 -5.17 -5.19
N ALA A 126 -2.24 -4.95 -6.48
CA ALA A 126 -2.70 -5.91 -7.48
C ALA A 126 -1.97 -7.24 -7.32
N GLU A 127 -0.65 -7.19 -7.25
CA GLU A 127 0.14 -8.42 -7.10
C GLU A 127 0.10 -8.91 -5.66
N LEU A 128 -0.03 -7.98 -4.71
CA LEU A 128 -0.12 -8.33 -3.30
C LEU A 128 -1.39 -9.12 -3.02
N ARG A 129 -2.51 -8.65 -3.56
CA ARG A 129 -3.79 -9.32 -3.38
C ARG A 129 -3.77 -10.71 -4.01
N THR A 130 -3.26 -10.80 -5.23
CA THR A 130 -3.17 -12.08 -5.92
C THR A 130 -2.24 -13.03 -5.15
N ALA A 131 -1.19 -12.46 -4.56
CA ALA A 131 -0.27 -13.24 -3.76
C ALA A 131 -0.94 -13.74 -2.49
N ALA A 132 -1.57 -12.83 -1.76
CA ALA A 132 -2.25 -13.17 -0.51
C ALA A 132 -3.38 -14.16 -0.73
N GLN A 133 -4.10 -13.99 -1.84
CA GLN A 133 -5.19 -14.88 -2.20
C GLN A 133 -4.70 -16.33 -2.28
N LYS A 134 -3.75 -16.57 -3.18
CA LYS A 134 -3.25 -17.91 -3.42
C LYS A 134 -2.22 -18.33 -2.38
N ALA A 135 -2.14 -17.58 -1.28
CA ALA A 135 -1.31 -17.97 -0.15
C ALA A 135 -2.20 -18.28 1.05
N GLN A 136 -3.48 -18.01 0.90
CA GLN A 136 -4.44 -18.23 1.98
C GLN A 136 -5.33 -19.43 1.66
N GLU A 137 -6.05 -19.34 0.55
CA GLU A 137 -7.00 -20.37 0.15
C GLU A 137 -6.32 -21.45 -0.68
N ALA A 138 -5.01 -21.31 -0.85
CA ALA A 138 -4.22 -22.26 -1.61
C ALA A 138 -3.00 -22.66 -0.81
#